data_9N92
#
_entry.id   9N92
#
_cell.length_a   1.00
_cell.length_b   1.00
_cell.length_c   1.00
_cell.angle_alpha   90.00
_cell.angle_beta   90.00
_cell.angle_gamma   90.00
#
_symmetry.space_group_name_H-M   'P 1'
#
loop_
_entity.id
_entity.type
_entity.pdbx_description
1 polymer 'Gag protein'
2 non-polymer 'INOSITOL HEXAKISPHOSPHATE'
#
_entity_poly.entity_id   1
_entity_poly.type   'polypeptide(L)'
_entity_poly.pdbx_seq_one_letter_code
;RPWQMKDLQAIKQEVSQAAPGSPQFMQTIRLAVQQFDPTAKDLQDLLQYLCSSLVASLHHQQLDSLISEAETRGITGYNP
LAGPLRVQANNPQQQGLRREYQQLWLAAFAALPGSAKDPSWASILQGLEEPYHAFVERLNIALDNGLPEGTPKDPILRSL
AYSNANKECQKLLQARGHTNSPLGDMLRACQTWTP
;
_entity_poly.pdbx_strand_id   A,B,C,D,E,F,G,H,I,J,K,L,M,N,O,P,Q,R
#
loop_
_chem_comp.id
_chem_comp.type
_chem_comp.name
_chem_comp.formula
IHP non-polymer 'INOSITOL HEXAKISPHOSPHATE' 'C6 H18 O24 P6'
#
# COMPACT_ATOMS: atom_id res chain seq x y z
N ARG A 1 -19.68 67.81 -14.92
CA ARG A 1 -20.32 67.69 -13.63
C ARG A 1 -19.75 66.51 -12.83
N PRO A 2 -19.27 66.69 -11.61
CA PRO A 2 -18.57 65.63 -10.89
C PRO A 2 -19.52 64.79 -10.04
N TRP A 3 -20.46 64.04 -10.64
CA TRP A 3 -21.40 63.20 -9.91
C TRP A 3 -20.72 62.07 -9.15
N GLN A 4 -19.64 61.51 -9.73
CA GLN A 4 -18.84 60.46 -9.12
C GLN A 4 -18.20 60.87 -7.80
N MET A 5 -17.89 62.17 -7.62
CA MET A 5 -17.29 62.69 -6.41
C MET A 5 -18.18 62.52 -5.19
N LYS A 6 -19.49 62.82 -5.31
CA LYS A 6 -20.40 62.67 -4.19
C LYS A 6 -20.66 61.21 -3.88
N ASP A 7 -20.73 60.35 -4.92
CA ASP A 7 -20.92 58.92 -4.72
C ASP A 7 -19.68 58.22 -4.15
N LEU A 8 -18.46 58.62 -4.55
CA LEU A 8 -17.22 58.09 -3.99
C LEU A 8 -17.06 58.43 -2.50
N GLN A 9 -17.44 59.67 -2.10
CA GLN A 9 -17.49 60.04 -0.70
C GLN A 9 -18.54 59.23 0.07
N ALA A 10 -19.73 59.02 -0.53
CA ALA A 10 -20.80 58.24 0.05
C ALA A 10 -20.43 56.77 0.25
N ILE A 11 -19.72 56.15 -0.72
CA ILE A 11 -19.17 54.81 -0.59
C ILE A 11 -18.16 54.71 0.54
N LYS A 12 -17.21 55.68 0.63
CA LYS A 12 -16.21 55.70 1.70
C LYS A 12 -16.81 55.87 3.08
N GLN A 13 -17.88 56.67 3.19
CA GLN A 13 -18.67 56.79 4.41
C GLN A 13 -19.36 55.47 4.77
N GLU A 14 -19.97 54.79 3.78
CA GLU A 14 -20.67 53.51 3.97
C GLU A 14 -19.77 52.35 4.39
N VAL A 15 -18.52 52.28 3.90
CA VAL A 15 -17.61 51.18 4.18
C VAL A 15 -16.56 51.52 5.23
N SER A 16 -16.76 52.60 6.02
CA SER A 16 -15.76 53.07 6.97
C SER A 16 -15.53 52.16 8.18
N GLN A 17 -16.50 51.28 8.53
CA GLN A 17 -16.37 50.35 9.63
C GLN A 17 -16.12 48.93 9.10
N ALA A 18 -16.12 48.75 7.76
CA ALA A 18 -15.98 47.46 7.11
C ALA A 18 -14.58 47.27 6.54
N ALA A 19 -13.92 46.15 6.88
CA ALA A 19 -12.57 45.85 6.41
C ALA A 19 -12.51 45.57 4.90
N PRO A 20 -11.44 45.90 4.17
CA PRO A 20 -11.29 45.56 2.77
C PRO A 20 -11.43 44.07 2.48
N GLY A 21 -12.50 43.69 1.75
CA GLY A 21 -12.83 42.31 1.41
C GLY A 21 -13.86 41.68 2.31
N SER A 22 -14.38 42.41 3.32
CA SER A 22 -15.46 41.94 4.19
C SER A 22 -16.81 41.96 3.48
N PRO A 23 -17.85 41.21 3.88
CA PRO A 23 -19.12 41.15 3.16
C PRO A 23 -19.78 42.48 2.85
N GLN A 24 -19.75 43.47 3.77
CA GLN A 24 -20.41 44.75 3.59
C GLN A 24 -19.61 45.61 2.62
N PHE A 25 -18.26 45.53 2.71
CA PHE A 25 -17.36 46.17 1.79
C PHE A 25 -17.58 45.65 0.37
N MET A 26 -17.66 44.32 0.21
CA MET A 26 -17.90 43.66 -1.06
C MET A 26 -19.27 43.89 -1.66
N GLN A 27 -20.34 43.96 -0.83
CA GLN A 27 -21.68 44.30 -1.30
C GLN A 27 -21.72 45.68 -1.92
N THR A 28 -21.06 46.63 -1.25
CA THR A 28 -20.97 48.03 -1.64
C THR A 28 -20.13 48.25 -2.87
N ILE A 29 -18.96 47.60 -3.01
CA ILE A 29 -18.16 47.77 -4.21
C ILE A 29 -18.67 46.95 -5.38
N ARG A 30 -19.36 45.81 -5.15
CA ARG A 30 -20.02 45.08 -6.22
C ARG A 30 -21.13 45.90 -6.87
N LEU A 31 -21.96 46.56 -6.03
CA LEU A 31 -22.96 47.50 -6.52
C LEU A 31 -22.34 48.71 -7.21
N ALA A 32 -21.32 49.35 -6.61
CA ALA A 32 -20.63 50.49 -7.20
C ALA A 32 -20.03 50.21 -8.57
N VAL A 33 -19.38 49.04 -8.74
CA VAL A 33 -18.86 48.60 -10.02
C VAL A 33 -19.96 48.39 -11.04
N GLN A 34 -21.07 47.73 -10.64
CA GLN A 34 -22.23 47.53 -11.50
C GLN A 34 -22.94 48.83 -11.89
N GLN A 35 -23.02 49.80 -10.96
CA GLN A 35 -23.61 51.10 -11.19
C GLN A 35 -22.81 52.06 -12.06
N PHE A 36 -21.46 52.08 -11.91
CA PHE A 36 -20.67 53.08 -12.60
C PHE A 36 -20.04 52.57 -13.88
N ASP A 37 -19.94 51.23 -14.04
CA ASP A 37 -19.21 50.56 -15.11
C ASP A 37 -17.77 51.09 -15.30
N PRO A 38 -17.01 51.26 -14.21
CA PRO A 38 -15.73 51.99 -14.22
C PRO A 38 -14.68 51.40 -15.14
N THR A 39 -13.85 52.26 -15.75
CA THR A 39 -12.73 51.85 -16.58
C THR A 39 -11.54 51.48 -15.69
N ALA A 40 -10.46 50.90 -16.24
CA ALA A 40 -9.31 50.52 -15.45
C ALA A 40 -8.67 51.66 -14.65
N LYS A 41 -8.63 52.88 -15.24
CA LYS A 41 -8.11 54.07 -14.58
C LYS A 41 -9.04 54.58 -13.48
N ASP A 42 -10.36 54.27 -13.56
CA ASP A 42 -11.34 54.72 -12.58
C ASP A 42 -11.39 53.76 -11.41
N LEU A 43 -11.11 52.47 -11.70
CA LEU A 43 -10.90 51.44 -10.69
C LEU A 43 -9.65 51.73 -9.87
N GLN A 44 -8.60 52.26 -10.52
CA GLN A 44 -7.39 52.69 -9.84
C GLN A 44 -7.65 53.87 -8.89
N ASP A 45 -8.49 54.84 -9.31
CA ASP A 45 -8.90 55.96 -8.47
C ASP A 45 -9.76 55.52 -7.28
N LEU A 46 -10.70 54.57 -7.52
CA LEU A 46 -11.55 53.96 -6.51
C LEU A 46 -10.78 53.19 -5.46
N LEU A 47 -9.79 52.36 -5.89
CA LEU A 47 -8.89 51.63 -5.02
C LEU A 47 -8.11 52.53 -4.09
N GLN A 48 -7.48 53.58 -4.68
CA GLN A 48 -6.73 54.57 -3.95
C GLN A 48 -7.56 55.42 -3.00
N TYR A 49 -8.80 55.79 -3.37
CA TYR A 49 -9.68 56.53 -2.47
C TYR A 49 -10.11 55.70 -1.26
N LEU A 50 -10.49 54.42 -1.45
CA LEU A 50 -10.95 53.59 -0.35
C LEU A 50 -9.88 52.95 0.53
N CYS A 51 -8.71 52.59 -0.05
CA CYS A 51 -7.70 51.80 0.64
C CYS A 51 -6.37 52.52 0.81
N SER A 52 -5.59 52.10 1.82
CA SER A 52 -4.22 52.56 2.05
C SER A 52 -3.24 52.00 1.04
N SER A 53 -2.05 52.63 0.92
CA SER A 53 -1.05 52.26 -0.09
C SER A 53 -0.52 50.83 0.02
N LEU A 54 -0.38 50.29 1.25
CA LEU A 54 -0.06 48.89 1.49
C LEU A 54 -1.16 47.95 1.00
N VAL A 55 -2.42 48.23 1.34
CA VAL A 55 -3.56 47.44 0.89
C VAL A 55 -3.75 47.49 -0.62
N ALA A 56 -3.57 48.67 -1.24
CA ALA A 56 -3.55 48.83 -2.68
C ALA A 56 -2.43 48.02 -3.36
N SER A 57 -1.23 47.98 -2.75
CA SER A 57 -0.12 47.13 -3.19
C SER A 57 -0.41 45.65 -3.09
N LEU A 58 -0.97 45.20 -1.95
CA LEU A 58 -1.39 43.81 -1.75
C LEU A 58 -2.48 43.37 -2.69
N HIS A 59 -3.46 44.28 -2.96
CA HIS A 59 -4.49 44.08 -3.98
C HIS A 59 -3.88 43.97 -5.37
N HIS A 60 -2.93 44.86 -5.75
CA HIS A 60 -2.22 44.80 -7.00
C HIS A 60 -1.45 43.50 -7.21
N GLN A 61 -0.71 43.02 -6.18
CA GLN A 61 0.00 41.75 -6.23
C GLN A 61 -0.93 40.55 -6.40
N GLN A 62 -2.06 40.52 -5.67
CA GLN A 62 -3.07 39.49 -5.80
C GLN A 62 -3.76 39.51 -7.16
N LEU A 63 -4.09 40.73 -7.65
CA LEU A 63 -4.72 40.96 -8.93
C LEU A 63 -3.81 40.56 -10.07
N ASP A 64 -2.50 40.88 -9.98
CA ASP A 64 -1.50 40.50 -10.95
C ASP A 64 -1.42 38.97 -11.11
N SER A 65 -1.49 38.23 -9.97
CA SER A 65 -1.58 36.77 -9.96
C SER A 65 -2.83 36.26 -10.68
N LEU A 66 -4.03 36.84 -10.39
CA LEU A 66 -5.27 36.47 -11.05
C LEU A 66 -5.31 36.78 -12.54
N ILE A 67 -4.78 37.97 -12.95
CA ILE A 67 -4.60 38.39 -14.33
C ILE A 67 -3.64 37.49 -15.08
N SER A 68 -2.49 37.18 -14.47
CA SER A 68 -1.48 36.28 -15.01
C SER A 68 -2.04 34.88 -15.25
N GLU A 69 -2.80 34.34 -14.27
CA GLU A 69 -3.50 33.09 -14.48
C GLU A 69 -4.54 33.16 -15.61
N ALA A 70 -5.39 34.20 -15.65
CA ALA A 70 -6.38 34.37 -16.70
C ALA A 70 -5.78 34.51 -18.09
N GLU A 71 -4.67 35.27 -18.20
CA GLU A 71 -3.88 35.46 -19.40
C GLU A 71 -3.19 34.20 -19.90
N THR A 72 -2.59 33.39 -18.98
CA THR A 72 -1.99 32.11 -19.34
C THR A 72 -3.02 31.06 -19.70
N ARG A 73 -4.19 31.07 -19.03
CA ARG A 73 -5.34 30.28 -19.41
C ARG A 73 -5.92 30.66 -20.77
N GLY A 74 -5.87 31.97 -21.11
CA GLY A 74 -6.38 32.55 -22.35
C GLY A 74 -7.87 32.55 -22.38
N ILE A 75 -8.49 32.76 -21.21
CA ILE A 75 -9.93 32.68 -21.02
C ILE A 75 -10.54 34.07 -21.06
N THR A 76 -9.67 35.11 -21.02
CA THR A 76 -10.01 36.53 -20.97
C THR A 76 -10.72 37.06 -22.21
N GLY A 77 -10.32 36.61 -23.41
CA GLY A 77 -10.89 37.05 -24.69
C GLY A 77 -10.20 38.26 -25.27
N TYR A 78 -8.97 38.56 -24.83
CA TYR A 78 -8.19 39.70 -25.28
C TYR A 78 -7.24 39.31 -26.40
N ASN A 79 -7.10 40.14 -27.46
CA ASN A 79 -6.07 39.96 -28.48
C ASN A 79 -4.71 40.34 -27.89
N PRO A 80 -3.69 39.48 -27.82
CA PRO A 80 -2.47 39.76 -27.06
C PRO A 80 -1.61 40.81 -27.72
N LEU A 81 -1.74 41.01 -29.04
CA LEU A 81 -0.99 41.99 -29.82
C LEU A 81 -1.80 43.29 -29.94
N ALA A 82 -2.87 43.45 -29.15
CA ALA A 82 -3.67 44.66 -29.10
C ALA A 82 -3.36 45.44 -27.82
N GLY A 83 -2.26 45.02 -27.13
CA GLY A 83 -1.73 45.65 -25.94
C GLY A 83 -2.18 45.06 -24.61
N PRO A 84 -1.63 45.58 -23.51
CA PRO A 84 -1.92 45.15 -22.14
C PRO A 84 -3.38 45.10 -21.74
N LEU A 85 -3.76 44.21 -20.79
CA LEU A 85 -5.12 44.17 -20.25
C LEU A 85 -5.50 45.50 -19.61
N ARG A 86 -4.51 46.12 -18.94
CA ARG A 86 -4.56 47.40 -18.27
C ARG A 86 -4.75 48.61 -19.17
N VAL A 87 -4.58 48.42 -20.50
CA VAL A 87 -4.81 49.45 -21.49
C VAL A 87 -6.08 49.13 -22.27
N GLN A 88 -6.31 47.85 -22.63
CA GLN A 88 -7.52 47.44 -23.30
C GLN A 88 -8.80 47.65 -22.49
N ALA A 89 -8.70 47.58 -21.14
CA ALA A 89 -9.77 47.86 -20.21
C ALA A 89 -10.06 49.37 -20.05
N ASN A 90 -9.38 50.23 -20.85
CA ASN A 90 -9.72 51.62 -21.04
C ASN A 90 -10.31 51.88 -22.44
N ASN A 91 -10.35 50.88 -23.35
CA ASN A 91 -10.95 51.04 -24.68
C ASN A 91 -12.47 51.22 -24.57
N PRO A 92 -13.13 52.16 -25.24
CA PRO A 92 -14.54 52.48 -24.98
C PRO A 92 -15.52 51.44 -25.49
N GLN A 93 -15.26 50.76 -26.62
CA GLN A 93 -16.21 49.83 -27.21
C GLN A 93 -15.95 48.42 -26.73
N GLN A 94 -14.85 48.16 -26.00
CA GLN A 94 -14.48 46.84 -25.54
C GLN A 94 -15.12 46.54 -24.20
N GLN A 95 -16.44 46.73 -24.11
CA GLN A 95 -17.22 46.68 -22.88
C GLN A 95 -17.14 45.35 -22.17
N GLY A 96 -17.15 44.21 -22.90
CA GLY A 96 -17.04 42.89 -22.29
C GLY A 96 -15.69 42.61 -21.68
N LEU A 97 -14.64 43.31 -22.15
CA LEU A 97 -13.28 43.10 -21.69
C LEU A 97 -13.02 43.98 -20.47
N ARG A 98 -13.68 45.15 -20.40
CA ARG A 98 -13.74 45.99 -19.20
C ARG A 98 -14.46 45.27 -18.07
N ARG A 99 -15.56 44.59 -18.39
CA ARG A 99 -16.38 43.81 -17.47
C ARG A 99 -15.58 42.62 -16.94
N GLU A 100 -14.76 41.99 -17.79
CA GLU A 100 -13.87 40.90 -17.39
C GLU A 100 -12.82 41.37 -16.39
N TYR A 101 -12.23 42.57 -16.65
CA TYR A 101 -11.30 43.26 -15.78
C TYR A 101 -11.93 43.62 -14.43
N GLN A 102 -13.18 44.13 -14.44
CA GLN A 102 -13.95 44.44 -13.24
C GLN A 102 -14.17 43.24 -12.35
N GLN A 103 -14.52 42.07 -12.93
CA GLN A 103 -14.70 40.86 -12.16
C GLN A 103 -13.41 40.31 -11.57
N LEU A 104 -12.27 40.41 -12.29
CA LEU A 104 -10.96 40.07 -11.74
C LEU A 104 -10.53 41.01 -10.60
N TRP A 105 -10.80 42.33 -10.77
CA TRP A 105 -10.54 43.37 -9.81
C TRP A 105 -11.32 43.16 -8.51
N LEU A 106 -12.62 42.82 -8.61
CA LEU A 106 -13.47 42.44 -7.49
C LEU A 106 -13.00 41.14 -6.84
N ALA A 107 -12.62 40.12 -7.64
CA ALA A 107 -12.16 38.83 -7.15
C ALA A 107 -10.91 38.93 -6.29
N ALA A 108 -9.97 39.84 -6.64
CA ALA A 108 -8.76 40.06 -5.87
C ALA A 108 -9.01 40.48 -4.41
N PHE A 109 -10.08 41.24 -4.12
CA PHE A 109 -10.39 41.69 -2.77
C PHE A 109 -10.82 40.56 -1.85
N ALA A 110 -11.38 39.48 -2.42
CA ALA A 110 -11.86 38.34 -1.66
C ALA A 110 -10.74 37.54 -1.03
N ALA A 111 -9.49 37.71 -1.50
CA ALA A 111 -8.35 37.07 -0.87
C ALA A 111 -7.77 37.88 0.28
N LEU A 112 -8.04 39.21 0.36
CA LEU A 112 -7.38 40.05 1.35
C LEU A 112 -7.62 39.72 2.84
N PRO A 113 -8.82 39.41 3.33
CA PRO A 113 -9.02 38.97 4.71
C PRO A 113 -8.50 37.57 4.97
N GLY A 114 -8.27 36.78 3.91
CA GLY A 114 -7.81 35.39 3.98
C GLY A 114 -6.33 35.30 4.07
N SER A 115 -5.62 36.18 3.34
CA SER A 115 -4.18 36.35 3.35
C SER A 115 -3.67 36.97 4.63
N ALA A 116 -4.49 37.83 5.27
CA ALA A 116 -4.21 38.50 6.53
C ALA A 116 -3.70 37.59 7.66
N LYS A 117 -2.77 38.13 8.48
CA LYS A 117 -2.12 37.39 9.55
C LYS A 117 -2.45 37.93 10.93
N ASP A 118 -2.71 39.25 11.05
CA ASP A 118 -3.06 39.86 12.33
C ASP A 118 -4.25 40.82 12.19
N PRO A 119 -5.45 40.37 11.76
CA PRO A 119 -6.65 41.21 11.74
C PRO A 119 -7.08 41.68 13.12
N SER A 120 -7.81 42.81 13.22
CA SER A 120 -8.22 43.43 14.47
C SER A 120 -9.12 42.58 15.33
N TRP A 121 -10.02 41.77 14.72
CA TRP A 121 -11.03 41.01 15.45
C TRP A 121 -10.43 39.93 16.35
N ALA A 122 -9.19 39.49 16.07
CA ALA A 122 -8.51 38.48 16.85
C ALA A 122 -7.95 39.04 18.16
N SER A 123 -7.90 40.39 18.28
CA SER A 123 -7.45 41.11 19.46
C SER A 123 -8.59 41.79 20.17
N ILE A 124 -9.84 41.45 19.81
CA ILE A 124 -11.02 41.91 20.52
C ILE A 124 -11.17 41.06 21.77
N LEU A 125 -10.92 41.65 22.95
CA LEU A 125 -10.92 40.97 24.24
C LEU A 125 -11.96 41.59 25.14
N GLN A 126 -12.66 40.76 25.94
CA GLN A 126 -13.61 41.23 26.94
C GLN A 126 -12.96 42.13 28.00
N GLY A 127 -13.47 43.36 28.15
CA GLY A 127 -12.99 44.31 29.15
C GLY A 127 -13.27 43.88 30.58
N LEU A 128 -12.62 44.54 31.55
CA LEU A 128 -12.74 44.16 32.95
C LEU A 128 -14.06 44.65 33.53
N GLU A 129 -14.62 45.72 32.94
CA GLU A 129 -15.92 46.27 33.29
C GLU A 129 -16.93 46.00 32.17
N GLU A 130 -16.72 44.94 31.36
CA GLU A 130 -17.56 44.64 30.22
C GLU A 130 -18.42 43.39 30.38
N PRO A 131 -19.76 43.44 30.25
CA PRO A 131 -20.62 42.27 30.38
C PRO A 131 -20.33 41.22 29.30
N TYR A 132 -20.46 39.92 29.61
CA TYR A 132 -20.18 38.84 28.67
C TYR A 132 -21.02 38.92 27.39
N HIS A 133 -22.32 39.26 27.52
CA HIS A 133 -23.22 39.53 26.40
C HIS A 133 -22.72 40.63 25.47
N ALA A 134 -22.33 41.81 26.02
CA ALA A 134 -21.81 42.94 25.28
C ALA A 134 -20.56 42.60 24.49
N PHE A 135 -19.66 41.79 25.11
CA PHE A 135 -18.50 41.21 24.50
C PHE A 135 -18.81 40.28 23.31
N VAL A 136 -19.77 39.35 23.45
CA VAL A 136 -20.21 38.49 22.35
C VAL A 136 -20.79 39.27 21.17
N GLU A 137 -21.60 40.33 21.44
CA GLU A 137 -22.06 41.27 20.42
C GLU A 137 -20.91 42.02 19.74
N ARG A 138 -19.91 42.48 20.52
CA ARG A 138 -18.70 43.14 20.02
C ARG A 138 -17.91 42.24 19.08
N LEU A 139 -17.72 40.95 19.45
CA LEU A 139 -17.13 39.94 18.59
C LEU A 139 -17.96 39.69 17.34
N ASN A 140 -19.29 39.54 17.47
CA ASN A 140 -20.20 39.32 16.35
C ASN A 140 -20.07 40.39 15.26
N ILE A 141 -20.04 41.68 15.67
CA ILE A 141 -19.82 42.81 14.77
C ILE A 141 -18.43 42.77 14.15
N ALA A 142 -17.38 42.54 14.98
CA ALA A 142 -16.01 42.44 14.52
C ALA A 142 -15.74 41.31 13.51
N LEU A 143 -16.39 40.15 13.68
CA LEU A 143 -16.35 39.06 12.71
C LEU A 143 -17.07 39.40 11.43
N ASP A 144 -18.29 40.00 11.51
CA ASP A 144 -19.06 40.40 10.33
C ASP A 144 -18.34 41.40 9.45
N ASN A 145 -17.59 42.32 10.06
CA ASN A 145 -16.84 43.36 9.38
C ASN A 145 -15.38 42.99 9.14
N GLY A 146 -14.98 41.72 9.41
CA GLY A 146 -13.59 41.27 9.37
C GLY A 146 -13.34 40.00 8.60
N LEU A 147 -14.14 38.94 8.82
CA LEU A 147 -14.09 37.71 8.04
C LEU A 147 -14.49 37.92 6.56
N PRO A 148 -13.99 37.15 5.59
CA PRO A 148 -14.52 37.18 4.23
C PRO A 148 -15.75 36.28 4.12
N GLU A 149 -16.61 36.50 3.11
CA GLU A 149 -17.82 35.72 2.87
C GLU A 149 -17.52 34.24 2.62
N GLY A 150 -18.43 33.37 3.07
CA GLY A 150 -18.28 31.92 2.98
C GLY A 150 -17.36 31.35 4.02
N THR A 151 -17.28 31.99 5.19
CA THR A 151 -16.47 31.55 6.31
C THR A 151 -17.44 31.17 7.42
N PRO A 152 -17.29 30.09 8.17
CA PRO A 152 -18.29 29.71 9.16
C PRO A 152 -18.07 30.41 10.50
N LYS A 153 -18.65 31.61 10.67
CA LYS A 153 -18.51 32.41 11.87
C LYS A 153 -19.13 31.82 13.14
N ASP A 154 -20.13 30.92 13.03
CA ASP A 154 -20.78 30.30 14.18
C ASP A 154 -19.87 29.43 15.06
N PRO A 155 -19.04 28.47 14.59
CA PRO A 155 -18.10 27.75 15.43
C PRO A 155 -16.93 28.64 15.84
N ILE A 156 -16.56 29.64 15.02
CA ILE A 156 -15.51 30.60 15.32
C ILE A 156 -15.90 31.45 16.52
N LEU A 157 -17.16 31.94 16.55
CA LEU A 157 -17.67 32.77 17.62
C LEU A 157 -17.81 32.00 18.93
N ARG A 158 -18.28 30.73 18.95
CA ARG A 158 -18.24 29.95 20.20
C ARG A 158 -16.84 29.65 20.73
N SER A 159 -15.82 29.54 19.85
CA SER A 159 -14.43 29.43 20.27
C SER A 159 -13.91 30.75 20.85
N LEU A 160 -14.11 31.87 20.13
CA LEU A 160 -13.67 33.20 20.57
C LEU A 160 -14.34 33.66 21.86
N ALA A 161 -15.63 33.26 22.04
CA ALA A 161 -16.43 33.52 23.23
C ALA A 161 -15.81 32.92 24.50
N TYR A 162 -14.95 31.89 24.37
CA TYR A 162 -14.16 31.38 25.48
C TYR A 162 -12.79 32.04 25.48
N SER A 163 -12.02 31.94 24.37
CA SER A 163 -10.61 32.34 24.35
C SER A 163 -10.33 33.80 24.59
N ASN A 164 -11.25 34.70 24.19
CA ASN A 164 -11.04 36.13 24.33
C ASN A 164 -11.92 36.71 25.43
N ALA A 165 -12.40 35.87 26.36
CA ALA A 165 -13.18 36.31 27.49
C ALA A 165 -12.34 36.76 28.68
N ASN A 166 -12.97 37.43 29.65
CA ASN A 166 -12.39 37.78 30.93
C ASN A 166 -12.10 36.50 31.71
N LYS A 167 -10.91 36.39 32.34
CA LYS A 167 -10.45 35.22 33.06
C LYS A 167 -11.44 34.66 34.08
N GLU A 168 -12.20 35.53 34.79
CA GLU A 168 -13.24 35.12 35.72
C GLU A 168 -14.39 34.38 35.02
N CYS A 169 -14.75 34.80 33.80
CA CYS A 169 -15.72 34.09 32.98
C CYS A 169 -15.14 32.80 32.42
N GLN A 170 -13.82 32.76 32.08
CA GLN A 170 -13.19 31.53 31.64
C GLN A 170 -13.15 30.45 32.72
N LYS A 171 -12.86 30.85 33.98
CA LYS A 171 -12.91 29.97 35.14
C LYS A 171 -14.31 29.43 35.40
N LEU A 172 -15.34 30.30 35.26
CA LEU A 172 -16.76 29.96 35.36
C LEU A 172 -17.20 28.98 34.30
N LEU A 173 -16.76 29.18 33.04
CA LEU A 173 -17.00 28.31 31.91
C LEU A 173 -16.35 26.96 32.09
N GLN A 174 -15.11 26.91 32.63
CA GLN A 174 -14.49 25.64 32.95
C GLN A 174 -15.20 24.92 34.11
N ALA A 175 -15.54 25.66 35.19
CA ALA A 175 -16.21 25.16 36.37
C ALA A 175 -17.58 24.56 36.10
N ARG A 176 -18.34 25.20 35.19
CA ARG A 176 -19.67 24.80 34.75
C ARG A 176 -19.67 23.78 33.62
N GLY A 177 -18.50 23.40 33.09
CA GLY A 177 -18.39 22.42 32.01
C GLY A 177 -18.83 22.90 30.66
N HIS A 178 -18.43 24.13 30.28
CA HIS A 178 -18.83 24.76 29.04
C HIS A 178 -17.66 25.49 28.41
N THR A 179 -16.55 24.78 28.09
CA THR A 179 -15.35 25.40 27.53
C THR A 179 -15.46 25.75 26.06
N ASN A 180 -16.44 25.17 25.36
CA ASN A 180 -16.76 25.48 23.98
C ASN A 180 -18.04 24.72 23.69
N SER A 181 -19.18 25.28 24.14
CA SER A 181 -20.53 24.77 24.01
C SER A 181 -21.34 25.72 23.14
N PRO A 182 -22.52 25.36 22.62
CA PRO A 182 -23.47 26.27 21.97
C PRO A 182 -23.68 27.63 22.66
N LEU A 183 -23.73 28.75 21.90
CA LEU A 183 -23.69 30.10 22.44
C LEU A 183 -24.73 30.46 23.49
N GLY A 184 -25.97 29.94 23.40
CA GLY A 184 -26.99 30.13 24.42
C GLY A 184 -26.61 29.56 25.77
N ASP A 185 -25.92 28.41 25.79
CA ASP A 185 -25.50 27.78 27.03
C ASP A 185 -24.30 28.51 27.62
N MET A 186 -23.38 29.04 26.77
CA MET A 186 -22.27 29.89 27.19
C MET A 186 -22.76 31.17 27.87
N LEU A 187 -23.79 31.81 27.28
CA LEU A 187 -24.41 33.00 27.82
C LEU A 187 -25.22 32.74 29.07
N ARG A 188 -26.01 31.64 29.12
CA ARG A 188 -26.71 31.22 30.31
C ARG A 188 -25.82 30.96 31.52
N ALA A 189 -24.62 30.38 31.30
CA ALA A 189 -23.61 30.27 32.33
C ALA A 189 -23.09 31.64 32.79
N CYS A 190 -22.66 32.51 31.85
CA CYS A 190 -21.98 33.75 32.21
C CYS A 190 -22.93 34.88 32.56
N GLN A 191 -24.25 34.63 32.50
CA GLN A 191 -25.33 35.46 33.02
C GLN A 191 -25.21 35.63 34.53
N THR A 192 -24.62 34.60 35.20
CA THR A 192 -24.40 34.56 36.64
C THR A 192 -23.14 35.30 37.09
N TRP A 193 -22.45 36.00 36.15
CA TRP A 193 -21.32 36.86 36.45
C TRP A 193 -21.68 38.30 36.08
N THR A 194 -21.47 39.23 37.01
CA THR A 194 -21.68 40.66 36.79
C THR A 194 -20.35 41.36 36.95
N PRO A 195 -20.00 42.42 36.23
CA PRO A 195 -18.73 43.12 36.43
C PRO A 195 -18.68 43.82 37.78
N ARG B 1 -68.99 19.34 -11.74
CA ARG B 1 -69.10 18.46 -10.59
C ARG B 1 -67.75 18.29 -9.90
N PRO B 2 -67.51 18.68 -8.65
CA PRO B 2 -66.18 18.64 -8.08
C PRO B 2 -65.92 17.28 -7.43
N TRP B 3 -65.92 16.18 -8.20
CA TRP B 3 -65.70 14.84 -7.68
C TRP B 3 -64.31 14.66 -7.08
N GLN B 4 -63.30 15.35 -7.65
CA GLN B 4 -61.94 15.34 -7.14
C GLN B 4 -61.84 15.89 -5.71
N MET B 5 -62.73 16.84 -5.34
CA MET B 5 -62.78 17.42 -4.00
C MET B 5 -63.14 16.39 -2.93
N LYS B 6 -64.10 15.52 -3.23
CA LYS B 6 -64.56 14.51 -2.31
C LYS B 6 -63.50 13.43 -2.09
N ASP B 7 -62.79 13.08 -3.17
CA ASP B 7 -61.69 12.13 -3.14
C ASP B 7 -60.45 12.73 -2.47
N LEU B 8 -60.16 14.04 -2.66
CA LEU B 8 -59.09 14.75 -1.97
C LEU B 8 -59.30 14.82 -0.46
N GLN B 9 -60.55 15.04 0.01
CA GLN B 9 -60.86 14.96 1.43
C GLN B 9 -60.68 13.57 1.99
N ALA B 10 -61.10 12.52 1.24
CA ALA B 10 -60.90 11.14 1.63
C ALA B 10 -59.44 10.76 1.71
N ILE B 11 -58.60 11.23 0.76
CA ILE B 11 -57.14 11.09 0.81
C ILE B 11 -56.53 11.75 2.03
N LYS B 12 -56.95 12.99 2.33
CA LYS B 12 -56.48 13.75 3.48
C LYS B 12 -56.84 13.11 4.82
N GLN B 13 -58.03 12.48 4.89
CA GLN B 13 -58.43 11.63 6.01
C GLN B 13 -57.56 10.38 6.13
N GLU B 14 -57.27 9.70 5.00
CA GLU B 14 -56.45 8.50 4.98
C GLU B 14 -55.00 8.76 5.42
N VAL B 15 -54.43 9.93 5.10
CA VAL B 15 -53.06 10.28 5.48
C VAL B 15 -53.02 11.22 6.68
N SER B 16 -54.15 11.36 7.42
CA SER B 16 -54.29 12.31 8.53
C SER B 16 -53.29 12.13 9.66
N GLN B 17 -52.89 10.88 9.95
CA GLN B 17 -51.93 10.53 10.97
C GLN B 17 -50.66 9.96 10.33
N ALA B 18 -50.44 10.21 9.03
CA ALA B 18 -49.30 9.71 8.30
C ALA B 18 -48.37 10.85 7.89
N ALA B 19 -47.09 10.79 8.31
CA ALA B 19 -46.09 11.80 8.01
C ALA B 19 -45.76 11.90 6.51
N PRO B 20 -45.41 13.06 5.94
CA PRO B 20 -45.00 13.17 4.55
C PRO B 20 -43.82 12.28 4.18
N GLY B 21 -44.05 11.28 3.31
CA GLY B 21 -43.06 10.30 2.87
C GLY B 21 -43.15 8.98 3.58
N SER B 22 -44.06 8.84 4.56
CA SER B 22 -44.32 7.59 5.27
C SER B 22 -44.98 6.53 4.38
N PRO B 23 -44.86 5.22 4.61
CA PRO B 23 -45.41 4.19 3.74
C PRO B 23 -46.90 4.32 3.44
N GLN B 24 -47.72 4.74 4.41
CA GLN B 24 -49.16 4.84 4.31
C GLN B 24 -49.54 6.05 3.48
N PHE B 25 -48.78 7.15 3.66
CA PHE B 25 -48.87 8.36 2.87
C PHE B 25 -48.54 8.05 1.41
N MET B 26 -47.45 7.30 1.17
CA MET B 26 -47.00 6.93 -0.16
C MET B 26 -47.92 5.95 -0.89
N GLN B 27 -48.52 4.97 -0.17
CA GLN B 27 -49.53 4.08 -0.75
C GLN B 27 -50.75 4.85 -1.25
N THR B 28 -51.21 5.81 -0.42
CA THR B 28 -52.38 6.63 -0.71
C THR B 28 -52.16 7.59 -1.86
N ILE B 29 -50.99 8.27 -1.93
CA ILE B 29 -50.75 9.18 -3.05
C ILE B 29 -50.32 8.44 -4.31
N ARG B 30 -49.67 7.25 -4.22
CA ARG B 30 -49.39 6.45 -5.40
C ARG B 30 -50.66 5.96 -6.07
N LEU B 31 -51.64 5.47 -5.28
CA LEU B 31 -52.94 5.11 -5.79
C LEU B 31 -53.70 6.31 -6.36
N ALA B 32 -53.73 7.45 -5.63
CA ALA B 32 -54.38 8.67 -6.10
C ALA B 32 -53.82 9.19 -7.43
N VAL B 33 -52.49 9.17 -7.60
CA VAL B 33 -51.83 9.52 -8.85
C VAL B 33 -52.20 8.56 -9.98
N GLN B 34 -52.19 7.24 -9.71
CA GLN B 34 -52.58 6.22 -10.68
C GLN B 34 -54.06 6.31 -11.07
N GLN B 35 -54.94 6.64 -10.12
CA GLN B 35 -56.36 6.82 -10.31
C GLN B 35 -56.78 8.08 -11.05
N PHE B 36 -56.12 9.23 -10.81
CA PHE B 36 -56.55 10.50 -11.40
C PHE B 36 -55.76 10.89 -12.65
N ASP B 37 -54.57 10.29 -12.86
CA ASP B 37 -53.58 10.65 -13.88
C ASP B 37 -53.28 12.18 -13.96
N PRO B 38 -52.98 12.81 -12.81
CA PRO B 38 -52.87 14.27 -12.70
C PRO B 38 -51.77 14.92 -13.55
N THR B 39 -52.00 16.17 -13.98
CA THR B 39 -51.00 17.00 -14.65
C THR B 39 -50.11 17.65 -13.59
N ALA B 40 -49.02 18.35 -13.99
CA ALA B 40 -48.13 19.02 -13.04
C ALA B 40 -48.84 20.02 -12.13
N LYS B 41 -49.83 20.76 -12.67
CA LYS B 41 -50.64 21.70 -11.91
C LYS B 41 -51.61 21.00 -10.95
N ASP B 42 -52.00 19.73 -11.22
CA ASP B 42 -52.93 18.99 -10.38
C ASP B 42 -52.18 18.33 -9.25
N LEU B 43 -50.90 17.97 -9.51
CA LEU B 43 -49.94 17.55 -8.52
C LEU B 43 -49.62 18.69 -7.55
N GLN B 44 -49.56 19.95 -8.06
CA GLN B 44 -49.37 21.13 -7.25
C GLN B 44 -50.55 21.37 -6.30
N ASP B 45 -51.80 21.14 -6.77
CA ASP B 45 -52.99 21.21 -5.93
C ASP B 45 -53.02 20.10 -4.88
N LEU B 46 -52.62 18.87 -5.25
CA LEU B 46 -52.51 17.76 -4.33
C LEU B 46 -51.49 17.99 -3.22
N LEU B 47 -50.28 18.49 -3.58
CA LEU B 47 -49.24 18.87 -2.63
C LEU B 47 -49.68 19.94 -1.65
N GLN B 48 -50.25 21.04 -2.17
CA GLN B 48 -50.74 22.14 -1.36
C GLN B 48 -51.93 21.79 -0.48
N TYR B 49 -52.88 20.95 -0.94
CA TYR B 49 -53.97 20.50 -0.10
C TYR B 49 -53.51 19.59 1.05
N LEU B 50 -52.58 18.64 0.79
CA LEU B 50 -52.10 17.73 1.80
C LEU B 50 -51.00 18.23 2.73
N CYS B 51 -50.08 19.09 2.26
CA CYS B 51 -48.89 19.45 3.01
C CYS B 51 -48.74 20.94 3.36
N SER B 52 -48.04 21.17 4.49
CA SER B 52 -47.58 22.47 4.96
C SER B 52 -46.60 23.13 3.99
N SER B 53 -46.50 24.48 4.02
CA SER B 53 -45.65 25.25 3.10
C SER B 53 -44.17 24.93 3.21
N LEU B 54 -43.68 24.59 4.43
CA LEU B 54 -42.32 24.12 4.64
C LEU B 54 -42.07 22.78 3.93
N VAL B 55 -42.99 21.80 4.11
CA VAL B 55 -42.89 20.51 3.43
C VAL B 55 -43.00 20.63 1.92
N ALA B 56 -43.91 21.48 1.41
CA ALA B 56 -44.02 21.77 -0.01
C ALA B 56 -42.74 22.38 -0.60
N SER B 57 -42.09 23.30 0.15
CA SER B 57 -40.79 23.86 -0.21
C SER B 57 -39.66 22.82 -0.21
N LEU B 58 -39.59 21.96 0.82
CA LEU B 58 -38.63 20.86 0.86
C LEU B 58 -38.83 19.82 -0.23
N HIS B 59 -40.10 19.49 -0.54
CA HIS B 59 -40.46 18.64 -1.67
C HIS B 59 -40.04 19.24 -3.00
N HIS B 60 -40.31 20.55 -3.20
CA HIS B 60 -39.91 21.28 -4.38
C HIS B 60 -38.42 21.28 -4.62
N GLN B 61 -37.62 21.54 -3.56
CA GLN B 61 -36.16 21.47 -3.61
C GLN B 61 -35.61 20.08 -3.94
N GLN B 62 -36.19 19.02 -3.32
CA GLN B 62 -35.79 17.65 -3.62
C GLN B 62 -36.16 17.25 -5.05
N LEU B 63 -37.36 17.65 -5.50
CA LEU B 63 -37.86 17.40 -6.84
C LEU B 63 -37.05 18.12 -7.89
N ASP B 64 -36.67 19.40 -7.62
CA ASP B 64 -35.83 20.18 -8.49
C ASP B 64 -34.45 19.54 -8.71
N SER B 65 -33.85 18.98 -7.63
CA SER B 65 -32.62 18.19 -7.68
C SER B 65 -32.75 16.94 -8.55
N LEU B 66 -33.85 16.16 -8.39
CA LEU B 66 -34.11 14.98 -9.20
C LEU B 66 -34.36 15.30 -10.67
N ILE B 67 -35.11 16.38 -10.96
CA ILE B 67 -35.35 16.91 -12.30
C ILE B 67 -34.06 17.38 -12.95
N SER B 68 -33.24 18.14 -12.21
CA SER B 68 -31.94 18.64 -12.64
C SER B 68 -30.99 17.52 -13.02
N GLU B 69 -30.90 16.47 -12.19
CA GLU B 69 -30.15 15.29 -12.55
C GLU B 69 -30.70 14.57 -13.79
N ALA B 70 -32.02 14.34 -13.88
CA ALA B 70 -32.61 13.71 -15.04
C ALA B 70 -32.42 14.47 -16.34
N GLU B 71 -32.57 15.81 -16.28
CA GLU B 71 -32.35 16.74 -17.36
C GLU B 71 -30.91 16.81 -17.85
N THR B 72 -29.93 16.84 -16.91
CA THR B 72 -28.50 16.79 -17.24
C THR B 72 -28.08 15.45 -17.78
N ARG B 73 -28.65 14.35 -17.27
CA ARG B 73 -28.49 13.04 -17.85
C ARG B 73 -29.08 12.91 -19.24
N GLY B 74 -30.21 13.60 -19.49
CA GLY B 74 -30.93 13.59 -20.75
C GLY B 74 -31.73 12.34 -20.91
N ILE B 75 -32.37 11.90 -19.81
CA ILE B 75 -33.08 10.63 -19.75
C ILE B 75 -34.58 10.88 -19.61
N THR B 76 -34.98 12.16 -19.52
CA THR B 76 -36.34 12.61 -19.31
C THR B 76 -37.33 12.25 -20.40
N GLY B 77 -36.92 12.41 -21.67
CA GLY B 77 -37.74 12.19 -22.87
C GLY B 77 -38.31 13.48 -23.40
N TYR B 78 -37.93 14.62 -22.78
CA TYR B 78 -38.44 15.94 -23.11
C TYR B 78 -37.57 16.64 -24.15
N ASN B 79 -38.18 17.25 -25.19
CA ASN B 79 -37.51 18.11 -26.15
C ASN B 79 -37.13 19.45 -25.50
N PRO B 80 -35.88 19.93 -25.51
CA PRO B 80 -35.51 21.18 -24.85
C PRO B 80 -35.97 22.40 -25.63
N LEU B 81 -36.61 22.22 -26.81
CA LEU B 81 -37.16 23.28 -27.63
C LEU B 81 -38.70 23.19 -27.59
N ALA B 82 -39.28 22.50 -26.60
CA ALA B 82 -40.72 22.34 -26.45
C ALA B 82 -41.23 22.92 -25.13
N GLY B 83 -40.43 23.75 -24.45
CA GLY B 83 -40.76 24.40 -23.18
C GLY B 83 -40.34 23.63 -21.94
N PRO B 84 -40.37 24.25 -20.77
CA PRO B 84 -39.96 23.63 -19.50
C PRO B 84 -40.80 22.42 -19.11
N LEU B 85 -40.26 21.52 -18.26
CA LEU B 85 -40.94 20.32 -17.79
C LEU B 85 -42.27 20.61 -17.10
N ARG B 86 -42.29 21.71 -16.33
CA ARG B 86 -43.43 22.20 -15.59
C ARG B 86 -44.61 22.69 -16.45
N VAL B 87 -44.37 22.89 -17.76
CA VAL B 87 -45.40 23.20 -18.73
C VAL B 87 -45.67 22.02 -19.64
N GLN B 88 -44.63 21.27 -20.08
CA GLN B 88 -44.83 20.08 -20.91
C GLN B 88 -45.63 18.98 -20.23
N ALA B 89 -45.53 18.88 -18.88
CA ALA B 89 -46.30 17.97 -18.07
C ALA B 89 -47.75 18.42 -17.85
N ASN B 90 -48.17 19.52 -18.51
CA ASN B 90 -49.56 19.94 -18.64
C ASN B 90 -50.05 19.79 -20.09
N ASN B 91 -49.21 19.37 -21.06
CA ASN B 91 -49.60 19.23 -22.47
C ASN B 91 -50.59 18.08 -22.67
N PRO B 92 -51.60 18.16 -23.54
CA PRO B 92 -52.70 17.19 -23.59
C PRO B 92 -52.35 15.82 -24.11
N GLN B 93 -51.39 15.67 -25.05
CA GLN B 93 -51.11 14.40 -25.69
C GLN B 93 -49.77 13.80 -25.25
N GLN B 94 -49.03 14.49 -24.35
CA GLN B 94 -47.69 14.09 -23.94
C GLN B 94 -47.69 13.14 -22.74
N GLN B 95 -48.43 12.01 -22.84
CA GLN B 95 -48.67 11.12 -21.72
C GLN B 95 -47.46 10.48 -21.07
N GLY B 96 -46.44 10.07 -21.85
CA GLY B 96 -45.27 9.41 -21.27
C GLY B 96 -44.43 10.34 -20.43
N LEU B 97 -44.53 11.65 -20.72
CA LEU B 97 -43.75 12.67 -20.05
C LEU B 97 -44.47 13.15 -18.81
N ARG B 98 -45.83 13.14 -18.81
CA ARG B 98 -46.63 13.35 -17.62
C ARG B 98 -46.42 12.26 -16.58
N ARG B 99 -46.38 10.99 -17.05
CA ARG B 99 -46.14 9.80 -16.25
C ARG B 99 -44.74 9.81 -15.65
N GLU B 100 -43.74 10.25 -16.43
CA GLU B 100 -42.37 10.39 -15.94
C GLU B 100 -42.25 11.46 -14.85
N TYR B 101 -42.95 12.61 -15.02
CA TYR B 101 -43.04 13.68 -14.03
C TYR B 101 -43.72 13.19 -12.74
N GLN B 102 -44.82 12.41 -12.86
CA GLN B 102 -45.52 11.79 -11.75
C GLN B 102 -44.61 10.89 -10.92
N GLN B 103 -43.77 10.06 -11.57
CA GLN B 103 -42.82 9.23 -10.85
C GLN B 103 -41.72 10.01 -10.16
N LEU B 104 -41.19 11.11 -10.76
CA LEU B 104 -40.24 11.97 -10.05
C LEU B 104 -40.87 12.68 -8.85
N TRP B 105 -42.11 13.17 -9.03
CA TRP B 105 -42.91 13.82 -8.00
C TRP B 105 -43.17 12.90 -6.80
N LEU B 106 -43.57 11.63 -7.06
CA LEU B 106 -43.73 10.62 -6.03
C LEU B 106 -42.39 10.26 -5.35
N ALA B 107 -41.31 10.09 -6.15
CA ALA B 107 -40.00 9.72 -5.66
C ALA B 107 -39.39 10.71 -4.67
N ALA B 108 -39.61 12.02 -4.91
CA ALA B 108 -39.10 13.08 -4.05
C ALA B 108 -39.54 13.01 -2.58
N PHE B 109 -40.78 12.53 -2.28
CA PHE B 109 -41.28 12.47 -0.91
C PHE B 109 -40.55 11.45 -0.05
N ALA B 110 -39.97 10.41 -0.68
CA ALA B 110 -39.31 9.33 -0.01
C ALA B 110 -38.00 9.75 0.67
N ALA B 111 -37.43 10.93 0.30
CA ALA B 111 -36.26 11.45 0.97
C ALA B 111 -36.60 12.27 2.21
N LEU B 112 -37.86 12.73 2.35
CA LEU B 112 -38.29 13.61 3.44
C LEU B 112 -38.14 13.02 4.85
N PRO B 113 -38.47 11.76 5.18
CA PRO B 113 -38.23 11.21 6.51
C PRO B 113 -36.76 11.00 6.81
N GLY B 114 -35.90 10.99 5.76
CA GLY B 114 -34.46 10.80 5.84
C GLY B 114 -33.73 12.09 6.10
N SER B 115 -34.19 13.19 5.50
CA SER B 115 -33.64 14.52 5.69
C SER B 115 -33.93 15.07 7.08
N ALA B 116 -35.08 14.66 7.66
CA ALA B 116 -35.56 15.05 8.98
C ALA B 116 -34.59 14.76 10.14
N LYS B 117 -34.16 15.79 10.86
CA LYS B 117 -33.15 15.67 11.92
C LYS B 117 -33.75 15.63 13.31
N ASP B 118 -35.08 15.74 13.44
CA ASP B 118 -35.76 15.63 14.73
C ASP B 118 -37.16 15.04 14.54
N PRO B 119 -37.34 13.86 13.95
CA PRO B 119 -38.66 13.24 13.82
C PRO B 119 -39.36 12.98 15.15
N SER B 120 -40.71 12.90 15.13
CA SER B 120 -41.52 12.77 16.34
C SER B 120 -41.27 11.48 17.10
N TRP B 121 -41.01 10.36 16.38
CA TRP B 121 -40.82 9.05 16.96
C TRP B 121 -39.58 8.96 17.84
N ALA B 122 -38.60 9.87 17.64
CA ALA B 122 -37.37 9.88 18.41
C ALA B 122 -37.58 10.49 19.80
N SER B 123 -38.72 11.18 20.02
CA SER B 123 -39.06 11.79 21.30
C SER B 123 -40.19 11.08 22.00
N ILE B 124 -40.57 9.89 21.52
CA ILE B 124 -41.58 9.08 22.18
C ILE B 124 -40.94 8.29 23.32
N LEU B 125 -41.33 8.58 24.57
CA LEU B 125 -40.77 7.95 25.76
C LEU B 125 -41.86 7.22 26.52
N GLN B 126 -41.50 6.17 27.28
CA GLN B 126 -42.43 5.47 28.15
C GLN B 126 -42.93 6.35 29.30
N GLY B 127 -44.26 6.48 29.47
CA GLY B 127 -44.81 7.26 30.57
C GLY B 127 -44.66 6.63 31.94
N LEU B 128 -45.03 7.40 32.99
CA LEU B 128 -44.85 6.98 34.37
C LEU B 128 -45.90 5.97 34.82
N GLU B 129 -47.08 5.95 34.17
CA GLU B 129 -48.17 5.04 34.45
C GLU B 129 -48.42 4.07 33.31
N GLU B 130 -47.50 4.03 32.32
CA GLU B 130 -47.68 3.28 31.09
C GLU B 130 -46.97 1.92 31.02
N PRO B 131 -47.65 0.80 30.77
CA PRO B 131 -47.02 -0.52 30.69
C PRO B 131 -45.96 -0.62 29.61
N TYR B 132 -44.90 -1.43 29.81
CA TYR B 132 -43.81 -1.59 28.85
C TYR B 132 -44.29 -2.06 27.48
N HIS B 133 -45.25 -3.02 27.44
CA HIS B 133 -45.92 -3.48 26.24
C HIS B 133 -46.59 -2.36 25.46
N ALA B 134 -47.41 -1.52 26.12
CA ALA B 134 -48.11 -0.38 25.53
C ALA B 134 -47.15 0.64 24.93
N PHE B 135 -46.02 0.89 25.61
CA PHE B 135 -44.91 1.69 25.11
C PHE B 135 -44.27 1.14 23.84
N VAL B 136 -43.94 -0.17 23.79
CA VAL B 136 -43.40 -0.81 22.60
C VAL B 136 -44.35 -0.78 21.41
N GLU B 137 -45.67 -1.00 21.64
CA GLU B 137 -46.71 -0.82 20.63
C GLU B 137 -46.79 0.60 20.08
N ARG B 138 -46.72 1.59 20.99
CA ARG B 138 -46.65 3.00 20.65
C ARG B 138 -45.43 3.35 19.78
N LEU B 139 -44.23 2.84 20.14
CA LEU B 139 -43.04 2.98 19.32
C LEU B 139 -43.17 2.32 17.96
N ASN B 140 -43.68 1.06 17.91
CA ASN B 140 -43.88 0.31 16.68
C ASN B 140 -44.74 1.05 15.66
N ILE B 141 -45.88 1.62 16.12
CA ILE B 141 -46.76 2.48 15.34
C ILE B 141 -46.08 3.78 14.92
N ALA B 142 -45.38 4.45 15.87
CA ALA B 142 -44.65 5.68 15.61
C ALA B 142 -43.56 5.53 14.55
N LEU B 143 -42.85 4.38 14.55
CA LEU B 143 -41.92 4.02 13.48
C LEU B 143 -42.63 3.76 12.16
N ASP B 144 -43.76 3.00 12.17
CA ASP B 144 -44.52 2.68 10.97
C ASP B 144 -45.05 3.89 10.22
N ASN B 145 -45.47 4.94 10.94
CA ASN B 145 -45.98 6.17 10.37
C ASN B 145 -44.88 7.24 10.25
N GLY B 146 -43.61 6.86 10.53
CA GLY B 146 -42.46 7.75 10.57
C GLY B 146 -41.36 7.39 9.61
N LEU B 147 -40.69 6.23 9.80
CA LEU B 147 -39.65 5.71 8.92
C LEU B 147 -40.10 5.51 7.46
N PRO B 148 -39.32 5.86 6.44
CA PRO B 148 -39.61 5.47 5.06
C PRO B 148 -39.60 3.96 4.83
N GLU B 149 -40.31 3.46 3.80
CA GLU B 149 -40.35 2.03 3.48
C GLU B 149 -39.00 1.48 3.03
N GLY B 150 -38.60 0.32 3.56
CA GLY B 150 -37.33 -0.33 3.26
C GLY B 150 -36.26 0.08 4.26
N THR B 151 -36.66 0.21 5.54
CA THR B 151 -35.80 0.63 6.64
C THR B 151 -35.73 -0.53 7.63
N PRO B 152 -34.64 -0.85 8.31
CA PRO B 152 -34.64 -1.99 9.22
C PRO B 152 -35.12 -1.55 10.60
N LYS B 153 -36.46 -1.50 10.79
CA LYS B 153 -37.11 -1.07 12.01
C LYS B 153 -36.90 -1.99 13.22
N ASP B 154 -36.56 -3.28 13.02
CA ASP B 154 -36.30 -4.24 14.09
C ASP B 154 -35.09 -3.92 14.98
N PRO B 155 -33.87 -3.61 14.52
CA PRO B 155 -32.80 -3.22 15.42
C PRO B 155 -33.02 -1.84 16.00
N ILE B 156 -33.74 -0.96 15.27
CA ILE B 156 -34.10 0.36 15.75
C ILE B 156 -35.07 0.27 16.93
N LEU B 157 -36.11 -0.59 16.81
CA LEU B 157 -37.11 -0.77 17.84
C LEU B 157 -36.56 -1.42 19.10
N ARG B 158 -35.71 -2.47 19.03
CA ARG B 158 -35.05 -2.99 20.23
C ARG B 158 -34.10 -2.01 20.91
N SER B 159 -33.48 -1.10 20.13
CA SER B 159 -32.68 -0.01 20.69
C SER B 159 -33.56 1.01 21.39
N LEU B 160 -34.63 1.50 20.74
CA LEU B 160 -35.55 2.47 21.31
C LEU B 160 -36.30 1.93 22.54
N ALA B 161 -36.60 0.61 22.54
CA ALA B 161 -37.23 -0.10 23.63
C ALA B 161 -36.41 -0.07 24.92
N TYR B 162 -35.09 0.15 24.82
CA TYR B 162 -34.23 0.37 25.96
C TYR B 162 -34.06 1.87 26.20
N SER B 163 -33.60 2.63 25.16
CA SER B 163 -33.20 4.03 25.34
C SER B 163 -34.30 4.98 25.72
N ASN B 164 -35.55 4.70 25.29
CA ASN B 164 -36.67 5.58 25.56
C ASN B 164 -37.60 4.97 26.61
N ALA B 165 -37.12 4.01 27.41
CA ALA B 165 -37.89 3.43 28.49
C ALA B 165 -37.86 4.25 29.77
N ASN B 166 -38.77 3.94 30.71
CA ASN B 166 -38.81 4.51 32.05
C ASN B 166 -37.54 4.12 32.81
N LYS B 167 -36.94 5.03 33.60
CA LYS B 167 -35.70 4.82 34.35
C LYS B 167 -35.69 3.54 35.20
N GLU B 168 -36.86 3.22 35.81
CA GLU B 168 -37.07 1.98 36.55
C GLU B 168 -37.02 0.73 35.69
N CYS B 169 -37.51 0.81 34.43
CA CYS B 169 -37.39 -0.29 33.48
C CYS B 169 -35.98 -0.40 32.98
N GLN B 170 -35.26 0.73 32.81
CA GLN B 170 -33.86 0.68 32.41
C GLN B 170 -32.96 0.01 33.46
N LYS B 171 -33.19 0.30 34.77
CA LYS B 171 -32.46 -0.39 35.84
C LYS B 171 -32.76 -1.89 35.89
N LEU B 172 -34.04 -2.27 35.67
CA LEU B 172 -34.50 -3.65 35.57
C LEU B 172 -33.87 -4.39 34.41
N LEU B 173 -33.80 -3.73 33.23
CA LEU B 173 -33.17 -4.22 32.03
C LEU B 173 -31.67 -4.37 32.20
N GLN B 174 -30.99 -3.44 32.90
CA GLN B 174 -29.57 -3.61 33.22
C GLN B 174 -29.32 -4.76 34.20
N ALA B 175 -30.14 -4.86 35.28
CA ALA B 175 -30.03 -5.90 36.29
C ALA B 175 -30.24 -7.31 35.70
N ARG B 176 -31.19 -7.43 34.76
CA ARG B 176 -31.53 -8.64 34.05
C ARG B 176 -30.67 -8.92 32.83
N GLY B 177 -29.74 -8.01 32.46
CA GLY B 177 -28.83 -8.19 31.33
C GLY B 177 -29.49 -8.13 29.98
N HIS B 178 -30.47 -7.24 29.84
CA HIS B 178 -31.27 -7.07 28.65
C HIS B 178 -31.15 -5.64 28.17
N THR B 179 -29.92 -5.18 27.92
CA THR B 179 -29.62 -3.82 27.49
C THR B 179 -29.83 -3.63 25.99
N ASN B 180 -29.84 -4.75 25.22
CA ASN B 180 -30.18 -4.75 23.81
C ASN B 180 -30.42 -6.20 23.40
N SER B 181 -31.43 -6.84 23.98
CA SER B 181 -31.84 -8.21 23.66
C SER B 181 -33.01 -8.16 22.69
N PRO B 182 -33.33 -9.22 21.94
CA PRO B 182 -34.58 -9.33 21.16
C PRO B 182 -35.85 -8.99 21.94
N LEU B 183 -36.85 -8.39 21.28
CA LEU B 183 -38.01 -7.79 21.92
C LEU B 183 -38.83 -8.71 22.84
N GLY B 184 -38.94 -10.02 22.54
CA GLY B 184 -39.59 -10.98 23.44
C GLY B 184 -38.94 -11.11 24.79
N ASP B 185 -37.60 -11.05 24.85
CA ASP B 185 -36.86 -11.14 26.09
C ASP B 185 -36.95 -9.83 26.88
N MET B 186 -36.97 -8.67 26.19
CA MET B 186 -37.17 -7.36 26.80
C MET B 186 -38.53 -7.26 27.50
N LEU B 187 -39.59 -7.75 26.82
CA LEU B 187 -40.94 -7.77 27.34
C LEU B 187 -41.13 -8.78 28.47
N ARG B 188 -40.56 -10.00 28.34
CA ARG B 188 -40.53 -10.99 29.40
C ARG B 188 -39.88 -10.51 30.69
N ALA B 189 -38.80 -9.72 30.58
CA ALA B 189 -38.19 -9.04 31.72
C ALA B 189 -39.13 -8.01 32.35
N CYS B 190 -39.71 -7.10 31.53
CA CYS B 190 -40.46 -5.98 32.08
C CYS B 190 -41.91 -6.32 32.43
N GLN B 191 -42.32 -7.59 32.24
CA GLN B 191 -43.55 -8.19 32.73
C GLN B 191 -43.61 -8.17 34.25
N THR B 192 -42.42 -8.26 34.87
CA THR B 192 -42.20 -8.22 36.31
C THR B 192 -42.33 -6.82 36.92
N TRP B 193 -42.26 -5.76 36.08
CA TRP B 193 -42.44 -4.39 36.51
C TRP B 193 -43.85 -3.89 36.26
N THR B 194 -44.42 -3.15 37.23
CA THR B 194 -45.71 -2.49 37.10
C THR B 194 -45.55 -1.04 37.52
N PRO B 195 -46.32 -0.08 37.01
CA PRO B 195 -46.22 1.30 37.45
C PRO B 195 -46.83 1.51 38.84
N ARG C 1 47.08 50.07 -22.42
CA ARG C 1 46.59 50.61 -21.18
C ARG C 1 45.88 49.55 -20.33
N PRO C 2 46.36 49.22 -19.13
CA PRO C 2 45.84 48.11 -18.35
C PRO C 2 44.68 48.55 -17.47
N TRP C 3 43.55 49.00 -18.05
CA TRP C 3 42.41 49.48 -17.27
C TRP C 3 41.78 48.38 -16.42
N GLN C 4 41.77 47.14 -16.93
CA GLN C 4 41.28 45.98 -16.20
C GLN C 4 42.06 45.69 -14.93
N MET C 5 43.38 46.00 -14.90
CA MET C 5 44.22 45.75 -13.76
C MET C 5 43.83 46.55 -12.53
N LYS C 6 43.49 47.85 -12.69
CA LYS C 6 43.09 48.68 -11.58
C LYS C 6 41.73 48.31 -11.04
N ASP C 7 40.81 47.89 -11.95
CA ASP C 7 39.50 47.42 -11.54
C ASP C 7 39.56 46.03 -10.89
N LEU C 8 40.46 45.13 -11.35
CA LEU C 8 40.67 43.83 -10.72
C LEU C 8 41.22 43.97 -9.30
N GLN C 9 42.14 44.93 -9.08
CA GLN C 9 42.65 45.26 -7.75
C GLN C 9 41.55 45.80 -6.83
N ALA C 10 40.67 46.67 -7.36
CA ALA C 10 39.50 47.18 -6.65
C ALA C 10 38.48 46.10 -6.30
N ILE C 11 38.22 45.12 -7.21
CA ILE C 11 37.38 43.97 -6.94
C ILE C 11 37.93 43.13 -5.80
N LYS C 12 39.24 42.84 -5.83
CA LYS C 12 39.93 42.08 -4.79
C LYS C 12 39.92 42.77 -3.43
N GLN C 13 39.99 44.12 -3.39
CA GLN C 13 39.78 44.89 -2.16
C GLN C 13 38.34 44.77 -1.63
N GLU C 14 37.35 44.87 -2.55
CA GLU C 14 35.92 44.82 -2.25
C GLU C 14 35.43 43.49 -1.71
N VAL C 15 35.98 42.35 -2.19
CA VAL C 15 35.53 41.01 -1.79
C VAL C 15 36.44 40.36 -0.75
N SER C 16 37.34 41.13 -0.11
CA SER C 16 38.32 40.61 0.85
C SER C 16 37.75 39.89 2.06
N GLN C 17 36.61 40.37 2.59
CA GLN C 17 35.96 39.81 3.77
C GLN C 17 34.75 38.95 3.37
N ALA C 18 34.52 38.75 2.06
CA ALA C 18 33.39 38.01 1.53
C ALA C 18 33.81 36.65 0.96
N ALA C 19 33.22 35.55 1.47
CA ALA C 19 33.54 34.20 1.03
C ALA C 19 33.22 33.93 -0.44
N PRO C 20 33.97 33.15 -1.22
CA PRO C 20 33.62 32.83 -2.61
C PRO C 20 32.25 32.19 -2.80
N GLY C 21 31.31 32.94 -3.40
CA GLY C 21 29.93 32.52 -3.64
C GLY C 21 28.95 33.24 -2.75
N SER C 22 29.43 34.02 -1.77
CA SER C 22 28.60 34.84 -0.89
C SER C 22 27.92 35.99 -1.65
N PRO C 23 26.76 36.51 -1.25
CA PRO C 23 26.05 37.56 -1.99
C PRO C 23 26.85 38.80 -2.34
N GLN C 24 27.75 39.30 -1.47
CA GLN C 24 28.50 40.51 -1.73
C GLN C 24 29.62 40.25 -2.74
N PHE C 25 30.24 39.05 -2.64
CA PHE C 25 31.20 38.54 -3.59
C PHE C 25 30.54 38.37 -4.96
N MET C 26 29.34 37.76 -4.99
CA MET C 26 28.58 37.50 -6.19
C MET C 26 28.04 38.75 -6.86
N GLN C 27 27.62 39.77 -6.08
CA GLN C 27 27.22 41.05 -6.62
C GLN C 27 28.35 41.73 -7.36
N THR C 28 29.56 41.69 -6.77
CA THR C 28 30.77 42.29 -7.30
C THR C 28 31.28 41.58 -8.54
N ILE C 29 31.30 40.22 -8.57
CA ILE C 29 31.75 39.54 -9.78
C ILE C 29 30.68 39.49 -10.85
N ARG C 30 29.37 39.52 -10.50
CA ARG C 30 28.31 39.64 -11.47
C ARG C 30 28.36 40.97 -12.20
N LEU C 31 28.58 42.07 -11.45
CA LEU C 31 28.80 43.38 -12.03
C LEU C 31 30.05 43.44 -12.88
N ALA C 32 31.19 42.90 -12.39
CA ALA C 32 32.43 42.84 -13.15
C ALA C 32 32.31 42.09 -14.47
N VAL C 33 31.60 40.94 -14.47
CA VAL C 33 31.29 40.19 -15.68
C VAL C 33 30.41 41.00 -16.63
N GLN C 34 29.38 41.67 -16.10
CA GLN C 34 28.47 42.50 -16.87
C GLN C 34 29.14 43.73 -17.50
N GLN C 35 30.08 44.33 -16.74
CA GLN C 35 30.88 45.47 -17.15
C GLN C 35 31.99 45.20 -18.15
N PHE C 36 32.67 44.05 -18.05
CA PHE C 36 33.85 43.79 -18.86
C PHE C 36 33.52 42.92 -20.06
N ASP C 37 32.35 42.21 -20.03
CA ASP C 37 31.93 41.20 -20.99
C ASP C 37 33.04 40.17 -21.32
N PRO C 38 33.68 39.60 -20.30
CA PRO C 38 34.91 38.82 -20.42
C PRO C 38 34.81 37.58 -21.29
N THR C 39 35.95 37.20 -21.91
CA THR C 39 36.10 35.96 -22.66
C THR C 39 36.48 34.86 -21.67
N ALA C 40 36.52 33.58 -22.10
CA ALA C 40 36.89 32.45 -21.24
C ALA C 40 38.27 32.61 -20.59
N LYS C 41 39.25 33.18 -21.35
CA LYS C 41 40.59 33.44 -20.85
C LYS C 41 40.61 34.58 -19.83
N ASP C 42 39.62 35.49 -19.86
CA ASP C 42 39.56 36.63 -18.95
C ASP C 42 38.88 36.22 -17.65
N LEU C 43 37.95 35.27 -17.75
CA LEU C 43 37.34 34.59 -16.63
C LEU C 43 38.35 33.73 -15.88
N GLN C 44 39.29 33.06 -16.59
CA GLN C 44 40.38 32.31 -15.99
C GLN C 44 41.34 33.20 -15.20
N ASP C 45 41.66 34.40 -15.73
CA ASP C 45 42.46 35.38 -15.01
C ASP C 45 41.74 35.93 -13.79
N LEU C 46 40.43 36.20 -13.90
CA LEU C 46 39.60 36.66 -12.80
C LEU C 46 39.52 35.64 -11.67
N LEU C 47 39.31 34.35 -12.02
CA LEU C 47 39.31 33.24 -11.09
C LEU C 47 40.62 33.08 -10.33
N GLN C 48 41.77 33.06 -11.04
CA GLN C 48 43.08 32.93 -10.44
C GLN C 48 43.50 34.11 -9.57
N TYR C 49 43.14 35.32 -10.00
CA TYR C 49 43.41 36.53 -9.25
C TYR C 49 42.63 36.63 -7.93
N LEU C 50 41.32 36.29 -7.95
CA LEU C 50 40.50 36.33 -6.75
C LEU C 50 40.59 35.12 -5.83
N CYS C 51 40.77 33.90 -6.38
CA CYS C 51 40.67 32.66 -5.62
C CYS C 51 41.98 31.92 -5.51
N SER C 52 42.07 31.05 -4.48
CA SER C 52 43.17 30.11 -4.32
C SER C 52 43.06 28.96 -5.30
N SER C 53 44.17 28.26 -5.60
CA SER C 53 44.20 27.19 -6.60
C SER C 53 43.28 26.02 -6.30
N LEU C 54 43.08 25.66 -5.01
CA LEU C 54 42.12 24.66 -4.59
C LEU C 54 40.68 25.08 -4.88
N VAL C 55 40.31 26.33 -4.51
CA VAL C 55 39.00 26.90 -4.79
C VAL C 55 38.74 27.05 -6.28
N ALA C 56 39.76 27.47 -7.06
CA ALA C 56 39.71 27.50 -8.51
C ALA C 56 39.47 26.13 -9.14
N SER C 57 40.11 25.06 -8.60
CA SER C 57 39.83 23.67 -8.98
C SER C 57 38.42 23.23 -8.63
N LEU C 58 37.93 23.55 -7.41
CA LEU C 58 36.56 23.24 -7.00
C LEU C 58 35.51 23.97 -7.85
N HIS C 59 35.77 25.25 -8.21
CA HIS C 59 34.98 26.00 -9.17
C HIS C 59 34.97 25.36 -10.54
N HIS C 60 36.16 24.95 -11.04
CA HIS C 60 36.31 24.24 -12.31
C HIS C 60 35.52 22.95 -12.35
N GLN C 61 35.58 22.13 -11.28
CA GLN C 61 34.79 20.92 -11.16
C GLN C 61 33.28 21.15 -11.17
N GLN C 62 32.80 22.16 -10.42
CA GLN C 62 31.39 22.51 -10.41
C GLN C 62 30.89 23.03 -11.76
N LEU C 63 31.71 23.87 -12.41
CA LEU C 63 31.47 24.42 -13.72
C LEU C 63 31.46 23.34 -14.80
N ASP C 64 32.43 22.39 -14.73
CA ASP C 64 32.53 21.26 -15.63
C ASP C 64 31.28 20.37 -15.60
N SER C 65 30.72 20.11 -14.40
CA SER C 65 29.44 19.41 -14.24
C SER C 65 28.28 20.13 -14.92
N LEU C 66 28.18 21.47 -14.71
CA LEU C 66 27.16 22.29 -15.34
C LEU C 66 27.27 22.36 -16.86
N ILE C 67 28.52 22.48 -17.38
CA ILE C 67 28.85 22.43 -18.80
C ILE C 67 28.54 21.08 -19.42
N SER C 68 28.92 19.97 -18.76
CA SER C 68 28.64 18.61 -19.19
C SER C 68 27.15 18.33 -19.30
N GLU C 69 26.36 18.75 -18.29
CA GLU C 69 24.92 18.66 -18.38
C GLU C 69 24.34 19.48 -19.53
N ALA C 70 24.78 20.74 -19.71
CA ALA C 70 24.33 21.57 -20.80
C ALA C 70 24.67 21.00 -22.19
N GLU C 71 25.90 20.46 -22.34
CA GLU C 71 26.40 19.80 -23.53
C GLU C 71 25.63 18.54 -23.91
N THR C 72 25.31 17.68 -22.90
CA THR C 72 24.47 16.50 -23.12
C THR C 72 23.01 16.85 -23.38
N ARG C 73 22.48 17.90 -22.74
CA ARG C 73 21.17 18.47 -22.99
C ARG C 73 21.00 19.09 -24.38
N GLY C 74 22.07 19.68 -24.95
CA GLY C 74 22.08 20.26 -26.30
C GLY C 74 21.40 21.60 -26.34
N ILE C 75 21.51 22.35 -25.24
CA ILE C 75 20.83 23.63 -25.04
C ILE C 75 21.82 24.80 -25.09
N THR C 76 23.12 24.48 -25.26
CA THR C 76 24.23 25.44 -25.23
C THR C 76 24.23 26.45 -26.36
N GLY C 77 23.88 26.03 -27.59
CA GLY C 77 23.89 26.82 -28.82
C GLY C 77 25.19 26.68 -29.60
N TYR C 78 26.13 25.90 -29.04
CA TYR C 78 27.46 25.64 -29.57
C TYR C 78 27.42 24.64 -30.72
N ASN C 79 28.43 24.67 -31.61
CA ASN C 79 28.57 23.66 -32.66
C ASN C 79 29.52 22.57 -32.15
N PRO C 80 29.17 21.28 -32.09
CA PRO C 80 30.05 20.25 -31.52
C PRO C 80 31.19 19.89 -32.47
N LEU C 81 31.25 20.46 -33.68
CA LEU C 81 32.35 20.26 -34.62
C LEU C 81 33.14 21.56 -34.78
N ALA C 82 33.00 22.51 -33.83
CA ALA C 82 33.70 23.78 -33.83
C ALA C 82 34.67 23.87 -32.65
N GLY C 83 35.08 22.71 -32.11
CA GLY C 83 35.98 22.60 -30.98
C GLY C 83 35.31 22.78 -29.63
N PRO C 84 36.08 22.64 -28.55
CA PRO C 84 35.61 22.75 -27.17
C PRO C 84 34.81 24.01 -26.80
N LEU C 85 33.97 23.95 -25.74
CA LEU C 85 33.29 25.12 -25.20
C LEU C 85 34.28 26.18 -24.74
N ARG C 86 35.41 25.70 -24.18
CA ARG C 86 36.56 26.44 -23.72
C ARG C 86 37.34 27.14 -24.84
N VAL C 87 37.05 26.80 -26.11
CA VAL C 87 37.62 27.44 -27.28
C VAL C 87 36.58 28.31 -27.97
N GLN C 88 35.31 27.86 -28.09
CA GLN C 88 34.26 28.69 -28.64
C GLN C 88 33.92 29.93 -27.82
N ALA C 89 34.09 29.87 -26.48
CA ALA C 89 33.89 30.99 -25.57
C ALA C 89 35.01 32.04 -25.59
N ASN C 90 36.02 31.88 -26.48
CA ASN C 90 36.97 32.92 -26.79
C ASN C 90 36.79 33.41 -28.23
N ASN C 91 35.90 32.77 -29.04
CA ASN C 91 35.73 33.17 -30.41
C ASN C 91 35.06 34.57 -30.52
N PRO C 92 35.59 35.49 -31.32
CA PRO C 92 35.24 36.90 -31.26
C PRO C 92 33.84 37.26 -31.70
N GLN C 93 33.17 36.46 -32.54
CA GLN C 93 31.86 36.78 -33.08
C GLN C 93 30.76 36.00 -32.36
N GLN C 94 31.13 35.14 -31.39
CA GLN C 94 30.18 34.25 -30.73
C GLN C 94 29.63 34.83 -29.43
N GLN C 95 28.97 36.01 -29.51
CA GLN C 95 28.53 36.77 -28.35
C GLN C 95 27.57 36.04 -27.43
N GLY C 96 26.60 35.30 -27.98
CA GLY C 96 25.62 34.53 -27.21
C GLY C 96 26.21 33.36 -26.48
N LEU C 97 27.34 32.84 -26.99
CA LEU C 97 27.99 31.68 -26.42
C LEU C 97 28.96 32.11 -25.34
N ARG C 98 29.54 33.32 -25.48
CA ARG C 98 30.31 33.99 -24.45
C ARG C 98 29.43 34.33 -23.24
N ARG C 99 28.21 34.85 -23.49
CA ARG C 99 27.22 35.18 -22.49
C ARG C 99 26.70 33.95 -21.77
N GLU C 100 26.48 32.83 -22.50
CA GLU C 100 26.06 31.56 -21.93
C GLU C 100 27.14 30.98 -21.01
N TYR C 101 28.43 31.06 -21.43
CA TYR C 101 29.59 30.65 -20.66
C TYR C 101 29.76 31.47 -19.37
N GLN C 102 29.57 32.81 -19.47
CA GLN C 102 29.58 33.71 -18.32
C GLN C 102 28.54 33.37 -17.29
N GLN C 103 27.31 33.04 -17.73
CA GLN C 103 26.26 32.65 -16.84
C GLN C 103 26.48 31.30 -16.16
N LEU C 104 27.07 30.29 -16.86
CA LEU C 104 27.47 29.05 -16.21
C LEU C 104 28.60 29.26 -15.20
N TRP C 105 29.59 30.11 -15.57
CA TRP C 105 30.72 30.46 -14.73
C TRP C 105 30.29 31.13 -13.42
N LEU C 106 29.35 32.10 -13.50
CA LEU C 106 28.73 32.71 -12.33
C LEU C 106 27.89 31.72 -11.52
N ALA C 107 27.09 30.86 -12.19
CA ALA C 107 26.24 29.86 -11.54
C ALA C 107 27.01 28.87 -10.69
N ALA C 108 28.21 28.44 -11.16
CA ALA C 108 29.08 27.53 -10.44
C ALA C 108 29.50 28.02 -9.05
N PHE C 109 29.71 29.35 -8.86
CA PHE C 109 30.13 29.90 -7.58
C PHE C 109 29.06 29.82 -6.51
N ALA C 110 27.78 29.78 -6.92
CA ALA C 110 26.66 29.75 -6.01
C ALA C 110 26.55 28.43 -5.25
N ALA C 111 27.21 27.35 -5.73
CA ALA C 111 27.24 26.10 -5.00
C ALA C 111 28.36 26.01 -3.98
N LEU C 112 29.42 26.86 -4.09
CA LEU C 112 30.61 26.74 -3.26
C LEU C 112 30.42 26.89 -1.74
N PRO C 113 29.65 27.83 -1.19
CA PRO C 113 29.41 27.91 0.25
C PRO C 113 28.55 26.77 0.77
N GLY C 114 27.82 26.08 -0.13
CA GLY C 114 26.96 24.95 0.19
C GLY C 114 27.71 23.66 0.22
N SER C 115 28.68 23.52 -0.71
CA SER C 115 29.58 22.38 -0.80
C SER C 115 30.57 22.35 0.35
N ALA C 116 30.95 23.53 0.87
CA ALA C 116 31.84 23.71 2.02
C ALA C 116 31.34 23.04 3.30
N LYS C 117 32.07 22.03 3.82
CA LYS C 117 31.66 21.29 5.00
C LYS C 117 31.97 21.96 6.34
N ASP C 118 32.92 22.91 6.40
CA ASP C 118 33.25 23.59 7.64
C ASP C 118 33.53 25.09 7.41
N PRO C 119 32.58 25.90 6.92
CA PRO C 119 32.76 27.34 6.75
C PRO C 119 33.12 28.09 8.02
N SER C 120 33.71 29.29 7.90
CA SER C 120 34.23 30.04 9.05
C SER C 120 33.20 30.48 10.08
N TRP C 121 31.98 30.85 9.64
CA TRP C 121 30.94 31.39 10.51
C TRP C 121 30.44 30.39 11.54
N ALA C 122 30.60 29.07 11.26
CA ALA C 122 30.15 28.01 12.11
C ALA C 122 31.07 27.79 13.31
N SER C 123 32.29 28.38 13.31
CA SER C 123 33.25 28.23 14.40
C SER C 123 33.40 29.51 15.21
N ILE C 124 32.50 30.48 15.03
CA ILE C 124 32.47 31.70 15.81
C ILE C 124 31.71 31.43 17.11
N LEU C 125 32.39 31.50 18.27
CA LEU C 125 31.83 31.25 19.58
C LEU C 125 31.96 32.51 20.40
N GLN C 126 31.01 32.81 21.30
CA GLN C 126 31.07 33.98 22.18
C GLN C 126 32.31 34.02 23.08
N GLY C 127 33.03 35.16 23.11
CA GLY C 127 34.19 35.37 23.96
C GLY C 127 33.86 35.41 25.45
N LEU C 128 34.85 35.23 26.33
CA LEU C 128 34.59 35.14 27.77
C LEU C 128 34.26 36.49 28.40
N GLU C 129 34.65 37.60 27.75
CA GLU C 129 34.34 38.94 28.18
C GLU C 129 33.52 39.67 27.11
N GLU C 130 32.95 38.93 26.15
CA GLU C 130 32.24 39.51 25.01
C GLU C 130 30.73 39.70 25.24
N PRO C 131 30.13 40.90 25.14
CA PRO C 131 28.70 41.12 25.38
C PRO C 131 27.80 40.32 24.46
N TYR C 132 26.65 39.82 24.94
CA TYR C 132 25.74 39.00 24.14
C TYR C 132 25.24 39.69 22.86
N HIS C 133 24.89 40.99 22.93
CA HIS C 133 24.54 41.81 21.78
C HIS C 133 25.63 41.86 20.72
N ALA C 134 26.88 42.16 21.14
CA ALA C 134 28.05 42.21 20.29
C ALA C 134 28.34 40.88 19.60
N PHE C 135 28.19 39.77 20.34
CA PHE C 135 28.27 38.42 19.81
C PHE C 135 27.24 38.10 18.72
N VAL C 136 25.94 38.42 18.95
CA VAL C 136 24.89 38.24 17.94
C VAL C 136 25.13 39.05 16.67
N GLU C 137 25.59 40.31 16.80
CA GLU C 137 26.04 41.14 15.69
C GLU C 137 27.22 40.54 14.93
N ARG C 138 28.22 40.01 15.66
CA ARG C 138 29.38 39.31 15.11
C ARG C 138 28.99 38.10 14.27
N LEU C 139 28.06 37.26 14.79
CA LEU C 139 27.47 36.16 14.06
C LEU C 139 26.70 36.62 12.82
N ASN C 140 25.83 37.64 12.96
CA ASN C 140 25.04 38.19 11.88
C ASN C 140 25.89 38.63 10.67
N ILE C 141 26.99 39.35 10.95
CA ILE C 141 27.97 39.76 9.97
C ILE C 141 28.68 38.58 9.31
N ALA C 142 29.14 37.61 10.14
CA ALA C 142 29.77 36.40 9.64
C ALA C 142 28.87 35.54 8.74
N LEU C 143 27.56 35.44 9.08
CA LEU C 143 26.56 34.80 8.24
C LEU C 143 26.28 35.55 6.96
N ASP C 144 26.11 36.88 7.01
CA ASP C 144 25.83 37.70 5.83
C ASP C 144 26.93 37.62 4.79
N ASN C 145 28.21 37.52 5.21
CA ASN C 145 29.32 37.39 4.28
C ASN C 145 29.74 35.94 4.03
N GLY C 146 28.99 34.94 4.56
CA GLY C 146 29.36 33.53 4.40
C GLY C 146 28.29 32.56 4.00
N LEU C 147 26.99 32.90 4.10
CA LEU C 147 25.91 32.09 3.57
C LEU C 147 25.61 32.43 2.10
N PRO C 148 25.41 31.48 1.19
CA PRO C 148 24.92 31.76 -0.16
C PRO C 148 23.52 32.36 -0.20
N GLU C 149 23.16 33.07 -1.28
CA GLU C 149 21.86 33.68 -1.51
C GLU C 149 20.73 32.63 -1.58
N GLY C 150 19.57 32.92 -0.97
CA GLY C 150 18.43 32.00 -0.92
C GLY C 150 18.47 31.11 0.29
N THR C 151 19.18 31.53 1.35
CA THR C 151 19.29 30.77 2.60
C THR C 151 18.52 31.52 3.66
N PRO C 152 17.77 30.88 4.56
CA PRO C 152 17.02 31.62 5.58
C PRO C 152 17.88 31.85 6.83
N LYS C 153 18.61 32.96 6.88
CA LYS C 153 19.49 33.33 7.98
C LYS C 153 18.79 33.61 9.32
N ASP C 154 17.49 33.98 9.32
CA ASP C 154 16.72 34.26 10.52
C ASP C 154 16.56 33.07 11.51
N PRO C 155 16.15 31.85 11.14
CA PRO C 155 16.14 30.71 12.07
C PRO C 155 17.54 30.22 12.37
N ILE C 156 18.49 30.38 11.44
CA ILE C 156 19.88 29.98 11.63
C ILE C 156 20.54 30.82 12.73
N LEU C 157 20.32 32.15 12.70
CA LEU C 157 20.88 33.04 13.68
C LEU C 157 20.26 32.84 15.08
N ARG C 158 18.93 32.64 15.21
CA ARG C 158 18.39 32.30 16.54
C ARG C 158 18.87 30.97 17.11
N SER C 159 19.19 29.96 16.26
CA SER C 159 19.83 28.73 16.71
C SER C 159 21.28 28.95 17.15
N LEU C 160 22.10 29.62 16.30
CA LEU C 160 23.50 29.89 16.59
C LEU C 160 23.71 30.78 17.79
N ALA C 161 22.78 31.74 18.01
CA ALA C 161 22.73 32.64 19.15
C ALA C 161 22.62 31.90 20.49
N TYR C 162 22.10 30.67 20.48
CA TYR C 162 22.08 29.80 21.64
C TYR C 162 23.29 28.86 21.63
N SER C 163 23.48 28.06 20.55
CA SER C 163 24.47 27.00 20.51
C SER C 163 25.91 27.46 20.61
N ASN C 164 26.23 28.67 20.12
CA ASN C 164 27.58 29.18 20.13
C ASN C 164 27.76 30.28 21.18
N ALA C 165 26.87 30.34 22.18
CA ALA C 165 26.96 31.30 23.27
C ALA C 165 27.79 30.82 24.45
N ASN C 166 28.19 31.77 25.33
CA ASN C 166 28.85 31.52 26.59
C ASN C 166 27.96 30.69 27.52
N LYS C 167 28.51 29.67 28.19
CA LYS C 167 27.77 28.74 29.04
C LYS C 167 26.84 29.39 30.08
N GLU C 168 27.29 30.51 30.69
CA GLU C 168 26.47 31.28 31.61
C GLU C 168 25.25 31.93 30.98
N CYS C 169 25.36 32.38 29.70
CA CYS C 169 24.22 32.87 28.96
C CYS C 169 23.32 31.72 28.54
N GLN C 170 23.90 30.53 28.24
CA GLN C 170 23.11 29.36 27.94
C GLN C 170 22.28 28.86 29.11
N LYS C 171 22.83 28.87 30.35
CA LYS C 171 22.08 28.53 31.54
C LYS C 171 20.93 29.49 31.83
N LEU C 172 21.17 30.81 31.61
CA LEU C 172 20.18 31.85 31.72
C LEU C 172 19.04 31.66 30.71
N LEU C 173 19.41 31.32 29.45
CA LEU C 173 18.49 31.01 28.37
C LEU C 173 17.69 29.75 28.67
N GLN C 174 18.30 28.71 29.26
CA GLN C 174 17.58 27.52 29.67
C GLN C 174 16.61 27.80 30.81
N ALA C 175 17.04 28.58 31.83
CA ALA C 175 16.24 28.96 32.98
C ALA C 175 15.00 29.78 32.61
N ARG C 176 15.16 30.69 31.63
CA ARG C 176 14.14 31.60 31.14
C ARG C 176 13.22 31.01 30.06
N GLY C 177 13.49 29.76 29.59
CA GLY C 177 12.68 29.10 28.57
C GLY C 177 12.95 29.61 27.17
N HIS C 178 14.19 30.05 26.92
CA HIS C 178 14.61 30.66 25.69
C HIS C 178 15.68 29.83 25.00
N THR C 179 15.43 28.53 24.82
CA THR C 179 16.39 27.62 24.19
C THR C 179 16.32 27.72 22.67
N ASN C 180 15.23 28.30 22.13
CA ASN C 180 15.12 28.66 20.74
C ASN C 180 13.90 29.58 20.63
N SER C 181 14.09 30.85 21.02
CA SER C 181 13.09 31.91 21.00
C SER C 181 13.53 33.00 20.02
N PRO C 182 12.65 33.85 19.49
CA PRO C 182 13.00 35.05 18.72
C PRO C 182 14.12 35.91 19.28
N LEU C 183 14.99 36.49 18.43
CA LEU C 183 16.20 37.20 18.83
C LEU C 183 16.01 38.33 19.83
N GLY C 184 14.87 39.07 19.76
CA GLY C 184 14.53 40.08 20.76
C GLY C 184 14.38 39.52 22.17
N ASP C 185 13.82 38.31 22.31
CA ASP C 185 13.67 37.68 23.61
C ASP C 185 14.99 37.13 24.10
N MET C 186 15.85 36.60 23.20
CA MET C 186 17.19 36.13 23.54
C MET C 186 18.05 37.26 24.11
N LEU C 187 17.99 38.44 23.46
CA LEU C 187 18.69 39.62 23.93
C LEU C 187 18.08 40.23 25.18
N ARG C 188 16.73 40.34 25.28
CA ARG C 188 16.07 40.81 26.49
C ARG C 188 16.39 40.00 27.74
N ALA C 189 16.51 38.66 27.60
CA ALA C 189 17.00 37.78 28.63
C ALA C 189 18.46 38.04 29.00
N CYS C 190 19.35 38.07 28.00
CA CYS C 190 20.79 38.13 28.26
C CYS C 190 21.29 39.54 28.53
N GLN C 191 20.38 40.53 28.52
CA GLN C 191 20.55 41.90 28.97
C GLN C 191 20.89 41.93 30.45
N THR C 192 20.38 40.92 31.20
CA THR C 192 20.62 40.71 32.63
C THR C 192 22.00 40.14 32.93
N TRP C 193 22.71 39.61 31.89
CA TRP C 193 24.07 39.11 32.00
C TRP C 193 25.04 40.16 31.49
N THR C 194 26.08 40.46 32.28
CA THR C 194 27.13 41.40 31.93
C THR C 194 28.48 40.68 31.98
N PRO C 195 29.53 41.05 31.25
CA PRO C 195 30.82 40.37 31.34
C PRO C 195 31.51 40.69 32.67
N ARG D 1 -63.53 9.85 -14.28
CA ARG D 1 -64.12 9.70 -12.96
C ARG D 1 -63.50 8.47 -12.29
N PRO D 2 -62.83 8.58 -11.15
CA PRO D 2 -62.03 7.50 -10.58
C PRO D 2 -62.90 6.65 -9.68
N TRP D 3 -63.86 5.88 -10.22
CA TRP D 3 -64.80 5.11 -9.41
C TRP D 3 -64.13 4.02 -8.57
N GLN D 4 -63.05 3.42 -9.11
CA GLN D 4 -62.23 2.47 -8.37
C GLN D 4 -61.56 3.05 -7.14
N MET D 5 -61.24 4.36 -7.13
CA MET D 5 -60.61 5.03 -6.00
C MET D 5 -61.48 5.03 -4.75
N LYS D 6 -62.79 5.33 -4.88
CA LYS D 6 -63.65 5.33 -3.71
C LYS D 6 -63.92 3.93 -3.21
N ASP D 7 -64.05 2.93 -4.12
CA ASP D 7 -64.23 1.55 -3.69
C ASP D 7 -62.98 0.92 -3.08
N LEU D 8 -61.77 1.22 -3.62
CA LEU D 8 -60.51 0.76 -3.07
C LEU D 8 -60.22 1.33 -1.67
N GLN D 9 -60.55 2.62 -1.45
CA GLN D 9 -60.45 3.21 -0.13
C GLN D 9 -61.38 2.56 0.89
N ALA D 10 -62.64 2.27 0.47
CA ALA D 10 -63.60 1.57 1.29
C ALA D 10 -63.19 0.14 1.63
N ILE D 11 -62.58 -0.60 0.66
CA ILE D 11 -62.01 -1.92 0.90
C ILE D 11 -60.90 -1.91 1.93
N LYS D 12 -59.92 -0.97 1.81
CA LYS D 12 -58.84 -0.84 2.77
C LYS D 12 -59.30 -0.46 4.18
N GLN D 13 -60.35 0.38 4.31
CA GLN D 13 -60.98 0.67 5.59
C GLN D 13 -61.66 -0.57 6.20
N GLU D 14 -62.41 -1.34 5.39
CA GLU D 14 -63.13 -2.53 5.80
C GLU D 14 -62.24 -3.67 6.27
N VAL D 15 -61.04 -3.85 5.67
CA VAL D 15 -60.12 -4.91 6.06
C VAL D 15 -59.01 -4.39 6.96
N SER D 16 -59.15 -3.17 7.54
CA SER D 16 -58.08 -2.49 8.27
C SER D 16 -57.44 -3.23 9.43
N GLN D 17 -58.21 -3.94 10.26
CA GLN D 17 -57.70 -4.71 11.37
C GLN D 17 -57.68 -6.20 11.05
N ALA D 18 -57.72 -6.56 9.76
CA ALA D 18 -57.69 -7.93 9.29
C ALA D 18 -56.39 -8.16 8.52
N ALA D 19 -55.59 -9.17 8.94
CA ALA D 19 -54.31 -9.46 8.33
C ALA D 19 -54.38 -9.90 6.86
N PRO D 20 -53.42 -9.61 5.99
CA PRO D 20 -53.40 -10.11 4.62
C PRO D 20 -53.47 -11.63 4.53
N GLY D 21 -54.57 -12.16 3.95
CA GLY D 21 -54.84 -13.59 3.83
C GLY D 21 -55.81 -14.11 4.86
N SER D 22 -56.28 -13.27 5.79
CA SER D 22 -57.30 -13.60 6.79
C SER D 22 -58.69 -13.77 6.18
N PRO D 23 -59.64 -14.52 6.74
CA PRO D 23 -60.97 -14.75 6.15
C PRO D 23 -61.73 -13.50 5.77
N GLN D 24 -61.67 -12.42 6.57
CA GLN D 24 -62.43 -11.19 6.31
C GLN D 24 -61.79 -10.41 5.19
N PHE D 25 -60.44 -10.40 5.16
CA PHE D 25 -59.64 -9.84 4.09
C PHE D 25 -59.92 -10.55 2.78
N MET D 26 -59.92 -11.91 2.80
CA MET D 26 -60.17 -12.74 1.64
C MET D 26 -61.58 -12.69 1.11
N GLN D 27 -62.61 -12.61 1.98
CA GLN D 27 -63.99 -12.41 1.56
C GLN D 27 -64.16 -11.11 0.79
N THR D 28 -63.54 -10.04 1.32
CA THR D 28 -63.60 -8.70 0.75
C THR D 28 -62.87 -8.59 -0.58
N ILE D 29 -61.65 -9.16 -0.71
CA ILE D 29 -60.95 -9.09 -2.00
C ILE D 29 -61.47 -10.08 -3.02
N ARG D 30 -62.02 -11.24 -2.58
CA ARG D 30 -62.69 -12.16 -3.49
C ARG D 30 -63.93 -11.54 -4.12
N LEU D 31 -64.74 -10.83 -3.29
CA LEU D 31 -65.89 -10.06 -3.77
C LEU D 31 -65.47 -8.93 -4.70
N ALA D 32 -64.44 -8.15 -4.32
CA ALA D 32 -63.88 -7.08 -5.14
C ALA D 32 -63.38 -7.56 -6.50
N VAL D 33 -62.69 -8.71 -6.56
CA VAL D 33 -62.25 -9.33 -7.80
C VAL D 33 -63.43 -9.74 -8.68
N GLN D 34 -64.48 -10.37 -8.09
CA GLN D 34 -65.68 -10.75 -8.80
C GLN D 34 -66.49 -9.55 -9.32
N GLN D 35 -66.53 -8.47 -8.53
CA GLN D 35 -67.18 -7.22 -8.90
C GLN D 35 -66.49 -6.36 -9.94
N PHE D 36 -65.15 -6.24 -9.91
CA PHE D 36 -64.43 -5.32 -10.78
C PHE D 36 -63.83 -5.96 -12.02
N ASP D 37 -63.67 -7.31 -12.02
CA ASP D 37 -62.94 -8.06 -13.03
C ASP D 37 -61.55 -7.48 -13.40
N PRO D 38 -60.71 -7.19 -12.39
CA PRO D 38 -59.46 -6.44 -12.57
C PRO D 38 -58.44 -7.10 -13.47
N THR D 39 -57.60 -6.28 -14.14
CA THR D 39 -56.48 -6.75 -14.95
C THR D 39 -55.27 -7.00 -14.06
N ALA D 40 -54.20 -7.64 -14.57
CA ALA D 40 -53.00 -7.90 -13.79
C ALA D 40 -52.34 -6.64 -13.20
N LYS D 41 -52.34 -5.52 -13.96
CA LYS D 41 -51.80 -4.25 -13.47
C LYS D 41 -52.71 -3.60 -12.41
N ASP D 42 -54.02 -3.94 -12.39
CA ASP D 42 -54.96 -3.38 -11.44
C ASP D 42 -54.93 -4.19 -10.15
N LEU D 43 -54.64 -5.50 -10.27
CA LEU D 43 -54.33 -6.40 -9.18
C LEU D 43 -53.03 -5.99 -8.48
N GLN D 44 -52.04 -5.50 -9.26
CA GLN D 44 -50.79 -4.98 -8.76
C GLN D 44 -51.02 -3.72 -7.93
N ASP D 45 -51.94 -2.82 -8.36
CA ASP D 45 -52.32 -1.64 -7.59
C ASP D 45 -53.06 -2.01 -6.30
N LEU D 46 -53.95 -3.02 -6.36
CA LEU D 46 -54.65 -3.54 -5.20
C LEU D 46 -53.73 -4.16 -4.15
N LEU D 47 -52.76 -4.99 -4.60
CA LEU D 47 -51.73 -5.57 -3.75
C LEU D 47 -50.88 -4.53 -3.05
N GLN D 48 -50.38 -3.55 -3.82
CA GLN D 48 -49.60 -2.45 -3.32
C GLN D 48 -50.35 -1.51 -2.39
N TYR D 49 -51.65 -1.22 -2.65
CA TYR D 49 -52.45 -0.39 -1.76
C TYR D 49 -52.72 -1.07 -0.41
N LEU D 50 -53.04 -2.38 -0.42
CA LEU D 50 -53.33 -3.13 0.80
C LEU D 50 -52.12 -3.64 1.59
N CYS D 51 -51.02 -4.01 0.92
CA CYS D 51 -49.91 -4.69 1.57
C CYS D 51 -48.61 -3.92 1.52
N SER D 52 -47.72 -4.17 2.51
CA SER D 52 -46.35 -3.66 2.58
C SER D 52 -45.46 -4.25 1.50
N SER D 53 -44.31 -3.62 1.19
CA SER D 53 -43.39 -4.09 0.14
C SER D 53 -42.81 -5.48 0.40
N LEU D 54 -42.56 -5.85 1.67
CA LEU D 54 -42.15 -7.20 2.05
C LEU D 54 -43.26 -8.22 1.78
N VAL D 55 -44.51 -7.93 2.20
CA VAL D 55 -45.65 -8.79 1.94
C VAL D 55 -45.97 -8.90 0.45
N ALA D 56 -45.86 -7.81 -0.31
CA ALA D 56 -45.97 -7.82 -1.76
C ALA D 56 -44.92 -8.72 -2.43
N SER D 57 -43.66 -8.71 -1.93
CA SER D 57 -42.62 -9.65 -2.34
C SER D 57 -42.94 -11.10 -1.98
N LEU D 58 -43.42 -11.36 -0.75
CA LEU D 58 -43.84 -12.70 -0.32
C LEU D 58 -45.04 -13.24 -1.10
N HIS D 59 -46.03 -12.38 -1.42
CA HIS D 59 -47.14 -12.71 -2.30
C HIS D 59 -46.65 -13.05 -3.69
N HIS D 60 -45.73 -12.23 -4.25
CA HIS D 60 -45.10 -12.46 -5.52
C HIS D 60 -44.36 -13.79 -5.60
N GLN D 61 -43.57 -14.13 -4.57
CA GLN D 61 -42.89 -15.42 -4.46
C GLN D 61 -43.85 -16.61 -4.40
N GLN D 62 -44.94 -16.49 -3.61
CA GLN D 62 -45.95 -17.52 -3.52
C GLN D 62 -46.72 -17.73 -4.83
N LEU D 63 -47.08 -16.59 -5.48
CA LEU D 63 -47.75 -16.56 -6.77
C LEU D 63 -46.87 -17.13 -7.87
N ASP D 64 -45.57 -16.79 -7.84
CA ASP D 64 -44.58 -17.30 -8.77
C ASP D 64 -44.48 -18.82 -8.69
N SER D 65 -44.52 -19.41 -7.47
CA SER D 65 -44.60 -20.86 -7.27
C SER D 65 -45.87 -21.48 -7.87
N LEU D 66 -47.05 -20.88 -7.63
CA LEU D 66 -48.30 -21.36 -8.21
C LEU D 66 -48.37 -21.28 -9.73
N ILE D 67 -47.86 -20.16 -10.30
CA ILE D 67 -47.67 -19.96 -11.73
C ILE D 67 -46.68 -20.95 -12.30
N SER D 68 -45.54 -21.19 -11.62
CA SER D 68 -44.51 -22.14 -12.00
C SER D 68 -45.05 -23.55 -12.10
N GLU D 69 -45.84 -24.00 -11.11
CA GLU D 69 -46.56 -25.25 -11.24
C GLU D 69 -47.56 -25.27 -12.39
N ALA D 70 -48.41 -24.23 -12.53
CA ALA D 70 -49.38 -24.19 -13.60
C ALA D 70 -48.79 -24.18 -15.01
N GLU D 71 -47.72 -23.40 -15.22
CA GLU D 71 -46.95 -23.27 -16.43
C GLU D 71 -46.21 -24.56 -16.80
N THR D 72 -45.58 -25.23 -15.81
CA THR D 72 -44.94 -26.54 -16.03
C THR D 72 -45.95 -27.65 -16.24
N ARG D 73 -47.11 -27.63 -15.57
CA ARG D 73 -48.21 -28.53 -15.86
C ARG D 73 -48.82 -28.34 -17.24
N GLY D 74 -48.90 -27.07 -17.72
CA GLY D 74 -49.40 -26.68 -19.03
C GLY D 74 -50.90 -26.47 -19.06
N ILE D 75 -51.53 -26.48 -17.87
CA ILE D 75 -52.97 -26.41 -17.67
C ILE D 75 -53.58 -25.03 -17.91
N THR D 76 -52.75 -23.97 -17.88
CA THR D 76 -53.15 -22.56 -17.90
C THR D 76 -54.00 -22.15 -19.07
N GLY D 77 -53.67 -22.63 -20.29
CA GLY D 77 -54.36 -22.30 -21.53
C GLY D 77 -53.76 -21.11 -22.22
N TYR D 78 -52.66 -20.57 -21.68
CA TYR D 78 -51.96 -19.43 -22.25
C TYR D 78 -51.06 -19.85 -23.39
N ASN D 79 -51.19 -19.21 -24.58
CA ASN D 79 -50.26 -19.44 -25.69
C ASN D 79 -48.83 -19.00 -25.32
N PRO D 80 -47.80 -19.84 -25.37
CA PRO D 80 -46.46 -19.48 -24.89
C PRO D 80 -45.77 -18.48 -25.81
N LEU D 81 -46.22 -18.35 -27.07
CA LEU D 81 -45.67 -17.41 -28.03
C LEU D 81 -46.45 -16.10 -28.03
N ALA D 82 -47.39 -15.90 -27.09
CA ALA D 82 -48.16 -14.67 -26.98
C ALA D 82 -47.70 -13.87 -25.75
N GLY D 83 -46.51 -14.23 -25.22
CA GLY D 83 -45.85 -13.57 -24.10
C GLY D 83 -46.25 -14.04 -22.71
N PRO D 84 -45.62 -13.46 -21.69
CA PRO D 84 -45.83 -13.80 -20.28
C PRO D 84 -47.27 -13.76 -19.78
N LEU D 85 -47.60 -14.54 -18.73
CA LEU D 85 -48.91 -14.52 -18.09
C LEU D 85 -49.25 -13.13 -17.57
N ARG D 86 -48.21 -12.45 -17.05
CA ARG D 86 -48.22 -11.12 -16.50
C ARG D 86 -48.49 -10.01 -17.52
N VAL D 87 -48.42 -10.32 -18.82
CA VAL D 87 -48.76 -9.41 -19.90
C VAL D 87 -50.06 -9.82 -20.54
N GLN D 88 -50.28 -11.14 -20.75
CA GLN D 88 -51.52 -11.65 -21.32
C GLN D 88 -52.76 -11.39 -20.47
N ALA D 89 -52.61 -11.32 -19.14
CA ALA D 89 -53.66 -10.96 -18.22
C ALA D 89 -53.99 -9.45 -18.20
N ASN D 90 -53.35 -8.66 -19.10
CA ASN D 90 -53.72 -7.29 -19.41
C ASN D 90 -54.23 -7.15 -20.85
N ASN D 91 -54.37 -8.25 -21.63
CA ASN D 91 -54.87 -8.17 -23.00
C ASN D 91 -56.33 -7.71 -23.06
N PRO D 92 -56.84 -6.99 -24.06
CA PRO D 92 -58.19 -6.44 -24.00
C PRO D 92 -59.30 -7.47 -24.05
N GLN D 93 -59.15 -8.56 -24.84
CA GLN D 93 -60.21 -9.53 -25.07
C GLN D 93 -60.01 -10.85 -24.34
N GLN D 94 -58.91 -11.05 -23.61
CA GLN D 94 -58.61 -12.35 -23.02
C GLN D 94 -59.17 -12.51 -21.62
N GLN D 95 -60.51 -12.34 -21.49
CA GLN D 95 -61.23 -12.33 -20.23
C GLN D 95 -61.08 -13.60 -19.43
N GLY D 96 -61.10 -14.79 -20.08
CA GLY D 96 -60.93 -16.09 -19.40
C GLY D 96 -59.55 -16.32 -18.83
N LEU D 97 -58.53 -15.63 -19.39
CA LEU D 97 -57.16 -15.76 -18.95
C LEU D 97 -56.92 -14.78 -17.82
N ARG D 98 -57.64 -13.64 -17.84
CA ARG D 98 -57.71 -12.68 -16.75
C ARG D 98 -58.34 -13.33 -15.50
N ARG D 99 -59.42 -14.13 -15.68
CA ARG D 99 -60.06 -14.90 -14.62
C ARG D 99 -59.12 -15.96 -14.06
N GLU D 100 -58.34 -16.62 -14.95
CA GLU D 100 -57.38 -17.64 -14.51
C GLU D 100 -56.26 -17.03 -13.65
N TYR D 101 -55.76 -15.84 -14.05
CA TYR D 101 -54.78 -15.04 -13.32
C TYR D 101 -55.31 -14.60 -11.96
N GLN D 102 -56.58 -14.14 -11.92
CA GLN D 102 -57.28 -13.77 -10.71
C GLN D 102 -57.38 -14.92 -9.72
N GLN D 103 -57.69 -16.15 -10.20
CA GLN D 103 -57.75 -17.30 -9.32
C GLN D 103 -56.40 -17.72 -8.76
N LEU D 104 -55.30 -17.65 -9.55
CA LEU D 104 -53.97 -17.88 -9.01
C LEU D 104 -53.53 -16.81 -8.01
N TRP D 105 -53.83 -15.52 -8.32
CA TRP D 105 -53.55 -14.37 -7.49
C TRP D 105 -54.24 -14.44 -6.13
N LEU D 106 -55.55 -14.79 -6.11
CA LEU D 106 -56.32 -15.03 -4.90
C LEU D 106 -55.83 -16.26 -4.14
N ALA D 107 -55.53 -17.38 -4.85
CA ALA D 107 -55.05 -18.62 -4.26
C ALA D 107 -53.73 -18.43 -3.51
N ALA D 108 -52.82 -17.58 -4.05
CA ALA D 108 -51.56 -17.27 -3.42
C ALA D 108 -51.68 -16.66 -2.01
N PHE D 109 -52.72 -15.83 -1.75
CA PHE D 109 -52.87 -15.21 -0.44
C PHE D 109 -53.26 -16.18 0.66
N ALA D 110 -53.92 -17.30 0.31
CA ALA D 110 -54.34 -18.29 1.28
C ALA D 110 -53.17 -19.06 1.88
N ALA D 111 -51.99 -19.04 1.23
CA ALA D 111 -50.82 -19.65 1.81
C ALA D 111 -50.04 -18.71 2.73
N LEU D 112 -50.23 -17.37 2.61
CA LEU D 112 -49.42 -16.40 3.35
C LEU D 112 -49.50 -16.44 4.87
N PRO D 113 -50.65 -16.58 5.56
CA PRO D 113 -50.68 -16.71 7.00
C PRO D 113 -50.15 -18.04 7.49
N GLY D 114 -50.05 -19.04 6.61
CA GLY D 114 -49.53 -20.38 6.94
C GLY D 114 -48.04 -20.40 6.83
N SER D 115 -47.51 -19.69 5.83
CA SER D 115 -46.07 -19.52 5.63
C SER D 115 -45.44 -18.63 6.69
N ALA D 116 -46.21 -17.67 7.25
CA ALA D 116 -45.76 -16.80 8.32
C ALA D 116 -45.57 -17.57 9.63
N LYS D 117 -44.33 -17.60 10.16
CA LYS D 117 -43.98 -18.37 11.34
C LYS D 117 -44.28 -17.69 12.67
N ASP D 118 -44.48 -16.36 12.68
CA ASP D 118 -44.71 -15.63 13.91
C ASP D 118 -45.90 -14.66 13.79
N PRO D 119 -47.15 -15.13 13.61
CA PRO D 119 -48.32 -14.26 13.60
C PRO D 119 -48.53 -13.53 14.92
N SER D 120 -49.28 -12.41 14.94
CA SER D 120 -49.48 -11.60 16.16
C SER D 120 -50.20 -12.34 17.27
N TRP D 121 -51.17 -13.24 16.94
CA TRP D 121 -52.00 -13.93 17.92
C TRP D 121 -51.20 -14.86 18.83
N ALA D 122 -50.00 -15.30 18.40
CA ALA D 122 -49.19 -16.22 19.15
C ALA D 122 -48.48 -15.52 20.31
N SER D 123 -48.46 -14.18 20.33
CA SER D 123 -47.87 -13.40 21.42
C SER D 123 -48.91 -12.65 22.23
N ILE D 124 -50.21 -12.97 22.08
CA ILE D 124 -51.25 -12.36 22.90
C ILE D 124 -51.24 -13.03 24.27
N LEU D 125 -50.82 -12.29 25.32
CA LEU D 125 -50.70 -12.80 26.67
C LEU D 125 -51.68 -12.09 27.57
N GLN D 126 -52.36 -12.80 28.50
CA GLN D 126 -53.28 -12.18 29.44
C GLN D 126 -52.65 -11.09 30.30
N GLY D 127 -53.26 -9.88 30.31
CA GLY D 127 -52.80 -8.76 31.13
C GLY D 127 -52.99 -8.96 32.61
N LEU D 128 -52.28 -8.18 33.45
CA LEU D 128 -52.31 -8.36 34.89
C LEU D 128 -53.63 -7.87 35.50
N GLU D 129 -54.30 -6.94 34.82
CA GLU D 129 -55.59 -6.41 35.21
C GLU D 129 -56.67 -6.85 34.23
N GLU D 130 -56.42 -7.89 33.42
CA GLU D 130 -57.35 -8.35 32.41
C GLU D 130 -58.17 -9.57 32.81
N PRO D 131 -59.52 -9.51 32.82
CA PRO D 131 -60.37 -10.66 33.17
C PRO D 131 -60.18 -11.82 32.21
N TYR D 132 -60.27 -13.07 32.69
CA TYR D 132 -60.06 -14.26 31.89
C TYR D 132 -60.98 -14.36 30.66
N HIS D 133 -62.27 -14.01 30.82
CA HIS D 133 -63.25 -13.89 29.74
C HIS D 133 -62.82 -12.95 28.63
N ALA D 134 -62.40 -11.72 28.99
CA ALA D 134 -61.92 -10.72 28.07
C ALA D 134 -60.68 -11.17 27.28
N PHE D 135 -59.75 -11.86 27.96
CA PHE D 135 -58.61 -12.51 27.36
C PHE D 135 -58.94 -13.58 26.32
N VAL D 136 -59.87 -14.52 26.64
CA VAL D 136 -60.33 -15.53 25.68
C VAL D 136 -61.00 -14.92 24.46
N GLU D 137 -61.83 -13.88 24.65
CA GLU D 137 -62.39 -13.09 23.57
C GLU D 137 -61.36 -12.39 22.70
N ARG D 138 -60.33 -11.79 23.33
CA ARG D 138 -59.20 -11.14 22.69
C ARG D 138 -58.41 -12.11 21.80
N LEU D 139 -58.13 -13.33 22.33
CA LEU D 139 -57.53 -14.42 21.56
C LEU D 139 -58.41 -14.88 20.40
N ASN D 140 -59.72 -15.08 20.63
CA ASN D 140 -60.69 -15.46 19.61
C ASN D 140 -60.70 -14.50 18.41
N ILE D 141 -60.72 -13.18 18.69
CA ILE D 141 -60.63 -12.12 17.70
C ILE D 141 -59.30 -12.13 16.96
N ALA D 142 -58.18 -12.26 17.70
CA ALA D 142 -56.84 -12.35 17.13
C ALA D 142 -56.65 -13.57 16.21
N LEU D 143 -57.24 -14.73 16.56
CA LEU D 143 -57.27 -15.90 15.70
C LEU D 143 -58.12 -15.69 14.45
N ASP D 144 -59.32 -15.11 14.60
CA ASP D 144 -60.23 -14.83 13.50
C ASP D 144 -59.63 -13.91 12.45
N ASN D 145 -58.81 -12.93 12.86
CA ASN D 145 -58.16 -12.04 11.90
C ASN D 145 -56.73 -12.47 11.55
N GLY D 146 -56.23 -13.65 12.04
CA GLY D 146 -54.84 -14.06 11.78
C GLY D 146 -54.59 -15.49 11.37
N LEU D 147 -55.56 -16.40 11.52
CA LEU D 147 -55.50 -17.75 10.97
C LEU D 147 -56.06 -17.79 9.56
N PRO D 148 -55.43 -18.39 8.55
CA PRO D 148 -56.09 -18.63 7.27
C PRO D 148 -57.35 -19.50 7.39
N GLU D 149 -58.39 -19.25 6.57
CA GLU D 149 -59.63 -20.01 6.59
C GLU D 149 -59.41 -21.49 6.33
N GLY D 150 -60.14 -22.33 7.08
CA GLY D 150 -60.04 -23.79 7.04
C GLY D 150 -59.12 -24.33 8.09
N THR D 151 -58.59 -23.48 8.98
CA THR D 151 -57.73 -23.88 10.10
C THR D 151 -58.62 -24.15 11.30
N PRO D 152 -58.49 -25.18 12.11
CA PRO D 152 -59.40 -25.41 13.21
C PRO D 152 -59.01 -24.62 14.45
N LYS D 153 -59.60 -23.42 14.59
CA LYS D 153 -59.36 -22.50 15.68
C LYS D 153 -59.80 -22.98 17.07
N ASP D 154 -60.76 -23.93 17.16
CA ASP D 154 -61.24 -24.45 18.43
C ASP D 154 -60.18 -25.18 19.28
N PRO D 155 -59.35 -26.14 18.80
CA PRO D 155 -58.30 -26.73 19.63
C PRO D 155 -57.16 -25.76 19.86
N ILE D 156 -56.90 -24.83 18.93
CA ILE D 156 -55.88 -23.80 19.07
C ILE D 156 -56.22 -22.85 20.21
N LEU D 157 -57.50 -22.41 20.28
CA LEU D 157 -57.96 -21.50 21.31
C LEU D 157 -57.97 -22.13 22.71
N ARG D 158 -58.42 -23.40 22.88
CA ARG D 158 -58.31 -24.05 24.20
C ARG D 158 -56.86 -24.27 24.66
N SER D 159 -55.90 -24.43 23.71
CA SER D 159 -54.50 -24.47 24.05
C SER D 159 -53.97 -23.10 24.46
N LEU D 160 -54.25 -22.03 23.65
CA LEU D 160 -53.78 -20.68 23.94
C LEU D 160 -54.35 -20.10 25.22
N ALA D 161 -55.61 -20.45 25.55
CA ALA D 161 -56.31 -20.06 26.76
C ALA D 161 -55.61 -20.51 28.04
N TYR D 162 -54.80 -21.59 27.97
CA TYR D 162 -53.97 -22.04 29.06
C TYR D 162 -52.58 -21.44 28.94
N SER D 163 -51.90 -21.65 27.78
CA SER D 163 -50.48 -21.33 27.59
C SER D 163 -50.16 -19.87 27.71
N ASN D 164 -51.09 -18.99 27.34
CA ASN D 164 -50.86 -17.55 27.35
C ASN D 164 -51.62 -16.86 28.47
N ALA D 165 -52.03 -17.60 29.52
CA ALA D 165 -52.70 -17.03 30.68
C ALA D 165 -51.75 -16.44 31.72
N ASN D 166 -52.29 -15.59 32.61
CA ASN D 166 -51.61 -15.04 33.78
C ASN D 166 -51.23 -16.17 34.73
N LYS D 167 -50.04 -16.14 35.36
CA LYS D 167 -49.55 -17.17 36.26
C LYS D 167 -50.51 -17.60 37.37
N GLU D 168 -51.27 -16.63 37.96
CA GLU D 168 -52.29 -16.92 38.94
C GLU D 168 -53.44 -17.72 38.37
N CYS D 169 -53.82 -17.47 37.10
CA CYS D 169 -54.81 -18.26 36.40
C CYS D 169 -54.26 -19.61 35.99
N GLN D 170 -52.95 -19.73 35.63
CA GLN D 170 -52.38 -21.04 35.36
C GLN D 170 -52.34 -21.95 36.57
N LYS D 171 -52.00 -21.39 37.76
CA LYS D 171 -52.06 -22.14 39.00
C LYS D 171 -53.45 -22.61 39.38
N LEU D 172 -54.47 -21.73 39.17
CA LEU D 172 -55.88 -22.00 39.35
C LEU D 172 -56.38 -23.10 38.43
N LEU D 173 -55.99 -23.03 37.14
CA LEU D 173 -56.29 -24.00 36.11
C LEU D 173 -55.65 -25.34 36.39
N GLN D 174 -54.39 -25.36 36.89
CA GLN D 174 -53.75 -26.60 37.30
C GLN D 174 -54.41 -27.18 38.55
N ALA D 175 -54.73 -26.34 39.56
CA ALA D 175 -55.40 -26.72 40.78
C ALA D 175 -56.79 -27.33 40.55
N ARG D 176 -57.55 -26.78 39.59
CA ARG D 176 -58.88 -27.25 39.22
C ARG D 176 -58.87 -28.38 38.18
N GLY D 177 -57.70 -28.76 37.65
CA GLY D 177 -57.56 -29.87 36.68
C GLY D 177 -57.98 -29.52 35.28
N HIS D 178 -57.72 -28.28 34.85
CA HIS D 178 -58.16 -27.75 33.56
C HIS D 178 -57.00 -27.15 32.81
N THR D 179 -56.03 -27.97 32.37
CA THR D 179 -54.82 -27.50 31.70
C THR D 179 -54.92 -27.63 30.18
N ASN D 180 -56.05 -28.19 29.69
CA ASN D 180 -56.43 -28.25 28.29
C ASN D 180 -57.84 -28.85 28.26
N SER D 181 -58.81 -28.09 28.79
CA SER D 181 -60.22 -28.44 28.85
C SER D 181 -61.01 -27.53 27.93
N PRO D 182 -62.25 -27.85 27.52
CA PRO D 182 -63.14 -26.93 26.82
C PRO D 182 -63.24 -25.55 27.45
N LEU D 183 -63.37 -24.49 26.62
CA LEU D 183 -63.30 -23.08 27.03
C LEU D 183 -64.28 -22.68 28.12
N GLY D 184 -65.49 -23.30 28.13
CA GLY D 184 -66.46 -23.14 29.21
C GLY D 184 -65.96 -23.56 30.56
N ASP D 185 -65.15 -24.64 30.67
CA ASP D 185 -64.58 -25.06 31.94
C ASP D 185 -63.44 -24.16 32.35
N MET D 186 -62.63 -23.67 31.38
CA MET D 186 -61.56 -22.72 31.65
C MET D 186 -62.10 -21.42 32.25
N LEU D 187 -63.21 -20.90 31.67
CA LEU D 187 -63.90 -19.75 32.18
C LEU D 187 -64.65 -20.00 33.48
N ARG D 188 -65.37 -21.13 33.64
CA ARG D 188 -66.02 -21.50 34.89
C ARG D 188 -65.09 -21.57 36.08
N ALA D 189 -63.87 -22.09 35.87
CA ALA D 189 -62.80 -22.03 36.85
C ALA D 189 -62.34 -20.60 37.13
N CYS D 190 -62.00 -19.81 36.08
CA CYS D 190 -61.38 -18.51 36.29
C CYS D 190 -62.36 -17.38 36.56
N GLN D 191 -63.67 -17.69 36.58
CA GLN D 191 -64.75 -16.84 37.07
C GLN D 191 -64.58 -16.52 38.55
N THR D 192 -63.96 -17.48 39.28
CA THR D 192 -63.63 -17.39 40.70
C THR D 192 -62.40 -16.52 40.97
N TRP D 193 -61.61 -16.21 39.92
CA TRP D 193 -60.45 -15.35 39.98
C TRP D 193 -60.81 -13.93 39.56
N THR D 194 -60.30 -12.93 40.27
CA THR D 194 -60.47 -11.52 39.91
C THR D 194 -59.12 -10.83 39.99
N PRO D 195 -58.79 -9.85 39.13
CA PRO D 195 -57.52 -9.13 39.25
C PRO D 195 -57.54 -8.22 40.46
N ARG E 1 -8.35 -8.37 -24.74
CA ARG E 1 -7.93 -7.50 -23.65
C ARG E 1 -9.02 -7.29 -22.60
N PRO E 2 -8.93 -7.77 -21.37
CA PRO E 2 -10.04 -7.68 -20.43
C PRO E 2 -9.96 -6.44 -19.55
N TRP E 3 -10.36 -5.24 -20.04
CA TRP E 3 -10.31 -4.02 -19.24
C TRP E 3 -11.24 -4.08 -18.02
N GLN E 4 -12.38 -4.77 -18.17
CA GLN E 4 -13.30 -4.99 -17.08
C GLN E 4 -12.73 -5.74 -15.88
N MET E 5 -11.74 -6.65 -16.10
CA MET E 5 -11.14 -7.41 -15.02
C MET E 5 -10.42 -6.55 -13.99
N LYS E 6 -9.62 -5.56 -14.44
CA LYS E 6 -8.91 -4.70 -13.52
C LYS E 6 -9.82 -3.75 -12.81
N ASP E 7 -10.88 -3.26 -13.51
CA ASP E 7 -11.86 -2.39 -12.88
C ASP E 7 -12.77 -3.11 -11.90
N LEU E 8 -13.15 -4.38 -12.18
CA LEU E 8 -13.94 -5.17 -11.23
C LEU E 8 -13.19 -5.47 -9.94
N GLN E 9 -11.87 -5.76 -10.01
CA GLN E 9 -11.04 -5.89 -8.81
C GLN E 9 -10.94 -4.58 -8.03
N ALA E 10 -10.78 -3.44 -8.73
CA ALA E 10 -10.75 -2.13 -8.11
C ALA E 10 -12.06 -1.74 -7.44
N ILE E 11 -13.22 -2.08 -8.06
CA ILE E 11 -14.54 -1.88 -7.46
C ILE E 11 -14.70 -2.67 -6.18
N LYS E 12 -14.33 -3.97 -6.18
CA LYS E 12 -14.42 -4.82 -5.01
C LYS E 12 -13.53 -4.37 -3.86
N GLN E 13 -12.33 -3.83 -4.17
CA GLN E 13 -11.46 -3.19 -3.20
C GLN E 13 -12.08 -1.92 -2.59
N GLU E 14 -12.69 -1.05 -3.42
CA GLU E 14 -13.34 0.17 -2.96
C GLU E 14 -14.57 -0.08 -2.07
N VAL E 15 -15.35 -1.14 -2.33
CA VAL E 15 -16.57 -1.47 -1.60
C VAL E 15 -16.35 -2.57 -0.56
N SER E 16 -15.08 -2.85 -0.20
CA SER E 16 -14.65 -3.92 0.69
C SER E 16 -15.33 -3.94 2.07
N GLN E 17 -15.56 -2.76 2.68
CA GLN E 17 -16.19 -2.62 3.99
C GLN E 17 -17.65 -2.16 3.87
N ALA E 18 -18.13 -1.94 2.63
CA ALA E 18 -19.45 -1.42 2.36
C ALA E 18 -20.49 -2.52 2.13
N ALA E 19 -21.57 -2.57 2.92
CA ALA E 19 -22.64 -3.54 2.80
C ALA E 19 -23.40 -3.45 1.46
N PRO E 20 -23.90 -4.52 0.84
CA PRO E 20 -24.70 -4.44 -0.38
C PRO E 20 -25.94 -3.58 -0.24
N GLY E 21 -25.95 -2.37 -0.86
CA GLY E 21 -27.05 -1.41 -0.80
C GLY E 21 -26.70 -0.17 0.00
N SER E 22 -25.55 -0.18 0.70
CA SER E 22 -25.03 0.98 1.44
C SER E 22 -24.60 2.10 0.49
N PRO E 23 -24.58 3.38 0.87
CA PRO E 23 -24.22 4.47 -0.03
C PRO E 23 -22.91 4.33 -0.76
N GLN E 24 -21.84 3.80 -0.15
CA GLN E 24 -20.54 3.71 -0.79
C GLN E 24 -20.54 2.59 -1.81
N PHE E 25 -21.23 1.47 -1.48
CA PHE E 25 -21.46 0.37 -2.38
C PHE E 25 -22.27 0.84 -3.59
N MET E 26 -23.37 1.58 -3.34
CA MET E 26 -24.22 2.12 -4.38
C MET E 26 -23.59 3.21 -5.22
N GLN E 27 -22.76 4.10 -4.65
CA GLN E 27 -22.04 5.11 -5.39
C GLN E 27 -21.10 4.49 -6.41
N THR E 28 -20.38 3.45 -5.97
CA THR E 28 -19.42 2.69 -6.76
C THR E 28 -20.07 1.86 -7.85
N ILE E 29 -21.18 1.13 -7.57
CA ILE E 29 -21.82 0.36 -8.63
C ILE E 29 -22.69 1.20 -9.54
N ARG E 30 -23.26 2.33 -9.05
CA ARG E 30 -23.97 3.28 -9.90
C ARG E 30 -23.04 3.91 -10.93
N LEU E 31 -21.83 4.34 -10.48
CA LEU E 31 -20.80 4.82 -11.38
C LEU E 31 -20.33 3.74 -12.33
N ALA E 32 -20.05 2.51 -11.84
CA ALA E 32 -19.64 1.40 -12.67
C ALA E 32 -20.63 1.04 -13.76
N VAL E 33 -21.95 1.04 -13.44
CA VAL E 33 -23.01 0.85 -14.41
C VAL E 33 -23.05 1.95 -15.46
N GLN E 34 -22.92 3.22 -15.03
CA GLN E 34 -22.84 4.36 -15.92
C GLN E 34 -21.59 4.37 -16.82
N GLN E 35 -20.44 3.95 -16.27
CA GLN E 35 -19.16 3.86 -16.95
C GLN E 35 -19.01 2.72 -17.94
N PHE E 36 -19.56 1.54 -17.63
CA PHE E 36 -19.32 0.35 -18.42
C PHE E 36 -20.45 0.05 -19.38
N ASP E 37 -21.64 0.65 -19.13
CA ASP E 37 -22.88 0.38 -19.84
C ASP E 37 -23.20 -1.13 -20.02
N PRO E 38 -23.11 -1.93 -18.94
CA PRO E 38 -23.14 -3.38 -19.00
C PRO E 38 -24.43 -3.99 -19.56
N THR E 39 -24.33 -5.19 -20.16
CA THR E 39 -25.48 -5.98 -20.59
C THR E 39 -25.96 -6.82 -19.42
N ALA E 40 -27.13 -7.48 -19.53
CA ALA E 40 -27.68 -8.32 -18.46
C ALA E 40 -26.73 -9.43 -18.02
N LYS E 41 -25.99 -10.06 -18.96
CA LYS E 41 -25.03 -11.10 -18.64
C LYS E 41 -23.78 -10.54 -17.94
N ASP E 42 -23.47 -9.24 -18.11
CA ASP E 42 -22.32 -8.61 -17.49
C ASP E 42 -22.68 -8.15 -16.07
N LEU E 43 -23.97 -7.78 -15.88
CA LEU E 43 -24.56 -7.51 -14.58
C LEU E 43 -24.61 -8.76 -13.71
N GLN E 44 -24.86 -9.94 -14.32
CA GLN E 44 -24.83 -11.23 -13.66
C GLN E 44 -23.41 -11.56 -13.16
N ASP E 45 -22.38 -11.27 -13.97
CA ASP E 45 -20.98 -11.42 -13.56
C ASP E 45 -20.56 -10.45 -12.46
N LEU E 46 -21.01 -9.19 -12.53
CA LEU E 46 -20.78 -8.16 -11.52
C LEU E 46 -21.40 -8.52 -10.17
N LEU E 47 -22.67 -8.99 -10.18
CA LEU E 47 -23.37 -9.48 -9.02
C LEU E 47 -22.66 -10.63 -8.34
N GLN E 48 -22.26 -11.65 -9.12
CA GLN E 48 -21.52 -12.78 -8.63
C GLN E 48 -20.12 -12.50 -8.11
N TYR E 49 -19.36 -11.56 -8.73
CA TYR E 49 -18.06 -11.17 -8.21
C TYR E 49 -18.15 -10.42 -6.88
N LEU E 50 -19.12 -9.49 -6.73
CA LEU E 50 -19.26 -8.69 -5.53
C LEU E 50 -20.00 -9.36 -4.38
N CYS E 51 -21.00 -10.22 -4.65
CA CYS E 51 -21.88 -10.77 -3.64
C CYS E 51 -21.80 -12.28 -3.51
N SER E 52 -22.08 -12.82 -2.31
CA SER E 52 -22.20 -14.26 -2.09
C SER E 52 -23.49 -14.79 -2.70
N SER E 53 -23.64 -16.13 -2.80
CA SER E 53 -24.79 -16.77 -3.42
C SER E 53 -26.13 -16.48 -2.74
N LEU E 54 -26.16 -16.33 -1.40
CA LEU E 54 -27.35 -15.94 -0.67
C LEU E 54 -27.81 -14.52 -1.00
N VAL E 55 -26.88 -13.54 -0.99
CA VAL E 55 -27.16 -12.16 -1.38
C VAL E 55 -27.56 -12.03 -2.84
N ALA E 56 -26.90 -12.77 -3.76
CA ALA E 56 -27.28 -12.85 -5.15
C ALA E 56 -28.70 -13.40 -5.36
N SER E 57 -29.09 -14.42 -4.57
CA SER E 57 -30.46 -14.93 -4.52
C SER E 57 -31.47 -13.91 -4.01
N LEU E 58 -31.15 -13.20 -2.90
CA LEU E 58 -32.00 -12.13 -2.37
C LEU E 58 -32.17 -10.96 -3.35
N HIS E 59 -31.08 -10.59 -4.06
CA HIS E 59 -31.12 -9.62 -5.15
C HIS E 59 -32.01 -10.08 -6.30
N HIS E 60 -31.88 -11.35 -6.73
CA HIS E 60 -32.73 -11.94 -7.76
C HIS E 60 -34.21 -11.91 -7.40
N GLN E 61 -34.57 -12.29 -6.16
CA GLN E 61 -35.93 -12.19 -5.67
C GLN E 61 -36.50 -10.78 -5.64
N GLN E 62 -35.71 -9.80 -5.16
CA GLN E 62 -36.14 -8.41 -5.14
C GLN E 62 -36.30 -7.83 -6.54
N LEU E 63 -35.34 -8.16 -7.43
CA LEU E 63 -35.34 -7.77 -8.82
C LEU E 63 -36.50 -8.38 -9.60
N ASP E 64 -36.81 -9.69 -9.36
CA ASP E 64 -37.91 -10.38 -9.98
C ASP E 64 -39.26 -9.71 -9.68
N SER E 65 -39.47 -9.27 -8.40
CA SER E 65 -40.61 -8.46 -8.01
C SER E 65 -40.69 -7.12 -8.72
N LEU E 66 -39.57 -6.37 -8.80
CA LEU E 66 -39.51 -5.09 -9.50
C LEU E 66 -39.76 -5.19 -11.00
N ILE E 67 -39.19 -6.24 -11.65
CA ILE E 67 -39.42 -6.61 -13.03
C ILE E 67 -40.88 -7.00 -13.26
N SER E 68 -41.45 -7.82 -12.36
CA SER E 68 -42.84 -8.24 -12.39
C SER E 68 -43.80 -7.05 -12.31
N GLU E 69 -43.55 -6.08 -11.39
CA GLU E 69 -44.34 -4.87 -11.39
C GLU E 69 -44.20 -4.07 -12.69
N ALA E 70 -42.97 -3.86 -13.19
CA ALA E 70 -42.78 -3.11 -14.41
C ALA E 70 -43.42 -3.76 -15.65
N GLU E 71 -43.30 -5.10 -15.75
CA GLU E 71 -43.87 -5.93 -16.79
C GLU E 71 -45.39 -5.95 -16.77
N THR E 72 -46.01 -6.08 -15.57
CA THR E 72 -47.46 -6.01 -15.42
C THR E 72 -48.02 -4.61 -15.65
N ARG E 73 -47.29 -3.55 -15.22
CA ARG E 73 -47.62 -2.16 -15.51
C ARG E 73 -47.54 -1.81 -17.00
N GLY E 74 -46.57 -2.40 -17.74
CA GLY E 74 -46.35 -2.17 -19.17
C GLY E 74 -45.49 -0.97 -19.41
N ILE E 75 -44.64 -0.63 -18.42
CA ILE E 75 -43.83 0.58 -18.45
C ILE E 75 -42.41 0.28 -18.93
N THR E 76 -42.05 -1.02 -19.05
CA THR E 76 -40.70 -1.46 -19.41
C THR E 76 -40.25 -1.02 -20.79
N GLY E 77 -41.16 -1.05 -21.78
CA GLY E 77 -40.86 -0.72 -23.17
C GLY E 77 -40.37 -1.91 -23.95
N TYR E 78 -40.69 -3.12 -23.46
CA TYR E 78 -40.28 -4.37 -24.04
C TYR E 78 -41.48 -5.00 -24.73
N ASN E 79 -41.30 -5.50 -25.97
CA ASN E 79 -42.30 -6.27 -26.68
C ASN E 79 -42.47 -7.65 -26.02
N PRO E 80 -43.67 -8.10 -25.63
CA PRO E 80 -43.82 -9.38 -24.94
C PRO E 80 -43.73 -10.55 -25.91
N LEU E 81 -43.53 -10.31 -27.22
CA LEU E 81 -43.32 -11.33 -28.24
C LEU E 81 -41.88 -11.25 -28.76
N ALA E 82 -40.97 -10.61 -28.01
CA ALA E 82 -39.57 -10.46 -28.39
C ALA E 82 -38.65 -11.16 -27.40
N GLY E 83 -39.19 -12.07 -26.55
CA GLY E 83 -38.44 -12.84 -25.58
C GLY E 83 -38.28 -12.17 -24.23
N PRO E 84 -37.75 -12.87 -23.23
CA PRO E 84 -37.55 -12.38 -21.88
C PRO E 84 -36.74 -11.10 -21.74
N LEU E 85 -36.96 -10.31 -20.67
CA LEU E 85 -36.18 -9.10 -20.37
C LEU E 85 -34.70 -9.41 -20.23
N ARG E 86 -34.43 -10.58 -19.63
CA ARG E 86 -33.11 -11.13 -19.37
C ARG E 86 -32.33 -11.54 -20.61
N VAL E 87 -33.00 -11.61 -21.79
CA VAL E 87 -32.39 -11.89 -23.06
C VAL E 87 -32.36 -10.63 -23.91
N GLN E 88 -33.46 -9.82 -23.92
CA GLN E 88 -33.50 -8.57 -24.67
C GLN E 88 -32.49 -7.53 -24.20
N ALA E 89 -32.15 -7.53 -22.89
CA ALA E 89 -31.16 -6.66 -22.30
C ALA E 89 -29.71 -7.06 -22.62
N ASN E 90 -29.51 -8.10 -23.47
CA ASN E 90 -28.23 -8.43 -24.07
C ASN E 90 -28.16 -8.04 -25.55
N ASN E 91 -29.27 -7.60 -26.18
CA ASN E 91 -29.28 -7.26 -27.60
C ASN E 91 -28.45 -6.01 -27.93
N PRO E 92 -27.73 -5.93 -29.05
CA PRO E 92 -26.75 -4.86 -29.29
C PRO E 92 -27.37 -3.50 -29.59
N GLN E 93 -28.54 -3.42 -30.23
CA GLN E 93 -29.09 -2.15 -30.68
C GLN E 93 -30.13 -1.59 -29.71
N GLN E 94 -30.52 -2.36 -28.69
CA GLN E 94 -31.60 -2.00 -27.78
C GLN E 94 -31.12 -1.28 -26.53
N GLN E 95 -30.44 -0.14 -26.73
CA GLN E 95 -29.77 0.61 -25.68
C GLN E 95 -30.67 1.12 -24.57
N GLY E 96 -31.90 1.61 -24.88
CA GLY E 96 -32.83 2.12 -23.87
C GLY E 96 -33.40 1.05 -22.97
N LEU E 97 -33.42 -0.20 -23.47
CA LEU E 97 -33.95 -1.32 -22.76
C LEU E 97 -32.87 -1.94 -21.89
N ARG E 98 -31.60 -1.84 -22.33
CA ARG E 98 -30.42 -2.15 -21.54
C ARG E 98 -30.33 -1.22 -20.33
N ARG E 99 -30.58 0.09 -20.55
CA ARG E 99 -30.61 1.08 -19.49
C ARG E 99 -31.74 0.85 -18.50
N GLU E 100 -32.94 0.44 -18.98
CA GLU E 100 -34.05 0.12 -18.10
C GLU E 100 -33.74 -1.08 -17.19
N TYR E 101 -33.10 -2.13 -17.76
CA TYR E 101 -32.63 -3.30 -17.00
C TYR E 101 -31.57 -2.90 -15.96
N GLN E 102 -30.60 -2.04 -16.34
CA GLN E 102 -29.60 -1.51 -15.43
C GLN E 102 -30.17 -0.76 -14.25
N GLN E 103 -31.19 0.09 -14.49
CA GLN E 103 -31.85 0.84 -13.45
C GLN E 103 -32.67 -0.02 -12.50
N LEU E 104 -33.36 -1.06 -13.01
CA LEU E 104 -34.04 -2.05 -12.16
C LEU E 104 -33.06 -2.86 -11.32
N TRP E 105 -31.94 -3.28 -11.94
CA TRP E 105 -30.85 -4.01 -11.31
C TRP E 105 -30.22 -3.23 -10.16
N LEU E 106 -29.94 -1.92 -10.38
CA LEU E 106 -29.46 -1.01 -9.34
C LEU E 106 -30.50 -0.78 -8.25
N ALA E 107 -31.77 -0.59 -8.63
CA ALA E 107 -32.87 -0.33 -7.72
C ALA E 107 -33.08 -1.44 -6.70
N ALA E 108 -32.93 -2.72 -7.13
CA ALA E 108 -33.08 -3.87 -6.24
C ALA E 108 -32.13 -3.89 -5.02
N PHE E 109 -30.89 -3.38 -5.15
CA PHE E 109 -29.93 -3.40 -4.04
C PHE E 109 -30.29 -2.47 -2.91
N ALA E 110 -31.04 -1.40 -3.20
CA ALA E 110 -31.40 -0.40 -2.21
C ALA E 110 -32.38 -0.93 -1.17
N ALA E 111 -33.08 -2.04 -1.46
CA ALA E 111 -33.95 -2.66 -0.47
C ALA E 111 -33.23 -3.66 0.43
N LEU E 112 -32.04 -4.16 0.04
CA LEU E 112 -31.36 -5.23 0.77
C LEU E 112 -30.96 -4.94 2.22
N PRO E 113 -30.40 -3.77 2.60
CA PRO E 113 -30.09 -3.44 3.98
C PRO E 113 -31.31 -3.21 4.84
N GLY E 114 -32.48 -2.95 4.20
CA GLY E 114 -33.74 -2.68 4.86
C GLY E 114 -34.44 -3.95 5.19
N SER E 115 -34.34 -4.92 4.27
CA SER E 115 -34.87 -6.27 4.44
C SER E 115 -34.12 -7.10 5.46
N ALA E 116 -32.79 -6.87 5.64
CA ALA E 116 -31.99 -7.57 6.63
C ALA E 116 -32.47 -7.38 8.07
N LYS E 117 -32.61 -8.47 8.84
CA LYS E 117 -33.21 -8.42 10.17
C LYS E 117 -32.26 -8.20 11.34
N ASP E 118 -31.00 -8.64 11.24
CA ASP E 118 -30.01 -8.42 12.27
C ASP E 118 -28.69 -8.00 11.61
N PRO E 119 -28.61 -6.86 10.90
CA PRO E 119 -27.36 -6.38 10.27
C PRO E 119 -26.18 -6.20 11.22
N SER E 120 -24.94 -6.18 10.70
CA SER E 120 -23.71 -6.17 11.48
C SER E 120 -23.52 -4.98 12.40
N TRP E 121 -23.97 -3.78 11.99
CA TRP E 121 -23.84 -2.55 12.77
C TRP E 121 -24.65 -2.60 14.07
N ALA E 122 -25.68 -3.48 14.12
CA ALA E 122 -26.59 -3.65 15.22
C ALA E 122 -25.94 -4.45 16.37
N SER E 123 -24.77 -5.07 16.10
CA SER E 123 -23.99 -5.83 17.08
C SER E 123 -22.72 -5.10 17.46
N ILE E 124 -22.57 -3.80 17.10
CA ILE E 124 -21.44 -2.97 17.50
C ILE E 124 -21.69 -2.44 18.90
N LEU E 125 -20.92 -2.93 19.90
CA LEU E 125 -21.05 -2.57 21.30
C LEU E 125 -19.73 -1.97 21.79
N GLN E 126 -19.79 -0.97 22.69
CA GLN E 126 -18.60 -0.39 23.30
C GLN E 126 -17.77 -1.40 24.11
N GLY E 127 -16.44 -1.42 23.90
CA GLY E 127 -15.52 -2.28 24.65
C GLY E 127 -15.32 -1.88 26.10
N LEU E 128 -14.48 -2.63 26.83
CA LEU E 128 -14.26 -2.40 28.25
C LEU E 128 -12.95 -1.64 28.45
N GLU E 129 -12.17 -1.52 27.37
CA GLU E 129 -10.96 -0.74 27.28
C GLU E 129 -11.07 0.29 26.15
N GLU E 130 -12.31 0.58 25.71
CA GLU E 130 -12.58 1.44 24.57
C GLU E 130 -13.23 2.75 25.00
N PRO E 131 -12.74 3.92 24.60
CA PRO E 131 -13.28 5.18 25.08
C PRO E 131 -14.52 5.54 24.28
N TYR E 132 -15.44 6.30 24.90
CA TYR E 132 -16.74 6.63 24.36
C TYR E 132 -16.70 7.32 23.00
N HIS E 133 -15.76 8.28 22.79
CA HIS E 133 -15.53 8.91 21.50
C HIS E 133 -15.21 7.93 20.37
N ALA E 134 -14.25 7.00 20.58
CA ALA E 134 -13.88 5.99 19.61
C ALA E 134 -15.04 5.06 19.24
N PHE E 135 -15.85 4.69 20.25
CA PHE E 135 -17.08 3.94 20.09
C PHE E 135 -18.13 4.65 19.21
N VAL E 136 -18.40 5.94 19.46
CA VAL E 136 -19.30 6.75 18.63
C VAL E 136 -18.81 6.88 17.19
N GLU E 137 -17.49 7.08 16.97
CA GLU E 137 -16.91 7.03 15.65
C GLU E 137 -17.07 5.69 14.94
N ARG E 138 -16.85 4.58 15.67
CA ARG E 138 -17.03 3.22 15.21
C ARG E 138 -18.46 2.95 14.78
N LEU E 139 -19.45 3.39 15.59
CA LEU E 139 -20.87 3.34 15.23
C LEU E 139 -21.21 4.18 14.02
N ASN E 140 -20.74 5.45 13.95
CA ASN E 140 -20.99 6.33 12.81
C ASN E 140 -20.54 5.72 11.48
N ILE E 141 -19.31 5.17 11.45
CA ILE E 141 -18.77 4.46 10.30
C ILE E 141 -19.55 3.20 9.96
N ALA E 142 -19.88 2.37 10.98
CA ALA E 142 -20.68 1.17 10.79
C ALA E 142 -22.08 1.44 10.25
N LEU E 143 -22.72 2.55 10.69
CA LEU E 143 -23.98 3.01 10.13
C LEU E 143 -23.85 3.52 8.71
N ASP E 144 -22.80 4.32 8.40
CA ASP E 144 -22.53 4.85 7.06
C ASP E 144 -22.32 3.75 6.03
N ASN E 145 -21.67 2.65 6.44
CA ASN E 145 -21.36 1.51 5.59
C ASN E 145 -22.42 0.41 5.68
N GLY E 146 -23.55 0.66 6.37
CA GLY E 146 -24.58 -0.34 6.65
C GLY E 146 -26.01 0.09 6.40
N LEU E 147 -26.42 1.30 6.84
CA LEU E 147 -27.72 1.88 6.52
C LEU E 147 -27.85 2.24 5.04
N PRO E 148 -28.92 1.87 4.32
CA PRO E 148 -29.18 2.39 2.98
C PRO E 148 -29.38 3.90 2.93
N GLU E 149 -29.15 4.56 1.77
CA GLU E 149 -29.32 5.99 1.60
C GLU E 149 -30.75 6.46 1.88
N GLY E 150 -30.89 7.66 2.48
CA GLY E 150 -32.18 8.24 2.84
C GLY E 150 -32.68 7.77 4.20
N THR E 151 -31.82 7.13 4.99
CA THR E 151 -32.16 6.68 6.34
C THR E 151 -31.81 7.77 7.34
N PRO E 152 -32.58 8.06 8.38
CA PRO E 152 -32.21 9.12 9.32
C PRO E 152 -31.28 8.57 10.40
N LYS E 153 -29.96 8.54 10.13
CA LYS E 153 -28.93 8.04 11.02
C LYS E 153 -28.74 8.83 12.31
N ASP E 154 -29.12 10.12 12.35
CA ASP E 154 -29.04 10.97 13.51
C ASP E 154 -29.88 10.56 14.74
N PRO E 155 -31.18 10.24 14.68
CA PRO E 155 -31.90 9.74 15.84
C PRO E 155 -31.50 8.32 16.17
N ILE E 156 -31.07 7.53 15.16
CA ILE E 156 -30.59 6.17 15.36
C ILE E 156 -29.31 6.19 16.17
N LEU E 157 -28.37 7.09 15.83
CA LEU E 157 -27.10 7.22 16.55
C LEU E 157 -27.26 7.74 17.97
N ARG E 158 -28.12 8.75 18.26
CA ARG E 158 -28.36 9.12 19.65
C ARG E 158 -29.02 8.04 20.52
N SER E 159 -29.84 7.15 19.92
CA SER E 159 -30.35 5.97 20.62
C SER E 159 -29.24 4.93 20.86
N LEU E 160 -28.48 4.56 19.79
CA LEU E 160 -27.40 3.57 19.87
C LEU E 160 -26.26 3.97 20.80
N ALA E 161 -25.96 5.29 20.85
CA ALA E 161 -24.96 5.89 21.71
C ALA E 161 -25.21 5.64 23.20
N TYR E 162 -26.48 5.40 23.59
CA TYR E 162 -26.83 4.97 24.93
C TYR E 162 -26.93 3.45 25.00
N SER E 163 -27.76 2.82 24.13
CA SER E 163 -28.12 1.40 24.24
C SER E 163 -26.97 0.43 24.05
N ASN E 164 -25.97 0.78 23.21
CA ASN E 164 -24.82 -0.09 22.97
C ASN E 164 -23.56 0.44 23.64
N ALA E 165 -23.70 1.31 24.66
CA ALA E 165 -22.59 1.76 25.48
C ALA E 165 -22.27 0.79 26.61
N ASN E 166 -21.06 0.90 27.18
CA ASN E 166 -20.61 0.17 28.35
C ASN E 166 -21.47 0.52 29.56
N LYS E 167 -21.84 -0.46 30.41
CA LYS E 167 -22.72 -0.29 31.56
C LYS E 167 -22.36 0.87 32.48
N GLU E 168 -21.05 1.12 32.70
CA GLU E 168 -20.57 2.24 33.48
C GLU E 168 -20.87 3.60 32.84
N CYS E 169 -20.83 3.68 31.49
CA CYS E 169 -21.25 4.86 30.78
C CYS E 169 -22.76 4.98 30.81
N GLN E 170 -23.50 3.85 30.79
CA GLN E 170 -24.94 3.88 30.92
C GLN E 170 -25.43 4.39 32.27
N LYS E 171 -24.76 3.98 33.38
CA LYS E 171 -25.05 4.50 34.71
C LYS E 171 -24.78 6.00 34.82
N LEU E 172 -23.68 6.47 34.21
CA LEU E 172 -23.28 7.87 34.11
C LEU E 172 -24.29 8.70 33.33
N LEU E 173 -24.76 8.16 32.19
CA LEU E 173 -25.76 8.74 31.32
C LEU E 173 -27.10 8.83 32.02
N GLN E 174 -27.50 7.81 32.81
CA GLN E 174 -28.70 7.89 33.63
C GLN E 174 -28.57 8.92 34.74
N ALA E 175 -27.42 8.95 35.45
CA ALA E 175 -27.12 9.88 36.52
C ALA E 175 -27.18 11.34 36.08
N ARG E 176 -26.67 11.60 34.86
CA ARG E 176 -26.61 12.90 34.23
C ARG E 176 -27.87 13.30 33.47
N GLY E 177 -28.87 12.39 33.38
CA GLY E 177 -30.14 12.64 32.70
C GLY E 177 -30.03 12.69 31.19
N HIS E 178 -29.20 11.80 30.60
CA HIS E 178 -28.91 11.79 29.18
C HIS E 178 -29.10 10.40 28.60
N THR E 179 -30.36 9.90 28.62
CA THR E 179 -30.70 8.55 28.16
C THR E 179 -31.10 8.54 26.69
N ASN E 180 -31.24 9.73 26.10
CA ASN E 180 -31.43 9.95 24.68
C ASN E 180 -31.41 11.47 24.53
N SER E 181 -30.19 12.04 24.51
CA SER E 181 -29.95 13.48 24.44
C SER E 181 -29.07 13.80 23.25
N PRO E 182 -29.00 15.04 22.76
CA PRO E 182 -28.04 15.50 21.75
C PRO E 182 -26.62 14.98 21.88
N LEU E 183 -25.98 14.58 20.77
CA LEU E 183 -24.69 13.89 20.71
C LEU E 183 -23.54 14.60 21.42
N GLY E 184 -23.51 15.95 21.39
CA GLY E 184 -22.57 16.78 22.14
C GLY E 184 -22.66 16.63 23.63
N ASP E 185 -23.90 16.50 24.18
CA ASP E 185 -24.12 16.31 25.60
C ASP E 185 -23.80 14.88 26.02
N MET E 186 -24.07 13.88 25.16
CA MET E 186 -23.68 12.50 25.40
C MET E 186 -22.16 12.37 25.56
N LEU E 187 -21.42 13.04 24.66
CA LEU E 187 -19.97 13.08 24.72
C LEU E 187 -19.44 13.93 25.87
N ARG E 188 -20.02 15.13 26.14
CA ARG E 188 -19.64 15.96 27.28
C ARG E 188 -19.76 15.27 28.64
N ALA E 189 -20.82 14.46 28.82
CA ALA E 189 -20.99 13.59 29.96
C ALA E 189 -19.95 12.47 30.02
N CYS E 190 -19.79 11.69 28.93
CA CYS E 190 -18.97 10.48 28.97
C CYS E 190 -17.49 10.74 28.80
N GLN E 191 -17.13 12.03 28.64
CA GLN E 191 -15.78 12.56 28.75
C GLN E 191 -15.25 12.33 30.16
N THR E 192 -16.17 12.29 31.16
CA THR E 192 -15.86 12.04 32.56
C THR E 192 -15.81 10.56 32.89
N TRP E 193 -15.88 9.66 31.88
CA TRP E 193 -15.65 8.25 32.08
C TRP E 193 -14.36 7.85 31.37
N THR E 194 -13.50 7.14 32.10
CA THR E 194 -12.24 6.61 31.60
C THR E 194 -12.21 5.10 31.84
N PRO E 195 -11.66 4.27 30.95
CA PRO E 195 -11.57 2.83 31.18
C PRO E 195 -10.45 2.47 32.14
N ARG F 1 64.26 -16.77 -28.16
CA ARG F 1 64.69 -16.06 -26.97
C ARG F 1 63.58 -15.97 -25.93
N PRO F 2 63.70 -16.50 -24.73
CA PRO F 2 62.54 -16.56 -23.83
C PRO F 2 62.45 -15.33 -22.94
N TRP F 3 62.21 -14.13 -23.51
CA TRP F 3 62.12 -12.90 -22.74
C TRP F 3 60.93 -12.86 -21.78
N GLN F 4 59.80 -13.50 -22.16
CA GLN F 4 58.62 -13.61 -21.33
C GLN F 4 58.87 -14.36 -20.01
N MET F 5 59.81 -15.33 -20.01
CA MET F 5 60.19 -16.11 -18.86
C MET F 5 60.77 -15.28 -17.73
N LYS F 6 61.68 -14.33 -18.05
CA LYS F 6 62.27 -13.47 -17.04
C LYS F 6 61.26 -12.46 -16.49
N ASP F 7 60.33 -11.99 -17.36
CA ASP F 7 59.25 -11.12 -16.93
C ASP F 7 58.22 -11.86 -16.09
N LEU F 8 57.92 -13.14 -16.38
CA LEU F 8 57.02 -13.95 -15.57
C LEU F 8 57.57 -14.18 -14.17
N GLN F 9 58.91 -14.38 -14.03
CA GLN F 9 59.53 -14.41 -12.71
C GLN F 9 59.43 -13.08 -11.98
N ALA F 10 59.66 -11.95 -12.67
CA ALA F 10 59.52 -10.63 -12.09
C ALA F 10 58.11 -10.28 -11.64
N ILE F 11 57.08 -10.67 -12.44
CA ILE F 11 55.67 -10.51 -12.07
C ILE F 11 55.33 -11.32 -10.83
N LYS F 12 55.76 -12.60 -10.77
CA LYS F 12 55.55 -13.47 -9.63
C LYS F 12 56.24 -12.98 -8.35
N GLN F 13 57.43 -12.38 -8.45
CA GLN F 13 58.08 -11.72 -7.34
C GLN F 13 57.28 -10.50 -6.84
N GLU F 14 56.81 -9.66 -7.77
CA GLU F 14 56.03 -8.47 -7.44
C GLU F 14 54.66 -8.74 -6.80
N VAL F 15 53.96 -9.82 -7.20
CA VAL F 15 52.63 -10.13 -6.67
C VAL F 15 52.69 -11.24 -5.62
N SER F 16 53.89 -11.56 -5.11
CA SER F 16 54.13 -12.67 -4.19
C SER F 16 53.35 -12.64 -2.88
N GLN F 17 53.23 -11.48 -2.20
CA GLN F 17 52.45 -11.39 -0.96
C GLN F 17 51.02 -10.90 -1.22
N ALA F 18 50.70 -10.57 -2.48
CA ALA F 18 49.40 -10.06 -2.88
C ALA F 18 48.40 -11.17 -3.18
N ALA F 19 47.17 -11.09 -2.64
CA ALA F 19 46.14 -12.09 -2.85
C ALA F 19 45.55 -12.02 -4.27
N PRO F 20 45.08 -13.10 -4.90
CA PRO F 20 44.42 -13.04 -6.21
C PRO F 20 43.24 -12.08 -6.27
N GLY F 21 43.33 -11.03 -7.12
CA GLY F 21 42.28 -10.02 -7.29
C GLY F 21 42.50 -8.75 -6.51
N SER F 22 43.56 -8.69 -5.67
CA SER F 22 43.96 -7.50 -4.91
C SER F 22 44.47 -6.37 -5.81
N PRO F 23 44.42 -5.09 -5.46
CA PRO F 23 44.88 -3.99 -6.32
C PRO F 23 46.31 -4.13 -6.81
N GLN F 24 47.27 -4.64 -6.01
CA GLN F 24 48.66 -4.71 -6.43
C GLN F 24 48.83 -5.84 -7.44
N PHE F 25 48.10 -6.95 -7.22
CA PHE F 25 48.00 -8.05 -8.16
C PHE F 25 47.39 -7.59 -9.48
N MET F 26 46.26 -6.85 -9.42
CA MET F 26 45.57 -6.36 -10.60
C MET F 26 46.30 -5.28 -11.40
N GLN F 27 47.00 -4.35 -10.72
CA GLN F 27 47.83 -3.34 -11.37
C GLN F 27 48.96 -3.97 -12.17
N THR F 28 49.60 -4.99 -11.56
CA THR F 28 50.70 -5.73 -12.16
C THR F 28 50.27 -6.59 -13.34
N ILE F 29 49.13 -7.33 -13.25
CA ILE F 29 48.70 -8.13 -14.38
C ILE F 29 48.01 -7.30 -15.45
N ARG F 30 47.37 -6.16 -15.11
CA ARG F 30 46.83 -5.24 -16.10
C ARG F 30 47.94 -4.65 -16.96
N LEU F 31 49.05 -4.23 -16.32
CA LEU F 31 50.24 -3.78 -17.03
C LEU F 31 50.87 -4.88 -17.86
N ALA F 32 51.07 -6.09 -17.31
CA ALA F 32 51.63 -7.22 -18.02
C ALA F 32 50.85 -7.60 -19.28
N VAL F 33 49.50 -7.62 -19.18
CA VAL F 33 48.61 -7.84 -20.32
C VAL F 33 48.74 -6.74 -21.36
N GLN F 34 48.78 -5.47 -20.92
CA GLN F 34 48.95 -4.32 -21.78
C GLN F 34 50.30 -4.27 -22.48
N GLN F 35 51.37 -4.69 -21.79
CA GLN F 35 52.72 -4.76 -22.31
C GLN F 35 52.97 -5.89 -23.28
N PHE F 36 52.40 -7.09 -23.05
CA PHE F 36 52.73 -8.25 -23.87
C PHE F 36 51.72 -8.52 -24.95
N ASP F 37 50.49 -7.96 -24.82
CA ASP F 37 49.33 -8.24 -25.65
C ASP F 37 49.07 -9.75 -25.91
N PRO F 38 49.07 -10.57 -24.85
CA PRO F 38 49.08 -12.02 -24.93
C PRO F 38 47.87 -12.65 -25.59
N THR F 39 48.05 -13.83 -26.20
CA THR F 39 46.96 -14.64 -26.76
C THR F 39 46.33 -15.48 -25.67
N ALA F 40 45.21 -16.17 -25.93
CA ALA F 40 44.54 -17.00 -24.94
C ALA F 40 45.43 -18.10 -24.33
N LYS F 41 46.32 -18.73 -25.13
CA LYS F 41 47.26 -19.73 -24.61
C LYS F 41 48.37 -19.11 -23.75
N ASP F 42 48.66 -17.81 -23.94
CA ASP F 42 49.69 -17.12 -23.21
C ASP F 42 49.11 -16.57 -21.90
N LEU F 43 47.81 -16.22 -21.91
CA LEU F 43 47.02 -15.92 -20.74
C LEU F 43 46.85 -17.14 -19.84
N GLN F 44 46.69 -18.35 -20.44
CA GLN F 44 46.61 -19.59 -19.70
C GLN F 44 47.91 -19.92 -18.97
N ASP F 45 49.07 -19.66 -19.61
CA ASP F 45 50.36 -19.79 -18.97
C ASP F 45 50.58 -18.75 -17.86
N LEU F 46 50.14 -17.50 -18.08
CA LEU F 46 50.20 -16.44 -17.08
C LEU F 46 49.37 -16.78 -15.83
N LEU F 47 48.13 -17.27 -16.03
CA LEU F 47 47.26 -17.75 -14.96
C LEU F 47 47.88 -18.87 -14.15
N GLN F 48 48.40 -19.91 -14.83
CA GLN F 48 49.05 -21.04 -14.19
C GLN F 48 50.34 -20.71 -13.47
N TYR F 49 51.18 -19.82 -14.03
CA TYR F 49 52.42 -19.40 -13.39
C TYR F 49 52.16 -18.60 -12.11
N LEU F 50 51.19 -17.67 -12.15
CA LEU F 50 50.87 -16.85 -10.98
C LEU F 50 49.95 -17.47 -9.94
N CYS F 51 48.97 -18.31 -10.36
CA CYS F 51 47.94 -18.82 -9.47
C CYS F 51 47.98 -20.33 -9.28
N SER F 52 47.36 -20.80 -8.19
CA SER F 52 47.19 -22.21 -7.89
C SER F 52 46.14 -22.87 -8.78
N SER F 53 46.10 -24.21 -8.83
CA SER F 53 45.13 -24.97 -9.62
C SER F 53 43.68 -24.75 -9.18
N LEU F 54 43.47 -24.55 -7.86
CA LEU F 54 42.20 -24.19 -7.25
C LEU F 54 41.74 -22.80 -7.68
N VAL F 55 42.65 -21.80 -7.60
CA VAL F 55 42.39 -20.44 -8.05
C VAL F 55 42.17 -20.37 -9.54
N ALA F 56 42.95 -21.11 -10.35
CA ALA F 56 42.74 -21.25 -11.78
C ALA F 56 41.37 -21.83 -12.13
N SER F 57 40.89 -22.85 -11.38
CA SER F 57 39.52 -23.36 -11.52
C SER F 57 38.46 -22.34 -11.15
N LEU F 58 38.62 -21.61 -10.02
CA LEU F 58 37.71 -20.56 -9.60
C LEU F 58 37.67 -19.39 -10.57
N HIS F 59 38.85 -18.99 -11.11
CA HIS F 59 38.97 -18.03 -12.19
C HIS F 59 38.24 -18.49 -13.44
N HIS F 60 38.44 -19.77 -13.83
CA HIS F 60 37.73 -20.36 -14.96
C HIS F 60 36.22 -20.33 -14.81
N GLN F 61 35.68 -20.71 -13.63
CA GLN F 61 34.25 -20.65 -13.35
C GLN F 61 33.66 -19.25 -13.42
N GLN F 62 34.36 -18.27 -12.81
CA GLN F 62 33.96 -16.88 -12.84
C GLN F 62 34.04 -16.27 -14.24
N LEU F 63 35.13 -16.59 -14.97
CA LEU F 63 35.36 -16.17 -16.33
C LEU F 63 34.34 -16.76 -17.28
N ASP F 64 34.00 -18.06 -17.10
CA ASP F 64 32.98 -18.74 -17.86
C ASP F 64 31.62 -18.09 -17.71
N SER F 65 31.26 -17.66 -16.47
CA SER F 65 30.05 -16.86 -16.20
C SER F 65 30.04 -15.53 -16.93
N LEU F 66 31.17 -14.77 -16.89
CA LEU F 66 31.30 -13.50 -17.61
C LEU F 66 31.25 -13.65 -19.13
N ILE F 67 31.88 -14.72 -19.67
CA ILE F 67 31.82 -15.11 -21.07
C ILE F 67 30.41 -15.49 -21.47
N SER F 68 29.72 -16.30 -20.62
CA SER F 68 28.34 -16.73 -20.81
C SER F 68 27.38 -15.56 -20.89
N GLU F 69 27.52 -14.57 -19.98
CA GLU F 69 26.76 -13.34 -20.10
C GLU F 69 27.07 -12.56 -21.36
N ALA F 70 28.35 -12.35 -21.72
CA ALA F 70 28.69 -11.65 -22.94
C ALA F 70 28.21 -12.34 -24.23
N GLU F 71 28.35 -13.68 -24.28
CA GLU F 71 27.94 -14.57 -25.35
C GLU F 71 26.43 -14.59 -25.54
N THR F 72 25.66 -14.64 -24.43
CA THR F 72 24.19 -14.51 -24.49
C THR F 72 23.73 -13.11 -24.81
N ARG F 73 24.43 -12.06 -24.33
CA ARG F 73 24.17 -10.67 -24.67
C ARG F 73 24.37 -10.32 -26.13
N GLY F 74 25.37 -10.95 -26.80
CA GLY F 74 25.65 -10.72 -28.21
C GLY F 74 26.45 -9.46 -28.43
N ILE F 75 27.27 -9.08 -27.42
CA ILE F 75 28.05 -7.86 -27.41
C ILE F 75 29.52 -8.13 -27.67
N THR F 76 29.89 -9.42 -27.72
CA THR F 76 31.26 -9.93 -27.85
C THR F 76 32.00 -9.52 -29.10
N GLY F 77 31.32 -9.52 -30.27
CA GLY F 77 31.91 -9.23 -31.56
C GLY F 77 32.50 -10.44 -32.24
N TYR F 78 32.26 -11.64 -31.68
CA TYR F 78 32.78 -12.89 -32.20
C TYR F 78 31.75 -13.56 -33.10
N ASN F 79 32.15 -13.96 -34.33
CA ASN F 79 31.33 -14.79 -35.21
C ASN F 79 31.04 -16.17 -34.57
N PRO F 80 29.80 -16.60 -34.33
CA PRO F 80 29.52 -17.82 -33.57
C PRO F 80 29.80 -19.09 -34.34
N LEU F 81 30.09 -19.02 -35.66
CA LEU F 81 30.42 -20.17 -36.48
C LEU F 81 31.90 -20.14 -36.83
N ALA F 82 32.71 -19.41 -36.05
CA ALA F 82 34.15 -19.32 -36.24
C ALA F 82 34.89 -19.94 -35.06
N GLY F 83 34.19 -20.75 -34.25
CA GLY F 83 34.74 -21.46 -33.11
C GLY F 83 34.77 -20.69 -31.80
N PRO F 84 35.05 -21.35 -30.69
CA PRO F 84 35.10 -20.78 -29.34
C PRO F 84 35.88 -19.49 -29.16
N LEU F 85 35.50 -18.64 -28.17
CA LEU F 85 36.23 -17.42 -27.83
C LEU F 85 37.68 -17.72 -27.46
N ARG F 86 37.86 -18.86 -26.77
CA ARG F 86 39.12 -19.40 -26.32
C ARG F 86 40.05 -19.87 -27.44
N VAL F 87 39.52 -20.00 -28.67
CA VAL F 87 40.28 -20.35 -29.86
C VAL F 87 40.43 -19.14 -30.76
N GLN F 88 39.36 -18.33 -30.94
CA GLN F 88 39.42 -17.10 -31.72
C GLN F 88 40.39 -16.06 -31.16
N ALA F 89 40.58 -16.04 -29.83
CA ALA F 89 41.54 -15.20 -29.14
C ALA F 89 42.99 -15.70 -29.29
N ASN F 90 43.22 -16.77 -30.09
CA ASN F 90 44.54 -17.17 -30.55
C ASN F 90 44.74 -16.87 -32.03
N ASN F 91 43.71 -16.40 -32.77
CA ASN F 91 43.81 -16.05 -34.18
C ASN F 91 44.76 -14.86 -34.41
N PRO F 92 45.62 -14.82 -35.42
CA PRO F 92 46.65 -13.79 -35.54
C PRO F 92 46.14 -12.41 -35.89
N GLN F 93 45.06 -12.24 -36.67
CA GLN F 93 44.63 -10.93 -37.15
C GLN F 93 43.47 -10.37 -36.33
N GLN F 94 42.96 -11.12 -35.34
CA GLN F 94 41.77 -10.77 -34.59
C GLN F 94 42.07 -9.95 -33.33
N GLN F 95 42.79 -8.82 -33.47
CA GLN F 95 43.29 -8.03 -32.35
C GLN F 95 42.22 -7.49 -31.42
N GLY F 96 41.06 -7.03 -31.95
CA GLY F 96 39.99 -6.48 -31.12
C GLY F 96 39.29 -7.52 -30.28
N LEU F 97 39.35 -8.80 -30.74
CA LEU F 97 38.70 -9.88 -30.05
C LEU F 97 39.63 -10.47 -29.00
N ARG F 98 40.96 -10.40 -29.25
CA ARG F 98 41.98 -10.70 -28.26
C ARG F 98 41.91 -9.72 -27.09
N ARG F 99 41.73 -8.42 -27.39
CA ARG F 99 41.60 -7.34 -26.43
C ARG F 99 40.33 -7.52 -25.59
N GLU F 100 39.21 -7.96 -26.22
CA GLU F 100 37.98 -8.26 -25.51
C GLU F 100 38.13 -9.44 -24.53
N TYR F 101 38.83 -10.52 -24.96
CA TYR F 101 39.14 -11.68 -24.13
C TYR F 101 40.01 -11.31 -22.93
N GLN F 102 41.04 -10.46 -23.16
CA GLN F 102 41.90 -9.93 -22.12
C GLN F 102 41.15 -9.16 -21.05
N GLN F 103 40.18 -8.31 -21.46
CA GLN F 103 39.36 -7.60 -20.51
C GLN F 103 38.42 -8.49 -19.69
N LEU F 104 37.82 -9.54 -20.31
CA LEU F 104 37.04 -10.52 -19.53
C LEU F 104 37.91 -11.32 -18.55
N TRP F 105 39.11 -11.72 -19.02
CA TRP F 105 40.11 -12.45 -18.26
C TRP F 105 40.58 -11.68 -17.03
N LEU F 106 40.88 -10.37 -17.20
CA LEU F 106 41.21 -9.46 -16.10
C LEU F 106 40.03 -9.25 -15.16
N ALA F 107 38.81 -9.06 -15.72
CA ALA F 107 37.60 -8.83 -14.94
C ALA F 107 37.25 -9.96 -13.99
N ALA F 108 37.46 -11.22 -14.39
CA ALA F 108 37.16 -12.39 -13.57
C ALA F 108 37.86 -12.44 -12.19
N PHE F 109 39.11 -11.91 -12.09
CA PHE F 109 39.86 -11.94 -10.85
C PHE F 109 39.28 -11.03 -9.79
N ALA F 110 38.54 -9.98 -10.19
CA ALA F 110 37.98 -9.00 -9.29
C ALA F 110 36.87 -9.55 -8.41
N ALA F 111 36.27 -10.71 -8.77
CA ALA F 111 35.28 -11.31 -7.90
C ALA F 111 35.89 -12.21 -6.84
N LEU F 112 37.16 -12.65 -7.01
CA LEU F 112 37.78 -13.62 -6.11
C LEU F 112 37.93 -13.18 -4.64
N PRO F 113 38.33 -11.95 -4.26
CA PRO F 113 38.40 -11.57 -2.85
C PRO F 113 37.06 -11.40 -2.18
N GLY F 114 35.97 -11.24 -2.98
CA GLY F 114 34.60 -11.10 -2.48
C GLY F 114 33.97 -12.44 -2.27
N SER F 115 34.27 -13.36 -3.20
CA SER F 115 33.81 -14.73 -3.20
C SER F 115 34.44 -15.56 -2.09
N ALA F 116 35.69 -15.24 -1.71
CA ALA F 116 36.43 -15.86 -0.63
C ALA F 116 35.74 -15.72 0.73
N LYS F 117 35.21 -16.82 1.29
CA LYS F 117 34.42 -16.78 2.51
C LYS F 117 35.19 -16.59 3.82
N ASP F 118 36.48 -16.94 3.87
CA ASP F 118 37.30 -16.75 5.05
C ASP F 118 38.70 -16.25 4.67
N PRO F 119 38.85 -15.04 4.11
CA PRO F 119 40.15 -14.47 3.79
C PRO F 119 41.05 -14.29 5.00
N SER F 120 42.39 -14.27 4.82
CA SER F 120 43.34 -14.27 5.92
C SER F 120 43.28 -13.05 6.83
N TRP F 121 42.99 -11.85 6.28
CA TRP F 121 43.00 -10.61 7.03
C TRP F 121 41.94 -10.56 8.13
N ALA F 122 40.86 -11.36 8.01
CA ALA F 122 39.79 -11.37 8.96
C ALA F 122 40.14 -12.16 10.23
N SER F 123 41.25 -12.94 10.17
CA SER F 123 41.75 -13.73 11.28
C SER F 123 43.06 -13.20 11.81
N ILE F 124 43.49 -11.98 11.40
CA ILE F 124 44.69 -11.34 11.93
C ILE F 124 44.39 -10.69 13.26
N LEU F 125 45.06 -11.14 14.34
CA LEU F 125 44.85 -10.71 15.70
C LEU F 125 46.12 -10.08 16.27
N GLN F 126 46.00 -9.08 17.15
CA GLN F 126 47.15 -8.47 17.83
C GLN F 126 47.95 -9.44 18.70
N GLY F 127 49.29 -9.41 18.62
CA GLY F 127 50.15 -10.23 19.47
C GLY F 127 50.24 -9.72 20.89
N LEU F 128 50.62 -10.58 21.85
CA LEU F 128 50.64 -10.21 23.27
C LEU F 128 51.81 -9.29 23.61
N GLU F 129 52.86 -9.28 22.78
CA GLU F 129 54.01 -8.39 22.91
C GLU F 129 54.03 -7.37 21.77
N GLU F 130 52.89 -7.19 21.05
CA GLU F 130 52.82 -6.33 19.88
C GLU F 130 52.16 -4.98 20.16
N PRO F 131 52.79 -3.82 19.90
CA PRO F 131 52.19 -2.51 20.14
C PRO F 131 50.89 -2.29 19.36
N TYR F 132 49.90 -1.57 19.91
CA TYR F 132 48.62 -1.33 19.28
C TYR F 132 48.73 -0.65 17.90
N HIS F 133 49.63 0.34 17.78
CA HIS F 133 50.01 1.01 16.56
C HIS F 133 50.50 0.06 15.48
N ALA F 134 51.46 -0.83 15.85
CA ALA F 134 52.03 -1.83 14.97
C ALA F 134 50.98 -2.80 14.44
N PHE F 135 50.03 -3.20 15.30
CA PHE F 135 48.86 -3.98 14.94
C PHE F 135 47.95 -3.30 13.91
N VAL F 136 47.61 -2.02 14.11
CA VAL F 136 46.83 -1.26 13.13
C VAL F 136 47.52 -1.12 11.77
N GLU F 137 48.85 -0.90 11.74
CA GLU F 137 49.66 -0.97 10.53
C GLU F 137 49.64 -2.33 9.85
N ARG F 138 49.74 -3.44 10.63
CA ARG F 138 49.62 -4.81 10.16
C ARG F 138 48.28 -5.08 9.50
N LEU F 139 47.17 -4.61 10.13
CA LEU F 139 45.83 -4.65 9.56
C LEU F 139 45.71 -3.84 8.28
N ASN F 140 46.23 -2.59 8.26
CA ASN F 140 46.23 -1.72 7.09
C ASN F 140 46.86 -2.40 5.86
N ILE F 141 48.03 -3.05 6.04
CA ILE F 141 48.70 -3.85 5.02
C ILE F 141 47.86 -5.06 4.60
N ALA F 142 47.34 -5.83 5.58
CA ALA F 142 46.52 -6.99 5.33
C ALA F 142 45.23 -6.70 4.56
N LEU F 143 44.58 -5.55 4.83
CA LEU F 143 43.46 -5.05 4.05
C LEU F 143 43.88 -4.61 2.66
N ASP F 144 45.00 -3.86 2.53
CA ASP F 144 45.49 -3.38 1.25
C ASP F 144 45.81 -4.50 0.28
N ASN F 145 46.34 -5.64 0.76
CA ASN F 145 46.68 -6.76 -0.10
C ASN F 145 45.57 -7.81 -0.16
N GLY F 146 44.38 -7.58 0.45
CA GLY F 146 43.30 -8.57 0.45
C GLY F 146 41.91 -8.09 0.14
N LEU F 147 41.66 -6.77 0.17
CA LEU F 147 40.40 -6.23 -0.31
C LEU F 147 40.52 -5.92 -1.80
N PRO F 148 39.54 -6.24 -2.67
CA PRO F 148 39.53 -5.74 -4.04
C PRO F 148 39.49 -4.22 -4.11
N GLU F 149 39.98 -3.59 -5.18
CA GLU F 149 40.03 -2.14 -5.33
C GLU F 149 38.64 -1.50 -5.29
N GLY F 150 38.54 -0.31 -4.66
CA GLY F 150 37.26 0.41 -4.51
C GLY F 150 36.42 -0.08 -3.37
N THR F 151 37.06 -0.71 -2.36
CA THR F 151 36.39 -1.20 -1.17
C THR F 151 36.58 -0.17 -0.06
N PRO F 152 35.64 0.11 0.84
CA PRO F 152 35.86 1.14 1.86
C PRO F 152 36.61 0.58 3.08
N LYS F 153 37.94 0.53 2.99
CA LYS F 153 38.82 0.05 4.04
C LYS F 153 38.85 0.88 5.33
N ASP F 154 38.47 2.19 5.29
CA ASP F 154 38.43 3.06 6.45
C ASP F 154 37.44 2.66 7.56
N PRO F 155 36.15 2.36 7.33
CA PRO F 155 35.28 1.86 8.39
C PRO F 155 35.61 0.43 8.76
N ILE F 156 36.15 -0.37 7.82
CA ILE F 156 36.58 -1.73 8.08
C ILE F 156 37.75 -1.75 9.07
N LEU F 157 38.74 -0.85 8.85
CA LEU F 157 39.91 -0.76 9.72
C LEU F 157 39.57 -0.25 11.12
N ARG F 158 38.70 0.78 11.29
CA ARG F 158 38.28 1.16 12.64
C ARG F 158 37.48 0.09 13.38
N SER F 159 36.73 -0.76 12.64
CA SER F 159 36.06 -1.92 13.24
C SER F 159 37.05 -3.00 13.65
N LEU F 160 37.97 -3.41 12.75
CA LEU F 160 38.97 -4.44 13.02
C LEU F 160 39.96 -4.05 14.11
N ALA F 161 40.30 -2.74 14.18
CA ALA F 161 41.18 -2.15 15.18
C ALA F 161 40.65 -2.34 16.61
N TYR F 162 39.33 -2.52 16.77
CA TYR F 162 38.74 -2.87 18.03
C TYR F 162 38.56 -4.39 18.13
N SER F 163 37.86 -5.03 17.16
CA SER F 163 37.45 -6.45 17.28
C SER F 163 38.58 -7.45 17.31
N ASN F 164 39.71 -7.16 16.65
CA ASN F 164 40.83 -8.10 16.60
C ASN F 164 42.01 -7.65 17.46
N ALA F 165 41.78 -6.77 18.44
CA ALA F 165 42.83 -6.30 19.33
C ALA F 165 43.08 -7.20 20.53
N ASN F 166 44.20 -6.97 21.23
CA ASN F 166 44.55 -7.61 22.49
C ASN F 166 43.53 -7.19 23.55
N LYS F 167 43.04 -8.14 24.37
CA LYS F 167 42.00 -7.92 25.37
C LYS F 167 42.24 -6.72 26.28
N GLU F 168 43.51 -6.48 26.68
CA GLU F 168 43.89 -5.35 27.51
C GLU F 168 43.68 -4.01 26.83
N CYS F 169 43.93 -3.94 25.50
CA CYS F 169 43.63 -2.77 24.71
C CYS F 169 42.13 -2.63 24.49
N GLN F 170 41.39 -3.74 24.34
CA GLN F 170 39.94 -3.68 24.21
C GLN F 170 39.22 -3.17 25.45
N LYS F 171 39.68 -3.59 26.65
CA LYS F 171 39.14 -3.12 27.91
C LYS F 171 39.37 -1.62 28.11
N LEU F 172 40.58 -1.16 27.71
CA LEU F 172 40.99 0.25 27.66
C LEU F 172 40.14 1.06 26.70
N LEU F 173 39.86 0.52 25.50
CA LEU F 173 39.01 1.10 24.47
C LEU F 173 37.57 1.21 24.93
N GLN F 174 37.05 0.19 25.64
CA GLN F 174 35.70 0.26 26.22
C GLN F 174 35.64 1.32 27.32
N ALA F 175 36.65 1.36 28.21
CA ALA F 175 36.75 2.33 29.30
C ALA F 175 36.79 3.77 28.82
N ARG F 176 37.49 4.04 27.70
CA ARG F 176 37.61 5.35 27.09
C ARG F 176 36.44 5.68 26.16
N GLY F 177 35.52 4.72 25.94
CA GLY F 177 34.34 4.89 25.10
C GLY F 177 34.59 4.84 23.61
N HIS F 178 35.69 4.21 23.22
CA HIS F 178 36.16 4.14 21.85
C HIS F 178 35.97 2.75 21.29
N THR F 179 34.71 2.32 21.11
CA THR F 179 34.35 0.99 20.65
C THR F 179 34.13 1.00 19.15
N ASN F 180 34.11 2.21 18.54
CA ASN F 180 34.10 2.44 17.12
C ASN F 180 34.22 3.96 16.98
N SER F 181 35.47 4.45 16.95
CA SER F 181 35.82 5.87 16.92
C SER F 181 36.93 6.09 15.90
N PRO F 182 37.18 7.31 15.40
CA PRO F 182 38.35 7.67 14.59
C PRO F 182 39.69 7.10 15.03
N LEU F 183 40.51 6.59 14.08
CA LEU F 183 41.73 5.85 14.36
C LEU F 183 42.76 6.58 15.22
N GLY F 184 42.88 7.92 15.08
CA GLY F 184 43.73 8.74 15.92
C GLY F 184 43.39 8.72 17.38
N ASP F 185 42.07 8.68 17.71
CA ASP F 185 41.59 8.61 19.08
C ASP F 185 41.75 7.20 19.63
N MET F 186 41.58 6.14 18.79
CA MET F 186 41.84 4.76 19.19
C MET F 186 43.29 4.56 19.63
N LEU F 187 44.24 5.12 18.84
CA LEU F 187 45.65 5.10 19.16
C LEU F 187 46.03 6.00 20.33
N ARG F 188 45.48 7.24 20.44
CA ARG F 188 45.70 8.10 21.60
C ARG F 188 45.30 7.49 22.94
N ALA F 189 44.19 6.72 22.95
CA ALA F 189 43.81 5.91 24.08
C ALA F 189 44.83 4.79 24.37
N CYS F 190 45.19 4.00 23.35
CA CYS F 190 46.02 2.82 23.57
C CYS F 190 47.51 3.12 23.63
N GLN F 191 47.89 4.40 23.48
CA GLN F 191 49.22 4.94 23.71
C GLN F 191 49.65 4.75 25.17
N THR F 192 48.64 4.77 26.08
CA THR F 192 48.81 4.48 27.50
C THR F 192 49.22 3.04 27.75
N TRP F 193 48.62 2.06 27.05
CA TRP F 193 49.00 0.65 27.12
C TRP F 193 50.35 0.36 26.49
N THR F 194 51.13 -0.54 27.08
CA THR F 194 52.41 -0.99 26.55
C THR F 194 52.48 -2.49 26.69
N PRO F 195 53.28 -3.23 25.94
CA PRO F 195 53.41 -4.67 26.13
C PRO F 195 54.15 -5.02 27.41
N ARG G 1 59.15 -7.58 -28.12
CA ARG G 1 59.98 -7.60 -26.95
C ARG G 1 59.49 -6.52 -25.98
N PRO G 2 59.12 -6.80 -24.74
CA PRO G 2 58.49 -5.78 -23.91
C PRO G 2 59.53 -5.03 -23.09
N TRP G 3 60.35 -4.18 -23.73
CA TRP G 3 61.40 -3.45 -23.04
C TRP G 3 60.89 -2.47 -21.98
N GLN G 4 59.73 -1.83 -22.21
CA GLN G 4 59.09 -0.98 -21.22
C GLN G 4 58.68 -1.69 -19.94
N MET G 5 58.35 -3.00 -20.00
CA MET G 5 57.92 -3.76 -18.84
C MET G 5 59.01 -3.88 -17.78
N LYS G 6 60.27 -4.15 -18.18
CA LYS G 6 61.34 -4.24 -17.23
C LYS G 6 61.71 -2.88 -16.66
N ASP G 7 61.63 -1.82 -17.49
CA ASP G 7 61.91 -0.48 -17.01
C ASP G 7 60.81 0.08 -16.09
N LEU G 8 59.52 -0.21 -16.36
CA LEU G 8 58.39 0.16 -15.53
C LEU G 8 58.39 -0.51 -14.15
N GLN G 9 58.77 -1.81 -14.10
CA GLN G 9 58.94 -2.51 -12.83
C GLN G 9 60.05 -1.92 -11.97
N ALA G 10 61.18 -1.57 -12.62
CA ALA G 10 62.30 -0.90 -12.00
C ALA G 10 61.93 0.49 -11.47
N ILE G 11 61.10 1.26 -12.22
CA ILE G 11 60.56 2.54 -11.77
C ILE G 11 59.69 2.42 -10.53
N LYS G 12 58.76 1.44 -10.51
CA LYS G 12 57.90 1.22 -9.35
C LYS G 12 58.62 0.81 -8.08
N GLN G 13 59.70 0.01 -8.23
CA GLN G 13 60.62 -0.30 -7.14
C GLN G 13 61.39 0.92 -6.64
N GLU G 14 61.89 1.77 -7.55
CA GLU G 14 62.63 2.99 -7.22
C GLU G 14 61.80 4.01 -6.45
N VAL G 15 60.48 4.11 -6.73
CA VAL G 15 59.60 5.04 -6.05
C VAL G 15 58.76 4.37 -4.97
N SER G 16 59.12 3.14 -4.51
CA SER G 16 58.28 2.34 -3.60
C SER G 16 57.89 2.97 -2.27
N GLN G 17 58.80 3.68 -1.59
CA GLN G 17 58.52 4.36 -0.33
C GLN G 17 58.28 5.85 -0.55
N ALA G 18 58.47 6.35 -1.78
CA ALA G 18 58.23 7.73 -2.15
C ALA G 18 56.75 7.97 -2.42
N ALA G 19 56.14 9.02 -1.82
CA ALA G 19 54.72 9.29 -2.02
C ALA G 19 54.48 10.06 -3.34
N PRO G 20 53.34 9.93 -4.01
CA PRO G 20 53.03 10.70 -5.22
C PRO G 20 53.20 12.21 -5.10
N GLY G 21 54.13 12.78 -5.90
CA GLY G 21 54.45 14.21 -5.92
C GLY G 21 55.71 14.57 -5.17
N SER G 22 56.28 13.63 -4.38
CA SER G 22 57.53 13.81 -3.66
C SER G 22 58.75 13.96 -4.57
N PRO G 23 59.85 14.63 -4.19
CA PRO G 23 61.00 14.86 -5.06
C PRO G 23 61.60 13.61 -5.70
N GLN G 24 61.66 12.48 -4.99
CA GLN G 24 62.29 11.26 -5.48
C GLN G 24 61.37 10.59 -6.49
N PHE G 25 60.04 10.64 -6.24
CA PHE G 25 59.01 10.20 -7.15
C PHE G 25 59.08 10.99 -8.46
N MET G 26 59.19 12.33 -8.34
CA MET G 26 59.29 13.22 -9.47
C MET G 26 60.58 13.07 -10.26
N GLN G 27 61.73 12.82 -9.60
CA GLN G 27 62.98 12.54 -10.29
C GLN G 27 62.91 11.30 -11.18
N THR G 28 62.29 10.22 -10.66
CA THR G 28 62.14 8.98 -11.40
C THR G 28 61.18 9.11 -12.57
N ILE G 29 60.00 9.76 -12.40
CA ILE G 29 59.09 9.90 -13.53
C ILE G 29 59.46 11.01 -14.51
N ARG G 30 60.13 12.10 -14.06
CA ARG G 30 60.64 13.14 -14.96
C ARG G 30 61.72 12.57 -15.87
N LEU G 31 62.64 11.77 -15.30
CA LEU G 31 63.65 11.07 -16.07
C LEU G 31 63.04 10.07 -17.03
N ALA G 32 62.06 9.25 -16.57
CA ALA G 32 61.35 8.31 -17.42
C ALA G 32 60.66 8.98 -18.61
N VAL G 33 60.02 10.14 -18.38
CA VAL G 33 59.40 10.93 -19.45
C VAL G 33 60.44 11.44 -20.46
N GLN G 34 61.59 11.96 -19.98
CA GLN G 34 62.68 12.39 -20.83
C GLN G 34 63.35 11.25 -21.60
N GLN G 35 63.51 10.07 -20.97
CA GLN G 35 64.10 8.91 -21.62
C GLN G 35 63.25 8.21 -22.67
N PHE G 36 61.93 8.06 -22.43
CA PHE G 36 61.06 7.29 -23.30
C PHE G 36 60.20 8.08 -24.28
N ASP G 37 60.01 9.39 -24.02
CA ASP G 37 59.07 10.23 -24.75
C ASP G 37 57.63 9.65 -24.87
N PRO G 38 57.02 9.20 -23.77
CA PRO G 38 55.76 8.44 -23.76
C PRO G 38 54.56 9.15 -24.38
N THR G 39 53.62 8.38 -24.95
CA THR G 39 52.36 8.89 -25.48
C THR G 39 51.33 8.98 -24.37
N ALA G 40 50.15 9.59 -24.64
CA ALA G 40 49.10 9.73 -23.65
C ALA G 40 48.62 8.39 -23.05
N LYS G 41 48.54 7.31 -23.87
CA LYS G 41 48.15 5.99 -23.39
C LYS G 41 49.23 5.35 -22.54
N ASP G 42 50.51 5.77 -22.69
CA ASP G 42 51.62 5.19 -21.94
C ASP G 42 51.76 5.87 -20.59
N LEU G 43 51.41 7.17 -20.55
CA LEU G 43 51.28 7.95 -19.33
C LEU G 43 50.13 7.42 -18.48
N GLN G 44 49.02 7.00 -19.12
CA GLN G 44 47.90 6.35 -18.45
C GLN G 44 48.29 5.03 -17.81
N ASP G 45 49.13 4.20 -18.51
CA ASP G 45 49.66 2.98 -17.95
C ASP G 45 50.62 3.23 -16.79
N LEU G 46 51.49 4.26 -16.89
CA LEU G 46 52.40 4.64 -15.83
C LEU G 46 51.68 5.12 -14.57
N LEU G 47 50.64 5.98 -14.74
CA LEU G 47 49.79 6.44 -13.66
C LEU G 47 49.08 5.31 -12.94
N GLN G 48 48.45 4.41 -13.71
CA GLN G 48 47.77 3.25 -13.17
C GLN G 48 48.66 2.22 -12.50
N TYR G 49 49.89 1.97 -13.03
CA TYR G 49 50.81 1.06 -12.38
C TYR G 49 51.32 1.61 -11.03
N LEU G 50 51.65 2.91 -10.96
CA LEU G 50 52.15 3.53 -9.74
C LEU G 50 51.10 3.96 -8.71
N CYS G 51 49.91 4.39 -9.15
CA CYS G 51 48.90 5.00 -8.28
C CYS G 51 47.61 4.21 -8.22
N SER G 52 46.95 4.23 -7.04
CA SER G 52 45.63 3.64 -6.86
C SER G 52 44.54 4.43 -7.59
N SER G 53 43.31 3.87 -7.67
CA SER G 53 42.20 4.48 -8.40
C SER G 53 41.78 5.84 -7.87
N LEU G 54 41.84 6.04 -6.55
CA LEU G 54 41.59 7.32 -5.92
C LEU G 54 42.62 8.38 -6.30
N VAL G 55 43.92 8.05 -6.19
CA VAL G 55 45.01 8.94 -6.58
C VAL G 55 45.02 9.25 -8.07
N ALA G 56 44.77 8.23 -8.93
CA ALA G 56 44.60 8.39 -10.35
C ALA G 56 43.42 9.31 -10.73
N SER G 57 42.27 9.21 -10.01
CA SER G 57 41.14 10.11 -10.16
C SER G 57 41.48 11.55 -9.76
N LEU G 58 42.15 11.73 -8.60
CA LEU G 58 42.61 13.03 -8.15
C LEU G 58 43.64 13.66 -9.07
N HIS G 59 44.59 12.85 -9.62
CA HIS G 59 45.52 13.29 -10.65
C HIS G 59 44.82 13.75 -11.91
N HIS G 60 43.84 12.97 -12.42
CA HIS G 60 43.04 13.36 -13.58
C HIS G 60 42.30 14.68 -13.37
N GLN G 61 41.64 14.87 -12.20
CA GLN G 61 40.98 16.11 -11.86
C GLN G 61 41.90 17.33 -11.79
N GLN G 62 43.09 17.18 -11.16
CA GLN G 62 44.10 18.22 -11.12
C GLN G 62 44.67 18.54 -12.49
N LEU G 63 44.93 17.51 -13.30
CA LEU G 63 45.42 17.60 -14.66
C LEU G 63 44.40 18.26 -15.57
N ASP G 64 43.10 17.93 -15.40
CA ASP G 64 41.98 18.55 -16.10
C ASP G 64 41.92 20.05 -15.82
N SER G 65 42.15 20.48 -14.56
CA SER G 65 42.28 21.91 -14.22
C SER G 65 43.44 22.59 -14.97
N LEU G 66 44.64 21.97 -15.01
CA LEU G 66 45.77 22.51 -15.76
C LEU G 66 45.57 22.56 -17.27
N ILE G 67 44.98 21.49 -17.85
CA ILE G 67 44.58 21.38 -19.25
C ILE G 67 43.53 22.41 -19.61
N SER G 68 42.51 22.56 -18.75
CA SER G 68 41.45 23.54 -18.85
C SER G 68 41.98 24.95 -18.85
N GLU G 69 42.94 25.28 -17.96
CA GLU G 69 43.60 26.57 -18.02
C GLU G 69 44.37 26.80 -19.32
N ALA G 70 45.18 25.83 -19.77
CA ALA G 70 45.90 25.99 -21.02
C ALA G 70 45.00 26.11 -22.25
N GLU G 71 43.93 25.30 -22.30
CA GLU G 71 42.89 25.29 -23.31
C GLU G 71 42.07 26.57 -23.34
N THR G 72 41.67 27.12 -22.17
CA THR G 72 40.98 28.41 -22.09
C THR G 72 41.87 29.59 -22.38
N ARG G 73 43.16 29.54 -22.00
CA ARG G 73 44.13 30.53 -22.39
C ARG G 73 44.41 30.57 -23.89
N GLY G 74 44.40 29.41 -24.58
CA GLY G 74 44.59 29.31 -26.03
C GLY G 74 46.06 29.22 -26.36
N ILE G 75 46.84 28.59 -25.45
CA ILE G 75 48.29 28.56 -25.46
C ILE G 75 48.82 27.15 -25.66
N THR G 76 47.97 26.18 -26.07
CA THR G 76 48.41 24.78 -26.15
C THR G 76 49.16 24.46 -27.43
N GLY G 77 48.72 25.03 -28.57
CA GLY G 77 49.28 24.77 -29.90
C GLY G 77 48.56 23.67 -30.64
N TYR G 78 47.45 23.17 -30.05
CA TYR G 78 46.65 22.11 -30.63
C TYR G 78 45.56 22.70 -31.49
N ASN G 79 45.35 22.20 -32.73
CA ASN G 79 44.22 22.57 -33.56
C ASN G 79 42.90 22.12 -32.89
N PRO G 80 41.95 22.99 -32.53
CA PRO G 80 40.77 22.58 -31.77
C PRO G 80 39.75 21.87 -32.65
N LEU G 81 40.00 21.73 -33.96
CA LEU G 81 39.16 21.01 -34.90
C LEU G 81 39.81 19.66 -35.25
N ALA G 82 40.89 19.29 -34.54
CA ALA G 82 41.62 18.04 -34.74
C ALA G 82 41.45 17.09 -33.55
N GLY G 83 40.37 17.26 -32.78
CA GLY G 83 40.02 16.42 -31.63
C GLY G 83 40.66 16.79 -30.30
N PRO G 84 40.30 16.10 -29.23
CA PRO G 84 40.81 16.33 -27.87
C PRO G 84 42.32 16.23 -27.69
N LEU G 85 42.91 16.91 -26.67
CA LEU G 85 44.32 16.80 -26.34
C LEU G 85 44.72 15.37 -26.03
N ARG G 86 43.81 14.65 -25.35
CA ARG G 86 43.94 13.26 -24.94
C ARG G 86 43.95 12.26 -26.09
N VAL G 87 43.59 12.70 -27.31
CA VAL G 87 43.65 11.89 -28.52
C VAL G 87 44.79 12.37 -29.40
N GLN G 88 44.99 13.70 -29.53
CA GLN G 88 46.10 14.26 -30.31
C GLN G 88 47.48 13.88 -29.78
N ALA G 89 47.60 13.68 -28.46
CA ALA G 89 48.82 13.23 -27.80
C ALA G 89 49.12 11.73 -28.01
N ASN G 90 48.31 11.03 -28.84
CA ASN G 90 48.62 9.70 -29.36
C ASN G 90 48.89 9.71 -30.87
N ASN G 91 48.87 10.88 -31.53
CA ASN G 91 49.16 10.97 -32.97
C ASN G 91 50.68 10.81 -33.22
N PRO G 92 51.20 10.13 -34.24
CA PRO G 92 52.64 9.79 -34.30
C PRO G 92 53.59 10.94 -34.55
N GLN G 93 53.19 11.96 -35.33
CA GLN G 93 54.09 13.00 -35.80
C GLN G 93 53.89 14.32 -35.07
N GLN G 94 52.96 14.37 -34.09
CA GLN G 94 52.57 15.58 -33.39
C GLN G 94 53.41 15.81 -32.14
N GLN G 95 54.75 15.78 -32.27
CA GLN G 95 55.68 15.73 -31.15
C GLN G 95 55.63 16.88 -30.15
N GLY G 96 55.44 18.14 -30.59
CA GLY G 96 55.41 19.28 -29.67
C GLY G 96 54.20 19.28 -28.78
N LEU G 97 53.13 18.61 -29.22
CA LEU G 97 51.87 18.56 -28.50
C LEU G 97 51.90 17.42 -27.50
N ARG G 98 52.64 16.33 -27.83
CA ARG G 98 52.95 15.25 -26.89
C ARG G 98 53.81 15.74 -25.74
N ARG G 99 54.82 16.58 -26.04
CA ARG G 99 55.70 17.20 -25.07
C ARG G 99 54.96 18.16 -24.15
N GLU G 100 54.00 18.94 -24.70
CA GLU G 100 53.16 19.84 -23.91
C GLU G 100 52.27 19.04 -22.93
N TYR G 101 51.69 17.90 -23.40
CA TYR G 101 50.91 17.00 -22.56
C TYR G 101 51.75 16.38 -21.44
N GLN G 102 52.98 15.95 -21.75
CA GLN G 102 53.93 15.43 -20.77
C GLN G 102 54.27 16.44 -19.67
N GLN G 103 54.50 17.72 -20.03
CA GLN G 103 54.79 18.75 -19.04
C GLN G 103 53.61 19.08 -18.15
N LEU G 104 52.38 19.11 -18.68
CA LEU G 104 51.18 19.27 -17.86
C LEU G 104 50.93 18.07 -16.94
N TRP G 105 51.15 16.85 -17.47
CA TRP G 105 51.02 15.60 -16.74
C TRP G 105 51.96 15.50 -15.56
N LEU G 106 53.25 15.88 -15.76
CA LEU G 106 54.23 15.98 -14.69
C LEU G 106 53.90 17.08 -13.69
N ALA G 107 53.48 18.27 -14.17
CA ALA G 107 53.13 19.40 -13.34
C ALA G 107 51.99 19.13 -12.37
N ALA G 108 50.97 18.35 -12.80
CA ALA G 108 49.82 18.00 -11.97
C ALA G 108 50.14 17.27 -10.66
N PHE G 109 51.20 16.43 -10.60
CA PHE G 109 51.53 15.66 -9.40
C PHE G 109 52.03 16.52 -8.26
N ALA G 110 52.61 17.70 -8.54
CA ALA G 110 53.16 18.57 -7.53
C ALA G 110 52.09 19.21 -6.65
N ALA G 111 50.81 19.22 -7.08
CA ALA G 111 49.76 19.73 -6.24
C ALA G 111 49.19 18.69 -5.27
N LEU G 112 49.43 17.38 -5.52
CA LEU G 112 48.88 16.30 -4.71
C LEU G 112 49.32 16.30 -3.23
N PRO G 113 50.59 16.52 -2.83
CA PRO G 113 50.94 16.57 -1.41
C PRO G 113 50.42 17.80 -0.69
N GLY G 114 50.04 18.87 -1.42
CA GLY G 114 49.50 20.08 -0.85
C GLY G 114 48.02 19.97 -0.66
N SER G 115 47.35 19.31 -1.62
CA SER G 115 45.93 19.07 -1.63
C SER G 115 45.47 18.06 -0.59
N ALA G 116 46.31 17.05 -0.25
CA ALA G 116 46.02 16.07 0.78
C ALA G 116 45.84 16.65 2.19
N LYS G 117 44.71 16.34 2.86
CA LYS G 117 44.38 16.83 4.18
C LYS G 117 45.07 16.12 5.34
N ASP G 118 45.42 14.83 5.19
CA ASP G 118 46.04 14.08 6.27
C ASP G 118 47.12 13.09 5.77
N PRO G 119 48.25 13.58 5.21
CA PRO G 119 49.38 12.75 4.76
C PRO G 119 50.05 11.93 5.86
N SER G 120 50.83 10.91 5.50
CA SER G 120 51.40 9.94 6.44
C SER G 120 52.39 10.51 7.46
N TRP G 121 53.23 11.49 7.06
CA TRP G 121 54.28 12.07 7.91
C TRP G 121 53.73 12.84 9.09
N ALA G 122 52.47 13.28 8.99
CA ALA G 122 51.78 14.10 9.97
C ALA G 122 51.35 13.26 11.18
N SER G 123 51.42 11.91 11.05
CA SER G 123 51.05 10.97 12.11
C SER G 123 52.27 10.27 12.70
N ILE G 124 53.49 10.74 12.40
CA ILE G 124 54.72 10.18 12.98
C ILE G 124 55.01 10.84 14.34
N LEU G 125 55.05 10.05 15.43
CA LEU G 125 55.30 10.51 16.78
C LEU G 125 56.48 9.75 17.36
N GLN G 126 57.21 10.32 18.34
CA GLN G 126 58.31 9.60 19.00
C GLN G 126 57.85 8.43 19.85
N GLY G 127 58.41 7.22 19.62
CA GLY G 127 58.12 6.02 20.40
C GLY G 127 58.61 6.04 21.84
N LEU G 128 58.33 4.95 22.57
CA LEU G 128 58.62 4.87 24.00
C LEU G 128 59.95 4.19 24.27
N GLU G 129 60.53 3.52 23.25
CA GLU G 129 61.84 2.91 23.29
C GLU G 129 62.69 3.49 22.17
N GLU G 130 62.27 4.64 21.60
CA GLU G 130 62.88 5.27 20.45
C GLU G 130 63.74 6.49 20.80
N PRO G 131 65.05 6.49 20.52
CA PRO G 131 65.93 7.62 20.82
C PRO G 131 65.51 8.90 20.11
N TYR G 132 65.71 10.08 20.72
CA TYR G 132 65.32 11.34 20.12
C TYR G 132 65.96 11.61 18.75
N HIS G 133 67.26 11.28 18.60
CA HIS G 133 67.99 11.30 17.34
C HIS G 133 67.34 10.45 16.26
N ALA G 134 67.01 9.18 16.58
CA ALA G 134 66.34 8.23 15.71
C ALA G 134 64.95 8.72 15.26
N PHE G 135 64.19 9.34 16.18
CA PHE G 135 62.93 9.99 15.91
C PHE G 135 63.03 11.15 14.90
N VAL G 136 64.00 12.07 15.11
CA VAL G 136 64.29 13.16 14.20
C VAL G 136 64.71 12.67 12.81
N GLU G 137 65.53 11.60 12.74
CA GLU G 137 65.86 10.93 11.49
C GLU G 137 64.64 10.36 10.77
N ARG G 138 63.73 9.69 11.51
CA ARG G 138 62.47 9.18 11.00
C ARG G 138 61.59 10.30 10.43
N LEU G 139 61.46 11.42 11.16
CA LEU G 139 60.78 12.62 10.66
C LEU G 139 61.42 13.21 9.42
N ASN G 140 62.77 13.37 9.40
CA ASN G 140 63.51 13.88 8.26
C ASN G 140 63.23 13.11 6.97
N ILE G 141 63.27 11.76 7.07
CA ILE G 141 62.95 10.86 5.97
C ILE G 141 61.48 10.95 5.55
N ALA G 142 60.56 10.96 6.53
CA ALA G 142 59.13 11.09 6.30
C ALA G 142 58.76 12.41 5.61
N LEU G 143 59.44 13.52 5.96
CA LEU G 143 59.32 14.78 5.24
C LEU G 143 59.89 14.69 3.84
N ASP G 144 61.07 14.07 3.65
CA ASP G 144 61.71 13.92 2.35
C ASP G 144 60.88 13.14 1.33
N ASN G 145 60.15 12.10 1.76
CA ASN G 145 59.29 11.32 0.89
C ASN G 145 57.86 11.81 0.93
N GLY G 146 57.60 12.95 1.61
CA GLY G 146 56.27 13.50 1.84
C GLY G 146 56.05 14.87 1.26
N LEU G 147 56.82 15.88 1.71
CA LEU G 147 56.75 17.25 1.19
C LEU G 147 57.07 17.36 -0.30
N PRO G 148 56.34 18.11 -1.14
CA PRO G 148 56.77 18.44 -2.49
C PRO G 148 58.01 19.31 -2.52
N GLU G 149 58.78 19.33 -3.63
CA GLU G 149 59.98 20.13 -3.78
C GLU G 149 59.73 21.64 -3.69
N GLY G 150 60.65 22.36 -3.03
CA GLY G 150 60.61 23.80 -2.83
C GLY G 150 59.90 24.21 -1.56
N THR G 151 59.67 23.26 -0.64
CA THR G 151 59.00 23.48 0.64
C THR G 151 60.09 23.69 1.70
N PRO G 152 59.98 24.59 2.67
CA PRO G 152 61.05 24.79 3.64
C PRO G 152 60.93 23.81 4.80
N LYS G 153 61.58 22.64 4.66
CA LYS G 153 61.57 21.57 5.64
C LYS G 153 62.24 21.89 6.98
N ASP G 154 63.17 22.86 7.04
CA ASP G 154 63.86 23.24 8.26
C ASP G 154 62.99 23.81 9.38
N PRO G 155 62.07 24.79 9.22
CA PRO G 155 61.20 25.24 10.31
C PRO G 155 60.14 24.22 10.61
N ILE G 156 59.74 23.40 9.61
CA ILE G 156 58.78 22.32 9.81
C ILE G 156 59.38 21.25 10.71
N LEU G 157 60.64 20.85 10.46
CA LEU G 157 61.29 19.83 11.26
C LEU G 157 61.60 20.27 12.69
N ARG G 158 62.09 21.51 12.94
CA ARG G 158 62.24 21.98 14.33
C ARG G 158 60.92 22.12 15.09
N SER G 159 59.81 22.40 14.38
CA SER G 159 58.47 22.40 14.97
C SER G 159 58.02 20.98 15.30
N LEU G 160 58.13 20.03 14.34
CA LEU G 160 57.74 18.64 14.56
C LEU G 160 58.59 17.95 15.63
N ALA G 161 59.89 18.30 15.71
CA ALA G 161 60.84 17.81 16.70
C ALA G 161 60.46 18.11 18.16
N TYR G 162 59.66 19.16 18.41
CA TYR G 162 59.10 19.42 19.73
C TYR G 162 57.71 18.82 19.83
N SER G 163 56.83 19.21 18.88
CA SER G 163 55.40 18.92 18.91
C SER G 163 55.01 17.46 18.81
N ASN G 164 55.82 16.62 18.14
CA ASN G 164 55.55 15.19 18.04
C ASN G 164 56.54 14.37 18.87
N ALA G 165 57.20 14.98 19.88
CA ALA G 165 58.12 14.28 20.77
C ALA G 165 57.45 13.56 21.92
N ASN G 166 58.19 12.62 22.55
CA ASN G 166 57.79 11.91 23.76
C ASN G 166 57.63 12.90 24.91
N LYS G 167 56.58 12.73 25.76
CA LYS G 167 56.27 13.62 26.87
C LYS G 167 57.43 13.96 27.80
N GLU G 168 58.30 12.98 28.12
CA GLU G 168 59.51 13.19 28.90
C GLU G 168 60.54 14.07 28.23
N CYS G 169 60.65 13.96 26.88
CA CYS G 169 61.51 14.84 26.11
C CYS G 169 60.88 16.22 26.03
N GLN G 170 59.54 16.33 25.96
CA GLN G 170 58.88 17.62 25.98
C GLN G 170 59.05 18.37 27.29
N LYS G 171 58.98 17.68 28.46
CA LYS G 171 59.25 18.31 29.75
C LYS G 171 60.69 18.80 29.86
N LEU G 172 61.63 18.00 29.35
CA LEU G 172 63.04 18.35 29.25
C LEU G 172 63.30 19.56 28.37
N LEU G 173 62.65 19.62 27.19
CA LEU G 173 62.67 20.71 26.24
C LEU G 173 62.06 21.97 26.82
N GLN G 174 60.93 21.86 27.57
CA GLN G 174 60.33 22.99 28.24
C GLN G 174 61.25 23.51 29.37
N ALA G 175 61.82 22.61 30.18
CA ALA G 175 62.73 22.92 31.27
C ALA G 175 64.01 23.62 30.81
N ARG G 176 64.55 23.19 29.66
CA ARG G 176 65.77 23.70 29.06
C ARG G 176 65.57 24.92 28.17
N GLY G 177 64.32 25.38 27.94
CA GLY G 177 64.05 26.55 27.09
C GLY G 177 64.25 26.30 25.62
N HIS G 178 63.73 25.16 25.12
CA HIS G 178 63.92 24.71 23.76
C HIS G 178 62.61 24.23 23.15
N THR G 179 61.59 25.10 23.10
CA THR G 179 60.27 24.78 22.54
C THR G 179 60.25 24.88 21.03
N ASN G 180 61.25 25.54 20.43
CA ASN G 180 61.42 25.64 18.99
C ASN G 180 62.83 26.19 18.77
N SER G 181 63.87 25.34 18.88
CA SER G 181 65.26 25.72 18.73
C SER G 181 65.93 24.96 17.58
N PRO G 182 67.07 25.40 17.01
CA PRO G 182 67.86 24.63 16.06
C PRO G 182 68.14 23.17 16.43
N LEU G 183 68.11 22.25 15.45
CA LEU G 183 68.13 20.81 15.64
C LEU G 183 69.31 20.24 16.43
N GLY G 184 70.53 20.83 16.30
CA GLY G 184 71.68 20.46 17.11
C GLY G 184 71.49 20.69 18.59
N ASP G 185 70.81 21.80 18.97
CA ASP G 185 70.49 22.16 20.33
C ASP G 185 69.32 21.35 20.87
N MET G 186 68.32 21.00 20.03
CA MET G 186 67.24 20.09 20.39
C MET G 186 67.77 18.72 20.78
N LEU G 187 68.74 18.21 19.98
CA LEU G 187 69.43 16.97 20.25
C LEU G 187 70.36 17.09 21.45
N ARG G 188 71.11 18.20 21.61
CA ARG G 188 71.92 18.44 22.81
C ARG G 188 71.14 18.40 24.12
N ALA G 189 69.90 18.94 24.14
CA ALA G 189 69.01 18.78 25.26
C ALA G 189 68.59 17.33 25.48
N CYS G 190 68.09 16.66 24.42
CA CYS G 190 67.51 15.33 24.59
C CYS G 190 68.53 14.20 24.58
N GLN G 191 69.83 14.57 24.45
CA GLN G 191 71.02 13.77 24.69
C GLN G 191 71.06 13.34 26.14
N THR G 192 70.50 14.18 27.03
CA THR G 192 70.42 13.89 28.45
C THR G 192 69.30 12.91 28.79
N TRP G 193 68.38 12.61 27.85
CA TRP G 193 67.30 11.66 28.05
C TRP G 193 67.56 10.31 27.39
N THR G 194 67.14 9.22 28.05
CA THR G 194 67.21 7.85 27.57
C THR G 194 65.89 7.14 27.88
N PRO G 195 65.40 6.21 27.05
CA PRO G 195 64.20 5.42 27.35
C PRO G 195 64.47 4.36 28.41
N ARG H 1 36.18 49.77 -22.34
CA ARG H 1 36.68 50.44 -21.15
C ARG H 1 35.52 50.59 -20.15
N PRO H 2 35.55 50.05 -18.96
CA PRO H 2 34.40 50.03 -18.07
C PRO H 2 34.37 51.25 -17.16
N TRP H 3 34.10 52.47 -17.66
CA TRP H 3 34.06 53.66 -16.82
C TRP H 3 32.94 53.61 -15.77
N GLN H 4 31.80 52.97 -16.12
CA GLN H 4 30.70 52.74 -15.20
C GLN H 4 31.07 51.89 -13.99
N MET H 5 32.05 50.96 -14.12
CA MET H 5 32.51 50.10 -13.05
C MET H 5 33.13 50.88 -11.90
N LYS H 6 33.98 51.89 -12.21
CA LYS H 6 34.59 52.68 -11.16
C LYS H 6 33.59 53.60 -10.49
N ASP H 7 32.61 54.14 -11.25
CA ASP H 7 31.60 54.99 -10.64
C ASP H 7 30.59 54.19 -9.79
N LEU H 8 30.19 52.97 -10.24
CA LEU H 8 29.32 52.07 -9.51
C LEU H 8 29.92 51.53 -8.21
N GLN H 9 31.23 51.19 -8.20
CA GLN H 9 31.91 50.77 -6.99
C GLN H 9 31.99 51.89 -5.95
N ALA H 10 32.27 53.12 -6.42
CA ALA H 10 32.26 54.31 -5.61
C ALA H 10 30.88 54.65 -5.05
N ILE H 11 29.79 54.46 -5.86
CA ILE H 11 28.41 54.61 -5.39
C ILE H 11 28.05 53.64 -4.27
N LYS H 12 28.39 52.33 -4.42
CA LYS H 12 28.12 51.35 -3.37
C LYS H 12 28.89 51.62 -2.07
N GLN H 13 30.13 52.13 -2.17
CA GLN H 13 30.87 52.56 -0.98
C GLN H 13 30.19 53.73 -0.29
N GLU H 14 29.72 54.74 -1.06
CA GLU H 14 29.05 55.92 -0.54
C GLU H 14 27.72 55.62 0.14
N VAL H 15 26.94 54.63 -0.34
CA VAL H 15 25.66 54.30 0.27
C VAL H 15 25.73 53.06 1.16
N SER H 16 26.95 52.62 1.53
CA SER H 16 27.17 51.40 2.30
C SER H 16 26.49 51.34 3.66
N GLN H 17 26.50 52.45 4.42
CA GLN H 17 25.88 52.51 5.74
C GLN H 17 24.50 53.15 5.67
N ALA H 18 23.92 53.32 4.46
CA ALA H 18 22.64 53.97 4.27
C ALA H 18 21.58 52.98 3.76
N ALA H 19 20.42 52.90 4.46
CA ALA H 19 19.34 52.00 4.09
C ALA H 19 18.71 52.30 2.72
N PRO H 20 18.28 51.32 1.91
CA PRO H 20 17.58 51.59 0.66
C PRO H 20 16.34 52.44 0.79
N GLY H 21 16.40 53.70 0.31
CA GLY H 21 15.32 54.69 0.37
C GLY H 21 15.60 55.84 1.31
N SER H 22 16.70 55.77 2.09
CA SER H 22 17.16 56.83 2.99
C SER H 22 17.72 58.04 2.22
N PRO H 23 17.76 59.27 2.76
CA PRO H 23 18.21 60.46 2.03
C PRO H 23 19.58 60.37 1.37
N GLN H 24 20.59 59.72 1.98
CA GLN H 24 21.94 59.68 1.43
C GLN H 24 21.97 58.70 0.26
N PHE H 25 21.22 57.59 0.41
CA PHE H 25 21.02 56.61 -0.63
C PHE H 25 20.31 57.25 -1.83
N MET H 26 19.22 58.01 -1.57
CA MET H 26 18.45 58.67 -2.61
C MET H 26 19.16 59.80 -3.33
N GLN H 27 19.97 60.61 -2.60
CA GLN H 27 20.80 61.65 -3.20
C GLN H 27 21.83 61.09 -4.16
N THR H 28 22.46 59.98 -3.74
CA THR H 28 23.50 59.30 -4.51
C THR H 28 22.93 58.62 -5.74
N ILE H 29 21.77 57.92 -5.65
CA ILE H 29 21.19 57.30 -6.83
C ILE H 29 20.46 58.29 -7.73
N ARG H 30 19.92 59.42 -7.20
CA ARG H 30 19.38 60.49 -8.02
C ARG H 30 20.46 61.12 -8.87
N LEU H 31 21.64 61.38 -8.25
CA LEU H 31 22.81 61.87 -8.95
C LEU H 31 23.28 60.87 -9.99
N ALA H 32 23.40 59.58 -9.65
CA ALA H 32 23.78 58.54 -10.60
C ALA H 32 22.84 58.43 -11.80
N VAL H 33 21.52 58.50 -11.58
CA VAL H 33 20.55 58.50 -12.67
C VAL H 33 20.66 59.73 -13.57
N GLN H 34 20.80 60.93 -12.97
CA GLN H 34 20.96 62.18 -13.69
C GLN H 34 22.29 62.27 -14.45
N GLN H 35 23.38 61.72 -13.87
CA GLN H 35 24.70 61.64 -14.48
C GLN H 35 24.87 60.62 -15.59
N PHE H 36 24.26 59.41 -15.47
CA PHE H 36 24.49 58.32 -16.41
C PHE H 36 23.40 58.19 -17.46
N ASP H 37 22.21 58.77 -17.22
CA ASP H 37 21.00 58.57 -18.02
C ASP H 37 20.69 57.08 -18.34
N PRO H 38 20.70 56.19 -17.35
CA PRO H 38 20.66 54.73 -17.52
C PRO H 38 19.39 54.19 -18.18
N THR H 39 19.51 53.06 -18.92
CA THR H 39 18.37 52.34 -19.48
C THR H 39 17.78 51.41 -18.44
N ALA H 40 16.62 50.76 -18.71
CA ALA H 40 15.99 49.86 -17.76
C ALA H 40 16.88 48.70 -17.31
N LYS H 41 17.70 48.12 -18.21
CA LYS H 41 18.63 47.06 -17.86
C LYS H 41 19.81 47.57 -17.03
N ASP H 42 20.15 48.88 -17.09
CA ASP H 42 21.28 49.43 -16.38
C ASP H 42 20.86 49.80 -14.97
N LEU H 43 19.58 50.18 -14.84
CA LEU H 43 18.88 50.34 -13.58
C LEU H 43 18.74 49.02 -12.84
N GLN H 44 18.52 47.91 -13.58
CA GLN H 44 18.48 46.56 -13.04
C GLN H 44 19.85 46.15 -12.49
N ASP H 45 20.96 46.51 -13.18
CA ASP H 45 22.30 46.26 -12.70
C ASP H 45 22.65 47.07 -11.45
N LEU H 46 22.22 48.36 -11.42
CA LEU H 46 22.38 49.22 -10.26
C LEU H 46 21.64 48.73 -9.03
N LEU H 47 20.37 48.30 -9.21
CA LEU H 47 19.57 47.67 -8.17
C LEU H 47 20.20 46.42 -7.59
N GLN H 48 20.62 45.49 -8.46
CA GLN H 48 21.27 44.27 -8.05
C GLN H 48 22.63 44.46 -7.39
N TYR H 49 23.45 45.43 -7.85
CA TYR H 49 24.71 45.72 -7.19
C TYR H 49 24.52 46.30 -5.79
N LEU H 50 23.56 47.21 -5.61
CA LEU H 50 23.30 47.84 -4.33
C LEU H 50 22.48 47.01 -3.34
N CYS H 51 21.52 46.19 -3.82
CA CYS H 51 20.55 45.52 -2.97
C CYS H 51 20.53 44.00 -3.14
N SER H 52 20.13 43.31 -2.05
CA SER H 52 19.81 41.89 -2.01
C SER H 52 18.65 41.52 -2.92
N SER H 53 18.57 40.24 -3.35
CA SER H 53 17.51 39.78 -4.25
C SER H 53 16.10 39.91 -3.67
N LEU H 54 15.95 39.74 -2.33
CA LEU H 54 14.68 39.96 -1.66
C LEU H 54 14.24 41.43 -1.74
N VAL H 55 15.16 42.38 -1.45
CA VAL H 55 14.93 43.82 -1.59
C VAL H 55 14.72 44.23 -3.04
N ALA H 56 15.47 43.65 -4.00
CA ALA H 56 15.28 43.86 -5.43
C ALA H 56 13.90 43.42 -5.90
N SER H 57 13.38 42.29 -5.38
CA SER H 57 12.00 41.84 -5.54
C SER H 57 10.99 42.79 -4.91
N LEU H 58 11.22 43.28 -3.67
CA LEU H 58 10.34 44.27 -3.04
C LEU H 58 10.30 45.59 -3.80
N HIS H 59 11.46 46.05 -4.33
CA HIS H 59 11.55 47.18 -5.24
C HIS H 59 10.76 46.93 -6.53
N HIS H 60 10.92 45.73 -7.12
CA HIS H 60 10.18 45.30 -8.30
C HIS H 60 8.68 45.34 -8.09
N GLN H 61 8.17 44.82 -6.96
CA GLN H 61 6.76 44.89 -6.60
C GLN H 61 6.24 46.30 -6.44
N GLN H 62 7.01 47.19 -5.77
CA GLN H 62 6.64 48.58 -5.62
C GLN H 62 6.63 49.33 -6.96
N LEU H 63 7.65 49.07 -7.79
CA LEU H 63 7.81 49.63 -9.12
C LEU H 63 6.73 49.16 -10.07
N ASP H 64 6.39 47.85 -10.00
CA ASP H 64 5.34 47.23 -10.78
C ASP H 64 3.98 47.86 -10.50
N SER H 65 3.69 48.15 -9.20
CA SER H 65 2.52 48.90 -8.77
C SER H 65 2.48 50.31 -9.36
N LEU H 66 3.60 51.05 -9.31
CA LEU H 66 3.70 52.38 -9.89
C LEU H 66 3.56 52.40 -11.42
N ILE H 67 4.17 51.42 -12.12
CA ILE H 67 4.05 51.19 -13.55
C ILE H 67 2.64 50.83 -13.94
N SER H 68 2.00 49.92 -13.18
CA SER H 68 0.62 49.50 -13.34
C SER H 68 -0.34 50.67 -13.19
N GLU H 69 -0.13 51.53 -12.18
CA GLU H 69 -0.90 52.76 -12.09
C GLU H 69 -0.68 53.69 -13.27
N ALA H 70 0.57 53.95 -13.70
CA ALA H 70 0.82 54.79 -14.86
C ALA H 70 0.24 54.26 -16.17
N GLU H 71 0.35 52.94 -16.40
CA GLU H 71 -0.17 52.21 -17.53
C GLU H 71 -1.71 52.20 -17.60
N THR H 72 -2.37 52.00 -16.44
CA THR H 72 -3.84 52.09 -16.32
C THR H 72 -4.33 53.52 -16.44
N ARG H 73 -3.57 54.50 -15.94
CA ARG H 73 -3.83 55.91 -16.15
C ARG H 73 -3.72 56.36 -17.60
N GLY H 74 -2.79 55.77 -18.37
CA GLY H 74 -2.58 56.08 -19.79
C GLY H 74 -1.74 57.31 -19.96
N ILE H 75 -0.84 57.55 -18.98
CA ILE H 75 -0.07 58.78 -18.89
C ILE H 75 1.38 58.59 -19.30
N THR H 76 1.84 57.35 -19.48
CA THR H 76 3.25 56.97 -19.67
C THR H 76 3.94 57.56 -20.89
N GLY H 77 3.25 57.65 -22.04
CA GLY H 77 3.77 58.10 -23.32
C GLY H 77 4.12 56.94 -24.20
N TYR H 78 3.88 55.71 -23.73
CA TYR H 78 4.22 54.49 -24.45
C TYR H 78 3.08 54.04 -25.34
N ASN H 79 3.40 53.68 -26.61
CA ASN H 79 2.50 53.06 -27.55
C ASN H 79 2.20 51.63 -27.10
N PRO H 80 0.96 51.23 -26.81
CA PRO H 80 0.66 49.94 -26.19
C PRO H 80 0.77 48.77 -27.14
N LEU H 81 1.11 48.97 -28.41
CA LEU H 81 1.32 47.89 -29.37
C LEU H 81 2.80 47.83 -29.78
N ALA H 82 3.68 48.64 -29.14
CA ALA H 82 5.09 48.68 -29.46
C ALA H 82 5.95 47.93 -28.44
N GLY H 83 5.31 47.09 -27.60
CA GLY H 83 5.99 46.27 -26.60
C GLY H 83 5.96 46.84 -25.19
N PRO H 84 6.31 46.01 -24.22
CA PRO H 84 6.31 46.35 -22.80
C PRO H 84 7.27 47.49 -22.42
N LEU H 85 7.00 48.21 -21.32
CA LEU H 85 7.83 49.30 -20.83
C LEU H 85 9.26 48.86 -20.56
N ARG H 86 9.41 47.64 -20.05
CA ARG H 86 10.67 47.01 -19.71
C ARG H 86 11.58 46.69 -20.88
N VAL H 87 11.05 46.75 -22.12
CA VAL H 87 11.84 46.59 -23.33
C VAL H 87 11.97 47.94 -24.04
N GLN H 88 10.88 48.74 -24.10
CA GLN H 88 10.92 50.05 -24.72
C GLN H 88 11.84 51.06 -24.03
N ALA H 89 12.03 50.95 -22.71
CA ALA H 89 12.93 51.78 -21.93
C ALA H 89 14.41 51.42 -22.12
N ASN H 90 14.71 50.47 -23.03
CA ASN H 90 16.05 50.20 -23.52
C ASN H 90 16.27 50.73 -24.93
N ASN H 91 15.24 51.29 -25.62
CA ASN H 91 15.39 51.79 -26.98
C ASN H 91 16.23 53.07 -27.08
N PRO H 92 17.09 53.28 -28.08
CA PRO H 92 18.00 54.42 -28.11
C PRO H 92 17.33 55.75 -28.45
N GLN H 93 16.30 55.79 -29.32
CA GLN H 93 15.74 57.04 -29.79
C GLN H 93 14.53 57.51 -28.97
N GLN H 94 14.12 56.76 -27.94
CA GLN H 94 12.93 57.05 -27.16
C GLN H 94 13.29 57.62 -25.79
N GLN H 95 14.01 58.76 -25.75
CA GLN H 95 14.58 59.31 -24.53
C GLN H 95 13.59 59.64 -23.43
N GLY H 96 12.41 60.19 -23.77
CA GLY H 96 11.40 60.58 -22.80
C GLY H 96 10.76 59.42 -22.09
N LEU H 97 10.80 58.23 -22.70
CA LEU H 97 10.15 57.07 -22.14
C LEU H 97 11.11 56.37 -21.19
N ARG H 98 12.43 56.48 -21.46
CA ARG H 98 13.48 56.13 -20.51
C ARG H 98 13.46 57.00 -19.27
N ARG H 99 13.27 58.33 -19.44
CA ARG H 99 13.21 59.30 -18.35
C ARG H 99 12.01 59.07 -17.46
N GLU H 100 10.85 58.74 -18.06
CA GLU H 100 9.64 58.42 -17.33
C GLU H 100 9.81 57.14 -16.49
N TYR H 101 10.48 56.10 -17.06
CA TYR H 101 10.84 54.87 -16.37
C TYR H 101 11.81 55.12 -15.21
N GLN H 102 12.83 55.98 -15.42
CA GLN H 102 13.77 56.41 -14.40
C GLN H 102 13.10 57.07 -13.21
N GLN H 103 12.10 57.94 -13.46
CA GLN H 103 11.35 58.58 -12.39
C GLN H 103 10.48 57.61 -11.61
N LEU H 104 9.85 56.60 -12.27
CA LEU H 104 9.14 55.54 -11.56
C LEU H 104 10.07 54.66 -10.72
N TRP H 105 11.25 54.32 -11.29
CA TRP H 105 12.29 53.53 -10.66
C TRP H 105 12.84 54.19 -9.39
N LEU H 106 13.13 55.51 -9.47
CA LEU H 106 13.54 56.32 -8.31
C LEU H 106 12.42 56.45 -7.29
N ALA H 107 11.16 56.68 -7.74
CA ALA H 107 10.01 56.82 -6.88
C ALA H 107 9.74 55.60 -6.01
N ALA H 108 9.94 54.38 -6.56
CA ALA H 108 9.74 53.15 -5.82
C ALA H 108 10.58 52.99 -4.55
N PHE H 109 11.83 53.52 -4.51
CA PHE H 109 12.68 53.35 -3.32
C PHE H 109 12.23 54.13 -2.11
N ALA H 110 11.49 55.24 -2.30
CA ALA H 110 11.03 56.07 -1.21
C ALA H 110 9.96 55.39 -0.36
N ALA H 111 9.32 54.33 -0.90
CA ALA H 111 8.37 53.57 -0.11
C ALA H 111 9.02 52.47 0.71
N LEU H 112 10.26 52.04 0.39
CA LEU H 112 10.88 50.91 1.08
C LEU H 112 11.12 51.08 2.59
N PRO H 113 11.60 52.19 3.15
CA PRO H 113 11.73 52.36 4.60
C PRO H 113 10.40 52.51 5.29
N GLY H 114 9.33 52.84 4.55
CA GLY H 114 7.98 53.02 5.06
C GLY H 114 7.28 51.70 5.12
N SER H 115 7.51 50.84 4.12
CA SER H 115 6.98 49.48 4.07
C SER H 115 7.63 48.56 5.08
N ALA H 116 8.92 48.76 5.42
CA ALA H 116 9.61 48.01 6.44
C ALA H 116 8.97 48.08 7.83
N LYS H 117 8.50 46.93 8.35
CA LYS H 117 7.79 46.83 9.62
C LYS H 117 8.68 46.74 10.85
N ASP H 118 9.95 46.30 10.70
CA ASP H 118 10.89 46.23 11.81
C ASP H 118 12.27 46.73 11.36
N PRO H 119 12.46 48.01 11.00
CA PRO H 119 13.79 48.55 10.67
C PRO H 119 14.76 48.51 11.83
N SER H 120 16.07 48.49 11.56
CA SER H 120 17.14 48.37 12.55
C SER H 120 17.22 49.53 13.53
N TRP H 121 16.92 50.78 13.12
CA TRP H 121 17.06 51.96 13.96
C TRP H 121 16.12 51.95 15.17
N ALA H 122 15.02 51.18 15.10
CA ALA H 122 14.03 51.08 16.14
C ALA H 122 14.48 50.16 17.28
N SER H 123 15.56 49.38 17.08
CA SER H 123 16.10 48.45 18.07
C SER H 123 17.43 48.91 18.64
N ILE H 124 17.82 50.17 18.40
CA ILE H 124 19.02 50.77 18.99
C ILE H 124 18.74 51.08 20.46
N LEU H 125 19.48 50.44 21.40
CA LEU H 125 19.29 50.60 22.85
C LEU H 125 20.55 51.15 23.51
N GLN H 126 20.41 52.10 24.46
CA GLN H 126 21.52 52.64 25.24
C GLN H 126 22.26 51.57 26.06
N GLY H 127 23.59 51.42 25.85
CA GLY H 127 24.42 50.49 26.60
C GLY H 127 24.59 50.81 28.07
N LEU H 128 25.08 49.83 28.85
CA LEU H 128 25.20 49.97 30.29
C LEU H 128 26.37 50.87 30.70
N GLU H 129 27.37 51.05 29.80
CA GLU H 129 28.52 51.90 30.04
C GLU H 129 28.50 53.10 29.10
N GLU H 130 27.38 53.32 28.38
CA GLU H 130 27.25 54.31 27.34
C GLU H 130 26.65 55.65 27.76
N PRO H 131 27.30 56.80 27.55
CA PRO H 131 26.76 58.11 27.91
C PRO H 131 25.48 58.44 27.17
N TYR H 132 24.52 59.11 27.83
CA TYR H 132 23.24 59.46 27.25
C TYR H 132 23.33 60.32 25.97
N HIS H 133 24.25 61.31 25.94
CA HIS H 133 24.59 62.08 24.76
C HIS H 133 25.07 61.22 23.59
N ALA H 134 26.04 60.32 23.84
CA ALA H 134 26.57 59.40 22.83
C ALA H 134 25.49 58.49 22.24
N PHE H 135 24.57 58.01 23.09
CA PHE H 135 23.39 57.28 22.69
C PHE H 135 22.45 58.08 21.78
N VAL H 136 22.13 59.34 22.12
CA VAL H 136 21.32 60.22 21.29
C VAL H 136 21.97 60.50 19.93
N GLU H 137 23.30 60.72 19.87
CA GLU H 137 24.06 60.81 18.63
C GLU H 137 23.98 59.54 17.78
N ARG H 138 24.10 58.35 18.42
CA ARG H 138 23.94 57.05 17.78
C ARG H 138 22.54 56.87 17.17
N LEU H 139 21.48 57.25 17.92
CA LEU H 139 20.11 57.29 17.42
C LEU H 139 19.93 58.25 16.26
N ASN H 140 20.45 59.49 16.38
CA ASN H 140 20.40 60.52 15.35
C ASN H 140 20.97 60.03 14.01
N ILE H 141 22.15 59.39 14.05
CA ILE H 141 22.81 58.76 12.91
C ILE H 141 21.97 57.61 12.34
N ALA H 142 21.46 56.71 13.22
CA ALA H 142 20.60 55.61 12.81
C ALA H 142 19.30 56.06 12.16
N LEU H 143 18.69 57.17 12.62
CA LEU H 143 17.54 57.78 11.97
C LEU H 143 17.91 58.39 10.63
N ASP H 144 19.06 59.11 10.54
CA ASP H 144 19.52 59.73 9.30
C ASP H 144 19.77 58.74 8.18
N ASN H 145 20.30 57.56 8.51
CA ASN H 145 20.60 56.50 7.56
C ASN H 145 19.47 55.46 7.49
N GLY H 146 18.34 55.73 8.16
CA GLY H 146 17.22 54.81 8.33
C GLY H 146 15.90 55.31 7.80
N LEU H 147 15.35 56.40 8.41
CA LEU H 147 14.12 57.04 7.97
C LEU H 147 14.15 57.57 6.52
N PRO H 148 13.08 57.42 5.72
CA PRO H 148 12.96 58.08 4.42
C PRO H 148 12.96 59.61 4.44
N GLU H 149 13.07 60.23 3.25
CA GLU H 149 13.03 61.67 3.02
C GLU H 149 11.66 62.27 3.35
N GLY H 150 11.59 63.53 3.81
CA GLY H 150 10.36 64.22 4.18
C GLY H 150 9.65 63.64 5.38
N THR H 151 10.42 63.17 6.38
CA THR H 151 9.90 62.53 7.59
C THR H 151 10.18 63.38 8.82
N PRO H 152 9.30 63.49 9.81
CA PRO H 152 9.58 64.30 10.99
C PRO H 152 10.33 63.50 12.06
N LYS H 153 11.67 63.39 11.90
CA LYS H 153 12.55 62.68 12.81
C LYS H 153 12.71 63.25 14.22
N ASP H 154 12.42 64.55 14.44
CA ASP H 154 12.52 65.21 15.74
C ASP H 154 11.59 64.67 16.84
N PRO H 155 10.28 64.47 16.66
CA PRO H 155 9.43 63.88 17.70
C PRO H 155 9.72 62.40 17.86
N ILE H 156 10.19 61.73 16.80
CA ILE H 156 10.61 60.34 16.83
C ILE H 156 11.86 60.18 17.70
N LEU H 157 12.85 61.09 17.53
CA LEU H 157 14.09 61.05 18.30
C LEU H 157 13.90 61.36 19.78
N ARG H 158 13.07 62.36 20.16
CA ARG H 158 12.72 62.56 21.57
C ARG H 158 11.93 61.41 22.19
N SER H 159 11.15 60.67 21.37
CA SER H 159 10.48 59.46 21.84
C SER H 159 11.47 58.32 22.06
N LEU H 160 12.36 58.03 21.09
CA LEU H 160 13.37 56.98 21.21
C LEU H 160 14.39 57.24 22.31
N ALA H 161 14.74 58.54 22.51
CA ALA H 161 15.64 59.02 23.54
C ALA H 161 15.17 58.71 24.96
N TYR H 162 13.86 58.52 25.17
CA TYR H 162 13.33 58.07 26.43
C TYR H 162 13.16 56.55 26.41
N SER H 163 12.41 56.04 25.42
CA SER H 163 11.96 54.66 25.40
C SER H 163 13.07 53.62 25.29
N ASN H 164 14.20 53.95 24.62
CA ASN H 164 15.30 53.04 24.41
C ASN H 164 16.51 53.41 25.26
N ALA H 165 16.30 54.19 26.33
CA ALA H 165 17.34 54.56 27.26
C ALA H 165 17.57 53.50 28.34
N ASN H 166 18.73 53.60 29.03
CA ASN H 166 19.08 52.80 30.18
C ASN H 166 18.09 53.03 31.32
N LYS H 167 17.63 51.96 32.01
CA LYS H 167 16.63 52.02 33.07
C LYS H 167 16.90 53.05 34.18
N GLU H 168 18.18 53.22 34.57
CA GLU H 168 18.62 54.24 35.53
C GLU H 168 18.44 55.65 35.01
N CYS H 169 18.64 55.88 33.69
CA CYS H 169 18.33 57.15 33.07
C CYS H 169 16.83 57.35 32.94
N GLN H 170 16.05 56.28 32.69
CA GLN H 170 14.60 56.39 32.62
C GLN H 170 13.96 56.77 33.95
N LYS H 171 14.46 56.21 35.08
CA LYS H 171 14.02 56.61 36.40
C LYS H 171 14.36 58.06 36.74
N LEU H 172 15.56 58.52 36.33
CA LEU H 172 16.01 59.89 36.43
C LEU H 172 15.14 60.86 35.63
N LEU H 173 14.80 60.48 34.37
CA LEU H 173 13.92 61.20 33.47
C LEU H 173 12.51 61.29 34.02
N GLN H 174 11.99 60.20 34.62
CA GLN H 174 10.69 60.23 35.28
C GLN H 174 10.72 61.14 36.52
N ALA H 175 11.79 61.04 37.35
CA ALA H 175 11.98 61.84 38.55
C ALA H 175 12.05 63.35 38.27
N ARG H 176 12.72 63.74 37.17
CA ARG H 176 12.88 65.12 36.76
C ARG H 176 11.70 65.63 35.93
N GLY H 177 10.70 64.77 35.61
CA GLY H 177 9.50 65.15 34.88
C GLY H 177 9.69 65.30 33.38
N HIS H 178 10.47 64.40 32.78
CA HIS H 178 10.86 64.49 31.38
C HIS H 178 10.63 63.17 30.65
N THR H 179 9.38 62.66 30.60
CA THR H 179 9.09 61.40 29.89
C THR H 179 9.04 61.64 28.39
N ASN H 180 8.79 62.90 28.00
CA ASN H 180 8.97 63.41 26.66
C ASN H 180 9.34 64.88 26.87
N SER H 181 10.44 65.38 26.27
CA SER H 181 10.87 66.77 26.43
C SER H 181 11.88 67.08 25.34
N PRO H 182 12.18 68.34 24.99
CA PRO H 182 13.27 68.71 24.09
C PRO H 182 14.61 68.07 24.41
N LEU H 183 15.41 67.70 23.39
CA LEU H 183 16.65 66.94 23.55
C LEU H 183 17.68 67.59 24.49
N GLY H 184 17.75 68.93 24.51
CA GLY H 184 18.58 69.68 25.46
C GLY H 184 18.22 69.48 26.92
N ASP H 185 16.91 69.37 27.24
CA ASP H 185 16.45 69.14 28.59
C ASP H 185 16.67 67.68 28.99
N MET H 186 16.50 66.73 28.04
CA MET H 186 16.78 65.32 28.25
C MET H 186 18.26 65.09 28.61
N LEU H 187 19.17 65.76 27.88
CA LEU H 187 20.59 65.72 28.16
C LEU H 187 20.99 66.45 29.44
N ARG H 188 20.43 67.66 29.72
CA ARG H 188 20.70 68.36 30.96
C ARG H 188 20.35 67.55 32.21
N ALA H 189 19.24 66.80 32.17
CA ALA H 189 18.92 65.82 33.18
C ALA H 189 19.93 64.66 33.25
N CYS H 190 20.22 64.01 32.11
CA CYS H 190 21.01 62.78 32.13
C CYS H 190 22.51 63.00 32.18
N GLN H 191 22.96 64.27 32.19
CA GLN H 191 24.31 64.70 32.50
C GLN H 191 24.70 64.31 33.93
N THR H 192 23.68 64.28 34.82
CA THR H 192 23.80 63.92 36.22
C THR H 192 23.93 62.41 36.44
N TRP H 193 23.56 61.61 35.42
CA TRP H 193 23.74 60.18 35.44
C TRP H 193 25.12 59.85 34.89
N THR H 194 25.77 58.82 35.45
CA THR H 194 27.05 58.33 34.98
C THR H 194 27.02 56.82 35.09
N PRO H 195 27.65 56.05 34.20
CA PRO H 195 27.71 54.60 34.32
C PRO H 195 28.66 54.18 35.41
N ARG I 1 -50.97 -48.22 -17.60
CA ARG I 1 -50.24 -48.87 -16.52
C ARG I 1 -49.36 -47.87 -15.77
N PRO I 2 -49.55 -47.62 -14.48
CA PRO I 2 -48.88 -46.55 -13.76
C PRO I 2 -47.57 -47.05 -13.20
N TRP I 3 -46.59 -47.43 -14.06
CA TRP I 3 -45.32 -47.95 -13.61
C TRP I 3 -44.52 -46.90 -12.83
N GLN I 4 -44.65 -45.61 -13.24
CA GLN I 4 -44.06 -44.50 -12.51
C GLN I 4 -44.56 -44.34 -11.08
N MET I 5 -45.84 -44.68 -10.81
CA MET I 5 -46.43 -44.62 -9.48
C MET I 5 -45.77 -45.54 -8.48
N LYS I 6 -45.49 -46.79 -8.90
CA LYS I 6 -44.90 -47.79 -8.02
C LYS I 6 -43.44 -47.45 -7.74
N ASP I 7 -42.73 -46.89 -8.74
CA ASP I 7 -41.38 -46.40 -8.53
C ASP I 7 -41.34 -45.13 -7.70
N LEU I 8 -42.33 -44.21 -7.83
CA LEU I 8 -42.43 -43.02 -7.00
C LEU I 8 -42.64 -43.36 -5.53
N GLN I 9 -43.47 -44.38 -5.23
CA GLN I 9 -43.63 -44.87 -3.87
C GLN I 9 -42.33 -45.45 -3.31
N ALA I 10 -41.61 -46.23 -4.13
CA ALA I 10 -40.31 -46.79 -3.79
C ALA I 10 -39.22 -45.74 -3.55
N ILE I 11 -39.18 -44.66 -4.38
CA ILE I 11 -38.28 -43.54 -4.19
C ILE I 11 -38.55 -42.84 -2.87
N LYS I 12 -39.84 -42.56 -2.57
CA LYS I 12 -40.25 -41.93 -1.33
C LYS I 12 -39.92 -42.76 -0.09
N GLN I 13 -40.01 -44.10 -0.17
CA GLN I 13 -39.52 -44.98 0.88
C GLN I 13 -38.01 -44.89 1.05
N GLU I 14 -37.25 -44.89 -0.06
CA GLU I 14 -35.79 -44.82 -0.06
C GLU I 14 -35.18 -43.52 0.46
N VAL I 15 -35.82 -42.36 0.22
CA VAL I 15 -35.32 -41.07 0.65
C VAL I 15 -36.05 -40.58 1.90
N SER I 16 -36.77 -41.47 2.60
CA SER I 16 -37.67 -41.16 3.70
C SER I 16 -37.11 -40.37 4.87
N GLN I 17 -35.85 -40.61 5.28
CA GLN I 17 -35.20 -39.92 6.37
C GLN I 17 -34.05 -39.05 5.84
N ALA I 18 -33.96 -38.89 4.51
CA ALA I 18 -32.93 -38.12 3.85
C ALA I 18 -33.37 -36.67 3.66
N ALA I 19 -32.52 -35.68 4.04
CA ALA I 19 -32.86 -34.29 3.90
C ALA I 19 -32.96 -33.85 2.42
N PRO I 20 -33.84 -32.95 1.98
CA PRO I 20 -33.88 -32.48 0.60
C PRO I 20 -32.57 -31.86 0.15
N GLY I 21 -31.81 -32.56 -0.74
CA GLY I 21 -30.51 -32.14 -1.23
C GLY I 21 -29.34 -32.88 -0.61
N SER I 22 -29.60 -33.80 0.33
CA SER I 22 -28.59 -34.67 0.95
C SER I 22 -27.98 -35.67 -0.03
N PRO I 23 -26.76 -36.22 0.14
CA PRO I 23 -26.14 -37.10 -0.84
C PRO I 23 -26.96 -38.30 -1.27
N GLN I 24 -27.71 -38.93 -0.34
CA GLN I 24 -28.51 -40.11 -0.59
C GLN I 24 -29.78 -39.75 -1.34
N PHE I 25 -30.36 -38.58 -0.99
CA PHE I 25 -31.48 -37.99 -1.70
C PHE I 25 -31.09 -37.70 -3.14
N MET I 26 -29.90 -37.09 -3.34
CA MET I 26 -29.36 -36.77 -4.65
C MET I 26 -28.97 -37.99 -5.47
N GLN I 27 -28.42 -39.06 -4.85
CA GLN I 27 -28.11 -40.29 -5.56
C GLN I 27 -29.36 -40.92 -6.16
N THR I 28 -30.43 -40.95 -5.35
CA THR I 28 -31.72 -41.52 -5.68
C THR I 28 -32.47 -40.73 -6.73
N ILE I 29 -32.50 -39.37 -6.65
CA ILE I 29 -33.18 -38.60 -7.68
C ILE I 29 -32.35 -38.43 -8.93
N ARG I 30 -30.99 -38.45 -8.86
CA ARG I 30 -30.14 -38.48 -10.02
C ARG I 30 -30.34 -39.74 -10.85
N LEU I 31 -30.41 -40.92 -10.16
CA LEU I 31 -30.78 -42.16 -10.82
C LEU I 31 -32.19 -42.13 -11.39
N ALA I 32 -33.20 -41.65 -10.62
CA ALA I 32 -34.57 -41.55 -11.08
C ALA I 32 -34.73 -40.68 -12.34
N VAL I 33 -34.03 -39.52 -12.40
CA VAL I 33 -33.99 -38.69 -13.59
C VAL I 33 -33.36 -39.39 -14.77
N GLN I 34 -32.22 -40.08 -14.55
CA GLN I 34 -31.53 -40.85 -15.57
C GLN I 34 -32.34 -42.03 -16.09
N GLN I 35 -33.09 -42.72 -15.21
CA GLN I 35 -33.97 -43.83 -15.55
C GLN I 35 -35.26 -43.45 -16.25
N PHE I 36 -35.90 -42.34 -15.86
CA PHE I 36 -37.22 -42.02 -16.36
C PHE I 36 -37.22 -41.01 -17.49
N ASP I 37 -36.13 -40.24 -17.64
CA ASP I 37 -35.99 -39.11 -18.55
C ASP I 37 -37.19 -38.12 -18.52
N PRO I 38 -37.57 -37.66 -17.32
CA PRO I 38 -38.82 -36.93 -17.10
C PRO I 38 -38.93 -35.57 -17.79
N THR I 39 -40.16 -35.18 -18.19
CA THR I 39 -40.46 -33.85 -18.71
C THR I 39 -40.65 -32.89 -17.54
N ALA I 40 -40.73 -31.56 -17.77
CA ALA I 40 -40.90 -30.57 -16.72
C ALA I 40 -42.12 -30.81 -15.84
N LYS I 41 -43.25 -31.25 -16.43
CA LYS I 41 -44.46 -31.57 -15.70
C LYS I 41 -44.32 -32.85 -14.86
N ASP I 42 -43.40 -33.76 -15.23
CA ASP I 42 -43.18 -35.01 -14.52
C ASP I 42 -42.21 -34.78 -13.37
N LEU I 43 -41.28 -33.82 -13.54
CA LEU I 43 -40.42 -33.30 -12.51
C LEU I 43 -41.22 -32.58 -11.43
N GLN I 44 -42.29 -31.85 -11.84
CA GLN I 44 -43.22 -31.20 -10.93
C GLN I 44 -43.98 -32.23 -10.07
N ASP I 45 -44.39 -33.37 -10.67
CA ASP I 45 -45.02 -34.44 -9.93
C ASP I 45 -44.06 -35.12 -8.94
N LEU I 46 -42.79 -35.34 -9.35
CA LEU I 46 -41.75 -35.89 -8.49
C LEU I 46 -41.44 -35.00 -7.30
N LEU I 47 -41.31 -33.67 -7.54
CA LEU I 47 -41.12 -32.67 -6.51
C LEU I 47 -42.25 -32.65 -5.48
N GLN I 48 -43.50 -32.61 -5.94
CA GLN I 48 -44.66 -32.63 -5.08
C GLN I 48 -44.88 -33.91 -4.28
N TYR I 49 -44.59 -35.09 -4.86
CA TYR I 49 -44.70 -36.35 -4.12
C TYR I 49 -43.65 -36.45 -3.00
N LEU I 50 -42.39 -36.03 -3.28
CA LEU I 50 -41.31 -36.09 -2.31
C LEU I 50 -41.26 -34.95 -1.29
N CYS I 51 -41.66 -33.72 -1.69
CA CYS I 51 -41.48 -32.52 -0.90
C CYS I 51 -42.78 -31.78 -0.63
N SER I 52 -42.86 -31.10 0.53
CA SER I 52 -43.96 -30.22 0.91
C SER I 52 -43.97 -28.90 0.15
N SER I 53 -45.06 -28.10 0.25
CA SER I 53 -45.22 -26.86 -0.52
C SER I 53 -44.17 -25.79 -0.23
N LEU I 54 -43.68 -25.68 1.02
CA LEU I 54 -42.59 -24.79 1.40
C LEU I 54 -41.27 -25.17 0.74
N VAL I 55 -40.90 -26.47 0.81
CA VAL I 55 -39.71 -27.01 0.18
C VAL I 55 -39.76 -26.89 -1.34
N ALA I 56 -40.94 -27.15 -1.95
CA ALA I 56 -41.18 -26.91 -3.35
C ALA I 56 -41.00 -25.44 -3.76
N SER I 57 -41.43 -24.47 -2.91
CA SER I 57 -41.14 -23.06 -3.10
C SER I 57 -39.66 -22.74 -2.99
N LEU I 58 -38.94 -23.29 -1.99
CA LEU I 58 -37.50 -23.08 -1.87
C LEU I 58 -36.71 -23.67 -3.04
N HIS I 59 -37.10 -24.87 -3.53
CA HIS I 59 -36.57 -25.44 -4.76
C HIS I 59 -36.82 -24.57 -5.98
N HIS I 60 -38.07 -24.08 -6.14
CA HIS I 60 -38.44 -23.18 -7.21
C HIS I 60 -37.65 -21.89 -7.20
N GLN I 61 -37.46 -21.25 -6.02
CA GLN I 61 -36.64 -20.06 -5.89
C GLN I 61 -35.19 -20.28 -6.27
N GLN I 62 -34.58 -21.39 -5.81
CA GLN I 62 -33.22 -21.69 -6.18
C GLN I 62 -33.04 -22.00 -7.66
N LEU I 63 -33.98 -22.79 -8.22
CA LEU I 63 -34.01 -23.15 -9.63
C LEU I 63 -34.24 -21.94 -10.52
N ASP I 64 -35.15 -21.04 -10.12
CA ASP I 64 -35.43 -19.80 -10.80
C ASP I 64 -34.20 -18.90 -10.90
N SER I 65 -33.40 -18.82 -9.81
CA SER I 65 -32.10 -18.15 -9.81
C SER I 65 -31.09 -18.74 -10.78
N LEU I 66 -30.97 -20.09 -10.82
CA LEU I 66 -30.10 -20.80 -11.77
C LEU I 66 -30.54 -20.61 -13.22
N ILE I 67 -31.86 -20.64 -13.47
CA ILE I 67 -32.47 -20.34 -14.76
C ILE I 67 -32.22 -18.90 -15.17
N SER I 68 -32.37 -17.94 -14.24
CA SER I 68 -32.07 -16.52 -14.45
C SER I 68 -30.62 -16.29 -14.84
N GLU I 69 -29.66 -16.93 -14.15
CA GLU I 69 -28.28 -16.89 -14.61
C GLU I 69 -28.04 -17.51 -15.98
N ALA I 70 -28.58 -18.72 -16.25
CA ALA I 70 -28.42 -19.36 -17.54
C ALA I 70 -29.04 -18.59 -18.70
N GLU I 71 -30.26 -18.03 -18.48
CA GLU I 71 -31.01 -17.20 -19.41
C GLU I 71 -30.32 -15.88 -19.71
N THR I 72 -29.75 -15.22 -18.67
CA THR I 72 -28.96 -13.99 -18.87
C THR I 72 -27.63 -14.27 -19.53
N ARG I 73 -26.96 -15.40 -19.25
CA ARG I 73 -25.78 -15.81 -20.00
C ARG I 73 -26.04 -16.16 -21.47
N GLY I 74 -27.22 -16.76 -21.75
CA GLY I 74 -27.64 -17.21 -23.07
C GLY I 74 -27.11 -18.57 -23.38
N ILE I 75 -26.79 -19.37 -22.35
CA ILE I 75 -26.15 -20.68 -22.49
C ILE I 75 -27.17 -21.82 -22.42
N THR I 76 -28.46 -21.48 -22.26
CA THR I 76 -29.56 -22.43 -22.09
C THR I 76 -29.77 -23.39 -23.24
N GLY I 77 -29.65 -22.90 -24.49
CA GLY I 77 -29.91 -23.67 -25.70
C GLY I 77 -31.33 -23.52 -26.17
N TYR I 78 -32.11 -22.66 -25.49
CA TYR I 78 -33.51 -22.42 -25.75
C TYR I 78 -33.67 -21.15 -26.57
N ASN I 79 -34.44 -21.20 -27.68
CA ASN I 79 -34.79 -20.00 -28.43
C ASN I 79 -35.69 -19.06 -27.61
N PRO I 80 -35.39 -17.77 -27.42
CA PRO I 80 -36.17 -16.90 -26.53
C PRO I 80 -37.53 -16.55 -27.10
N LEU I 81 -37.78 -16.72 -28.41
CA LEU I 81 -39.06 -16.42 -29.01
C LEU I 81 -39.90 -17.69 -29.19
N ALA I 82 -39.43 -18.84 -28.68
CA ALA I 82 -40.14 -20.11 -28.77
C ALA I 82 -40.88 -20.45 -27.47
N GLY I 83 -41.04 -19.47 -26.56
CA GLY I 83 -41.77 -19.63 -25.31
C GLY I 83 -40.91 -19.97 -24.11
N PRO I 84 -41.49 -20.01 -22.91
CA PRO I 84 -40.79 -20.31 -21.65
C PRO I 84 -40.04 -21.62 -21.61
N LEU I 85 -38.95 -21.72 -20.81
CA LEU I 85 -38.23 -22.97 -20.59
C LEU I 85 -39.14 -24.04 -20.00
N ARG I 86 -40.05 -23.60 -19.11
CA ARG I 86 -41.05 -24.39 -18.43
C ARG I 86 -42.13 -24.97 -19.33
N VAL I 87 -42.23 -24.49 -20.59
CA VAL I 87 -43.15 -24.99 -21.60
C VAL I 87 -42.39 -25.77 -22.67
N GLN I 88 -41.20 -25.27 -23.09
CA GLN I 88 -40.34 -25.96 -24.04
C GLN I 88 -39.79 -27.30 -23.52
N ALA I 89 -39.61 -27.42 -22.19
CA ALA I 89 -39.17 -28.63 -21.51
C ALA I 89 -40.26 -29.70 -21.38
N ASN I 90 -41.46 -29.45 -21.98
CA ASN I 90 -42.49 -30.44 -22.17
C ASN I 90 -42.65 -30.82 -23.64
N ASN I 91 -41.90 -30.20 -24.59
CA ASN I 91 -42.01 -30.55 -26.01
C ASN I 91 -41.50 -31.99 -26.27
N PRO I 92 -42.19 -32.88 -26.98
CA PRO I 92 -41.85 -34.30 -27.03
C PRO I 92 -40.59 -34.66 -27.80
N GLN I 93 -40.09 -33.79 -28.69
CA GLN I 93 -38.94 -34.06 -29.55
C GLN I 93 -37.73 -33.22 -29.18
N GLN I 94 -37.83 -32.34 -28.15
CA GLN I 94 -36.76 -31.44 -27.76
C GLN I 94 -35.95 -32.00 -26.59
N GLN I 95 -35.34 -33.19 -26.80
CA GLN I 95 -34.65 -33.97 -25.78
C GLN I 95 -33.46 -33.32 -25.11
N GLY I 96 -32.61 -32.58 -25.85
CA GLY I 96 -31.41 -31.97 -25.30
C GLY I 96 -31.69 -30.83 -24.37
N LEU I 97 -32.88 -30.22 -24.54
CA LEU I 97 -33.30 -29.08 -23.77
C LEU I 97 -33.99 -29.55 -22.51
N ARG I 98 -34.65 -30.73 -22.58
CA ARG I 98 -35.15 -31.45 -21.43
C ARG I 98 -34.04 -31.89 -20.50
N ARG I 99 -32.94 -32.42 -21.06
CA ARG I 99 -31.76 -32.85 -20.34
C ARG I 99 -31.04 -31.69 -19.66
N GLU I 100 -30.93 -30.51 -20.33
CA GLU I 100 -30.36 -29.32 -19.71
C GLU I 100 -31.23 -28.81 -18.54
N TYR I 101 -32.58 -28.81 -18.69
CA TYR I 101 -33.52 -28.47 -17.63
C TYR I 101 -33.41 -29.41 -16.44
N GLN I 102 -33.30 -30.73 -16.69
CA GLN I 102 -33.08 -31.74 -15.67
C GLN I 102 -31.80 -31.50 -14.87
N GLN I 103 -30.69 -31.12 -15.53
CA GLN I 103 -29.46 -30.81 -14.82
C GLN I 103 -29.55 -29.55 -13.98
N LEU I 104 -30.25 -28.49 -14.44
CA LEU I 104 -30.52 -27.31 -13.61
C LEU I 104 -31.41 -27.64 -12.41
N TRP I 105 -32.45 -28.48 -12.64
CA TRP I 105 -33.38 -28.97 -11.65
C TRP I 105 -32.70 -29.75 -10.54
N LEU I 106 -31.78 -30.68 -10.91
CA LEU I 106 -30.93 -31.41 -9.99
C LEU I 106 -29.93 -30.51 -9.26
N ALA I 107 -29.31 -29.55 -9.96
CA ALA I 107 -28.35 -28.61 -9.40
C ALA I 107 -28.95 -27.73 -8.29
N ALA I 108 -30.22 -27.30 -8.45
CA ALA I 108 -30.91 -26.50 -7.47
C ALA I 108 -31.05 -27.12 -6.07
N PHE I 109 -31.19 -28.47 -5.97
CA PHE I 109 -31.37 -29.12 -4.68
C PHE I 109 -30.13 -29.09 -3.80
N ALA I 110 -28.94 -28.98 -4.41
CA ALA I 110 -27.68 -29.00 -3.70
C ALA I 110 -27.46 -27.76 -2.84
N ALA I 111 -28.20 -26.66 -3.07
CA ALA I 111 -28.08 -25.51 -2.19
C ALA I 111 -28.99 -25.60 -0.97
N LEU I 112 -30.04 -26.45 -0.99
CA LEU I 112 -31.05 -26.50 0.07
C LEU I 112 -30.56 -26.84 1.48
N PRO I 113 -29.66 -27.81 1.74
CA PRO I 113 -29.14 -28.06 3.08
C PRO I 113 -28.21 -26.95 3.56
N GLY I 114 -27.72 -26.13 2.62
CA GLY I 114 -26.80 -25.01 2.84
C GLY I 114 -27.52 -23.75 3.20
N SER I 115 -28.69 -23.50 2.59
CA SER I 115 -29.54 -22.34 2.84
C SER I 115 -30.21 -22.35 4.20
N ALA I 116 -30.50 -23.54 4.76
CA ALA I 116 -31.10 -23.71 6.07
C ALA I 116 -30.27 -23.14 7.23
N LYS I 117 -30.92 -22.53 8.24
CA LYS I 117 -30.22 -21.89 9.35
C LYS I 117 -30.18 -22.70 10.63
N ASP I 118 -31.03 -23.74 10.78
CA ASP I 118 -30.98 -24.57 11.96
C ASP I 118 -31.35 -26.03 11.60
N PRO I 119 -30.50 -26.78 10.87
CA PRO I 119 -30.72 -28.20 10.53
C PRO I 119 -31.04 -29.11 11.71
N SER I 120 -31.66 -30.29 11.49
CA SER I 120 -32.04 -31.20 12.58
C SER I 120 -30.85 -31.71 13.36
N TRP I 121 -29.72 -31.96 12.66
CA TRP I 121 -28.49 -32.49 13.24
C TRP I 121 -27.86 -31.53 14.24
N ALA I 122 -28.19 -30.23 14.14
CA ALA I 122 -27.65 -29.20 14.99
C ALA I 122 -28.28 -29.20 16.37
N SER I 123 -29.42 -29.91 16.57
CA SER I 123 -30.05 -29.97 17.89
C SER I 123 -29.90 -31.35 18.52
N ILE I 124 -29.05 -32.23 17.96
CA ILE I 124 -28.78 -33.53 18.54
C ILE I 124 -27.83 -33.35 19.73
N LEU I 125 -28.33 -33.61 20.95
CA LEU I 125 -27.56 -33.49 22.19
C LEU I 125 -27.52 -34.84 22.87
N GLN I 126 -26.37 -35.25 23.44
CA GLN I 126 -26.25 -36.51 24.15
C GLN I 126 -27.22 -36.66 25.31
N GLY I 127 -27.98 -37.78 25.33
CA GLY I 127 -28.94 -38.11 26.38
C GLY I 127 -28.29 -38.45 27.70
N LEU I 128 -29.07 -38.42 28.79
CA LEU I 128 -28.52 -38.62 30.12
C LEU I 128 -28.25 -40.09 30.43
N GLU I 129 -28.86 -41.02 29.67
CA GLU I 129 -28.64 -42.45 29.80
C GLU I 129 -28.09 -43.00 28.49
N GLU I 130 -27.64 -42.11 27.58
CA GLU I 130 -27.13 -42.46 26.27
C GLU I 130 -25.60 -42.57 26.23
N PRO I 131 -24.99 -43.72 25.89
CA PRO I 131 -23.54 -43.88 25.88
C PRO I 131 -22.84 -42.94 24.92
N TYR I 132 -21.60 -42.49 25.23
CA TYR I 132 -20.86 -41.57 24.38
C TYR I 132 -20.66 -42.11 22.96
N HIS I 133 -20.37 -43.42 22.84
CA HIS I 133 -20.32 -44.13 21.56
C HIS I 133 -21.60 -44.04 20.75
N ALA I 134 -22.77 -44.35 21.35
CA ALA I 134 -24.07 -44.28 20.70
C ALA I 134 -24.40 -42.88 20.19
N PHE I 135 -24.07 -41.85 20.98
CA PHE I 135 -24.16 -40.46 20.62
C PHE I 135 -23.30 -40.06 19.41
N VAL I 136 -22.01 -40.44 19.39
CA VAL I 136 -21.14 -40.17 18.24
C VAL I 136 -21.62 -40.84 16.95
N GLU I 137 -22.08 -42.11 17.01
CA GLU I 137 -22.74 -42.76 15.89
C GLU I 137 -24.03 -42.04 15.44
N ARG I 138 -24.88 -41.61 16.39
CA ARG I 138 -26.09 -40.84 16.12
C ARG I 138 -25.79 -39.53 15.39
N LEU I 139 -24.77 -38.77 15.85
CA LEU I 139 -24.27 -37.58 15.16
C LEU I 139 -23.74 -37.88 13.77
N ASN I 140 -22.91 -38.94 13.64
CA ASN I 140 -22.33 -39.35 12.36
C ASN I 140 -23.38 -39.61 11.28
N ILE I 141 -24.45 -40.36 11.64
CA ILE I 141 -25.60 -40.62 10.80
C ILE I 141 -26.38 -39.36 10.47
N ALA I 142 -26.65 -38.53 11.50
CA ALA I 142 -27.36 -37.28 11.34
C ALA I 142 -26.65 -36.30 10.41
N LEU I 143 -25.31 -36.23 10.45
CA LEU I 143 -24.53 -35.49 9.48
C LEU I 143 -24.59 -36.10 8.08
N ASP I 144 -24.44 -37.45 7.95
CA ASP I 144 -24.45 -38.13 6.65
C ASP I 144 -25.73 -37.96 5.85
N ASN I 145 -26.89 -37.94 6.52
CA ASN I 145 -28.19 -37.73 5.90
C ASN I 145 -28.63 -36.28 5.95
N GLY I 146 -27.74 -35.38 6.40
CA GLY I 146 -28.01 -33.97 6.67
C GLY I 146 -27.22 -33.00 5.84
N LEU I 147 -25.87 -33.02 5.98
CA LEU I 147 -24.94 -32.19 5.20
C LEU I 147 -25.00 -32.45 3.68
N PRO I 148 -24.96 -31.45 2.80
CA PRO I 148 -24.78 -31.65 1.36
C PRO I 148 -23.45 -32.29 0.98
N GLU I 149 -23.37 -32.95 -0.19
CA GLU I 149 -22.18 -33.61 -0.69
C GLU I 149 -21.01 -32.64 -0.95
N GLY I 150 -19.78 -33.05 -0.62
CA GLY I 150 -18.57 -32.25 -0.77
C GLY I 150 -18.34 -31.36 0.43
N THR I 151 -18.79 -31.80 1.62
CA THR I 151 -18.68 -31.06 2.87
C THR I 151 -17.69 -31.78 3.78
N PRO I 152 -16.78 -31.14 4.54
CA PRO I 152 -15.82 -31.87 5.37
C PRO I 152 -16.40 -32.18 6.74
N LYS I 153 -17.11 -33.33 6.86
CA LYS I 153 -17.76 -33.79 8.07
C LYS I 153 -16.86 -34.15 9.24
N ASP I 154 -15.57 -34.49 9.00
CA ASP I 154 -14.63 -34.89 10.03
C ASP I 154 -14.29 -33.82 11.08
N PRO I 155 -13.95 -32.56 10.78
CA PRO I 155 -13.76 -31.55 11.81
C PRO I 155 -15.08 -31.12 12.43
N ILE I 156 -16.20 -31.19 11.68
CA ILE I 156 -17.52 -30.87 12.18
C ILE I 156 -17.93 -31.87 13.26
N LEU I 157 -17.72 -33.18 13.00
CA LEU I 157 -18.06 -34.23 13.94
C LEU I 157 -17.22 -34.22 15.21
N ARG I 158 -15.87 -34.01 15.14
CA ARG I 158 -15.10 -33.85 16.38
C ARG I 158 -15.44 -32.61 17.20
N SER I 159 -15.91 -31.52 16.54
CA SER I 159 -16.42 -30.35 17.27
C SER I 159 -17.76 -30.65 17.94
N LEU I 160 -18.73 -31.23 17.20
CA LEU I 160 -20.04 -31.57 17.74
C LEU I 160 -19.99 -32.62 18.84
N ALA I 161 -19.04 -33.58 18.72
CA ALA I 161 -18.77 -34.63 19.70
C ALA I 161 -18.38 -34.08 21.07
N TYR I 162 -17.83 -32.84 21.13
CA TYR I 162 -17.58 -32.15 22.36
C TYR I 162 -18.74 -31.23 22.72
N SER I 163 -19.15 -30.30 21.82
CA SER I 163 -20.11 -29.24 22.14
C SER I 163 -21.50 -29.74 22.47
N ASN I 164 -21.93 -30.88 21.89
CA ASN I 164 -23.25 -31.41 22.11
C ASN I 164 -23.23 -32.65 23.00
N ALA I 165 -22.16 -32.84 23.80
CA ALA I 165 -22.06 -33.90 24.76
C ALA I 165 -22.69 -33.55 26.11
N ASN I 166 -22.98 -34.57 26.93
CA ASN I 166 -23.44 -34.42 28.30
C ASN I 166 -22.34 -33.74 29.12
N LYS I 167 -22.70 -32.76 29.97
CA LYS I 167 -21.78 -31.96 30.77
C LYS I 167 -20.74 -32.77 31.56
N GLU I 168 -21.11 -33.94 32.10
CA GLU I 168 -20.17 -34.82 32.79
C GLU I 168 -19.07 -35.38 31.87
N CYS I 169 -19.41 -35.67 30.59
CA CYS I 169 -18.41 -36.06 29.62
C CYS I 169 -17.59 -34.86 29.19
N GLN I 170 -18.19 -33.66 29.13
CA GLN I 170 -17.45 -32.45 28.82
C GLN I 170 -16.41 -32.07 29.89
N LYS I 171 -16.76 -32.22 31.18
CA LYS I 171 -15.84 -31.98 32.28
C LYS I 171 -14.65 -32.94 32.26
N LEU I 172 -14.94 -34.22 31.94
CA LEU I 172 -13.96 -35.26 31.73
C LEU I 172 -13.03 -34.97 30.56
N LEU I 173 -13.59 -34.49 29.43
CA LEU I 173 -12.85 -34.09 28.23
C LEU I 173 -11.97 -32.88 28.49
N GLN I 174 -12.45 -31.88 29.26
CA GLN I 174 -11.63 -30.75 29.65
C GLN I 174 -10.50 -31.16 30.60
N ALA I 175 -10.81 -32.00 31.62
CA ALA I 175 -9.85 -32.53 32.58
C ALA I 175 -8.74 -33.35 31.93
N ARG I 176 -9.10 -34.14 30.91
CA ARG I 176 -8.23 -35.01 30.15
C ARG I 176 -7.53 -34.29 28.99
N GLY I 177 -7.85 -33.00 28.76
CA GLY I 177 -7.24 -32.18 27.71
C GLY I 177 -7.59 -32.54 26.30
N HIS I 178 -8.88 -32.80 26.03
CA HIS I 178 -9.36 -33.24 24.72
C HIS I 178 -10.61 -32.47 24.31
N THR I 179 -10.49 -31.17 23.99
CA THR I 179 -11.66 -30.36 23.65
C THR I 179 -11.90 -30.29 22.16
N ASN I 180 -10.96 -30.79 21.35
CA ASN I 180 -11.14 -30.91 19.91
C ASN I 180 -10.06 -31.87 19.42
N SER I 181 -10.17 -33.15 19.83
CA SER I 181 -9.26 -34.21 19.47
C SER I 181 -9.91 -35.21 18.52
N PRO I 182 -9.17 -36.03 17.76
CA PRO I 182 -9.72 -37.17 17.00
C PRO I 182 -10.68 -38.05 17.78
N LEU I 183 -11.75 -38.57 17.12
CA LEU I 183 -12.86 -39.25 17.77
C LEU I 183 -12.49 -40.44 18.65
N GLY I 184 -11.45 -41.21 18.25
CA GLY I 184 -10.88 -42.28 19.05
C GLY I 184 -10.31 -41.86 20.37
N ASP I 185 -9.66 -40.67 20.44
CA ASP I 185 -9.09 -40.19 21.69
C ASP I 185 -10.21 -39.65 22.59
N MET I 186 -11.25 -39.04 22.00
CA MET I 186 -12.46 -38.61 22.70
C MET I 186 -13.18 -39.78 23.36
N LEU I 187 -13.34 -40.89 22.61
CA LEU I 187 -13.97 -42.11 23.08
C LEU I 187 -13.13 -42.85 24.11
N ARG I 188 -11.79 -42.97 23.89
CA ARG I 188 -10.88 -43.54 24.87
C ARG I 188 -10.90 -42.84 26.23
N ALA I 189 -11.03 -41.51 26.24
CA ALA I 189 -11.30 -40.74 27.45
C ALA I 189 -12.68 -41.07 28.07
N CYS I 190 -13.76 -41.00 27.27
CA CYS I 190 -15.13 -41.08 27.76
C CYS I 190 -15.62 -42.50 27.98
N GLN I 191 -14.76 -43.50 27.73
CA GLN I 191 -14.95 -44.91 28.04
C GLN I 191 -15.10 -45.12 29.55
N THR I 192 -14.44 -44.25 30.34
CA THR I 192 -14.51 -44.16 31.79
C THR I 192 -15.90 -43.86 32.33
N TRP I 193 -16.63 -42.93 31.68
CA TRP I 193 -17.98 -42.52 32.02
C TRP I 193 -19.04 -43.61 31.78
N THR I 194 -20.02 -43.72 32.69
CA THR I 194 -21.19 -44.60 32.52
C THR I 194 -22.38 -43.87 33.12
N PRO I 195 -23.62 -44.04 32.64
CA PRO I 195 -24.80 -43.40 33.23
C PRO I 195 -25.25 -44.11 34.49
N ARG J 1 -25.00 58.44 -15.64
CA ARG J 1 -25.20 59.05 -14.35
C ARG J 1 -25.86 58.05 -13.39
N PRO J 2 -25.30 57.72 -12.24
CA PRO J 2 -25.81 56.63 -11.41
C PRO J 2 -26.83 57.13 -10.40
N TRP J 3 -28.02 57.62 -10.82
CA TRP J 3 -29.03 58.12 -9.90
C TRP J 3 -29.57 57.02 -8.97
N GLN J 4 -29.63 55.77 -9.50
CA GLN J 4 -30.00 54.58 -8.76
C GLN J 4 -29.07 54.26 -7.58
N MET J 5 -27.77 54.64 -7.68
CA MET J 5 -26.78 54.41 -6.63
C MET J 5 -27.11 55.15 -5.34
N LYS J 6 -27.56 56.42 -5.47
CA LYS J 6 -27.95 57.21 -4.32
C LYS J 6 -29.23 56.69 -3.71
N ASP J 7 -30.18 56.23 -4.56
CA ASP J 7 -31.42 55.68 -4.06
C ASP J 7 -31.27 54.30 -3.39
N LEU J 8 -30.40 53.42 -3.93
CA LEU J 8 -30.08 52.14 -3.33
C LEU J 8 -29.36 52.24 -1.99
N GLN J 9 -28.42 53.21 -1.86
CA GLN J 9 -27.76 53.51 -0.59
C GLN J 9 -28.71 54.03 0.46
N ALA J 10 -29.66 54.91 0.06
CA ALA J 10 -30.71 55.41 0.91
C ALA J 10 -31.66 54.31 1.38
N ILE J 11 -32.02 53.34 0.50
CA ILE J 11 -32.79 52.17 0.89
C ILE J 11 -32.10 51.33 1.94
N LYS J 12 -30.79 51.02 1.77
CA LYS J 12 -30.03 50.27 2.75
C LYS J 12 -29.88 50.97 4.10
N GLN J 13 -29.77 52.32 4.10
CA GLN J 13 -29.82 53.11 5.32
C GLN J 13 -31.19 53.02 5.99
N GLU J 14 -32.29 53.11 5.21
CA GLU J 14 -33.65 53.07 5.71
C GLU J 14 -34.06 51.75 6.35
N VAL J 15 -33.57 50.61 5.81
CA VAL J 15 -33.91 49.28 6.31
C VAL J 15 -32.84 48.67 7.18
N SER J 16 -31.89 49.48 7.67
CA SER J 16 -30.73 49.03 8.45
C SER J 16 -31.07 48.24 9.72
N GLN J 17 -32.13 48.61 10.45
CA GLN J 17 -32.54 47.91 11.66
C GLN J 17 -33.77 47.04 11.45
N ALA J 18 -34.30 46.99 10.23
CA ALA J 18 -35.46 46.21 9.86
C ALA J 18 -35.04 44.87 9.26
N ALA J 19 -35.44 43.73 9.88
CA ALA J 19 -35.07 42.41 9.42
C ALA J 19 -35.61 42.07 8.01
N PRO J 20 -34.94 41.28 7.16
CA PRO J 20 -35.48 40.89 5.85
C PRO J 20 -36.84 40.24 5.92
N GLY J 21 -37.87 40.90 5.34
CA GLY J 21 -39.26 40.44 5.32
C GLY J 21 -40.13 41.16 6.32
N SER J 22 -39.57 42.05 7.16
CA SER J 22 -40.32 42.87 8.12
C SER J 22 -41.13 43.99 7.47
N PRO J 23 -42.22 44.50 8.06
CA PRO J 23 -43.06 45.54 7.47
C PRO J 23 -42.38 46.80 6.98
N GLN J 24 -41.35 47.33 7.69
CA GLN J 24 -40.68 48.57 7.34
C GLN J 24 -39.74 48.31 6.17
N PHE J 25 -39.10 47.12 6.17
CA PHE J 25 -38.28 46.62 5.08
C PHE J 25 -39.13 46.46 3.82
N MET J 26 -40.30 45.84 3.96
CA MET J 26 -41.23 45.63 2.87
C MET J 26 -41.87 46.89 2.33
N GLN J 27 -42.21 47.88 3.18
CA GLN J 27 -42.70 49.18 2.72
C GLN J 27 -41.68 49.91 1.86
N THR J 28 -40.41 49.87 2.30
CA THR J 28 -39.29 50.53 1.64
C THR J 28 -38.94 49.88 0.31
N ILE J 29 -38.89 48.52 0.24
CA ILE J 29 -38.61 47.85 -1.03
C ILE J 29 -39.81 47.76 -1.95
N ARG J 30 -41.06 47.73 -1.43
CA ARG J 30 -42.27 47.82 -2.24
C ARG J 30 -42.34 49.15 -2.96
N LEU J 31 -42.02 50.25 -2.24
CA LEU J 31 -41.88 51.57 -2.80
C LEU J 31 -40.76 51.64 -3.82
N ALA J 32 -39.57 51.10 -3.51
CA ALA J 32 -38.43 51.04 -4.43
C ALA J 32 -38.76 50.32 -5.75
N VAL J 33 -39.48 49.18 -5.66
CA VAL J 33 -39.98 48.45 -6.82
C VAL J 33 -40.97 49.27 -7.64
N GLN J 34 -41.92 49.95 -6.97
CA GLN J 34 -42.90 50.82 -7.59
C GLN J 34 -42.27 52.04 -8.27
N GLN J 35 -41.24 52.62 -7.63
CA GLN J 35 -40.46 53.75 -8.12
C GLN J 35 -39.49 53.49 -9.25
N PHE J 36 -38.80 52.33 -9.26
CA PHE J 36 -37.74 52.12 -10.24
C PHE J 36 -38.22 51.27 -11.41
N ASP J 37 -39.33 50.53 -11.24
CA ASP J 37 -39.81 49.49 -12.16
C ASP J 37 -38.70 48.50 -12.61
N PRO J 38 -37.94 47.96 -11.65
CA PRO J 38 -36.71 47.20 -11.93
C PRO J 38 -36.91 45.95 -12.77
N THR J 39 -35.90 45.60 -13.59
CA THR J 39 -35.88 44.35 -14.34
C THR J 39 -35.37 43.25 -13.41
N ALA J 40 -35.42 41.96 -13.83
CA ALA J 40 -34.94 40.85 -13.02
C ALA J 40 -33.48 40.99 -12.60
N LYS J 41 -32.61 41.54 -13.50
CA LYS J 41 -31.21 41.78 -13.20
C LYS J 41 -31.01 42.93 -12.20
N ASP J 42 -31.98 43.87 -12.10
CA ASP J 42 -31.89 45.00 -11.20
C ASP J 42 -32.41 44.62 -9.82
N LEU J 43 -33.38 43.68 -9.78
CA LEU J 43 -33.83 43.04 -8.57
C LEU J 43 -32.72 42.20 -7.95
N GLN J 44 -31.89 41.56 -8.80
CA GLN J 44 -30.72 40.81 -8.38
C GLN J 44 -29.67 41.74 -7.74
N ASP J 45 -29.44 42.95 -8.30
CA ASP J 45 -28.53 43.93 -7.72
C ASP J 45 -29.03 44.46 -6.37
N LEU J 46 -30.36 44.71 -6.26
CA LEU J 46 -31.01 45.12 -5.03
C LEU J 46 -30.94 44.08 -3.92
N LEU J 47 -31.22 42.80 -4.27
CA LEU J 47 -31.09 41.67 -3.37
C LEU J 47 -29.69 41.50 -2.82
N GLN J 48 -28.68 41.54 -3.71
CA GLN J 48 -27.30 41.42 -3.30
C GLN J 48 -26.78 42.57 -2.46
N TYR J 49 -27.20 43.82 -2.74
CA TYR J 49 -26.81 44.94 -1.88
C TYR J 49 -27.43 44.86 -0.48
N LEU J 50 -28.72 44.49 -0.36
CA LEU J 50 -29.40 44.42 0.92
C LEU J 50 -29.16 43.14 1.73
N CYS J 51 -28.99 41.98 1.09
CA CYS J 51 -28.92 40.69 1.76
C CYS J 51 -27.64 39.92 1.53
N SER J 52 -27.25 39.16 2.58
CA SER J 52 -26.17 38.18 2.56
C SER J 52 -26.42 37.06 1.56
N SER J 53 -25.35 36.41 1.06
CA SER J 53 -25.46 35.38 0.02
C SER J 53 -26.28 34.17 0.43
N LEU J 54 -26.24 33.77 1.73
CA LEU J 54 -27.10 32.74 2.28
C LEU J 54 -28.57 33.13 2.26
N VAL J 55 -28.91 34.35 2.71
CA VAL J 55 -30.27 34.89 2.67
C VAL J 55 -30.79 35.05 1.25
N ALA J 56 -29.94 35.52 0.32
CA ALA J 56 -30.26 35.58 -1.10
C ALA J 56 -30.58 34.20 -1.69
N SER J 57 -29.83 33.15 -1.30
CA SER J 57 -30.14 31.76 -1.64
C SER J 57 -31.47 31.29 -1.04
N LEU J 58 -31.75 31.57 0.25
CA LEU J 58 -33.03 31.24 0.87
C LEU J 58 -34.22 31.96 0.23
N HIS J 59 -34.05 33.25 -0.13
CA HIS J 59 -35.01 34.02 -0.92
C HIS J 59 -35.24 33.41 -2.29
N HIS J 60 -34.14 33.03 -2.98
CA HIS J 60 -34.17 32.35 -4.26
C HIS J 60 -34.94 31.05 -4.21
N GLN J 61 -34.72 30.20 -3.19
CA GLN J 61 -35.48 28.97 -2.97
C GLN J 61 -36.96 29.18 -2.73
N GLN J 62 -37.32 30.19 -1.91
CA GLN J 62 -38.72 30.51 -1.68
C GLN J 62 -39.41 31.05 -2.93
N LEU J 63 -38.70 31.94 -3.66
CA LEU J 63 -39.15 32.55 -4.90
C LEU J 63 -39.30 31.52 -6.01
N ASP J 64 -38.34 30.58 -6.10
CA ASP J 64 -38.34 29.49 -7.06
C ASP J 64 -39.58 28.60 -6.91
N SER J 65 -39.98 28.29 -5.64
CA SER J 65 -41.24 27.63 -5.34
C SER J 65 -42.47 28.43 -5.78
N LEU J 66 -42.52 29.75 -5.50
CA LEU J 66 -43.64 30.59 -5.93
C LEU J 66 -43.76 30.69 -7.44
N ILE J 67 -42.60 30.81 -8.14
CA ILE J 67 -42.50 30.77 -9.59
C ILE J 67 -42.95 29.42 -10.13
N SER J 68 -42.50 28.31 -9.54
CA SER J 68 -42.87 26.95 -9.92
C SER J 68 -44.37 26.71 -9.80
N GLU J 69 -45.02 27.14 -8.70
CA GLU J 69 -46.47 27.08 -8.60
C GLU J 69 -47.16 27.95 -9.64
N ALA J 70 -46.73 29.21 -9.82
CA ALA J 70 -47.31 30.10 -10.81
C ALA J 70 -47.17 29.64 -12.26
N GLU J 71 -45.98 29.10 -12.61
CA GLU J 71 -45.66 28.52 -13.91
C GLU J 71 -46.45 27.25 -14.23
N THR J 72 -46.61 26.35 -13.24
CA THR J 72 -47.43 25.15 -13.40
C THR J 72 -48.92 25.44 -13.46
N ARG J 73 -49.41 26.43 -12.69
CA ARG J 73 -50.75 26.96 -12.78
C ARG J 73 -51.05 27.66 -14.11
N GLY J 74 -50.05 28.35 -14.69
CA GLY J 74 -50.15 29.09 -15.95
C GLY J 74 -50.77 30.44 -15.76
N ILE J 75 -50.81 30.93 -14.51
CA ILE J 75 -51.44 32.18 -14.15
C ILE J 75 -50.59 33.41 -14.50
N THR J 76 -49.27 33.20 -14.72
CA THR J 76 -48.29 34.25 -14.97
C THR J 76 -48.51 35.02 -16.28
N GLY J 77 -48.82 34.33 -17.39
CA GLY J 77 -49.02 34.93 -18.72
C GLY J 77 -47.83 34.84 -19.63
N TYR J 78 -46.80 34.06 -19.25
CA TYR J 78 -45.59 33.90 -20.03
C TYR J 78 -45.77 32.86 -21.13
N ASN J 79 -45.25 33.14 -22.34
CA ASN J 79 -45.16 32.16 -23.41
C ASN J 79 -44.08 31.12 -23.04
N PRO J 80 -44.38 29.84 -22.89
CA PRO J 80 -43.45 28.87 -22.33
C PRO J 80 -42.34 28.47 -23.28
N LEU J 81 -42.36 28.90 -24.55
CA LEU J 81 -41.28 28.59 -25.49
C LEU J 81 -40.49 29.86 -25.82
N ALA J 82 -40.77 30.98 -25.15
CA ALA J 82 -40.09 32.25 -25.34
C ALA J 82 -38.96 32.50 -24.33
N GLY J 83 -38.51 31.42 -23.65
CA GLY J 83 -37.42 31.45 -22.68
C GLY J 83 -37.86 31.53 -21.24
N PRO J 84 -36.94 31.30 -20.30
CA PRO J 84 -37.22 31.31 -18.87
C PRO J 84 -37.73 32.65 -18.34
N LEU J 85 -38.43 32.65 -17.19
CA LEU J 85 -38.95 33.86 -16.56
C LEU J 85 -37.86 34.86 -16.23
N ARG J 86 -36.70 34.35 -15.80
CA ARG J 86 -35.52 35.10 -15.43
C ARG J 86 -34.82 35.84 -16.57
N VAL J 87 -35.17 35.54 -17.83
CA VAL J 87 -34.68 36.24 -19.01
C VAL J 87 -35.81 37.07 -19.60
N GLN J 88 -37.06 36.55 -19.64
CA GLN J 88 -38.21 37.30 -20.14
C GLN J 88 -38.55 38.53 -19.31
N ALA J 89 -38.26 38.51 -17.99
CA ALA J 89 -38.42 39.63 -17.07
C ALA J 89 -37.33 40.70 -17.23
N ASN J 90 -36.43 40.52 -18.23
CA ASN J 90 -35.51 41.55 -18.69
C ASN J 90 -35.83 42.00 -20.11
N ASN J 91 -36.82 41.39 -20.82
CA ASN J 91 -37.20 41.79 -22.18
C ASN J 91 -37.83 43.20 -22.18
N PRO J 92 -37.55 44.12 -23.12
CA PRO J 92 -38.01 45.50 -22.99
C PRO J 92 -39.51 45.75 -23.10
N GLN J 93 -40.25 44.92 -23.87
CA GLN J 93 -41.66 45.16 -24.17
C GLN J 93 -42.60 44.27 -23.38
N GLN J 94 -42.08 43.36 -22.51
CA GLN J 94 -42.87 42.41 -21.76
C GLN J 94 -43.24 42.93 -20.37
N GLN J 95 -43.89 44.12 -20.32
CA GLN J 95 -44.15 44.85 -19.09
C GLN J 95 -44.99 44.13 -18.05
N GLY J 96 -46.04 43.40 -18.46
CA GLY J 96 -46.93 42.72 -17.52
C GLY J 96 -46.27 41.55 -16.85
N LEU J 97 -45.24 40.99 -17.52
CA LEU J 97 -44.54 39.82 -17.07
C LEU J 97 -43.39 40.23 -16.16
N ARG J 98 -42.78 41.42 -16.39
CA ARG J 98 -41.84 42.04 -15.46
C ARG J 98 -42.51 42.38 -14.15
N ARG J 99 -43.73 42.94 -14.22
CA ARG J 99 -44.54 43.31 -13.07
C ARG J 99 -44.98 42.10 -12.25
N GLU J 100 -45.35 41.00 -12.93
CA GLU J 100 -45.72 39.76 -12.26
C GLU J 100 -44.51 39.16 -11.52
N TYR J 101 -43.30 39.20 -12.16
CA TYR J 101 -42.05 38.78 -11.53
C TYR J 101 -41.71 39.65 -10.29
N GLN J 102 -41.88 40.98 -10.38
CA GLN J 102 -41.70 41.89 -9.26
C GLN J 102 -42.60 41.57 -8.07
N GLN J 103 -43.88 41.27 -8.32
CA GLN J 103 -44.80 40.88 -7.25
C GLN J 103 -44.47 39.54 -6.62
N LEU J 104 -44.01 38.53 -7.41
CA LEU J 104 -43.54 37.26 -6.86
C LEU J 104 -42.28 37.42 -6.03
N TRP J 105 -41.34 38.27 -6.51
CA TRP J 105 -40.10 38.62 -5.85
C TRP J 105 -40.34 39.28 -4.50
N LEU J 106 -41.27 40.26 -4.43
CA LEU J 106 -41.71 40.86 -3.18
C LEU J 106 -42.42 39.87 -2.25
N ALA J 107 -43.33 39.03 -2.80
CA ALA J 107 -44.10 38.06 -2.05
C ALA J 107 -43.25 37.03 -1.33
N ALA J 108 -42.14 36.57 -1.95
CA ALA J 108 -41.23 35.60 -1.37
C ALA J 108 -40.61 36.01 -0.03
N PHE J 109 -40.32 37.32 0.20
CA PHE J 109 -39.67 37.75 1.43
C PHE J 109 -40.52 37.62 2.68
N ALA J 110 -41.86 37.67 2.54
CA ALA J 110 -42.75 37.59 3.68
C ALA J 110 -42.78 36.21 4.32
N ALA J 111 -42.32 35.16 3.61
CA ALA J 111 -42.22 33.85 4.22
C ALA J 111 -40.90 33.64 4.95
N LEU J 112 -39.85 34.44 4.69
CA LEU J 112 -38.53 34.23 5.27
C LEU J 112 -38.41 34.31 6.81
N PRO J 113 -38.98 35.27 7.55
CA PRO J 113 -38.96 35.29 9.02
C PRO J 113 -39.86 34.21 9.63
N GLY J 114 -40.80 33.64 8.84
CA GLY J 114 -41.72 32.60 9.27
C GLY J 114 -41.05 31.25 9.15
N SER J 115 -40.25 31.12 8.07
CA SER J 115 -39.39 29.99 7.73
C SER J 115 -38.19 29.88 8.66
N ALA J 116 -37.69 31.04 9.17
CA ALA J 116 -36.58 31.15 10.09
C ALA J 116 -36.75 30.37 11.39
N LYS J 117 -35.66 29.76 11.90
CA LYS J 117 -35.75 28.87 13.06
C LYS J 117 -35.16 29.43 14.34
N ASP J 118 -34.55 30.63 14.32
CA ASP J 118 -34.13 31.26 15.56
C ASP J 118 -34.17 32.79 15.46
N PRO J 119 -35.34 33.44 15.42
CA PRO J 119 -35.49 34.90 15.42
C PRO J 119 -34.78 35.63 16.55
N SER J 120 -34.14 36.78 16.29
CA SER J 120 -33.41 37.54 17.30
C SER J 120 -34.25 38.06 18.44
N TRP J 121 -35.52 38.47 18.18
CA TRP J 121 -36.41 39.06 19.17
C TRP J 121 -36.81 38.09 20.27
N ALA J 122 -36.72 36.76 20.01
CA ALA J 122 -37.10 35.74 20.96
C ALA J 122 -36.02 35.57 22.02
N SER J 123 -34.82 36.12 21.78
CA SER J 123 -33.69 36.11 22.69
C SER J 123 -33.37 37.45 23.28
N ILE J 124 -34.29 38.44 23.16
CA ILE J 124 -34.14 39.72 23.84
C ILE J 124 -34.57 39.52 25.29
N LEU J 125 -33.62 39.58 26.24
CA LEU J 125 -33.84 39.29 27.65
C LEU J 125 -33.55 40.54 28.48
N GLN J 126 -34.39 40.84 29.49
CA GLN J 126 -34.19 41.98 30.39
C GLN J 126 -32.86 41.95 31.14
N GLY J 127 -32.06 43.05 31.05
CA GLY J 127 -30.80 43.18 31.77
C GLY J 127 -30.93 43.28 33.27
N LEU J 128 -29.83 43.08 34.00
CA LEU J 128 -29.82 43.05 35.46
C LEU J 128 -29.91 44.43 36.10
N GLU J 129 -29.64 45.51 35.33
CA GLU J 129 -29.81 46.88 35.77
C GLU J 129 -30.85 47.58 34.89
N GLU J 130 -31.64 46.82 34.11
CA GLU J 130 -32.56 47.37 33.12
C GLU J 130 -34.01 47.55 33.57
N PRO J 131 -34.62 48.75 33.53
CA PRO J 131 -36.01 48.96 33.94
C PRO J 131 -37.01 48.15 33.13
N TYR J 132 -38.07 47.60 33.78
CA TYR J 132 -39.07 46.77 33.12
C TYR J 132 -39.77 47.45 31.93
N HIS J 133 -40.13 48.74 32.06
CA HIS J 133 -40.67 49.58 31.00
C HIS J 133 -39.79 49.65 29.76
N ALA J 134 -38.48 49.95 29.93
CA ALA J 134 -37.49 50.01 28.88
C ALA J 134 -37.33 48.67 28.14
N PHE J 135 -37.36 47.56 28.91
CA PHE J 135 -37.40 46.20 28.39
C PHE J 135 -38.60 45.89 27.51
N VAL J 136 -39.83 46.24 27.95
CA VAL J 136 -41.05 46.08 27.16
C VAL J 136 -41.00 46.88 25.86
N GLU J 137 -40.47 48.13 25.90
CA GLU J 137 -40.17 48.88 24.68
C GLU J 137 -39.17 48.22 23.75
N ARG J 138 -38.07 47.67 24.32
CA ARG J 138 -37.04 46.96 23.58
C ARG J 138 -37.62 45.74 22.84
N LEU J 139 -38.47 44.95 23.53
CA LEU J 139 -39.24 43.88 22.90
C LEU J 139 -40.21 44.38 21.85
N ASN J 140 -40.99 45.44 22.13
CA ASN J 140 -41.97 46.02 21.20
C ASN J 140 -41.35 46.42 19.86
N ILE J 141 -40.20 47.13 19.92
CA ILE J 141 -39.39 47.51 18.77
C ILE J 141 -38.83 46.31 18.04
N ALA J 142 -38.25 45.34 18.79
CA ALA J 142 -37.72 44.12 18.22
C ALA J 142 -38.76 43.26 17.50
N LEU J 143 -40.01 43.19 18.03
CA LEU J 143 -41.11 42.55 17.35
C LEU J 143 -41.54 43.31 16.09
N ASP J 144 -41.66 44.66 16.17
CA ASP J 144 -42.06 45.48 15.04
C ASP J 144 -41.10 45.40 13.86
N ASN J 145 -39.79 45.27 14.12
CA ASN J 145 -38.79 45.14 13.08
C ASN J 145 -38.42 43.69 12.80
N GLY J 146 -39.12 42.70 13.40
CA GLY J 146 -38.78 41.29 13.23
C GLY J 146 -39.91 40.32 12.95
N LEU J 147 -41.19 40.69 13.16
CA LEU J 147 -42.32 39.86 12.76
C LEU J 147 -42.79 40.17 11.34
N PRO J 148 -43.15 39.22 10.48
CA PRO J 148 -43.85 39.49 9.22
C PRO J 148 -45.24 40.10 9.41
N GLU J 149 -45.72 40.89 8.43
CA GLU J 149 -47.03 41.52 8.42
C GLU J 149 -48.18 40.51 8.55
N GLY J 150 -49.21 40.84 9.35
CA GLY J 150 -50.37 39.99 9.61
C GLY J 150 -50.11 39.04 10.75
N THR J 151 -49.24 39.44 11.70
CA THR J 151 -48.88 38.64 12.86
C THR J 151 -49.48 39.33 14.08
N PRO J 152 -50.11 38.64 15.05
CA PRO J 152 -50.69 39.31 16.20
C PRO J 152 -49.64 39.49 17.28
N LYS J 153 -48.91 40.62 17.24
CA LYS J 153 -47.82 40.91 18.16
C LYS J 153 -48.24 41.09 19.61
N ASP J 154 -49.51 41.44 19.85
CA ASP J 154 -50.07 41.70 21.17
C ASP J 154 -50.09 40.53 22.15
N PRO J 155 -50.56 39.30 21.85
CA PRO J 155 -50.44 38.18 22.78
C PRO J 155 -49.01 37.70 22.87
N ILE J 156 -48.21 37.88 21.80
CA ILE J 156 -46.80 37.52 21.81
C ILE J 156 -46.02 38.40 22.78
N LEU J 157 -46.26 39.73 22.76
CA LEU J 157 -45.59 40.66 23.64
C LEU J 157 -45.97 40.51 25.10
N ARG J 158 -47.26 40.30 25.47
CA ARG J 158 -47.61 40.00 26.85
C ARG J 158 -47.05 38.68 27.39
N SER J 159 -46.86 37.66 26.51
CA SER J 159 -46.18 36.42 26.88
C SER J 159 -44.68 36.66 27.08
N LEU J 160 -44.01 37.35 26.11
CA LEU J 160 -42.59 37.65 26.18
C LEU J 160 -42.23 38.54 27.36
N ALA J 161 -43.14 39.46 27.73
CA ALA J 161 -43.03 40.35 28.88
C ALA J 161 -42.89 39.60 30.21
N TYR J 162 -43.37 38.34 30.28
CA TYR J 162 -43.16 37.46 31.41
C TYR J 162 -41.94 36.59 31.18
N SER J 163 -41.91 35.83 30.06
CA SER J 163 -40.90 34.81 29.83
C SER J 163 -39.47 35.31 29.67
N ASN J 164 -39.29 36.55 29.17
CA ASN J 164 -37.96 37.09 28.93
C ASN J 164 -37.61 38.16 29.95
N ALA J 165 -38.31 38.16 31.11
CA ALA J 165 -38.02 39.07 32.20
C ALA J 165 -36.92 38.58 33.12
N ASN J 166 -36.27 39.51 33.82
CA ASN J 166 -35.29 39.27 34.86
C ASN J 166 -35.94 38.50 36.01
N LYS J 167 -35.25 37.51 36.61
CA LYS J 167 -35.79 36.62 37.64
C LYS J 167 -36.53 37.28 38.81
N GLU J 168 -36.03 38.45 39.28
CA GLU J 168 -36.71 39.23 40.30
C GLU J 168 -38.06 39.79 39.86
N CYS J 169 -38.18 40.19 38.58
CA CYS J 169 -39.45 40.61 38.02
C CYS J 169 -40.37 39.42 37.79
N GLN J 170 -39.83 38.23 37.43
CA GLN J 170 -40.66 37.04 37.32
C GLN J 170 -41.26 36.60 38.66
N LYS J 171 -40.47 36.68 39.76
CA LYS J 171 -40.99 36.39 41.09
C LYS J 171 -42.09 37.35 41.54
N LEU J 172 -41.91 38.65 41.22
CA LEU J 172 -42.87 39.71 41.45
C LEU J 172 -44.16 39.50 40.66
N LEU J 173 -44.04 39.11 39.38
CA LEU J 173 -45.13 38.80 38.48
C LEU J 173 -45.89 37.57 38.97
N GLN J 174 -45.19 36.53 39.46
CA GLN J 174 -45.85 35.38 40.06
C GLN J 174 -46.56 35.77 41.35
N ALA J 175 -45.90 36.54 42.24
CA ALA J 175 -46.44 37.00 43.51
C ALA J 175 -47.71 37.84 43.40
N ARG J 176 -47.75 38.74 42.40
CA ARG J 176 -48.86 39.63 42.13
C ARG J 176 -49.94 38.98 41.28
N GLY J 177 -49.72 37.72 40.82
CA GLY J 177 -50.69 36.97 40.04
C GLY J 177 -50.83 37.40 38.62
N HIS J 178 -49.73 37.81 37.97
CA HIS J 178 -49.72 38.33 36.62
C HIS J 178 -48.70 37.59 35.79
N THR J 179 -48.96 36.32 35.44
CA THR J 179 -48.00 35.49 34.70
C THR J 179 -48.21 35.61 33.21
N ASN J 180 -49.24 36.38 32.82
CA ASN J 180 -49.62 36.76 31.48
C ASN J 180 -50.88 37.60 31.71
N SER J 181 -50.81 38.91 31.46
CA SER J 181 -51.90 39.84 31.69
C SER J 181 -51.71 40.96 30.71
N PRO J 182 -52.69 41.83 30.44
CA PRO J 182 -52.50 43.06 29.68
C PRO J 182 -51.27 43.87 30.09
N LEU J 183 -50.54 44.47 29.13
CA LEU J 183 -49.25 45.12 29.38
C LEU J 183 -49.28 46.20 30.46
N GLY J 184 -50.40 46.93 30.59
CA GLY J 184 -50.61 47.88 31.68
C GLY J 184 -50.61 47.26 33.06
N ASP J 185 -51.16 46.04 33.24
CA ASP J 185 -51.17 45.38 34.54
C ASP J 185 -49.80 44.78 34.85
N MET J 186 -49.08 44.28 33.83
CA MET J 186 -47.70 43.81 33.96
C MET J 186 -46.76 44.93 34.42
N LEU J 187 -46.92 46.12 33.82
CA LEU J 187 -46.19 47.32 34.19
C LEU J 187 -46.60 47.88 35.54
N ARG J 188 -47.91 47.93 35.86
CA ARG J 188 -48.38 48.35 37.18
C ARG J 188 -47.81 47.52 38.33
N ALA J 189 -47.67 46.19 38.12
CA ALA J 189 -46.95 45.33 39.05
C ALA J 189 -45.44 45.67 39.13
N CYS J 190 -44.75 45.73 37.97
CA CYS J 190 -43.29 45.84 37.93
C CYS J 190 -42.77 47.24 38.10
N GLN J 191 -43.69 48.22 38.30
CA GLN J 191 -43.40 49.59 38.70
C GLN J 191 -42.71 49.61 40.06
N THR J 192 -43.05 48.60 40.89
CA THR J 192 -42.50 48.36 42.21
C THR J 192 -41.11 47.74 42.21
N TRP J 193 -40.61 47.18 41.08
CA TRP J 193 -39.27 46.67 41.01
C TRP J 193 -38.31 47.74 40.53
N THR J 194 -37.21 47.96 41.28
CA THR J 194 -36.16 48.90 40.92
C THR J 194 -34.83 48.16 40.85
N PRO J 195 -33.91 48.44 39.92
CA PRO J 195 -32.60 47.80 39.89
C PRO J 195 -31.70 48.28 41.01
N ARG K 1 20.64 -56.77 -26.45
CA ARG K 1 21.22 -57.49 -25.33
C ARG K 1 22.07 -56.50 -24.55
N PRO K 2 21.82 -56.20 -23.29
CA PRO K 2 22.52 -55.11 -22.61
C PRO K 2 23.75 -55.62 -21.88
N TRP K 3 24.82 -56.03 -22.58
CA TRP K 3 26.01 -56.58 -21.92
C TRP K 3 26.74 -55.59 -21.02
N GLN K 4 26.73 -54.30 -21.40
CA GLN K 4 27.26 -53.23 -20.58
C GLN K 4 26.57 -53.05 -19.24
N MET K 5 25.26 -53.37 -19.14
CA MET K 5 24.49 -53.25 -17.90
C MET K 5 25.01 -54.16 -16.79
N LYS K 6 25.34 -55.41 -17.13
CA LYS K 6 25.87 -56.35 -16.15
C LYS K 6 27.29 -55.95 -15.73
N ASP K 7 28.12 -55.45 -16.66
CA ASP K 7 29.45 -55.00 -16.33
C ASP K 7 29.45 -53.70 -15.52
N LEU K 8 28.54 -52.74 -15.82
CA LEU K 8 28.39 -51.49 -15.07
C LEU K 8 27.91 -51.69 -13.64
N GLN K 9 26.97 -52.62 -13.42
CA GLN K 9 26.53 -52.99 -12.09
C GLN K 9 27.64 -53.63 -11.26
N ALA K 10 28.45 -54.52 -11.87
CA ALA K 10 29.61 -55.12 -11.25
C ALA K 10 30.69 -54.09 -10.90
N ILE K 11 30.94 -53.10 -11.78
CA ILE K 11 31.83 -51.98 -11.52
C ILE K 11 31.41 -51.14 -10.33
N LYS K 12 30.11 -50.76 -10.25
CA LYS K 12 29.59 -50.02 -9.10
C LYS K 12 29.67 -50.78 -7.78
N GLN K 13 29.46 -52.12 -7.82
CA GLN K 13 29.68 -52.95 -6.64
C GLN K 13 31.14 -52.96 -6.19
N GLU K 14 32.11 -53.08 -7.14
CA GLU K 14 33.53 -53.08 -6.84
C GLU K 14 34.04 -51.75 -6.26
N VAL K 15 33.51 -50.59 -6.72
CA VAL K 15 33.98 -49.30 -6.24
C VAL K 15 33.04 -48.68 -5.22
N SER K 16 32.10 -49.46 -4.64
CA SER K 16 31.08 -48.97 -3.72
C SER K 16 31.58 -48.23 -2.48
N GLN K 17 32.66 -48.73 -1.85
CA GLN K 17 33.24 -48.10 -0.68
C GLN K 17 34.45 -47.24 -1.03
N ALA K 18 34.73 -47.04 -2.32
CA ALA K 18 35.86 -46.26 -2.80
C ALA K 18 35.44 -44.83 -3.16
N ALA K 19 36.14 -43.81 -2.62
CA ALA K 19 35.83 -42.41 -2.87
C ALA K 19 36.06 -42.01 -4.35
N PRO K 20 35.28 -41.11 -4.96
CA PRO K 20 35.53 -40.63 -6.32
C PRO K 20 36.91 -39.98 -6.48
N GLY K 21 37.83 -40.64 -7.22
CA GLY K 21 39.19 -40.18 -7.44
C GLY K 21 40.23 -41.03 -6.75
N SER K 22 39.81 -41.95 -5.86
CA SER K 22 40.69 -42.89 -5.17
C SER K 22 41.38 -43.90 -6.09
N PRO K 23 42.55 -44.46 -5.80
CA PRO K 23 43.26 -45.37 -6.70
C PRO K 23 42.48 -46.56 -7.21
N GLN K 24 41.61 -47.19 -6.39
CA GLN K 24 40.86 -48.38 -6.77
C GLN K 24 39.71 -47.98 -7.69
N PHE K 25 39.08 -46.81 -7.41
CA PHE K 25 38.06 -46.22 -8.23
C PHE K 25 38.62 -45.89 -9.61
N MET K 26 39.81 -45.24 -9.65
CA MET K 26 40.48 -44.88 -10.89
C MET K 26 40.99 -46.04 -11.71
N GLN K 27 41.53 -47.11 -11.07
CA GLN K 27 41.90 -48.32 -11.78
C GLN K 27 40.73 -48.98 -12.47
N THR K 28 39.59 -49.05 -11.77
CA THR K 28 38.37 -49.69 -12.26
C THR K 28 37.76 -48.92 -13.42
N ILE K 29 37.68 -47.56 -13.34
CA ILE K 29 37.15 -46.81 -14.48
C ILE K 29 38.16 -46.64 -15.61
N ARG K 30 39.48 -46.64 -15.33
CA ARG K 30 40.51 -46.67 -16.37
C ARG K 30 40.45 -47.95 -17.19
N LEU K 31 40.28 -49.11 -16.51
CA LEU K 31 40.07 -50.40 -17.14
C LEU K 31 38.80 -50.45 -17.95
N ALA K 32 37.67 -49.95 -17.38
CA ALA K 32 36.41 -49.83 -18.09
C ALA K 32 36.51 -48.98 -19.36
N VAL K 33 37.23 -47.83 -19.29
CA VAL K 33 37.50 -47.00 -20.45
C VAL K 33 38.34 -47.71 -21.52
N GLN K 34 39.40 -48.42 -21.10
CA GLN K 34 40.27 -49.18 -21.98
C GLN K 34 39.57 -50.37 -22.65
N GLN K 35 38.68 -51.07 -21.91
CA GLN K 35 37.87 -52.17 -22.42
C GLN K 35 36.70 -51.78 -23.33
N PHE K 36 36.01 -50.68 -23.00
CA PHE K 36 34.76 -50.33 -23.68
C PHE K 36 34.87 -49.28 -24.75
N ASP K 37 35.96 -48.48 -24.76
CA ASP K 37 36.15 -47.32 -25.63
C ASP K 37 34.94 -46.34 -25.71
N PRO K 38 34.36 -45.94 -24.56
CA PRO K 38 33.11 -45.18 -24.50
C PRO K 38 33.15 -43.80 -25.15
N THR K 39 32.02 -43.34 -25.70
CA THR K 39 31.88 -41.99 -26.25
C THR K 39 31.60 -41.01 -25.13
N ALA K 40 31.59 -39.68 -25.41
CA ALA K 40 31.32 -38.67 -24.39
C ALA K 40 29.98 -38.85 -23.66
N LYS K 41 28.92 -39.27 -24.39
CA LYS K 41 27.61 -39.53 -23.82
C LYS K 41 27.60 -40.82 -22.97
N ASP K 42 28.53 -41.76 -23.20
CA ASP K 42 28.59 -43.02 -22.47
C ASP K 42 29.37 -42.83 -21.18
N LEU K 43 30.34 -41.91 -21.21
CA LEU K 43 31.06 -41.40 -20.06
C LEU K 43 30.12 -40.63 -19.14
N GLN K 44 29.16 -39.88 -19.71
CA GLN K 44 28.13 -39.17 -18.96
C GLN K 44 27.22 -40.15 -18.21
N ASP K 45 26.83 -41.28 -18.84
CA ASP K 45 26.06 -42.32 -18.18
C ASP K 45 26.83 -43.03 -17.07
N LEU K 46 28.13 -43.30 -17.29
CA LEU K 46 29.02 -43.88 -16.30
C LEU K 46 29.20 -42.99 -15.07
N LEU K 47 29.43 -41.67 -15.31
CA LEU K 47 29.52 -40.66 -14.26
C LEU K 47 28.27 -40.58 -13.41
N GLN K 48 27.08 -40.50 -14.06
CA GLN K 48 25.82 -40.47 -13.37
C GLN K 48 25.47 -41.74 -12.62
N TYR K 49 25.80 -42.95 -13.15
CA TYR K 49 25.56 -44.18 -12.41
C TYR K 49 26.42 -44.30 -11.15
N LEU K 50 27.71 -43.94 -11.23
CA LEU K 50 28.61 -44.04 -10.11
C LEU K 50 28.54 -42.90 -9.11
N CYS K 51 28.25 -41.66 -9.57
CA CYS K 51 28.30 -40.47 -8.76
C CYS K 51 26.98 -39.69 -8.67
N SER K 52 26.82 -39.03 -7.50
CA SER K 52 25.79 -38.06 -7.17
C SER K 52 25.82 -36.84 -8.07
N SER K 53 24.67 -36.13 -8.25
CA SER K 53 24.60 -34.99 -9.17
C SER K 53 25.51 -33.83 -8.81
N LEU K 54 25.74 -33.57 -7.51
CA LEU K 54 26.69 -32.57 -7.04
C LEU K 54 28.13 -32.94 -7.42
N VAL K 55 28.55 -34.20 -7.17
CA VAL K 55 29.88 -34.69 -7.55
C VAL K 55 30.06 -34.69 -9.06
N ALA K 56 29.04 -35.08 -9.83
CA ALA K 56 29.04 -34.98 -11.28
C ALA K 56 29.21 -33.53 -11.79
N SER K 57 28.56 -32.55 -11.13
CA SER K 57 28.78 -31.12 -11.38
C SER K 57 30.18 -30.64 -11.02
N LEU K 58 30.72 -31.04 -9.85
CA LEU K 58 32.09 -30.72 -9.45
C LEU K 58 33.15 -31.34 -10.36
N HIS K 59 32.92 -32.59 -10.82
CA HIS K 59 33.71 -33.24 -11.86
C HIS K 59 33.67 -32.50 -13.17
N HIS K 60 32.45 -32.08 -13.59
CA HIS K 60 32.23 -31.28 -14.77
C HIS K 60 32.96 -29.94 -14.75
N GLN K 61 32.93 -29.21 -13.61
CA GLN K 61 33.67 -27.97 -13.42
C GLN K 61 35.19 -28.15 -13.50
N GLN K 62 35.73 -29.22 -12.87
CA GLN K 62 37.15 -29.54 -12.95
C GLN K 62 37.56 -29.94 -14.36
N LEU K 63 36.71 -30.74 -15.03
CA LEU K 63 36.88 -31.17 -16.40
C LEU K 63 36.84 -30.01 -17.38
N ASP K 64 35.91 -29.05 -17.18
CA ASP K 64 35.81 -27.83 -17.97
C ASP K 64 37.09 -27.00 -17.87
N SER K 65 37.70 -26.88 -16.67
CA SER K 65 39.02 -26.24 -16.50
C SER K 65 40.11 -26.94 -17.32
N LEU K 66 40.18 -28.29 -17.27
CA LEU K 66 41.14 -29.07 -18.06
C LEU K 66 40.93 -28.95 -19.56
N ILE K 67 39.65 -28.96 -20.00
CA ILE K 67 39.21 -28.74 -21.37
C ILE K 67 39.59 -27.34 -21.83
N SER K 68 39.35 -26.32 -20.99
CA SER K 68 39.71 -24.93 -21.23
C SER K 68 41.19 -24.75 -21.44
N GLU K 69 42.04 -25.39 -20.61
CA GLU K 69 43.47 -25.38 -20.88
C GLU K 69 43.82 -26.06 -22.22
N ALA K 70 43.26 -27.25 -22.50
CA ALA K 70 43.53 -27.95 -23.74
C ALA K 70 43.08 -27.21 -25.00
N GLU K 71 41.89 -26.59 -24.95
CA GLU K 71 41.27 -25.77 -25.95
C GLU K 71 42.03 -24.47 -26.23
N THR K 72 42.50 -23.79 -25.16
CA THR K 72 43.35 -22.61 -25.29
C THR K 72 44.75 -22.93 -25.77
N ARG K 73 45.32 -24.08 -25.36
CA ARG K 73 46.57 -24.58 -25.91
C ARG K 73 46.48 -24.97 -27.38
N GLY K 74 45.33 -25.52 -27.83
CA GLY K 74 45.11 -25.93 -29.22
C GLY K 74 45.82 -27.22 -29.52
N ILE K 75 45.94 -28.07 -28.48
CA ILE K 75 46.75 -29.28 -28.47
C ILE K 75 45.91 -30.53 -28.68
N THR K 76 44.58 -30.39 -28.76
CA THR K 76 43.64 -31.51 -28.78
C THR K 76 43.50 -32.23 -30.10
N GLY K 77 43.60 -31.51 -31.24
CA GLY K 77 43.45 -32.07 -32.60
C GLY K 77 42.06 -31.90 -33.17
N TYR K 78 41.18 -31.15 -32.48
CA TYR K 78 39.81 -30.91 -32.88
C TYR K 78 39.69 -29.75 -33.86
N ASN K 79 38.69 -29.80 -34.76
CA ASN K 79 38.28 -28.67 -35.58
C ASN K 79 37.43 -27.74 -34.72
N PRO K 80 37.75 -26.48 -34.46
CA PRO K 80 36.97 -25.64 -33.55
C PRO K 80 35.67 -25.18 -34.20
N LEU K 81 35.48 -25.40 -35.51
CA LEU K 81 34.26 -25.03 -36.23
C LEU K 81 33.32 -26.21 -36.42
N ALA K 82 33.59 -27.38 -35.80
CA ALA K 82 32.74 -28.56 -35.91
C ALA K 82 31.95 -28.83 -34.63
N GLY K 83 31.77 -27.78 -33.80
CA GLY K 83 31.07 -27.86 -32.52
C GLY K 83 31.95 -28.22 -31.35
N PRO K 84 31.41 -28.23 -30.14
CA PRO K 84 32.17 -28.50 -28.91
C PRO K 84 32.77 -29.89 -28.85
N LEU K 85 33.72 -30.11 -27.91
CA LEU K 85 34.37 -31.39 -27.65
C LEU K 85 33.34 -32.46 -27.32
N ARG K 86 32.30 -32.03 -26.59
CA ARG K 86 31.19 -32.81 -26.11
C ARG K 86 30.26 -33.36 -27.19
N VAL K 87 30.37 -32.85 -28.43
CA VAL K 87 29.61 -33.35 -29.57
C VAL K 87 30.51 -34.11 -30.52
N GLN K 88 31.73 -33.61 -30.80
CA GLN K 88 32.70 -34.31 -31.65
C GLN K 88 33.17 -35.64 -31.10
N ALA K 89 33.25 -35.78 -29.75
CA ALA K 89 33.63 -37.01 -29.09
C ALA K 89 32.54 -38.09 -29.08
N ASN K 90 31.39 -37.84 -29.76
CA ASN K 90 30.39 -38.86 -30.06
C ASN K 90 30.47 -39.31 -31.51
N ASN K 91 31.23 -38.61 -32.39
CA ASN K 91 31.41 -39.00 -33.79
C ASN K 91 32.15 -40.34 -33.93
N PRO K 92 31.79 -41.25 -34.84
CA PRO K 92 32.37 -42.59 -34.87
C PRO K 92 33.80 -42.65 -35.36
N GLN K 93 34.20 -41.83 -36.35
CA GLN K 93 35.51 -41.95 -36.98
C GLN K 93 36.57 -41.06 -36.35
N GLN K 94 36.26 -40.37 -35.24
CA GLN K 94 37.17 -39.47 -34.57
C GLN K 94 37.74 -40.10 -33.31
N GLN K 95 38.34 -41.31 -33.43
CA GLN K 95 38.80 -42.10 -32.31
C GLN K 95 39.85 -41.42 -31.45
N GLY K 96 40.81 -40.70 -32.06
CA GLY K 96 41.88 -40.02 -31.32
C GLY K 96 41.38 -38.86 -30.50
N LEU K 97 40.23 -38.29 -30.91
CA LEU K 97 39.66 -37.16 -30.23
C LEU K 97 38.77 -37.64 -29.10
N ARG K 98 38.15 -38.83 -29.27
CA ARG K 98 37.48 -39.56 -28.20
C ARG K 98 38.43 -39.98 -27.10
N ARG K 99 39.63 -40.50 -27.47
CA ARG K 99 40.67 -40.94 -26.57
C ARG K 99 41.24 -39.77 -25.78
N GLU K 100 41.41 -38.61 -26.45
CA GLU K 100 41.85 -37.39 -25.79
C GLU K 100 40.83 -36.89 -24.76
N TYR K 101 39.51 -36.95 -25.11
CA TYR K 101 38.41 -36.65 -24.19
C TYR K 101 38.34 -37.62 -23.00
N GLN K 102 38.52 -38.94 -23.24
CA GLN K 102 38.55 -39.97 -22.20
C GLN K 102 39.65 -39.73 -21.18
N GLN K 103 40.85 -39.35 -21.64
CA GLN K 103 41.96 -39.02 -20.79
C GLN K 103 41.72 -37.74 -19.98
N LEU K 104 41.07 -36.70 -20.56
CA LEU K 104 40.67 -35.52 -19.79
C LEU K 104 39.63 -35.84 -18.72
N TRP K 105 38.64 -36.68 -19.09
CA TRP K 105 37.57 -37.16 -18.24
C TRP K 105 38.08 -37.93 -17.04
N LEU K 106 39.03 -38.87 -17.26
CA LEU K 106 39.72 -39.58 -16.19
C LEU K 106 40.57 -38.65 -15.33
N ALA K 107 41.32 -37.72 -15.95
CA ALA K 107 42.18 -36.79 -15.25
C ALA K 107 41.45 -35.89 -14.26
N ALA K 108 40.23 -35.43 -14.60
CA ALA K 108 39.43 -34.59 -13.73
C ALA K 108 39.10 -35.19 -12.35
N PHE K 109 38.90 -36.52 -12.25
CA PHE K 109 38.57 -37.15 -10.98
C PHE K 109 39.71 -37.15 -9.98
N ALA K 110 40.96 -37.10 -10.46
CA ALA K 110 42.13 -37.16 -9.61
C ALA K 110 42.30 -35.92 -8.77
N ALA K 111 41.65 -34.78 -9.11
CA ALA K 111 41.70 -33.62 -8.26
C ALA K 111 40.66 -33.63 -7.16
N LEU K 112 39.58 -34.43 -7.28
CA LEU K 112 38.46 -34.37 -6.35
C LEU K 112 38.74 -34.68 -4.87
N PRO K 113 39.54 -35.68 -4.46
CA PRO K 113 39.83 -35.89 -3.04
C PRO K 113 40.75 -34.81 -2.46
N GLY K 114 41.44 -34.05 -3.32
CA GLY K 114 42.33 -32.94 -2.96
C GLY K 114 41.57 -31.66 -2.81
N SER K 115 40.57 -31.45 -3.68
CA SER K 115 39.70 -30.29 -3.70
C SER K 115 38.74 -30.29 -2.52
N ALA K 116 38.34 -31.48 -2.04
CA ALA K 116 37.54 -31.67 -0.84
C ALA K 116 38.24 -31.13 0.42
N LYS K 117 37.52 -30.39 1.28
CA LYS K 117 38.12 -29.73 2.42
C LYS K 117 37.90 -30.39 3.76
N ASP K 118 37.05 -31.43 3.83
CA ASP K 118 36.88 -32.19 5.05
C ASP K 118 36.66 -33.67 4.70
N PRO K 119 37.61 -34.40 4.06
CA PRO K 119 37.49 -35.84 3.77
C PRO K 119 37.03 -36.71 4.91
N SER K 120 36.30 -37.81 4.64
CA SER K 120 35.76 -38.68 5.67
C SER K 120 36.83 -39.34 6.52
N TRP K 121 38.00 -39.70 5.92
CA TRP K 121 39.08 -40.36 6.64
C TRP K 121 39.71 -39.48 7.71
N ALA K 122 39.57 -38.14 7.60
CA ALA K 122 40.16 -37.21 8.54
C ALA K 122 39.37 -37.13 9.84
N SER K 123 38.13 -37.66 9.85
CA SER K 123 37.28 -37.71 11.03
C SER K 123 37.08 -39.10 11.56
N ILE K 124 37.89 -40.08 11.08
CA ILE K 124 37.86 -41.43 11.61
C ILE K 124 38.58 -41.39 12.96
N LEU K 125 37.84 -41.59 14.06
CA LEU K 125 38.36 -41.51 15.41
C LEU K 125 38.31 -42.86 16.08
N GLN K 126 39.29 -43.18 16.94
CA GLN K 126 39.30 -44.43 17.69
C GLN K 126 38.09 -44.61 18.61
N GLY K 127 37.41 -45.76 18.52
CA GLY K 127 36.28 -46.11 19.37
C GLY K 127 36.66 -46.34 20.82
N LEU K 128 35.72 -46.20 21.76
CA LEU K 128 36.06 -46.32 23.18
C LEU K 128 36.22 -47.78 23.61
N GLU K 129 35.71 -48.72 22.81
CA GLU K 129 35.86 -50.14 23.03
C GLU K 129 36.72 -50.74 21.90
N GLU K 130 37.46 -49.89 21.16
CA GLU K 130 38.23 -50.27 19.99
C GLU K 130 39.74 -50.41 20.20
N PRO K 131 40.36 -51.57 19.94
CA PRO K 131 41.81 -51.76 20.08
C PRO K 131 42.64 -50.86 19.16
N TYR K 132 43.83 -50.44 19.62
CA TYR K 132 44.70 -49.54 18.87
C TYR K 132 45.11 -50.09 17.50
N HIS K 133 45.42 -51.41 17.40
CA HIS K 133 45.67 -52.11 16.15
C HIS K 133 44.52 -52.02 15.16
N ALA K 134 43.28 -52.33 15.59
CA ALA K 134 42.07 -52.25 14.79
C ALA K 134 41.80 -50.85 14.27
N PHE K 135 42.02 -49.83 15.11
CA PHE K 135 41.98 -48.43 14.76
C PHE K 135 42.98 -48.03 13.66
N VAL K 136 44.27 -48.44 13.78
CA VAL K 136 45.28 -48.20 12.75
C VAL K 136 44.95 -48.87 11.41
N GLU K 137 44.42 -50.12 11.43
CA GLU K 137 43.88 -50.76 10.23
C GLU K 137 42.72 -49.99 9.61
N ARG K 138 41.77 -49.50 10.45
CA ARG K 138 40.66 -48.67 10.02
C ARG K 138 41.10 -47.39 9.33
N LEU K 139 42.09 -46.68 9.91
CA LEU K 139 42.71 -45.52 9.27
C LEU K 139 43.41 -45.85 7.96
N ASN K 140 44.24 -46.92 7.94
CA ASN K 140 44.94 -47.37 6.74
C ASN K 140 44.00 -47.63 5.55
N ILE K 141 42.89 -48.35 5.81
CA ILE K 141 41.83 -48.62 4.84
C ILE K 141 41.16 -47.34 4.38
N ALA K 142 40.79 -46.45 5.34
CA ALA K 142 40.19 -45.16 5.04
C ALA K 142 41.08 -44.25 4.19
N LEU K 143 42.41 -44.25 4.41
CA LEU K 143 43.36 -43.57 3.56
C LEU K 143 43.48 -44.18 2.17
N ASP K 144 43.58 -45.53 2.06
CA ASP K 144 43.70 -46.23 0.79
C ASP K 144 42.52 -46.01 -0.14
N ASN K 145 41.29 -45.93 0.42
CA ASN K 145 40.10 -45.70 -0.36
C ASN K 145 39.67 -44.23 -0.41
N GLY K 146 40.46 -43.29 0.16
CA GLY K 146 40.07 -41.88 0.24
C GLY K 146 41.11 -40.86 -0.14
N LEU K 147 42.41 -41.22 -0.24
CA LEU K 147 43.45 -40.35 -0.77
C LEU K 147 43.51 -40.37 -2.29
N PRO K 148 44.05 -39.35 -2.96
CA PRO K 148 44.40 -39.44 -4.37
C PRO K 148 45.83 -39.96 -4.52
N GLU K 149 46.16 -40.62 -5.65
CA GLU K 149 47.49 -41.16 -5.92
C GLU K 149 48.56 -40.06 -5.99
N GLY K 150 49.80 -40.38 -5.58
CA GLY K 150 50.91 -39.43 -5.51
C GLY K 150 50.90 -38.67 -4.22
N THR K 151 50.38 -39.29 -3.15
CA THR K 151 50.25 -38.70 -1.82
C THR K 151 51.03 -39.59 -0.85
N PRO K 152 51.85 -39.10 0.07
CA PRO K 152 52.61 -39.97 0.97
C PRO K 152 51.81 -40.32 2.22
N LYS K 153 51.09 -41.46 2.20
CA LYS K 153 50.26 -41.93 3.29
C LYS K 153 51.00 -42.31 4.58
N ASP K 154 52.30 -42.66 4.50
CA ASP K 154 53.10 -43.05 5.65
C ASP K 154 53.32 -42.00 6.74
N PRO K 155 53.72 -40.73 6.51
CA PRO K 155 53.80 -39.74 7.57
C PRO K 155 52.42 -39.30 8.01
N ILE K 156 51.42 -39.35 7.12
CA ILE K 156 50.04 -39.01 7.43
C ILE K 156 49.47 -40.00 8.43
N LEU K 157 49.71 -41.32 8.21
CA LEU K 157 49.24 -42.35 9.11
C LEU K 157 49.92 -42.32 10.48
N ARG K 158 51.27 -42.12 10.58
CA ARG K 158 51.86 -41.96 11.92
C ARG K 158 51.41 -40.71 12.68
N SER K 159 51.04 -39.62 11.98
CA SER K 159 50.43 -38.45 12.61
C SER K 159 49.00 -38.75 13.06
N LEU K 160 48.15 -39.34 12.18
CA LEU K 160 46.76 -39.67 12.48
C LEU K 160 46.61 -40.71 13.59
N ALA K 161 47.57 -41.65 13.67
CA ALA K 161 47.66 -42.68 14.70
C ALA K 161 47.78 -42.10 16.10
N TYR K 162 48.28 -40.85 16.22
CA TYR K 162 48.28 -40.12 17.46
C TYR K 162 47.04 -39.22 17.54
N SER K 163 46.82 -38.35 16.55
CA SER K 163 45.84 -37.28 16.64
C SER K 163 44.39 -37.74 16.72
N ASN K 164 44.06 -38.89 16.12
CA ASN K 164 42.70 -39.40 16.12
C ASN K 164 42.55 -40.60 17.05
N ALA K 165 43.48 -40.78 18.01
CA ALA K 165 43.40 -41.83 19.00
C ALA K 165 42.57 -41.46 20.21
N ASN K 166 42.17 -42.48 21.00
CA ASN K 166 41.51 -42.34 22.28
C ASN K 166 42.46 -41.67 23.27
N LYS K 167 41.96 -40.75 24.11
CA LYS K 167 42.71 -39.98 25.08
C LYS K 167 43.64 -40.79 25.99
N GLU K 168 43.21 -42.01 26.41
CA GLU K 168 44.04 -42.90 27.19
C GLU K 168 45.26 -43.39 26.42
N CYS K 169 45.13 -43.63 25.10
CA CYS K 169 46.27 -43.96 24.27
C CYS K 169 47.13 -42.73 24.00
N GLN K 170 46.53 -41.53 23.88
CA GLN K 170 47.31 -40.31 23.72
C GLN K 170 48.16 -39.96 24.94
N LYS K 171 47.63 -40.15 26.16
CA LYS K 171 48.38 -39.98 27.39
C LYS K 171 49.53 -40.97 27.54
N LEU K 172 49.29 -42.24 27.16
CA LEU K 172 50.28 -43.31 27.12
C LEU K 172 51.41 -42.99 26.14
N LEU K 173 51.05 -42.50 24.94
CA LEU K 173 51.95 -42.06 23.89
C LEU K 173 52.76 -40.84 24.33
N GLN K 174 52.14 -39.87 25.02
CA GLN K 174 52.86 -38.72 25.57
C GLN K 174 53.82 -39.15 26.68
N ALA K 175 53.37 -40.03 27.60
CA ALA K 175 54.16 -40.56 28.71
C ALA K 175 55.40 -41.33 28.24
N ARG K 176 55.25 -42.12 27.16
CA ARG K 176 56.30 -42.93 26.57
C ARG K 176 57.18 -42.19 25.56
N GLY K 177 56.86 -40.91 25.25
CA GLY K 177 57.63 -40.11 24.31
C GLY K 177 57.41 -40.48 22.86
N HIS K 178 56.19 -40.85 22.49
CA HIS K 178 55.83 -41.31 21.15
C HIS K 178 54.68 -40.50 20.60
N THR K 179 54.83 -39.17 20.46
CA THR K 179 53.77 -38.29 19.96
C THR K 179 53.67 -38.34 18.44
N ASN K 180 54.74 -38.82 17.77
CA ASN K 180 54.77 -39.06 16.34
C ASN K 180 56.03 -39.90 16.09
N SER K 181 55.89 -41.22 16.23
CA SER K 181 56.96 -42.18 16.06
C SER K 181 56.51 -43.23 15.06
N PRO K 182 57.39 -44.03 14.43
CA PRO K 182 57.02 -45.17 13.59
C PRO K 182 55.93 -46.08 14.13
N LEU K 183 55.01 -46.58 13.27
CA LEU K 183 53.81 -47.29 13.66
C LEU K 183 54.03 -48.53 14.53
N GLY K 184 55.13 -49.29 14.32
CA GLY K 184 55.49 -50.43 15.16
C GLY K 184 55.73 -50.07 16.60
N ASP K 185 56.36 -48.90 16.86
CA ASP K 185 56.61 -48.38 18.20
C ASP K 185 55.35 -47.81 18.81
N MET K 186 54.47 -47.16 18.00
CA MET K 186 53.18 -46.67 18.47
C MET K 186 52.32 -47.82 18.99
N LEU K 187 52.30 -48.94 18.23
CA LEU K 187 51.62 -50.15 18.62
C LEU K 187 52.28 -50.87 19.78
N ARG K 188 53.63 -51.01 19.82
CA ARG K 188 54.35 -51.56 20.96
C ARG K 188 54.09 -50.86 22.29
N ALA K 189 53.97 -49.52 22.26
CA ALA K 189 53.52 -48.73 23.39
C ALA K 189 52.07 -49.04 23.78
N CYS K 190 51.14 -48.99 22.80
CA CYS K 190 49.72 -49.10 23.10
C CYS K 190 49.26 -50.55 23.23
N GLN K 191 50.18 -51.51 23.06
CA GLN K 191 50.03 -52.93 23.37
C GLN K 191 49.79 -53.12 24.86
N THR K 192 50.35 -52.21 25.68
CA THR K 192 50.17 -52.19 27.13
C THR K 192 48.78 -51.72 27.55
N TRP K 193 48.09 -50.96 26.67
CA TRP K 193 46.74 -50.50 26.88
C TRP K 193 45.69 -51.49 26.42
N THR K 194 44.53 -51.55 27.10
CA THR K 194 43.39 -52.34 26.69
C THR K 194 42.11 -51.54 26.95
N PRO K 195 41.00 -51.73 26.23
CA PRO K 195 39.75 -51.02 26.49
C PRO K 195 39.10 -51.49 27.79
N ARG L 1 -13.75 1.12 -23.58
CA ARG L 1 -12.74 1.14 -22.53
C ARG L 1 -13.08 2.23 -21.50
N PRO L 2 -13.37 1.98 -20.23
CA PRO L 2 -13.84 3.02 -19.32
C PRO L 2 -12.69 3.70 -18.61
N TRP L 3 -11.86 4.50 -19.32
CA TRP L 3 -10.70 5.15 -18.72
C TRP L 3 -11.05 6.15 -17.62
N GLN L 4 -12.21 6.84 -17.75
CA GLN L 4 -12.72 7.74 -16.74
C GLN L 4 -12.99 7.07 -15.39
N MET L 5 -13.35 5.77 -15.38
CA MET L 5 -13.62 5.01 -14.18
C MET L 5 -12.41 4.89 -13.27
N LYS L 6 -11.22 4.62 -13.85
CA LYS L 6 -10.02 4.46 -13.07
C LYS L 6 -9.57 5.77 -12.46
N ASP L 7 -9.71 6.88 -13.20
CA ASP L 7 -9.38 8.19 -12.66
C ASP L 7 -10.39 8.69 -11.64
N LEU L 8 -11.70 8.42 -11.82
CA LEU L 8 -12.70 8.79 -10.83
C LEU L 8 -12.50 8.08 -9.50
N GLN L 9 -12.10 6.78 -9.53
CA GLN L 9 -11.72 6.06 -8.33
C GLN L 9 -10.48 6.64 -7.65
N ALA L 10 -9.44 7.01 -8.44
CA ALA L 10 -8.24 7.67 -7.96
C ALA L 10 -8.48 9.05 -7.35
N ILE L 11 -9.38 9.86 -7.96
CA ILE L 11 -9.80 11.15 -7.44
C ILE L 11 -10.48 11.01 -6.09
N LYS L 12 -11.42 10.05 -5.97
CA LYS L 12 -12.10 9.77 -4.73
C LYS L 12 -11.18 9.25 -3.62
N GLN L 13 -10.16 8.44 -3.96
CA GLN L 13 -9.15 8.05 -2.98
C GLN L 13 -8.33 9.23 -2.47
N GLU L 14 -7.89 10.12 -3.38
CA GLU L 14 -7.12 11.30 -3.01
C GLU L 14 -7.89 12.32 -2.16
N VAL L 15 -9.21 12.50 -2.40
CA VAL L 15 -10.01 13.44 -1.63
C VAL L 15 -10.85 12.75 -0.57
N SER L 16 -10.56 11.46 -0.25
CA SER L 16 -11.34 10.65 0.66
C SER L 16 -11.48 11.20 2.07
N GLN L 17 -10.42 11.80 2.64
CA GLN L 17 -10.46 12.38 3.97
C GLN L 17 -10.62 13.90 3.93
N ALA L 18 -11.06 14.47 2.79
CA ALA L 18 -11.22 15.89 2.60
C ALA L 18 -12.69 16.28 2.43
N ALA L 19 -13.14 17.39 3.06
CA ALA L 19 -14.51 17.85 3.01
C ALA L 19 -14.87 18.51 1.66
N PRO L 20 -16.10 18.41 1.12
CA PRO L 20 -16.48 19.09 -0.12
C PRO L 20 -16.38 20.61 -0.04
N GLY L 21 -15.39 21.20 -0.74
CA GLY L 21 -15.14 22.64 -0.77
C GLY L 21 -13.80 23.00 -0.17
N SER L 22 -13.14 22.04 0.50
CA SER L 22 -11.80 22.18 1.07
C SER L 22 -10.72 22.34 0.00
N PRO L 23 -9.57 22.99 0.24
CA PRO L 23 -8.55 23.21 -0.77
C PRO L 23 -8.06 21.98 -1.51
N GLN L 24 -7.92 20.82 -0.85
CA GLN L 24 -7.40 19.62 -1.48
C GLN L 24 -8.46 19.01 -2.38
N PHE L 25 -9.73 19.06 -1.92
CA PHE L 25 -10.88 18.64 -2.70
C PHE L 25 -11.00 19.49 -3.97
N MET L 26 -10.91 20.83 -3.82
CA MET L 26 -11.01 21.75 -4.94
C MET L 26 -9.84 21.71 -5.91
N GLN L 27 -8.60 21.52 -5.42
CA GLN L 27 -7.44 21.35 -6.29
C GLN L 27 -7.56 20.15 -7.20
N THR L 28 -8.02 19.03 -6.61
CA THR L 28 -8.20 17.75 -7.28
C THR L 28 -9.34 17.76 -8.27
N ILE L 29 -10.51 18.35 -7.94
CA ILE L 29 -11.61 18.41 -8.91
C ILE L 29 -11.40 19.50 -9.94
N ARG L 30 -10.67 20.59 -9.63
CA ARG L 30 -10.27 21.57 -10.62
C ARG L 30 -9.35 20.97 -11.67
N LEU L 31 -8.36 20.15 -11.24
CA LEU L 31 -7.51 19.42 -12.17
C LEU L 31 -8.29 18.42 -13.00
N ALA L 32 -9.20 17.62 -12.36
CA ALA L 32 -10.05 16.68 -13.06
C ALA L 32 -10.93 17.34 -14.13
N VAL L 33 -11.51 18.52 -13.82
CA VAL L 33 -12.27 19.33 -14.76
C VAL L 33 -11.41 19.82 -15.92
N GLN L 34 -10.18 20.30 -15.62
CA GLN L 34 -9.23 20.74 -16.60
C GLN L 34 -8.71 19.64 -17.53
N GLN L 35 -8.48 18.43 -16.98
CA GLN L 35 -8.03 17.26 -17.71
C GLN L 35 -9.08 16.58 -18.58
N PHE L 36 -10.34 16.49 -18.10
CA PHE L 36 -11.35 15.69 -18.78
C PHE L 36 -12.27 16.53 -19.65
N ASP L 37 -12.32 17.86 -19.42
CA ASP L 37 -13.27 18.78 -20.03
C ASP L 37 -14.74 18.28 -19.95
N PRO L 38 -15.21 17.89 -18.75
CA PRO L 38 -16.46 17.17 -18.57
C PRO L 38 -17.71 17.96 -18.96
N THR L 39 -18.74 17.25 -19.44
CA THR L 39 -20.04 17.83 -19.76
C THR L 39 -20.88 17.88 -18.50
N ALA L 40 -22.06 18.53 -18.52
CA ALA L 40 -22.93 18.62 -17.35
C ALA L 40 -23.33 17.27 -16.77
N LYS L 41 -23.60 16.26 -17.62
CA LYS L 41 -23.93 14.91 -17.18
C LYS L 41 -22.74 14.17 -16.57
N ASP L 42 -21.50 14.56 -16.92
CA ASP L 42 -20.29 13.91 -16.43
C ASP L 42 -19.88 14.52 -15.09
N LEU L 43 -20.20 15.80 -14.90
CA LEU L 43 -20.12 16.52 -13.65
C LEU L 43 -21.11 15.97 -12.63
N GLN L 44 -22.31 15.57 -13.12
CA GLN L 44 -23.34 14.94 -12.32
C GLN L 44 -22.88 13.57 -11.80
N ASP L 45 -22.17 12.78 -12.63
CA ASP L 45 -21.59 11.52 -12.22
C ASP L 45 -20.46 11.69 -11.20
N LEU L 46 -19.60 12.71 -11.38
CA LEU L 46 -18.55 13.06 -10.43
C LEU L 46 -19.09 13.48 -9.06
N LEU L 47 -20.13 14.35 -9.05
CA LEU L 47 -20.84 14.77 -7.84
C LEU L 47 -21.44 13.61 -7.08
N GLN L 48 -22.16 12.72 -7.79
CA GLN L 48 -22.76 11.55 -7.21
C GLN L 48 -21.78 10.52 -6.68
N TYR L 49 -20.62 10.33 -7.36
CA TYR L 49 -19.60 9.43 -6.86
C TYR L 49 -18.94 9.93 -5.56
N LEU L 50 -18.64 11.25 -5.48
CA LEU L 50 -17.99 11.83 -4.31
C LEU L 50 -18.89 12.15 -3.12
N CYS L 51 -20.16 12.56 -3.36
CA CYS L 51 -21.03 13.10 -2.32
C CYS L 51 -22.34 12.36 -2.09
N SER L 52 -22.89 12.46 -0.86
CA SER L 52 -24.22 11.99 -0.49
C SER L 52 -25.33 12.67 -1.27
N SER L 53 -26.53 12.05 -1.34
CA SER L 53 -27.68 12.64 -2.05
C SER L 53 -28.16 13.97 -1.48
N LEU L 54 -28.07 14.12 -0.14
CA LEU L 54 -28.33 15.37 0.57
C LEU L 54 -27.34 16.47 0.22
N VAL L 55 -26.02 16.18 0.24
CA VAL L 55 -24.98 17.12 -0.18
C VAL L 55 -25.10 17.49 -1.65
N ALA L 56 -25.44 16.52 -2.52
CA ALA L 56 -25.74 16.78 -3.93
C ALA L 56 -26.94 17.73 -4.10
N SER L 57 -28.00 17.59 -3.27
CA SER L 57 -29.12 18.54 -3.23
C SER L 57 -28.68 19.93 -2.79
N LEU L 58 -27.86 20.03 -1.72
CA LEU L 58 -27.33 21.30 -1.25
C LEU L 58 -26.41 21.99 -2.27
N HIS L 59 -25.56 21.22 -2.97
CA HIS L 59 -24.75 21.70 -4.10
C HIS L 59 -25.61 22.21 -5.25
N HIS L 60 -26.65 21.43 -5.63
CA HIS L 60 -27.62 21.80 -6.65
C HIS L 60 -28.33 23.10 -6.34
N GLN L 61 -28.81 23.29 -5.10
CA GLN L 61 -29.41 24.53 -4.64
C GLN L 61 -28.46 25.73 -4.72
N GLN L 62 -27.19 25.55 -4.29
CA GLN L 62 -26.20 26.61 -4.37
C GLN L 62 -25.86 26.98 -5.81
N LEU L 63 -25.72 25.96 -6.67
CA LEU L 63 -25.46 26.11 -8.08
C LEU L 63 -26.62 26.77 -8.82
N ASP L 64 -27.86 26.39 -8.48
CA ASP L 64 -29.07 26.96 -9.06
C ASP L 64 -29.18 28.46 -8.81
N SER L 65 -28.83 28.91 -7.58
CA SER L 65 -28.71 30.31 -7.21
C SER L 65 -27.66 31.07 -8.01
N LEU L 66 -26.45 30.49 -8.17
CA LEU L 66 -25.37 31.07 -8.97
C LEU L 66 -25.68 31.15 -10.46
N ILE L 67 -26.32 30.10 -11.01
CA ILE L 67 -26.85 30.02 -12.35
C ILE L 67 -27.94 31.05 -12.56
N SER L 68 -28.87 31.19 -11.60
CA SER L 68 -29.95 32.17 -11.59
C SER L 68 -29.41 33.59 -11.64
N GLU L 69 -28.37 33.93 -10.83
CA GLU L 69 -27.73 35.22 -10.99
C GLU L 69 -27.10 35.41 -12.36
N ALA L 70 -26.35 34.41 -12.88
CA ALA L 70 -25.75 34.53 -14.20
C ALA L 70 -26.77 34.66 -15.34
N GLU L 71 -27.86 33.88 -15.27
CA GLU L 71 -28.99 33.88 -16.19
C GLU L 71 -29.77 35.18 -16.18
N THR L 72 -30.03 35.77 -14.98
CA THR L 72 -30.65 37.09 -14.87
C THR L 72 -29.74 38.22 -15.29
N ARG L 73 -28.43 38.13 -15.02
CA ARG L 73 -27.41 39.04 -15.53
C ARG L 73 -27.23 39.00 -17.05
N GLY L 74 -27.38 37.81 -17.66
CA GLY L 74 -27.25 37.58 -19.09
C GLY L 74 -25.81 37.42 -19.51
N ILE L 75 -24.96 36.97 -18.58
CA ILE L 75 -23.52 36.86 -18.76
C ILE L 75 -23.12 35.44 -19.15
N THR L 76 -24.11 34.53 -19.22
CA THR L 76 -23.93 33.10 -19.49
C THR L 76 -23.42 32.79 -20.89
N GLY L 77 -23.95 33.48 -21.92
CA GLY L 77 -23.64 33.25 -23.33
C GLY L 77 -24.59 32.27 -23.98
N TYR L 78 -25.57 31.78 -23.20
CA TYR L 78 -26.54 30.79 -23.62
C TYR L 78 -27.76 31.45 -24.27
N ASN L 79 -28.14 31.03 -25.50
CA ASN L 79 -29.37 31.46 -26.14
C ASN L 79 -30.62 31.07 -25.32
N PRO L 80 -31.49 31.98 -24.88
CA PRO L 80 -32.60 31.63 -23.98
C PRO L 80 -33.74 30.93 -24.71
N LEU L 81 -33.68 30.75 -26.03
CA LEU L 81 -34.68 30.04 -26.79
C LEU L 81 -34.10 28.74 -27.35
N ALA L 82 -32.94 28.28 -26.82
CA ALA L 82 -32.29 27.05 -27.26
C ALA L 82 -32.32 25.96 -26.19
N GLY L 83 -33.12 26.12 -25.11
CA GLY L 83 -33.25 25.15 -24.03
C GLY L 83 -32.54 25.56 -22.75
N PRO L 84 -32.74 24.84 -21.66
CA PRO L 84 -32.11 25.13 -20.38
C PRO L 84 -30.60 24.94 -20.41
N LEU L 85 -29.86 25.56 -19.47
CA LEU L 85 -28.41 25.45 -19.35
C LEU L 85 -27.97 24.02 -19.16
N ARG L 86 -28.76 23.24 -18.42
CA ARG L 86 -28.55 21.84 -18.09
C ARG L 86 -28.61 20.87 -19.27
N VAL L 87 -29.13 21.33 -20.43
CA VAL L 87 -29.13 20.55 -21.66
C VAL L 87 -28.12 21.14 -22.63
N GLN L 88 -28.02 22.48 -22.72
CA GLN L 88 -27.04 23.15 -23.59
C GLN L 88 -25.59 22.85 -23.20
N ALA L 89 -25.31 22.62 -21.90
CA ALA L 89 -24.00 22.25 -21.38
C ALA L 89 -23.63 20.79 -21.68
N ASN L 90 -24.46 20.08 -22.46
CA ASN L 90 -24.16 18.78 -23.03
C ASN L 90 -24.08 18.84 -24.56
N ASN L 91 -24.17 20.03 -25.20
CA ASN L 91 -24.06 20.16 -26.65
C ASN L 91 -22.61 19.95 -27.13
N PRO L 92 -22.27 19.00 -28.01
CA PRO L 92 -20.90 18.65 -28.39
C PRO L 92 -19.93 19.76 -28.76
N GLN L 93 -20.37 20.80 -29.49
CA GLN L 93 -19.48 21.82 -30.02
C GLN L 93 -19.49 23.11 -29.20
N GLN L 94 -20.31 23.20 -28.14
CA GLN L 94 -20.47 24.44 -27.38
C GLN L 94 -19.44 24.58 -26.26
N GLN L 95 -18.14 24.61 -26.62
CA GLN L 95 -17.06 24.56 -25.67
C GLN L 95 -17.03 25.70 -24.66
N GLY L 96 -17.32 26.95 -25.08
CA GLY L 96 -17.29 28.08 -24.17
C GLY L 96 -18.39 28.09 -23.14
N LEU L 97 -19.50 27.41 -23.46
CA LEU L 97 -20.66 27.35 -22.60
C LEU L 97 -20.53 26.18 -21.63
N ARG L 98 -19.86 25.09 -22.06
CA ARG L 98 -19.47 24.00 -21.20
C ARG L 98 -18.46 24.45 -20.14
N ARG L 99 -17.48 25.27 -20.55
CA ARG L 99 -16.47 25.85 -19.67
C ARG L 99 -17.08 26.80 -18.67
N GLU L 100 -18.07 27.61 -19.10
CA GLU L 100 -18.78 28.51 -18.21
C GLU L 100 -19.56 27.74 -17.13
N TYR L 101 -20.24 26.63 -17.52
CA TYR L 101 -20.94 25.73 -16.62
C TYR L 101 -20.00 25.05 -15.62
N GLN L 102 -18.83 24.56 -16.10
CA GLN L 102 -17.80 23.96 -15.25
C GLN L 102 -17.31 24.90 -14.16
N GLN L 103 -17.06 26.16 -14.52
CA GLN L 103 -16.63 27.16 -13.56
C GLN L 103 -17.69 27.56 -12.54
N LEU L 104 -18.99 27.64 -12.94
CA LEU L 104 -20.08 27.83 -11.98
C LEU L 104 -20.25 26.63 -11.04
N TRP L 105 -20.12 25.41 -11.59
CA TRP L 105 -20.18 24.15 -10.88
C TRP L 105 -19.10 24.04 -9.81
N LEU L 106 -17.84 24.41 -10.16
CA LEU L 106 -16.74 24.50 -9.21
C LEU L 106 -16.96 25.59 -8.16
N ALA L 107 -17.47 26.78 -8.56
CA ALA L 107 -17.73 27.89 -7.67
C ALA L 107 -18.74 27.57 -6.57
N ALA L 108 -19.79 26.79 -6.90
CA ALA L 108 -20.81 26.38 -5.94
C ALA L 108 -20.28 25.62 -4.71
N PHE L 109 -19.22 24.80 -4.84
CA PHE L 109 -18.68 24.04 -3.72
C PHE L 109 -18.01 24.89 -2.68
N ALA L 110 -17.52 26.08 -3.06
CA ALA L 110 -16.81 26.96 -2.16
C ALA L 110 -17.71 27.56 -1.08
N ALA L 111 -19.05 27.56 -1.27
CA ALA L 111 -19.93 28.04 -0.22
C ALA L 111 -20.28 26.97 0.81
N LEU L 112 -20.10 25.67 0.46
CA LEU L 112 -20.54 24.56 1.31
C LEU L 112 -19.88 24.47 2.70
N PRO L 113 -18.57 24.66 2.92
CA PRO L 113 -17.99 24.63 4.27
C PRO L 113 -18.38 25.83 5.13
N GLY L 114 -18.88 26.91 4.49
CA GLY L 114 -19.33 28.13 5.17
C GLY L 114 -20.76 27.99 5.59
N SER L 115 -21.58 27.34 4.76
CA SER L 115 -22.98 27.05 5.03
C SER L 115 -23.16 26.01 6.12
N ALA L 116 -22.22 25.04 6.25
CA ALA L 116 -22.24 24.00 7.27
C ALA L 116 -22.15 24.52 8.70
N LYS L 117 -23.18 24.28 9.53
CA LYS L 117 -23.27 24.82 10.87
C LYS L 117 -22.53 24.05 11.96
N ASP L 118 -22.30 22.73 11.83
CA ASP L 118 -21.58 21.95 12.83
C ASP L 118 -20.56 21.00 12.16
N PRO L 119 -19.56 21.50 11.42
CA PRO L 119 -18.50 20.68 10.81
C PRO L 119 -17.68 19.90 11.83
N SER L 120 -17.00 18.82 11.39
CA SER L 120 -16.23 17.91 12.24
C SER L 120 -15.05 18.55 12.96
N TRP L 121 -14.35 19.52 12.32
CA TRP L 121 -13.13 20.12 12.86
C TRP L 121 -13.39 20.92 14.13
N ALA L 122 -14.65 21.36 14.33
CA ALA L 122 -15.06 22.16 15.46
C ALA L 122 -15.21 21.32 16.73
N SER L 123 -15.21 19.97 16.59
CA SER L 123 -15.34 19.03 17.70
C SER L 123 -14.06 18.28 18.00
N ILE L 124 -12.92 18.70 17.41
CA ILE L 124 -11.60 18.13 17.69
C ILE L 124 -11.15 18.53 19.10
N LEU L 125 -10.89 17.56 20.00
CA LEU L 125 -10.54 17.84 21.39
C LEU L 125 -9.27 17.10 21.81
N GLN L 126 -8.49 17.66 22.75
CA GLN L 126 -7.31 17.02 23.29
C GLN L 126 -7.63 15.85 24.23
N GLY L 127 -7.10 14.64 23.94
CA GLY L 127 -7.28 13.48 24.79
C GLY L 127 -6.58 13.53 26.13
N LEU L 128 -7.00 12.68 27.09
CA LEU L 128 -6.47 12.70 28.44
C LEU L 128 -5.10 12.04 28.55
N GLU L 129 -4.76 11.15 27.60
CA GLU L 129 -3.44 10.53 27.49
C GLU L 129 -2.62 11.21 26.40
N GLU L 130 -3.15 12.25 25.74
CA GLU L 130 -2.56 12.86 24.57
C GLU L 130 -1.78 14.16 24.76
N PRO L 131 -0.52 14.26 24.30
CA PRO L 131 0.28 15.48 24.40
C PRO L 131 -0.33 16.67 23.66
N TYR L 132 -0.10 17.90 24.16
CA TYR L 132 -0.62 19.14 23.58
C TYR L 132 -0.22 19.36 22.11
N HIS L 133 1.04 19.04 21.77
CA HIS L 133 1.58 19.06 20.42
C HIS L 133 0.79 18.20 19.43
N ALA L 134 0.51 16.93 19.79
CA ALA L 134 -0.26 16.01 18.98
C ALA L 134 -1.68 16.50 18.69
N PHE L 135 -2.33 17.10 19.70
CA PHE L 135 -3.61 17.78 19.57
C PHE L 135 -3.60 18.97 18.61
N VAL L 136 -2.62 19.89 18.72
CA VAL L 136 -2.49 21.03 17.83
C VAL L 136 -2.26 20.63 16.37
N GLU L 137 -1.43 19.59 16.13
CA GLU L 137 -1.30 18.98 14.82
C GLU L 137 -2.58 18.37 14.27
N ARG L 138 -3.35 17.65 15.12
CA ARG L 138 -4.66 17.13 14.76
C ARG L 138 -5.63 18.24 14.34
N LEU L 139 -5.68 19.36 15.12
CA LEU L 139 -6.46 20.53 14.75
C LEU L 139 -6.00 21.15 13.44
N ASN L 140 -4.69 21.36 13.24
CA ASN L 140 -4.13 21.93 12.03
C ASN L 140 -4.56 21.17 10.76
N ILE L 141 -4.45 19.83 10.82
CA ILE L 141 -4.88 18.92 9.76
C ILE L 141 -6.39 18.99 9.54
N ALA L 142 -7.18 18.94 10.64
CA ALA L 142 -8.63 19.04 10.57
C ALA L 142 -9.12 20.35 9.96
N LEU L 143 -8.45 21.48 10.25
CA LEU L 143 -8.72 22.75 9.60
C LEU L 143 -8.34 22.73 8.13
N ASP L 144 -7.16 22.20 7.76
CA ASP L 144 -6.71 22.13 6.38
C ASP L 144 -7.61 21.33 5.46
N ASN L 145 -8.20 20.22 5.95
CA ASN L 145 -9.14 19.41 5.19
C ASN L 145 -10.59 19.79 5.43
N GLY L 146 -10.82 20.88 6.19
CA GLY L 146 -12.15 21.33 6.63
C GLY L 146 -12.55 22.69 6.15
N LEU L 147 -11.78 23.74 6.50
CA LEU L 147 -11.97 25.11 6.07
C LEU L 147 -11.90 25.29 4.54
N PRO L 148 -12.72 26.13 3.90
CA PRO L 148 -12.53 26.54 2.51
C PRO L 148 -11.29 27.41 2.31
N GLU L 149 -10.74 27.50 1.08
CA GLU L 149 -9.58 28.32 0.76
C GLU L 149 -9.83 29.81 0.95
N GLY L 150 -8.78 30.58 1.35
CA GLY L 150 -8.85 32.01 1.59
C GLY L 150 -9.41 32.32 2.95
N THR L 151 -9.16 31.44 3.93
CA THR L 151 -9.66 31.58 5.29
C THR L 151 -8.49 31.92 6.20
N PRO L 152 -8.57 32.80 7.20
CA PRO L 152 -7.41 33.09 8.04
C PRO L 152 -7.33 32.10 9.19
N LYS L 153 -6.79 30.90 8.91
CA LYS L 153 -6.66 29.80 9.84
C LYS L 153 -5.74 30.04 11.03
N ASP L 154 -4.77 30.97 10.92
CA ASP L 154 -3.83 31.28 11.99
C ASP L 154 -4.44 31.83 13.29
N PRO L 155 -5.33 32.84 13.34
CA PRO L 155 -5.98 33.24 14.59
C PRO L 155 -7.02 32.23 15.02
N ILE L 156 -7.62 31.48 14.08
CA ILE L 156 -8.58 30.44 14.39
C ILE L 156 -7.89 29.29 15.14
N LEU L 157 -6.70 28.86 14.68
CA LEU L 157 -5.95 27.80 15.32
C LEU L 157 -5.42 28.19 16.69
N ARG L 158 -4.86 29.42 16.90
CA ARG L 158 -4.50 29.82 18.26
C ARG L 158 -5.68 29.95 19.23
N SER L 159 -6.90 30.27 18.74
CA SER L 159 -8.11 30.23 19.57
C SER L 159 -8.51 28.80 19.90
N LEU L 160 -8.59 27.90 18.88
CA LEU L 160 -8.97 26.50 19.07
C LEU L 160 -7.99 25.71 19.93
N ALA L 161 -6.68 26.04 19.82
CA ALA L 161 -5.59 25.48 20.59
C ALA L 161 -5.74 25.70 22.09
N TYR L 162 -6.50 26.74 22.48
CA TYR L 162 -6.85 26.98 23.86
C TYR L 162 -8.23 26.38 24.18
N SER L 163 -9.27 26.75 23.41
CA SER L 163 -10.67 26.43 23.71
C SER L 163 -11.03 24.95 23.68
N ASN L 164 -10.36 24.15 22.84
CA ASN L 164 -10.59 22.72 22.78
C ASN L 164 -9.44 21.91 23.39
N ALA L 165 -8.63 22.54 24.25
CA ALA L 165 -7.57 21.84 24.97
C ALA L 165 -8.05 21.13 26.21
N ASN L 166 -7.20 20.24 26.77
CA ASN L 166 -7.43 19.57 28.03
C ASN L 166 -7.43 20.59 29.16
N LYS L 167 -8.38 20.48 30.11
CA LYS L 167 -8.54 21.39 31.24
C LYS L 167 -7.26 21.67 32.05
N GLU L 168 -6.39 20.64 32.24
CA GLU L 168 -5.10 20.83 32.89
C GLU L 168 -4.14 21.74 32.11
N CYS L 169 -4.16 21.65 30.76
CA CYS L 169 -3.40 22.54 29.91
C CYS L 169 -4.02 23.92 29.86
N GLN L 170 -5.36 24.03 29.94
CA GLN L 170 -6.01 25.32 30.01
C GLN L 170 -5.70 26.09 31.29
N LYS L 171 -5.64 25.39 32.44
CA LYS L 171 -5.23 25.99 33.70
C LYS L 171 -3.78 26.48 33.66
N LEU L 172 -2.89 25.69 33.01
CA LEU L 172 -1.50 26.02 32.78
C LEU L 172 -1.35 27.28 31.92
N LEU L 173 -2.15 27.37 30.83
CA LEU L 173 -2.22 28.50 29.93
C LEU L 173 -2.73 29.75 30.62
N GLN L 174 -3.75 29.63 31.50
CA GLN L 174 -4.21 30.77 32.28
C GLN L 174 -3.17 31.23 33.29
N ALA L 175 -2.54 30.27 34.02
CA ALA L 175 -1.52 30.51 35.02
C ALA L 175 -0.28 31.21 34.48
N ARG L 176 0.14 30.82 33.26
CA ARG L 176 1.30 31.37 32.58
C ARG L 176 1.01 32.65 31.80
N GLY L 177 -0.28 33.08 31.74
CA GLY L 177 -0.70 34.29 31.03
C GLY L 177 -0.66 34.18 29.53
N HIS L 178 -1.13 33.04 29.00
CA HIS L 178 -1.11 32.71 27.58
C HIS L 178 -2.48 32.18 27.16
N THR L 179 -3.54 33.00 27.26
CA THR L 179 -4.90 32.53 26.94
C THR L 179 -5.29 32.79 25.50
N ASN L 180 -4.33 33.29 24.70
CA ASN L 180 -4.42 33.51 23.26
C ASN L 180 -3.07 34.15 22.89
N SER L 181 -2.09 33.32 22.49
CA SER L 181 -0.73 33.75 22.19
C SER L 181 -0.24 33.00 20.97
N PRO L 182 0.82 33.42 20.27
CA PRO L 182 1.51 32.63 19.22
C PRO L 182 1.74 31.16 19.57
N LEU L 183 1.48 30.23 18.61
CA LEU L 183 1.49 28.80 18.86
C LEU L 183 2.75 28.21 19.46
N GLY L 184 3.95 28.74 19.11
CA GLY L 184 5.20 28.34 19.73
C GLY L 184 5.26 28.58 21.22
N ASP L 185 4.67 29.70 21.70
CA ASP L 185 4.60 30.01 23.12
C ASP L 185 3.55 29.19 23.83
N MET L 186 2.41 28.89 23.15
CA MET L 186 1.37 27.99 23.67
C MET L 186 1.92 26.59 23.92
N LEU L 187 2.70 26.08 22.96
CA LEU L 187 3.38 24.80 23.06
C LEU L 187 4.52 24.82 24.07
N ARG L 188 5.36 25.88 24.10
CA ARG L 188 6.39 26.05 25.12
C ARG L 188 5.88 26.02 26.55
N ALA L 189 4.70 26.61 26.80
CA ALA L 189 3.98 26.48 28.04
C ALA L 189 3.50 25.04 28.30
N CYS L 190 2.78 24.42 27.36
CA CYS L 190 2.15 23.12 27.62
C CYS L 190 3.07 21.93 27.43
N GLN L 191 4.32 22.21 27.04
CA GLN L 191 5.49 21.35 27.07
C GLN L 191 5.81 20.94 28.51
N THR L 192 5.47 21.83 29.46
CA THR L 192 5.68 21.67 30.89
C THR L 192 4.54 20.89 31.53
N TRP L 193 3.65 20.30 30.71
CA TRP L 193 2.59 19.40 31.11
C TRP L 193 2.81 18.06 30.43
N THR L 194 2.64 16.96 31.18
CA THR L 194 2.71 15.60 30.66
C THR L 194 1.45 14.86 31.06
N PRO L 195 0.90 13.93 30.26
CA PRO L 195 -0.30 13.17 30.63
C PRO L 195 0.01 12.13 31.70
N ARG M 1 -8.20 10.57 -23.74
CA ARG M 1 -7.58 9.73 -22.73
C ARG M 1 -6.62 10.61 -21.92
N PRO M 2 -6.83 10.91 -20.64
CA PRO M 2 -6.01 11.89 -19.94
C PRO M 2 -4.81 11.26 -19.24
N TRP M 3 -3.71 10.94 -19.97
CA TRP M 3 -2.54 10.33 -19.36
C TRP M 3 -1.84 11.21 -18.33
N GLN M 4 -1.86 12.55 -18.54
CA GLN M 4 -1.32 13.51 -17.61
C GLN M 4 -1.98 13.48 -16.24
N MET M 5 -3.28 13.12 -16.14
CA MET M 5 -4.01 13.05 -14.89
C MET M 5 -3.41 12.00 -13.95
N LYS M 6 -3.05 10.83 -14.49
CA LYS M 6 -2.49 9.75 -13.73
C LYS M 6 -1.10 10.09 -13.20
N ASP M 7 -0.29 10.76 -14.03
CA ASP M 7 1.04 11.18 -13.63
C ASP M 7 1.04 12.37 -12.68
N LEU M 8 0.13 13.36 -12.85
CA LEU M 8 0.03 14.48 -11.93
C LEU M 8 -0.39 14.07 -10.53
N GLN M 9 -1.34 13.12 -10.41
CA GLN M 9 -1.70 12.54 -9.12
C GLN M 9 -0.54 11.78 -8.47
N ALA M 10 0.21 11.00 -9.27
CA ALA M 10 1.38 10.27 -8.83
C ALA M 10 2.52 11.19 -8.36
N ILE M 11 2.76 12.31 -9.08
CA ILE M 11 3.71 13.35 -8.67
C ILE M 11 3.36 13.98 -7.35
N LYS M 12 2.07 14.37 -7.15
CA LYS M 12 1.64 14.94 -5.88
C LYS M 12 1.77 13.98 -4.70
N GLN M 13 1.53 12.68 -4.93
CA GLN M 13 1.83 11.66 -3.92
C GLN M 13 3.32 11.55 -3.60
N GLU M 14 4.20 11.56 -4.64
CA GLU M 14 5.64 11.48 -4.49
C GLU M 14 6.26 12.67 -3.76
N VAL M 15 5.73 13.89 -3.92
CA VAL M 15 6.29 15.08 -3.28
C VAL M 15 5.49 15.45 -2.04
N SER M 16 4.65 14.53 -1.52
CA SER M 16 3.78 14.75 -0.37
C SER M 16 4.49 15.19 0.90
N GLN M 17 5.66 14.62 1.23
CA GLN M 17 6.42 14.99 2.41
C GLN M 17 7.59 15.93 2.11
N ALA M 18 7.61 16.53 0.90
CA ALA M 18 8.67 17.41 0.46
C ALA M 18 8.16 18.84 0.25
N ALA M 19 8.78 19.84 0.89
CA ALA M 19 8.39 21.24 0.79
C ALA M 19 8.51 21.83 -0.62
N PRO M 20 7.68 22.76 -1.08
CA PRO M 20 7.85 23.42 -2.37
C PRO M 20 9.21 24.11 -2.51
N GLY M 21 10.09 23.59 -3.39
CA GLY M 21 11.43 24.11 -3.60
C GLY M 21 12.51 23.29 -2.92
N SER M 22 12.15 22.22 -2.19
CA SER M 22 13.10 21.30 -1.58
C SER M 22 13.76 20.39 -2.62
N PRO M 23 14.96 19.81 -2.42
CA PRO M 23 15.64 19.05 -3.45
C PRO M 23 14.86 17.93 -4.11
N GLN M 24 14.04 17.17 -3.36
CA GLN M 24 13.28 16.03 -3.84
C GLN M 24 12.09 16.51 -4.64
N PHE M 25 11.46 17.62 -4.18
CA PHE M 25 10.39 18.31 -4.90
C PHE M 25 10.90 18.80 -6.24
N MET M 26 12.09 19.45 -6.25
CA MET M 26 12.70 19.96 -7.46
C MET M 26 13.17 18.90 -8.44
N GLN M 27 13.71 17.75 -7.95
CA GLN M 27 14.06 16.63 -8.81
C GLN M 27 12.84 16.07 -9.55
N THR M 28 11.73 15.94 -8.80
CA THR M 28 10.48 15.39 -9.31
C THR M 28 9.81 16.30 -10.31
N ILE M 29 9.77 17.63 -10.06
CA ILE M 29 9.19 18.54 -11.05
C ILE M 29 10.15 18.84 -12.19
N ARG M 30 11.48 18.76 -11.98
CA ARG M 30 12.44 18.88 -13.07
C ARG M 30 12.30 17.77 -14.10
N LEU M 31 12.14 16.51 -13.62
CA LEU M 31 11.83 15.37 -14.45
C LEU M 31 10.48 15.50 -15.13
N ALA M 32 9.42 15.89 -14.38
CA ALA M 32 8.08 16.09 -14.91
C ALA M 32 8.02 17.11 -16.03
N VAL M 33 8.74 18.24 -15.89
CA VAL M 33 8.88 19.24 -16.92
C VAL M 33 9.60 18.70 -18.15
N GLN M 34 10.70 17.94 -17.96
CA GLN M 34 11.43 17.31 -19.05
C GLN M 34 10.63 16.23 -19.80
N GLN M 35 9.83 15.44 -19.06
CA GLN M 35 8.95 14.43 -19.59
C GLN M 35 7.71 14.91 -20.30
N PHE M 36 7.06 15.98 -19.81
CA PHE M 36 5.77 16.38 -20.36
C PHE M 36 5.89 17.52 -21.36
N ASP M 37 7.02 18.26 -21.32
CA ASP M 37 7.27 19.47 -22.11
C ASP M 37 6.10 20.49 -22.09
N PRO M 38 5.58 20.82 -20.89
CA PRO M 38 4.34 21.59 -20.72
C PRO M 38 4.38 23.01 -21.26
N THR M 39 3.20 23.56 -21.57
CA THR M 39 3.01 24.96 -21.97
C THR M 39 2.80 25.81 -20.73
N ALA M 40 2.80 27.16 -20.85
CA ALA M 40 2.59 28.06 -19.72
C ALA M 40 1.26 27.84 -18.97
N LYS M 41 0.16 27.52 -19.70
CA LYS M 41 -1.13 27.23 -19.07
C LYS M 41 -1.13 25.87 -18.38
N ASP M 42 -0.25 24.93 -18.78
CA ASP M 42 -0.18 23.61 -18.18
C ASP M 42 0.71 23.65 -16.94
N LEU M 43 1.71 24.56 -16.95
CA LEU M 43 2.52 24.91 -15.81
C LEU M 43 1.68 25.57 -14.73
N GLN M 44 0.69 26.40 -15.14
CA GLN M 44 -0.28 26.99 -14.24
C GLN M 44 -1.15 25.93 -13.57
N ASP M 45 -1.58 24.88 -14.30
CA ASP M 45 -2.32 23.77 -13.74
C ASP M 45 -1.51 22.92 -12.77
N LEU M 46 -0.22 22.67 -13.12
CA LEU M 46 0.73 21.96 -12.28
C LEU M 46 1.03 22.68 -10.98
N LEU M 47 1.26 24.01 -11.07
CA LEU M 47 1.44 24.90 -9.95
C LEU M 47 0.25 24.90 -9.00
N GLN M 48 -0.97 25.06 -9.55
CA GLN M 48 -2.18 25.03 -8.77
C GLN M 48 -2.52 23.70 -8.12
N TYR M 49 -2.25 22.56 -8.79
CA TYR M 49 -2.45 21.25 -8.17
C TYR M 49 -1.47 20.97 -7.02
N LEU M 50 -0.17 21.30 -7.19
CA LEU M 50 0.85 21.04 -6.18
C LEU M 50 0.92 22.04 -5.05
N CYS M 51 0.63 23.32 -5.32
CA CYS M 51 0.79 24.40 -4.36
C CYS M 51 -0.52 25.10 -4.08
N SER M 52 -0.75 25.49 -2.81
CA SER M 52 -1.86 26.33 -2.37
C SER M 52 -1.94 27.66 -3.11
N SER M 53 -3.08 28.38 -3.05
CA SER M 53 -3.22 29.66 -3.74
C SER M 53 -2.24 30.73 -3.24
N LEU M 54 -1.91 30.73 -1.94
CA LEU M 54 -0.90 31.59 -1.36
C LEU M 54 0.50 31.30 -1.89
N VAL M 55 0.92 30.01 -1.88
CA VAL M 55 2.21 29.59 -2.41
C VAL M 55 2.32 29.84 -3.91
N ALA M 56 1.24 29.58 -4.68
CA ALA M 56 1.16 29.92 -6.09
C ALA M 56 1.31 31.42 -6.37
N SER M 57 0.71 32.29 -5.52
CA SER M 57 0.91 33.74 -5.56
C SER M 57 2.35 34.14 -5.26
N LEU M 58 2.98 33.55 -4.22
CA LEU M 58 4.38 33.79 -3.88
C LEU M 58 5.34 33.32 -4.96
N HIS M 59 5.07 32.16 -5.60
CA HIS M 59 5.78 31.68 -6.77
C HIS M 59 5.67 32.63 -7.95
N HIS M 60 4.43 33.11 -8.23
CA HIS M 60 4.15 34.09 -9.26
C HIS M 60 4.92 35.38 -9.09
N GLN M 61 4.95 35.94 -7.85
CA GLN M 61 5.72 37.12 -7.52
C GLN M 61 7.23 36.95 -7.72
N GLN M 62 7.79 35.81 -7.30
CA GLN M 62 9.19 35.50 -7.54
C GLN M 62 9.51 35.31 -9.02
N LEU M 63 8.63 34.61 -9.75
CA LEU M 63 8.72 34.35 -11.17
C LEU M 63 8.63 35.63 -11.98
N ASP M 64 7.71 36.56 -11.60
CA ASP M 64 7.57 37.86 -12.21
C ASP M 64 8.86 38.69 -12.08
N SER M 65 9.54 38.62 -10.91
CA SER M 65 10.85 39.24 -10.73
C SER M 65 11.90 38.67 -11.70
N LEU M 66 11.95 37.32 -11.86
CA LEU M 66 12.86 36.68 -12.82
C LEU M 66 12.54 37.02 -14.26
N ILE M 67 11.24 37.07 -14.63
CA ILE M 67 10.76 37.48 -15.94
C ILE M 67 11.12 38.92 -16.22
N SER M 68 10.90 39.83 -15.26
CA SER M 68 11.27 41.24 -15.34
C SER M 68 12.74 41.45 -15.55
N GLU M 69 13.61 40.72 -14.80
CA GLU M 69 15.03 40.78 -15.09
C GLU M 69 15.41 40.27 -16.48
N ALA M 70 14.88 39.11 -16.90
CA ALA M 70 15.16 38.58 -18.22
C ALA M 70 14.67 39.46 -19.36
N GLU M 71 13.45 40.03 -19.23
CA GLU M 71 12.83 40.96 -20.14
C GLU M 71 13.56 42.30 -20.26
N THR M 72 14.01 42.89 -19.11
CA THR M 72 14.83 44.10 -19.12
C THR M 72 16.25 43.88 -19.61
N ARG M 73 16.85 42.72 -19.32
CA ARG M 73 18.13 42.30 -19.87
C ARG M 73 18.10 42.06 -21.37
N GLY M 74 16.96 41.56 -21.88
CA GLY M 74 16.73 41.25 -23.29
C GLY M 74 17.30 39.95 -23.71
N ILE M 75 17.41 38.97 -22.79
CA ILE M 75 18.08 37.70 -23.04
C ILE M 75 17.11 36.56 -23.32
N THR M 76 15.80 36.81 -23.15
CA THR M 76 14.74 35.79 -23.26
C THR M 76 14.63 35.16 -24.64
N GLY M 77 14.76 35.97 -25.71
CA GLY M 77 14.65 35.53 -27.09
C GLY M 77 13.26 35.67 -27.63
N TYR M 78 12.39 36.41 -26.92
CA TYR M 78 11.01 36.64 -27.26
C TYR M 78 10.86 37.93 -28.05
N ASN M 79 10.12 37.90 -29.18
CA ASN M 79 9.74 39.08 -29.92
C ASN M 79 8.84 40.00 -29.08
N PRO M 80 9.20 41.23 -28.73
CA PRO M 80 8.42 42.06 -27.81
C PRO M 80 7.19 42.65 -28.47
N LEU M 81 6.96 42.42 -29.77
CA LEU M 81 5.80 42.86 -30.51
C LEU M 81 4.96 41.67 -30.95
N ALA M 82 5.13 40.51 -30.27
CA ALA M 82 4.38 39.29 -30.55
C ALA M 82 3.56 38.85 -29.34
N GLY M 83 3.32 39.77 -28.37
CA GLY M 83 2.58 39.49 -27.16
C GLY M 83 3.49 39.22 -25.99
N PRO M 84 2.94 38.99 -24.81
CA PRO M 84 3.72 38.80 -23.60
C PRO M 84 4.20 37.36 -23.48
N LEU M 85 5.17 37.09 -22.59
CA LEU M 85 5.77 35.77 -22.40
C LEU M 85 4.75 34.72 -22.04
N ARG M 86 3.75 35.12 -21.23
CA ARG M 86 2.65 34.31 -20.75
C ARG M 86 1.67 33.85 -21.83
N VAL M 87 1.75 34.45 -23.03
CA VAL M 87 0.96 34.04 -24.19
C VAL M 87 1.87 33.36 -25.21
N GLN M 88 3.09 33.89 -25.46
CA GLN M 88 4.02 33.25 -26.39
C GLN M 88 4.48 31.86 -25.98
N ALA M 89 4.55 31.58 -24.66
CA ALA M 89 4.87 30.27 -24.12
C ALA M 89 3.69 29.28 -24.19
N ASN M 90 2.55 29.69 -24.81
CA ASN M 90 1.46 28.80 -25.18
C ASN M 90 1.39 28.59 -26.69
N ASN M 91 2.24 29.26 -27.51
CA ASN M 91 2.25 29.07 -28.95
C ASN M 91 2.70 27.65 -29.35
N PRO M 92 2.14 27.00 -30.37
CA PRO M 92 2.46 25.61 -30.66
C PRO M 92 3.83 25.43 -31.27
N GLN M 93 4.32 26.35 -32.12
CA GLN M 93 5.59 26.14 -32.81
C GLN M 93 6.77 26.74 -32.06
N GLN M 94 6.54 27.51 -30.99
CA GLN M 94 7.59 28.21 -30.26
C GLN M 94 8.23 27.37 -29.16
N GLN M 95 8.72 26.18 -29.53
CA GLN M 95 9.25 25.17 -28.62
C GLN M 95 10.44 25.66 -27.80
N GLY M 96 11.37 26.43 -28.40
CA GLY M 96 12.53 26.96 -27.68
C GLY M 96 12.18 28.02 -26.64
N LEU M 97 11.02 28.69 -26.82
CA LEU M 97 10.60 29.75 -25.93
C LEU M 97 9.81 29.15 -24.78
N ARG M 98 9.11 28.02 -25.06
CA ARG M 98 8.45 27.18 -24.09
C ARG M 98 9.47 26.56 -23.13
N ARG M 99 10.61 26.08 -23.66
CA ARG M 99 11.72 25.51 -22.90
C ARG M 99 12.39 26.55 -22.00
N GLU M 100 12.59 27.79 -22.51
CA GLU M 100 13.14 28.87 -21.69
C GLU M 100 12.21 29.26 -20.53
N TYR M 101 10.88 29.31 -20.82
CA TYR M 101 9.85 29.58 -19.82
C TYR M 101 9.83 28.50 -18.73
N GLN M 102 9.94 27.21 -19.13
CA GLN M 102 10.04 26.09 -18.22
C GLN M 102 11.23 26.19 -17.27
N GLN M 103 12.42 26.61 -17.77
CA GLN M 103 13.58 26.79 -16.91
C GLN M 103 13.44 27.94 -15.92
N LEU M 104 12.83 29.09 -16.34
CA LEU M 104 12.53 30.18 -15.43
C LEU M 104 11.50 29.82 -14.36
N TRP M 105 10.45 29.07 -14.77
CA TRP M 105 9.41 28.55 -13.92
C TRP M 105 9.96 27.62 -12.84
N LEU M 106 10.86 26.68 -13.23
CA LEU M 106 11.58 25.82 -12.29
C LEU M 106 12.51 26.61 -11.37
N ALA M 107 13.26 27.60 -11.93
CA ALA M 107 14.19 28.42 -11.17
C ALA M 107 13.54 29.23 -10.05
N ALA M 108 12.31 29.74 -10.27
CA ALA M 108 11.57 30.50 -9.28
C ALA M 108 11.30 29.78 -7.94
N PHE M 109 11.12 28.44 -7.96
CA PHE M 109 10.82 27.69 -6.75
C PHE M 109 11.96 27.62 -5.76
N ALA M 110 13.21 27.76 -6.23
CA ALA M 110 14.39 27.66 -5.39
C ALA M 110 14.52 28.82 -4.41
N ALA M 111 13.81 29.95 -4.62
CA ALA M 111 13.83 31.03 -3.66
C ALA M 111 12.78 30.85 -2.56
N LEU M 112 11.76 29.99 -2.75
CA LEU M 112 10.68 29.82 -1.79
C LEU M 112 11.09 29.31 -0.41
N PRO M 113 11.97 28.30 -0.22
CA PRO M 113 12.42 27.89 1.11
C PRO M 113 13.34 28.90 1.77
N GLY M 114 13.91 29.83 0.98
CA GLY M 114 14.82 30.88 1.42
C GLY M 114 14.06 32.08 1.91
N SER M 115 12.94 32.36 1.24
CA SER M 115 12.06 33.48 1.54
C SER M 115 11.31 33.33 2.86
N ALA M 116 10.96 32.10 3.28
CA ALA M 116 10.28 31.85 4.53
C ALA M 116 11.00 32.36 5.79
N LYS M 117 10.25 32.99 6.71
CA LYS M 117 10.78 33.57 7.92
C LYS M 117 10.55 32.68 9.11
N ASP M 118 9.62 31.72 9.00
CA ASP M 118 9.38 30.73 10.03
C ASP M 118 9.19 29.33 9.40
N PRO M 119 10.16 28.76 8.68
CA PRO M 119 10.05 27.39 8.14
C PRO M 119 9.79 26.32 9.20
N SER M 120 9.10 25.22 8.83
CA SER M 120 8.67 24.18 9.75
C SER M 120 9.78 23.43 10.45
N TRP M 121 10.93 23.18 9.76
CA TRP M 121 12.03 22.41 10.33
C TRP M 121 12.69 23.08 11.51
N ALA M 122 12.56 24.43 11.62
CA ALA M 122 13.16 25.21 12.67
C ALA M 122 12.38 25.10 13.99
N SER M 123 11.15 24.56 13.94
CA SER M 123 10.33 24.39 15.14
C SER M 123 10.17 22.93 15.50
N ILE M 124 10.96 22.02 14.89
CA ILE M 124 10.99 20.60 15.26
C ILE M 124 11.83 20.44 16.51
N LEU M 125 11.22 20.06 17.65
CA LEU M 125 11.90 19.93 18.93
C LEU M 125 11.84 18.50 19.43
N GLN M 126 12.87 18.02 20.14
CA GLN M 126 12.89 16.70 20.76
C GLN M 126 11.79 16.49 21.80
N GLY M 127 11.01 15.41 21.67
CA GLY M 127 9.95 15.05 22.62
C GLY M 127 10.48 14.50 23.92
N LEU M 128 9.65 14.48 24.99
CA LEU M 128 10.13 14.05 26.29
C LEU M 128 10.27 12.55 26.41
N GLU M 129 9.60 11.79 25.52
CA GLU M 129 9.71 10.34 25.45
C GLU M 129 10.46 9.91 24.20
N GLU M 130 11.05 10.88 23.47
CA GLU M 130 11.72 10.67 22.20
C GLU M 130 13.24 10.53 22.31
N PRO M 131 13.87 9.40 21.95
CA PRO M 131 15.32 9.22 22.05
C PRO M 131 16.12 10.20 21.20
N TYR M 132 17.32 10.60 21.65
CA TYR M 132 18.15 11.58 20.96
C TYR M 132 18.52 11.21 19.53
N HIS M 133 18.84 9.91 19.27
CA HIS M 133 19.08 9.40 17.93
C HIS M 133 17.90 9.60 16.97
N ALA M 134 16.69 9.20 17.42
CA ALA M 134 15.45 9.33 16.68
C ALA M 134 15.10 10.77 16.32
N PHE M 135 15.33 11.69 17.28
CA PHE M 135 15.25 13.13 17.09
C PHE M 135 16.21 13.70 16.04
N VAL M 136 17.51 13.34 16.10
CA VAL M 136 18.49 13.78 15.11
C VAL M 136 18.16 13.31 13.70
N GLU M 137 17.69 12.05 13.55
CA GLU M 137 17.15 11.55 12.30
C GLU M 137 15.94 12.32 11.79
N ARG M 138 14.98 12.65 12.70
CA ARG M 138 13.82 13.48 12.38
C ARG M 138 14.22 14.87 11.88
N LEU M 139 15.20 15.54 12.55
CA LEU M 139 15.75 16.80 12.10
C LEU M 139 16.44 16.70 10.75
N ASN M 140 17.28 15.67 10.55
CA ASN M 140 18.00 15.40 9.31
C ASN M 140 17.06 15.30 8.11
N ILE M 141 15.94 14.55 8.28
CA ILE M 141 14.86 14.42 7.33
C ILE M 141 14.13 15.73 7.09
N ALA M 142 13.78 16.46 8.17
CA ALA M 142 13.13 17.74 8.10
C ALA M 142 13.94 18.80 7.37
N LEU M 143 15.28 18.82 7.54
CA LEU M 143 16.16 19.67 6.76
C LEU M 143 16.23 19.25 5.29
N ASP M 144 16.37 17.93 5.00
CA ASP M 144 16.44 17.44 3.64
C ASP M 144 15.20 17.73 2.79
N ASN M 145 14.02 17.66 3.40
CA ASN M 145 12.75 17.91 2.75
C ASN M 145 12.27 19.35 2.95
N GLY M 146 13.12 20.20 3.54
CA GLY M 146 12.80 21.57 3.95
C GLY M 146 13.64 22.62 3.28
N LEU M 147 14.97 22.56 3.48
CA LEU M 147 15.98 23.42 2.86
C LEU M 147 15.96 23.41 1.33
N PRO M 148 16.44 24.44 0.64
CA PRO M 148 16.68 24.37 -0.80
C PRO M 148 18.04 23.75 -1.08
N GLU M 149 18.24 23.12 -2.26
CA GLU M 149 19.47 22.44 -2.64
C GLU M 149 20.70 23.33 -2.64
N GLY M 150 21.82 22.81 -2.11
CA GLY M 150 23.08 23.55 -2.03
C GLY M 150 23.16 24.41 -0.80
N THR M 151 22.45 24.02 0.27
CA THR M 151 22.48 24.70 1.55
C THR M 151 23.43 23.90 2.43
N PRO M 152 24.28 24.45 3.30
CA PRO M 152 25.22 23.64 4.06
C PRO M 152 24.55 23.08 5.32
N LYS M 153 23.79 21.98 5.17
CA LYS M 153 23.04 21.35 6.23
C LYS M 153 23.86 20.71 7.36
N ASP M 154 25.13 20.35 7.12
CA ASP M 154 25.99 19.75 8.15
C ASP M 154 26.30 20.67 9.35
N PRO M 155 26.72 21.94 9.24
CA PRO M 155 26.89 22.80 10.42
C PRO M 155 25.55 23.23 11.00
N ILE M 156 24.50 23.33 10.17
CA ILE M 156 23.15 23.66 10.62
C ILE M 156 22.59 22.57 11.52
N LEU M 157 22.77 21.29 11.12
CA LEU M 157 22.31 20.16 11.88
C LEU M 157 23.04 19.99 13.20
N ARG M 158 24.38 20.17 13.27
CA ARG M 158 25.04 20.16 14.59
C ARG M 158 24.64 21.30 15.53
N SER M 159 24.23 22.48 15.00
CA SER M 159 23.66 23.53 15.83
C SER M 159 22.26 23.15 16.32
N LEU M 160 21.36 22.69 15.40
CA LEU M 160 20.00 22.29 15.74
C LEU M 160 19.93 21.08 16.69
N ALA M 161 20.90 20.15 16.56
CA ALA M 161 21.07 18.98 17.39
C ALA M 161 21.29 19.32 18.87
N TYR M 162 21.78 20.54 19.15
CA TYR M 162 21.87 21.06 20.49
C TYR M 162 20.64 21.90 20.82
N SER M 163 20.34 22.94 20.00
CA SER M 163 19.33 23.94 20.31
C SER M 163 17.89 23.46 20.41
N ASN M 164 17.52 22.43 19.62
CA ASN M 164 16.17 21.89 19.65
C ASN M 164 16.11 20.54 20.35
N ALA M 165 17.11 20.21 21.18
CA ALA M 165 17.12 19.01 21.99
C ALA M 165 16.38 19.19 23.31
N ASN M 166 16.13 18.07 24.03
CA ASN M 166 15.59 18.07 25.37
C ASN M 166 16.61 18.67 26.33
N LYS M 167 16.18 19.50 27.29
CA LYS M 167 17.03 20.18 28.26
C LYS M 167 18.03 19.27 28.98
N GLU M 168 17.63 18.03 29.32
CA GLU M 168 18.52 17.03 29.91
C GLU M 168 19.62 16.59 28.99
N CYS M 169 19.37 16.50 27.67
CA CYS M 169 20.42 16.22 26.71
C CYS M 169 21.32 17.45 26.53
N GLN M 170 20.76 18.68 26.62
CA GLN M 170 21.56 19.89 26.58
C GLN M 170 22.50 20.04 27.77
N LYS M 171 22.02 19.69 28.99
CA LYS M 171 22.84 19.68 30.19
C LYS M 171 23.98 18.67 30.11
N LEU M 172 23.69 17.48 29.55
CA LEU M 172 24.64 16.42 29.27
C LEU M 172 25.71 16.86 28.28
N LEU M 173 25.28 17.53 27.19
CA LEU M 173 26.13 18.09 26.16
C LEU M 173 27.00 19.21 26.70
N GLN M 174 26.48 20.08 27.59
CA GLN M 174 27.30 21.08 28.25
C GLN M 174 28.29 20.44 29.22
N ALA M 175 27.85 19.45 30.03
CA ALA M 175 28.66 18.73 30.99
C ALA M 175 29.84 17.99 30.39
N ARG M 176 29.64 17.36 29.21
CA ARG M 176 30.64 16.61 28.47
C ARG M 176 31.50 17.47 27.54
N GLY M 177 31.20 18.79 27.44
CA GLY M 177 31.93 19.73 26.60
C GLY M 177 31.62 19.63 25.12
N HIS M 178 30.33 19.51 24.77
CA HIS M 178 29.89 19.32 23.40
C HIS M 178 28.73 20.24 23.05
N THR M 179 28.90 21.56 23.18
CA THR M 179 27.84 22.55 22.93
C THR M 179 27.59 22.78 21.45
N ASN M 180 28.57 22.44 20.60
CA ASN M 180 28.44 22.45 19.16
C ASN M 180 29.64 21.65 18.65
N SER M 181 29.59 20.33 18.83
CA SER M 181 30.61 19.40 18.40
C SER M 181 30.09 18.57 17.24
N PRO M 182 30.92 17.91 16.43
CA PRO M 182 30.51 16.93 15.42
C PRO M 182 29.44 15.94 15.86
N LEU M 183 28.49 15.60 14.98
CA LEU M 183 27.30 14.80 15.29
C LEU M 183 27.58 13.44 15.89
N GLY M 184 28.69 12.78 15.50
CA GLY M 184 29.13 11.53 16.12
C GLY M 184 29.45 11.67 17.59
N ASP M 185 30.04 12.81 18.01
CA ASP M 185 30.33 13.06 19.40
C ASP M 185 29.08 13.45 20.17
N MET M 186 28.13 14.20 19.54
CA MET M 186 26.86 14.55 20.15
C MET M 186 26.05 13.30 20.50
N LEU M 187 25.98 12.34 19.56
CA LEU M 187 25.31 11.08 19.76
C LEU M 187 26.04 10.14 20.73
N ARG M 188 27.38 10.02 20.62
CA ARG M 188 28.18 9.26 21.58
C ARG M 188 28.02 9.71 23.03
N ALA M 189 27.92 11.03 23.27
CA ALA M 189 27.57 11.60 24.55
C ALA M 189 26.15 11.25 25.01
N CYS M 190 25.13 11.50 24.15
CA CYS M 190 23.73 11.43 24.57
C CYS M 190 23.16 10.03 24.56
N GLN M 191 23.97 9.03 24.19
CA GLN M 191 23.67 7.61 24.34
C GLN M 191 23.47 7.22 25.80
N THR M 192 24.18 7.95 26.71
CA THR M 192 24.09 7.84 28.16
C THR M 192 22.72 8.18 28.75
N TRP M 193 22.06 9.23 28.23
CA TRP M 193 20.73 9.64 28.63
C TRP M 193 19.64 8.69 28.13
N THR M 194 18.58 8.48 28.91
CA THR M 194 17.42 7.71 28.49
C THR M 194 16.19 8.38 29.05
N PRO M 195 15.03 8.38 28.36
CA PRO M 195 13.81 8.98 28.90
C PRO M 195 13.22 8.12 30.00
N ARG N 1 2.62 -8.39 -25.91
CA ARG N 1 2.11 -7.69 -24.75
C ARG N 1 1.52 -8.69 -23.75
N PRO N 2 2.09 -8.99 -22.57
CA PRO N 2 1.56 -10.03 -21.72
C PRO N 2 0.55 -9.44 -20.75
N TRP N 3 -0.66 -9.05 -21.20
CA TRP N 3 -1.67 -8.45 -20.34
C TRP N 3 -2.14 -9.40 -19.24
N GLN N 4 -2.15 -10.70 -19.56
CA GLN N 4 -2.46 -11.77 -18.65
C GLN N 4 -1.52 -11.85 -17.45
N MET N 5 -0.24 -11.43 -17.60
CA MET N 5 0.73 -11.44 -16.53
C MET N 5 0.33 -10.52 -15.39
N LYS N 6 -0.16 -9.31 -15.75
CA LYS N 6 -0.58 -8.28 -14.82
C LYS N 6 -1.84 -8.69 -14.05
N ASP N 7 -2.82 -9.32 -14.74
CA ASP N 7 -4.04 -9.81 -14.14
C ASP N 7 -3.85 -11.07 -13.31
N LEU N 8 -2.97 -12.00 -13.75
CA LEU N 8 -2.65 -13.18 -12.97
C LEU N 8 -1.97 -12.86 -11.65
N GLN N 9 -1.06 -11.86 -11.64
CA GLN N 9 -0.48 -11.38 -10.40
C GLN N 9 -1.48 -10.74 -9.44
N ALA N 10 -2.41 -9.93 -9.97
CA ALA N 10 -3.48 -9.32 -9.21
C ALA N 10 -4.46 -10.35 -8.63
N ILE N 11 -4.80 -11.40 -9.41
CA ILE N 11 -5.62 -12.51 -8.95
C ILE N 11 -4.98 -13.25 -7.80
N LYS N 12 -3.67 -13.60 -7.90
CA LYS N 12 -2.95 -14.26 -6.84
C LYS N 12 -2.82 -13.45 -5.57
N GLN N 13 -2.65 -12.10 -5.69
CA GLN N 13 -2.68 -11.24 -4.53
C GLN N 13 -4.05 -11.21 -3.83
N GLU N 14 -5.15 -11.12 -4.61
CA GLU N 14 -6.51 -11.11 -4.05
C GLU N 14 -6.89 -12.43 -3.37
N VAL N 15 -6.44 -13.60 -3.88
CA VAL N 15 -6.80 -14.88 -3.30
C VAL N 15 -5.71 -15.47 -2.43
N SER N 16 -4.71 -14.67 -2.01
CA SER N 16 -3.57 -15.13 -1.22
C SER N 16 -3.93 -15.74 0.13
N GLN N 17 -4.94 -15.18 0.83
CA GLN N 17 -5.41 -15.69 2.12
C GLN N 17 -6.57 -16.65 1.98
N ALA N 18 -7.05 -16.86 0.74
CA ALA N 18 -8.16 -17.73 0.44
C ALA N 18 -7.68 -19.13 0.05
N ALA N 19 -8.23 -20.17 0.71
CA ALA N 19 -7.87 -21.55 0.42
C ALA N 19 -8.38 -22.00 -0.96
N PRO N 20 -7.71 -22.87 -1.72
CA PRO N 20 -8.21 -23.39 -2.99
C PRO N 20 -9.61 -23.99 -2.90
N GLY N 21 -10.58 -23.41 -3.63
CA GLY N 21 -11.98 -23.83 -3.66
C GLY N 21 -12.90 -23.07 -2.72
N SER N 22 -12.36 -22.13 -1.92
CA SER N 22 -13.16 -21.26 -1.05
C SER N 22 -13.99 -20.23 -1.83
N PRO N 23 -15.11 -19.70 -1.36
CA PRO N 23 -15.97 -18.81 -2.14
C PRO N 23 -15.30 -17.62 -2.78
N GLN N 24 -14.33 -16.95 -2.12
CA GLN N 24 -13.67 -15.76 -2.61
C GLN N 24 -12.67 -16.13 -3.68
N PHE N 25 -11.99 -17.28 -3.49
CA PHE N 25 -11.11 -17.90 -4.47
C PHE N 25 -11.91 -18.24 -5.72
N MET N 26 -13.10 -18.86 -5.55
CA MET N 26 -13.99 -19.24 -6.64
C MET N 26 -14.61 -18.05 -7.36
N GLN N 27 -14.97 -16.95 -6.66
CA GLN N 27 -15.46 -15.74 -7.29
C GLN N 27 -14.42 -15.14 -8.24
N THR N 28 -13.17 -15.11 -7.75
CA THR N 28 -12.03 -14.54 -8.45
C THR N 28 -11.61 -15.37 -9.66
N ILE N 29 -11.55 -16.72 -9.55
CA ILE N 29 -11.20 -17.53 -10.72
C ILE N 29 -12.37 -17.72 -11.66
N ARG N 30 -13.63 -17.69 -11.19
CA ARG N 30 -14.80 -17.69 -12.05
C ARG N 30 -14.87 -16.45 -12.92
N LEU N 31 -14.60 -15.27 -12.32
CA LEU N 31 -14.47 -14.03 -13.07
C LEU N 31 -13.30 -14.06 -14.04
N ALA N 32 -12.11 -14.52 -13.61
CA ALA N 32 -10.94 -14.65 -14.46
C ALA N 32 -11.17 -15.54 -15.70
N VAL N 33 -11.84 -16.68 -15.52
CA VAL N 33 -12.24 -17.56 -16.61
C VAL N 33 -13.21 -16.87 -17.56
N GLN N 34 -14.22 -16.18 -17.00
CA GLN N 34 -15.20 -15.42 -17.76
C GLN N 34 -14.62 -14.24 -18.53
N GLN N 35 -13.64 -13.54 -17.94
CA GLN N 35 -12.91 -12.45 -18.54
C GLN N 35 -11.92 -12.82 -19.62
N PHE N 36 -11.17 -13.93 -19.47
CA PHE N 36 -10.08 -14.24 -20.39
C PHE N 36 -10.44 -15.23 -21.48
N ASP N 37 -11.53 -16.02 -21.28
CA ASP N 37 -11.92 -17.14 -22.12
C ASP N 37 -10.77 -18.17 -22.36
N PRO N 38 -10.06 -18.58 -21.30
CA PRO N 38 -8.83 -19.36 -21.40
C PRO N 38 -8.98 -20.71 -22.07
N THR N 39 -7.91 -21.17 -22.77
CA THR N 39 -7.81 -22.49 -23.35
C THR N 39 -7.28 -23.46 -22.29
N ALA N 40 -7.27 -24.78 -22.56
CA ALA N 40 -6.77 -25.76 -21.61
C ALA N 40 -5.34 -25.52 -21.14
N LYS N 41 -4.46 -25.06 -22.06
CA LYS N 41 -3.07 -24.75 -21.73
C LYS N 41 -2.96 -23.46 -20.89
N ASP N 42 -3.97 -22.56 -20.95
CA ASP N 42 -3.94 -21.30 -20.21
C ASP N 42 -4.48 -21.52 -18.80
N LEU N 43 -5.42 -22.48 -18.69
CA LEU N 43 -5.91 -23.01 -17.44
C LEU N 43 -4.82 -23.74 -16.68
N GLN N 44 -3.93 -24.46 -17.40
CA GLN N 44 -2.76 -25.11 -16.82
C GLN N 44 -1.79 -24.10 -16.24
N ASP N 45 -1.56 -22.96 -16.93
CA ASP N 45 -0.73 -21.88 -16.45
C ASP N 45 -1.32 -21.18 -15.23
N LEU N 46 -2.66 -20.96 -15.23
CA LEU N 46 -3.39 -20.40 -14.10
C LEU N 46 -3.34 -21.28 -12.86
N LEU N 47 -3.55 -22.61 -13.03
CA LEU N 47 -3.41 -23.61 -11.98
C LEU N 47 -2.03 -23.65 -11.36
N GLN N 48 -0.97 -23.69 -12.20
CA GLN N 48 0.40 -23.69 -11.74
C GLN N 48 0.82 -22.40 -11.06
N TYR N 49 0.35 -21.23 -11.52
CA TYR N 49 0.64 -19.99 -10.80
C TYR N 49 -0.02 -19.89 -9.43
N LEU N 50 -1.31 -20.29 -9.31
CA LEU N 50 -2.03 -20.18 -8.05
C LEU N 50 -1.81 -21.29 -7.04
N CYS N 51 -1.59 -22.54 -7.48
CA CYS N 51 -1.56 -23.70 -6.60
C CYS N 51 -0.25 -24.46 -6.59
N SER N 52 0.06 -25.08 -5.44
CA SER N 52 1.17 -26.01 -5.25
C SER N 52 1.07 -27.25 -6.13
N SER N 53 2.20 -27.99 -6.32
CA SER N 53 2.20 -29.18 -7.16
C SER N 53 1.29 -30.30 -6.67
N LEU N 54 1.15 -30.44 -5.33
CA LEU N 54 0.22 -31.37 -4.70
C LEU N 54 -1.23 -31.00 -4.97
N VAL N 55 -1.60 -29.72 -4.78
CA VAL N 55 -2.95 -29.23 -5.07
C VAL N 55 -3.28 -29.33 -6.55
N ALA N 56 -2.33 -28.99 -7.44
CA ALA N 56 -2.50 -29.19 -8.88
C ALA N 56 -2.72 -30.65 -9.27
N SER N 57 -2.00 -31.61 -8.63
CA SER N 57 -2.23 -33.04 -8.81
C SER N 57 -3.60 -33.48 -8.30
N LEU N 58 -4.02 -33.03 -7.09
CA LEU N 58 -5.32 -33.31 -6.53
C LEU N 58 -6.48 -32.72 -7.35
N HIS N 59 -6.30 -31.49 -7.89
CA HIS N 59 -7.21 -30.89 -8.85
C HIS N 59 -7.32 -31.70 -10.13
N HIS N 60 -6.17 -32.14 -10.70
CA HIS N 60 -6.13 -33.01 -11.86
C HIS N 60 -6.87 -34.32 -11.65
N GLN N 61 -6.67 -34.98 -10.49
CA GLN N 61 -7.40 -36.18 -10.10
C GLN N 61 -8.91 -35.99 -9.97
N GLN N 62 -9.35 -34.88 -9.34
CA GLN N 62 -10.76 -34.56 -9.20
C GLN N 62 -11.41 -34.25 -10.54
N LEU N 63 -10.68 -33.49 -11.38
CA LEU N 63 -11.06 -33.12 -12.72
C LEU N 63 -11.14 -34.33 -13.63
N ASP N 64 -10.17 -35.28 -13.50
CA ASP N 64 -10.14 -36.52 -14.24
C ASP N 64 -11.39 -37.36 -13.97
N SER N 65 -11.86 -37.44 -12.70
CA SER N 65 -13.15 -38.06 -12.38
C SER N 65 -14.32 -37.38 -13.08
N LEU N 66 -14.38 -36.03 -13.04
CA LEU N 66 -15.44 -35.29 -13.72
C LEU N 66 -15.43 -35.42 -15.25
N ILE N 67 -14.23 -35.38 -15.87
CA ILE N 67 -14.01 -35.61 -17.29
C ILE N 67 -14.36 -37.02 -17.69
N SER N 68 -13.93 -38.03 -16.91
CA SER N 68 -14.24 -39.44 -17.11
C SER N 68 -15.72 -39.71 -17.07
N GLU N 69 -16.44 -39.15 -16.06
CA GLU N 69 -17.88 -39.21 -16.04
C GLU N 69 -18.53 -38.54 -17.23
N ALA N 70 -18.11 -37.31 -17.60
CA ALA N 70 -18.65 -36.61 -18.74
C ALA N 70 -18.42 -37.32 -20.08
N GLU N 71 -17.21 -37.89 -20.27
CA GLU N 71 -16.79 -38.69 -21.41
C GLU N 71 -17.56 -40.00 -21.53
N THR N 72 -17.79 -40.71 -20.40
CA THR N 72 -18.63 -41.91 -20.36
C THR N 72 -20.10 -41.60 -20.53
N ARG N 73 -20.60 -40.47 -20.01
CA ARG N 73 -21.94 -39.99 -20.31
C ARG N 73 -22.14 -39.61 -21.78
N GLY N 74 -21.08 -39.04 -22.43
CA GLY N 74 -21.11 -38.63 -23.82
C GLY N 74 -21.83 -37.31 -24.00
N ILE N 75 -21.81 -36.48 -22.95
CA ILE N 75 -22.59 -35.24 -22.86
C ILE N 75 -21.70 -34.01 -23.02
N THR N 76 -20.42 -34.21 -23.35
CA THR N 76 -19.44 -33.12 -23.44
C THR N 76 -19.57 -32.33 -24.73
N GLY N 77 -19.97 -33.02 -25.82
CA GLY N 77 -20.08 -32.47 -27.17
C GLY N 77 -18.84 -32.67 -28.00
N TYR N 78 -17.88 -33.47 -27.51
CA TYR N 78 -16.61 -33.71 -28.17
C TYR N 78 -16.68 -34.92 -29.07
N ASN N 79 -16.26 -34.79 -30.35
CA ASN N 79 -16.08 -35.93 -31.25
C ASN N 79 -14.86 -36.75 -30.81
N PRO N 80 -14.92 -38.04 -30.51
CA PRO N 80 -13.78 -38.80 -29.99
C PRO N 80 -12.71 -39.01 -31.05
N LEU N 81 -13.06 -38.88 -32.34
CA LEU N 81 -12.13 -39.04 -33.45
C LEU N 81 -11.51 -37.70 -33.87
N ALA N 82 -11.69 -36.65 -33.04
CA ALA N 82 -11.10 -35.33 -33.23
C ALA N 82 -10.03 -35.06 -32.16
N GLY N 83 -9.65 -36.12 -31.41
CA GLY N 83 -8.61 -36.09 -30.39
C GLY N 83 -9.08 -35.89 -28.95
N PRO N 84 -8.16 -35.89 -27.99
CA PRO N 84 -8.44 -35.72 -26.57
C PRO N 84 -9.17 -34.44 -26.19
N LEU N 85 -9.91 -34.41 -25.05
CA LEU N 85 -10.51 -33.18 -24.53
C LEU N 85 -9.45 -32.13 -24.26
N ARG N 86 -8.29 -32.61 -23.75
CA ARG N 86 -7.11 -31.84 -23.41
C ARG N 86 -6.40 -31.22 -24.59
N VAL N 87 -6.73 -31.64 -25.83
CA VAL N 87 -6.23 -31.07 -27.07
C VAL N 87 -7.33 -30.28 -27.77
N GLN N 88 -8.58 -30.79 -27.81
CA GLN N 88 -9.73 -30.09 -28.40
C GLN N 88 -10.08 -28.77 -27.73
N ALA N 89 -9.82 -28.65 -26.41
CA ALA N 89 -10.00 -27.43 -25.66
C ALA N 89 -8.89 -26.40 -25.93
N ASN N 90 -7.98 -26.70 -26.87
CA ASN N 90 -7.00 -25.80 -27.45
C ASN N 90 -7.27 -25.58 -28.95
N ASN N 91 -8.46 -25.97 -29.48
CA ASN N 91 -8.82 -25.76 -30.87
C ASN N 91 -9.63 -24.45 -30.99
N PRO N 92 -9.26 -23.40 -31.73
CA PRO N 92 -9.94 -22.10 -31.66
C PRO N 92 -11.39 -22.06 -32.08
N GLN N 93 -11.82 -22.96 -32.98
CA GLN N 93 -13.15 -22.95 -33.54
C GLN N 93 -14.09 -23.88 -32.76
N GLN N 94 -13.63 -24.41 -31.62
CA GLN N 94 -14.38 -25.31 -30.78
C GLN N 94 -14.79 -24.59 -29.50
N GLN N 95 -15.34 -23.37 -29.63
CA GLN N 95 -15.64 -22.49 -28.53
C GLN N 95 -16.61 -23.05 -27.52
N GLY N 96 -17.66 -23.77 -27.95
CA GLY N 96 -18.64 -24.35 -27.03
C GLY N 96 -18.06 -25.47 -26.20
N LEU N 97 -16.99 -26.10 -26.70
CA LEU N 97 -16.33 -27.21 -26.06
C LEU N 97 -15.26 -26.70 -25.12
N ARG N 98 -14.64 -25.53 -25.44
CA ARG N 98 -13.77 -24.80 -24.53
C ARG N 98 -14.52 -24.31 -23.31
N ARG N 99 -15.76 -23.79 -23.51
CA ARG N 99 -16.66 -23.32 -22.49
C ARG N 99 -17.11 -24.46 -21.58
N GLU N 100 -17.39 -25.65 -22.15
CA GLU N 100 -17.73 -26.84 -21.37
C GLU N 100 -16.54 -27.31 -20.51
N TYR N 101 -15.30 -27.28 -21.07
CA TYR N 101 -14.07 -27.59 -20.34
C TYR N 101 -13.83 -26.61 -19.18
N GLN N 102 -14.06 -25.30 -19.41
CA GLN N 102 -13.97 -24.28 -18.39
C GLN N 102 -14.91 -24.53 -17.22
N GLN N 103 -16.18 -24.93 -17.49
CA GLN N 103 -17.12 -25.26 -16.43
C GLN N 103 -16.75 -26.51 -15.66
N LEU N 104 -16.21 -27.57 -16.32
CA LEU N 104 -15.70 -28.74 -15.61
C LEU N 104 -14.48 -28.44 -14.74
N TRP N 105 -13.55 -27.61 -15.29
CA TRP N 105 -12.35 -27.14 -14.63
C TRP N 105 -12.64 -26.35 -13.37
N LEU N 106 -13.61 -25.41 -13.44
CA LEU N 106 -14.10 -24.66 -12.30
C LEU N 106 -14.82 -25.54 -11.30
N ALA N 107 -15.68 -26.48 -11.77
CA ALA N 107 -16.44 -27.39 -10.92
C ALA N 107 -15.56 -28.27 -10.05
N ALA N 108 -14.41 -28.74 -10.57
CA ALA N 108 -13.47 -29.55 -9.80
C ALA N 108 -12.92 -28.88 -8.53
N PHE N 109 -12.73 -27.55 -8.51
CA PHE N 109 -12.20 -26.86 -7.34
C PHE N 109 -13.16 -26.81 -6.17
N ALA N 110 -14.48 -26.89 -6.45
CA ALA N 110 -15.50 -26.82 -5.43
C ALA N 110 -15.53 -28.04 -4.53
N ALA N 111 -14.91 -29.17 -4.94
CA ALA N 111 -14.78 -30.34 -4.10
C ALA N 111 -13.56 -30.33 -3.18
N LEU N 112 -12.54 -29.49 -3.47
CA LEU N 112 -11.27 -29.49 -2.75
C LEU N 112 -11.34 -29.19 -1.24
N PRO N 113 -12.12 -28.22 -0.72
CA PRO N 113 -12.22 -27.98 0.73
C PRO N 113 -12.95 -29.09 1.47
N GLY N 114 -13.73 -29.91 0.75
CA GLY N 114 -14.52 -31.03 1.22
C GLY N 114 -13.70 -32.27 1.29
N SER N 115 -12.78 -32.45 0.32
CA SER N 115 -11.84 -33.57 0.30
C SER N 115 -10.81 -33.48 1.40
N ALA N 116 -10.44 -32.23 1.80
CA ALA N 116 -9.51 -31.94 2.87
C ALA N 116 -9.86 -32.55 4.23
N LYS N 117 -9.00 -33.42 4.78
CA LYS N 117 -9.25 -34.11 6.03
C LYS N 117 -8.91 -33.30 7.27
N ASP N 118 -7.98 -32.33 7.17
CA ASP N 118 -7.58 -31.49 8.29
C ASP N 118 -7.42 -30.02 7.84
N PRO N 119 -8.49 -29.34 7.39
CA PRO N 119 -8.43 -27.93 7.00
C PRO N 119 -8.03 -26.97 8.12
N SER N 120 -7.51 -25.77 7.77
CA SER N 120 -6.95 -24.79 8.68
C SER N 120 -7.89 -24.19 9.71
N TRP N 121 -9.17 -23.97 9.36
CA TRP N 121 -10.15 -23.34 10.25
C TRP N 121 -10.46 -24.20 11.47
N ALA N 122 -10.23 -25.52 11.36
CA ALA N 122 -10.51 -26.48 12.39
C ALA N 122 -9.45 -26.47 13.49
N SER N 123 -8.31 -25.80 13.25
CA SER N 123 -7.21 -25.71 14.20
C SER N 123 -7.05 -24.31 14.77
N ILE N 124 -8.04 -23.41 14.57
CA ILE N 124 -8.02 -22.08 15.16
C ILE N 124 -8.52 -22.16 16.61
N LEU N 125 -7.65 -21.86 17.59
CA LEU N 125 -7.93 -21.96 19.00
C LEU N 125 -7.84 -20.60 19.66
N GLN N 126 -8.78 -20.23 20.57
CA GLN N 126 -8.72 -18.96 21.29
C GLN N 126 -7.47 -18.83 22.17
N GLY N 127 -6.73 -17.72 22.05
CA GLY N 127 -5.54 -17.43 22.85
C GLY N 127 -5.81 -17.12 24.32
N LEU N 128 -4.76 -17.07 25.15
CA LEU N 128 -4.90 -16.83 26.58
C LEU N 128 -5.23 -15.37 26.88
N GLU N 129 -4.83 -14.45 25.99
CA GLU N 129 -5.12 -13.03 26.09
C GLU N 129 -5.99 -12.56 24.94
N GLU N 130 -6.49 -13.49 24.12
CA GLU N 130 -7.29 -13.17 22.96
C GLU N 130 -8.76 -12.98 23.31
N PRO N 131 -9.40 -11.84 23.04
CA PRO N 131 -10.81 -11.62 23.40
C PRO N 131 -11.73 -12.62 22.74
N TYR N 132 -12.81 -13.06 23.43
CA TYR N 132 -13.76 -14.03 22.90
C TYR N 132 -14.39 -13.56 21.58
N HIS N 133 -14.73 -12.26 21.51
CA HIS N 133 -15.16 -11.56 20.31
C HIS N 133 -14.17 -11.64 19.15
N ALA N 134 -12.88 -11.31 19.40
CA ALA N 134 -11.81 -11.36 18.43
C ALA N 134 -11.57 -12.75 17.85
N PHE N 135 -11.66 -13.77 18.73
CA PHE N 135 -11.65 -15.18 18.39
C PHE N 135 -12.78 -15.61 17.47
N VAL N 136 -14.04 -15.21 17.78
CA VAL N 136 -15.19 -15.47 16.93
C VAL N 136 -15.07 -14.81 15.56
N GLU N 137 -14.56 -13.56 15.47
CA GLU N 137 -14.23 -12.94 14.20
C GLU N 137 -13.16 -13.68 13.40
N ARG N 138 -12.08 -14.13 14.07
CA ARG N 138 -11.03 -14.93 13.49
C ARG N 138 -11.56 -16.25 12.91
N LEU N 139 -12.43 -16.96 13.67
CA LEU N 139 -13.12 -18.14 13.17
C LEU N 139 -14.03 -17.85 12.00
N ASN N 140 -14.88 -16.79 12.06
CA ASN N 140 -15.80 -16.41 11.00
C ASN N 140 -15.09 -16.19 9.65
N ILE N 141 -13.98 -15.42 9.68
CA ILE N 141 -13.12 -15.20 8.53
C ILE N 141 -12.43 -16.48 8.06
N ALA N 142 -11.86 -17.28 8.99
CA ALA N 142 -11.22 -18.54 8.68
C ALA N 142 -12.15 -19.57 8.05
N LEU N 143 -13.43 -19.62 8.49
CA LEU N 143 -14.45 -20.43 7.88
C LEU N 143 -14.79 -19.93 6.48
N ASP N 144 -14.96 -18.60 6.30
CA ASP N 144 -15.25 -18.00 5.01
C ASP N 144 -14.20 -18.25 3.94
N ASN N 145 -12.91 -18.26 4.33
CA ASN N 145 -11.76 -18.47 3.47
C ASN N 145 -11.31 -19.93 3.46
N GLY N 146 -12.10 -20.84 4.08
CA GLY N 146 -11.73 -22.24 4.26
C GLY N 146 -12.80 -23.24 3.86
N LEU N 147 -14.06 -23.07 4.32
CA LEU N 147 -15.22 -23.85 3.89
C LEU N 147 -15.62 -23.60 2.43
N PRO N 148 -16.08 -24.58 1.65
CA PRO N 148 -16.74 -24.31 0.37
C PRO N 148 -18.06 -23.55 0.51
N GLU N 149 -18.50 -22.83 -0.55
CA GLU N 149 -19.73 -22.06 -0.59
C GLU N 149 -20.97 -22.95 -0.48
N GLY N 150 -22.03 -22.45 0.21
CA GLY N 150 -23.27 -23.20 0.40
C GLY N 150 -23.20 -24.23 1.48
N THR N 151 -22.35 -23.99 2.49
CA THR N 151 -22.16 -24.88 3.64
C THR N 151 -22.83 -24.17 4.81
N PRO N 152 -23.50 -24.79 5.78
CA PRO N 152 -24.16 -24.03 6.84
C PRO N 152 -23.18 -23.69 7.95
N LYS N 153 -22.43 -22.59 7.75
CA LYS N 153 -21.43 -22.07 8.65
C LYS N 153 -21.98 -21.57 10.00
N ASP N 154 -23.27 -21.20 10.08
CA ASP N 154 -23.89 -20.74 11.31
C ASP N 154 -23.95 -21.78 12.46
N PRO N 155 -24.39 -23.04 12.31
CA PRO N 155 -24.30 -24.02 13.40
C PRO N 155 -22.87 -24.47 13.62
N ILE N 156 -22.02 -24.45 12.58
CA ILE N 156 -20.61 -24.77 12.70
C ILE N 156 -19.89 -23.76 13.58
N LEU N 157 -20.15 -22.45 13.37
CA LEU N 157 -19.53 -21.40 14.15
C LEU N 157 -19.99 -21.38 15.60
N ARG N 158 -21.30 -21.57 15.92
CA ARG N 158 -21.70 -21.71 17.32
C ARG N 158 -21.15 -22.95 18.04
N SER N 159 -20.88 -24.05 17.31
CA SER N 159 -20.18 -25.20 17.86
C SER N 159 -18.70 -24.88 18.12
N LEU N 160 -17.99 -24.30 17.11
CA LEU N 160 -16.58 -23.94 17.24
C LEU N 160 -16.32 -22.87 18.30
N ALA N 161 -17.27 -21.93 18.46
CA ALA N 161 -17.28 -20.87 19.46
C ALA N 161 -17.25 -21.40 20.88
N TYR N 162 -17.72 -22.65 21.09
CA TYR N 162 -17.59 -23.34 22.36
C TYR N 162 -16.33 -24.21 22.35
N SER N 163 -16.21 -25.12 21.37
CA SER N 163 -15.19 -26.17 21.38
C SER N 163 -13.75 -25.71 21.28
N ASN N 164 -13.47 -24.59 20.58
CA ASN N 164 -12.12 -24.05 20.46
C ASN N 164 -11.94 -22.78 21.28
N ALA N 165 -12.80 -22.55 22.29
CA ALA N 165 -12.65 -21.44 23.19
C ALA N 165 -11.61 -21.69 24.27
N ASN N 166 -11.19 -20.62 24.97
CA ASN N 166 -10.32 -20.68 26.12
C ASN N 166 -11.04 -21.43 27.25
N LYS N 167 -10.35 -22.35 27.94
CA LYS N 167 -10.93 -23.18 29.00
C LYS N 167 -11.69 -22.43 30.09
N GLU N 168 -11.22 -21.22 30.48
CA GLU N 168 -11.89 -20.36 31.45
C GLU N 168 -13.24 -19.87 30.91
N CYS N 169 -13.32 -19.58 29.59
CA CYS N 169 -14.57 -19.24 28.94
C CYS N 169 -15.47 -20.46 28.77
N GLN N 170 -14.90 -21.66 28.53
CA GLN N 170 -15.72 -22.87 28.45
C GLN N 170 -16.39 -23.22 29.76
N LYS N 171 -15.65 -23.05 30.89
CA LYS N 171 -16.19 -23.24 32.23
C LYS N 171 -17.31 -22.26 32.55
N LEU N 172 -17.14 -20.98 32.12
CA LEU N 172 -18.15 -19.92 32.21
C LEU N 172 -19.40 -20.23 31.39
N LEU N 173 -19.22 -20.74 30.16
CA LEU N 173 -20.28 -21.16 29.26
C LEU N 173 -21.06 -22.34 29.82
N GLN N 174 -20.35 -23.31 30.46
CA GLN N 174 -21.00 -24.42 31.15
C GLN N 174 -21.77 -23.93 32.37
N ALA N 175 -21.16 -23.02 33.17
CA ALA N 175 -21.74 -22.42 34.38
C ALA N 175 -23.03 -21.65 34.10
N ARG N 176 -23.08 -20.95 32.95
CA ARG N 176 -24.20 -20.16 32.46
C ARG N 176 -25.22 -20.98 31.68
N GLY N 177 -24.96 -22.29 31.45
CA GLY N 177 -25.87 -23.17 30.72
C GLY N 177 -25.96 -22.89 29.23
N HIS N 178 -24.85 -22.50 28.59
CA HIS N 178 -24.78 -22.11 27.20
C HIS N 178 -23.70 -22.91 26.48
N THR N 179 -23.93 -24.21 26.22
CA THR N 179 -22.91 -25.09 25.64
C THR N 179 -23.02 -25.20 24.12
N ASN N 180 -24.07 -24.61 23.54
CA ASN N 180 -24.26 -24.46 22.10
C ASN N 180 -25.51 -23.61 21.92
N SER N 181 -25.42 -22.32 22.29
CA SER N 181 -26.50 -21.35 22.16
C SER N 181 -26.22 -20.42 20.99
N PRO N 182 -27.18 -19.66 20.46
CA PRO N 182 -26.95 -18.58 19.49
C PRO N 182 -25.81 -17.64 19.86
N LEU N 183 -25.02 -17.16 18.88
CA LEU N 183 -23.79 -16.43 19.11
C LEU N 183 -23.91 -15.17 19.97
N GLY N 184 -25.04 -14.44 19.90
CA GLY N 184 -25.31 -13.31 20.78
C GLY N 184 -25.36 -13.65 22.25
N ASP N 185 -25.94 -14.81 22.62
CA ASP N 185 -25.98 -15.24 24.00
C ASP N 185 -24.62 -15.78 24.45
N MET N 186 -23.87 -16.46 23.55
CA MET N 186 -22.51 -16.90 23.85
C MET N 186 -21.57 -15.73 24.17
N LEU N 187 -21.65 -14.67 23.34
CA LEU N 187 -20.88 -13.45 23.52
C LEU N 187 -21.31 -12.61 24.71
N ARG N 188 -22.64 -12.43 24.92
CA ARG N 188 -23.17 -11.77 26.11
C ARG N 188 -22.77 -12.41 27.43
N ALA N 189 -22.69 -13.76 27.48
CA ALA N 189 -22.11 -14.50 28.58
C ALA N 189 -20.61 -14.22 28.76
N CYS N 190 -19.82 -14.34 27.68
CA CYS N 190 -18.36 -14.27 27.78
C CYS N 190 -17.83 -12.84 27.81
N GLN N 191 -18.73 -11.84 27.75
CA GLN N 191 -18.48 -10.43 28.00
C GLN N 191 -17.98 -10.23 29.43
N THR N 192 -18.45 -11.10 30.34
CA THR N 192 -18.07 -11.13 31.74
C THR N 192 -16.66 -11.64 31.98
N TRP N 193 -16.06 -12.35 31.00
CA TRP N 193 -14.69 -12.80 31.10
C TRP N 193 -13.74 -11.80 30.46
N THR N 194 -12.73 -11.38 31.24
CA THR N 194 -11.63 -10.54 30.80
C THR N 194 -10.35 -11.32 31.01
N PRO N 195 -9.37 -11.31 30.10
CA PRO N 195 -8.11 -12.03 30.28
C PRO N 195 -7.25 -11.40 31.35
N ARG O 1 2.72 11.00 -24.71
CA ARG O 1 2.54 10.06 -23.64
C ARG O 1 3.86 9.73 -22.91
N PRO O 2 4.04 10.10 -21.65
CA PRO O 2 5.33 10.01 -20.97
C PRO O 2 5.49 8.69 -20.23
N TRP O 3 5.66 7.55 -20.93
CA TRP O 3 5.77 6.24 -20.29
C TRP O 3 6.99 6.10 -19.38
N GLN O 4 8.10 6.76 -19.75
CA GLN O 4 9.32 6.82 -18.96
C GLN O 4 9.12 7.42 -17.58
N MET O 5 8.15 8.35 -17.41
CA MET O 5 7.85 9.00 -16.14
C MET O 5 7.38 7.98 -15.10
N LYS O 6 6.49 7.04 -15.50
CA LYS O 6 5.95 6.03 -14.63
C LYS O 6 7.03 5.01 -14.23
N ASP O 7 7.91 4.65 -15.18
CA ASP O 7 8.99 3.72 -14.90
C ASP O 7 10.10 4.32 -14.06
N LEU O 8 10.43 5.62 -14.27
CA LEU O 8 11.40 6.32 -13.45
C LEU O 8 10.95 6.47 -12.00
N GLN O 9 9.65 6.75 -11.77
CA GLN O 9 9.09 6.77 -10.43
C GLN O 9 9.14 5.43 -9.72
N ALA O 10 8.82 4.32 -10.44
CA ALA O 10 8.94 2.97 -9.92
C ALA O 10 10.38 2.55 -9.61
N ILE O 11 11.36 2.94 -10.47
CA ILE O 11 12.77 2.69 -10.22
C ILE O 11 13.24 3.37 -8.94
N LYS O 12 12.88 4.66 -8.76
CA LYS O 12 13.21 5.40 -7.55
C LYS O 12 12.56 4.84 -6.30
N GLN O 13 11.32 4.32 -6.38
CA GLN O 13 10.69 3.63 -5.27
C GLN O 13 11.42 2.34 -4.87
N GLU O 14 11.80 1.51 -5.86
CA GLU O 14 12.51 0.27 -5.63
C GLU O 14 13.92 0.46 -5.06
N VAL O 15 14.65 1.52 -5.45
CA VAL O 15 15.99 1.79 -4.96
C VAL O 15 16.00 2.86 -3.88
N SER O 16 14.84 3.20 -3.30
CA SER O 16 14.69 4.30 -2.34
C SER O 16 15.57 4.22 -1.11
N GLN O 17 15.77 3.02 -0.53
CA GLN O 17 16.61 2.83 0.64
C GLN O 17 18.03 2.39 0.26
N ALA O 18 18.33 2.27 -1.03
CA ALA O 18 19.61 1.80 -1.53
C ALA O 18 20.63 2.92 -1.78
N ALA O 19 21.89 2.72 -1.34
CA ALA O 19 22.97 3.65 -1.55
C ALA O 19 23.39 3.74 -3.02
N PRO O 20 23.81 4.87 -3.60
CA PRO O 20 24.32 4.95 -4.96
C PRO O 20 25.51 4.04 -5.21
N GLY O 21 25.32 2.96 -6.00
CA GLY O 21 26.36 1.98 -6.32
C GLY O 21 26.20 0.67 -5.58
N SER O 22 25.18 0.54 -4.72
CA SER O 22 24.86 -0.70 -4.00
C SER O 22 24.24 -1.77 -4.89
N PRO O 23 24.28 -3.07 -4.57
CA PRO O 23 23.78 -4.13 -5.45
C PRO O 23 22.36 -4.00 -5.95
N GLN O 24 21.38 -3.54 -5.13
CA GLN O 24 19.98 -3.42 -5.55
C GLN O 24 19.81 -2.22 -6.45
N PHE O 25 20.54 -1.13 -6.15
CA PHE O 25 20.60 0.07 -6.96
C PHE O 25 21.15 -0.25 -8.35
N MET O 26 22.28 -1.00 -8.40
CA MET O 26 22.90 -1.41 -9.63
C MET O 26 22.11 -2.41 -10.44
N GLN O 27 21.41 -3.37 -9.80
CA GLN O 27 20.55 -4.30 -10.52
C GLN O 27 19.43 -3.60 -11.26
N THR O 28 18.81 -2.63 -10.57
CA THR O 28 17.70 -1.84 -11.07
C THR O 28 18.09 -0.87 -12.16
N ILE O 29 19.24 -0.17 -12.05
CA ILE O 29 19.65 0.72 -13.13
C ILE O 29 20.30 -0.02 -14.30
N ARG O 30 20.93 -1.19 -14.07
CA ARG O 30 21.44 -2.03 -15.14
C ARG O 30 20.31 -2.56 -16.02
N LEU O 31 19.21 -3.03 -15.39
CA LEU O 31 17.99 -3.39 -16.09
C LEU O 31 17.32 -2.21 -16.79
N ALA O 32 17.19 -1.05 -16.11
CA ALA O 32 16.61 0.15 -16.68
C ALA O 32 17.34 0.64 -17.94
N VAL O 33 18.69 0.60 -17.92
CA VAL O 33 19.52 0.91 -19.08
C VAL O 33 19.29 -0.07 -20.22
N GLN O 34 19.21 -1.38 -19.90
CA GLN O 34 18.91 -2.41 -20.88
C GLN O 34 17.50 -2.32 -21.49
N GLN O 35 16.50 -1.97 -20.67
CA GLN O 35 15.12 -1.77 -21.06
C GLN O 35 14.82 -0.53 -21.87
N PHE O 36 15.46 0.62 -21.56
CA PHE O 36 15.09 1.87 -22.20
C PHE O 36 16.01 2.23 -23.35
N ASP O 37 17.21 1.61 -23.40
CA ASP O 37 18.30 1.96 -24.31
C ASP O 37 18.63 3.48 -24.36
N PRO O 38 18.75 4.13 -23.20
CA PRO O 38 18.81 5.59 -23.08
C PRO O 38 19.97 6.27 -23.79
N THR O 39 19.75 7.51 -24.27
CA THR O 39 20.80 8.36 -24.85
C THR O 39 21.52 9.07 -23.71
N ALA O 40 22.66 9.75 -23.97
CA ALA O 40 23.42 10.43 -22.92
C ALA O 40 22.61 11.46 -22.12
N LYS O 41 21.71 12.20 -22.80
CA LYS O 41 20.84 13.16 -22.17
C LYS O 41 19.73 12.48 -21.32
N ASP O 42 19.39 11.21 -21.60
CA ASP O 42 18.35 10.49 -20.88
C ASP O 42 18.96 9.85 -19.64
N LEU O 43 20.25 9.49 -19.73
CA LEU O 43 21.08 9.07 -18.62
C LEU O 43 21.27 10.21 -17.64
N GLN O 44 21.40 11.46 -18.16
CA GLN O 44 21.48 12.66 -17.36
C GLN O 44 20.20 12.90 -16.57
N ASP O 45 19.02 12.65 -17.18
CA ASP O 45 17.74 12.74 -16.49
C ASP O 45 17.55 11.67 -15.41
N LEU O 46 17.99 10.43 -15.71
CA LEU O 46 17.98 9.32 -14.76
C LEU O 46 18.88 9.58 -13.55
N LEU O 47 20.11 10.07 -13.80
CA LEU O 47 21.06 10.49 -12.77
C LEU O 47 20.49 11.56 -11.86
N GLN O 48 19.94 12.63 -12.44
CA GLN O 48 19.34 13.72 -11.70
C GLN O 48 18.09 13.34 -10.92
N TYR O 49 17.21 12.45 -11.44
CA TYR O 49 16.05 11.99 -10.68
C TYR O 49 16.44 11.14 -9.47
N LEU O 50 17.43 10.23 -9.64
CA LEU O 50 17.88 9.36 -8.57
C LEU O 50 18.85 9.98 -7.59
N CYS O 51 19.72 10.90 -8.05
CA CYS O 51 20.82 11.43 -7.26
C CYS O 51 20.77 12.92 -7.03
N SER O 52 21.23 13.32 -5.82
CA SER O 52 21.48 14.70 -5.41
C SER O 52 22.53 15.40 -6.26
N SER O 53 22.59 16.75 -6.26
CA SER O 53 23.53 17.48 -7.09
C SER O 53 25.01 17.20 -6.80
N LEU O 54 25.35 16.97 -5.51
CA LEU O 54 26.67 16.54 -5.08
C LEU O 54 27.03 15.15 -5.61
N VAL O 55 26.12 14.16 -5.45
CA VAL O 55 26.32 12.80 -5.96
C VAL O 55 26.39 12.77 -7.48
N ALA O 56 25.54 13.55 -8.17
CA ALA O 56 25.63 13.72 -9.61
C ALA O 56 26.96 14.32 -10.07
N SER O 57 27.50 15.31 -9.33
CA SER O 57 28.85 15.84 -9.56
C SER O 57 29.94 14.81 -9.33
N LEU O 58 29.87 14.04 -8.22
CA LEU O 58 30.82 12.96 -7.94
C LEU O 58 30.78 11.82 -8.96
N HIS O 59 29.57 11.43 -9.42
CA HIS O 59 29.38 10.48 -10.51
C HIS O 59 30.00 10.99 -11.80
N HIS O 60 29.73 12.27 -12.14
CA HIS O 60 30.30 12.94 -13.28
C HIS O 60 31.82 12.97 -13.26
N GLN O 61 32.45 13.31 -12.11
CA GLN O 61 33.90 13.27 -11.93
C GLN O 61 34.50 11.89 -12.10
N GLN O 62 33.86 10.85 -11.54
CA GLN O 62 34.30 9.48 -11.71
C GLN O 62 34.18 9.00 -13.16
N LEU O 63 33.05 9.37 -13.80
CA LEU O 63 32.78 9.06 -15.19
C LEU O 63 33.75 9.77 -16.12
N ASP O 64 34.06 11.05 -15.83
CA ASP O 64 35.02 11.85 -16.57
C ASP O 64 36.41 11.23 -16.58
N SER O 65 36.87 10.70 -15.41
CA SER O 65 38.07 9.91 -15.27
C SER O 65 38.07 8.62 -16.08
N LEU O 66 36.96 7.83 -16.05
CA LEU O 66 36.80 6.61 -16.83
C LEU O 66 36.79 6.86 -18.33
N ILE O 67 36.11 7.93 -18.78
CA ILE O 67 36.10 8.43 -20.15
C ILE O 67 37.49 8.88 -20.57
N SER O 68 38.20 9.63 -19.70
CA SER O 68 39.56 10.11 -19.90
C SER O 68 40.54 8.96 -20.11
N GLU O 69 40.47 7.90 -19.27
CA GLU O 69 41.23 6.69 -19.52
C GLU O 69 40.86 6.00 -20.84
N ALA O 70 39.56 5.83 -21.14
CA ALA O 70 39.13 5.20 -22.37
C ALA O 70 39.54 5.95 -23.65
N GLU O 71 39.43 7.29 -23.62
CA GLU O 71 39.81 8.23 -24.64
C GLU O 71 41.31 8.25 -24.90
N THR O 72 42.13 8.23 -23.82
CA THR O 72 43.59 8.10 -23.95
C THR O 72 44.04 6.72 -24.40
N ARG O 73 43.35 5.65 -23.97
CA ARG O 73 43.54 4.29 -24.44
C ARG O 73 43.19 4.06 -25.91
N GLY O 74 42.15 4.74 -26.43
CA GLY O 74 41.70 4.64 -27.82
C GLY O 74 40.83 3.45 -28.08
N ILE O 75 40.17 2.93 -27.02
CA ILE O 75 39.38 1.72 -27.08
C ILE O 75 37.89 1.99 -27.27
N THR O 76 37.48 3.26 -27.19
CA THR O 76 36.07 3.69 -27.20
C THR O 76 35.31 3.38 -28.47
N GLY O 77 35.93 3.60 -29.64
CA GLY O 77 35.32 3.42 -30.96
C GLY O 77 34.83 4.70 -31.56
N TYR O 78 35.13 5.85 -30.94
CA TYR O 78 34.64 7.15 -31.36
C TYR O 78 35.64 7.86 -32.26
N ASN O 79 35.16 8.43 -33.40
CA ASN O 79 35.95 9.34 -34.22
C ASN O 79 36.21 10.64 -33.45
N PRO O 80 37.44 11.11 -33.19
CA PRO O 80 37.66 12.29 -32.35
C PRO O 80 37.34 13.58 -33.07
N LEU O 81 37.01 13.54 -34.38
CA LEU O 81 36.62 14.71 -35.16
C LEU O 81 35.11 14.76 -35.36
N ALA O 82 34.36 13.83 -34.73
CA ALA O 82 32.91 13.76 -34.83
C ALA O 82 32.21 14.32 -33.59
N GLY O 83 32.92 15.19 -32.85
CA GLY O 83 32.44 15.82 -31.63
C GLY O 83 32.62 15.00 -30.36
N PRO O 84 32.28 15.57 -29.21
CA PRO O 84 32.39 14.92 -27.90
C PRO O 84 31.73 13.57 -27.73
N LEU O 85 32.19 12.74 -26.76
CA LEU O 85 31.50 11.49 -26.40
C LEU O 85 30.06 11.76 -25.97
N ARG O 86 29.90 12.89 -25.25
CA ARG O 86 28.67 13.42 -24.72
C ARG O 86 27.67 13.91 -25.78
N VAL O 87 28.13 14.05 -27.04
CA VAL O 87 27.30 14.40 -28.17
C VAL O 87 27.13 13.19 -29.07
N GLN O 88 28.19 12.39 -29.31
CA GLN O 88 28.09 11.18 -30.11
C GLN O 88 27.16 10.12 -29.52
N ALA O 89 27.05 10.07 -28.18
CA ALA O 89 26.11 9.21 -27.48
C ALA O 89 24.66 9.73 -27.51
N ASN O 90 24.40 10.82 -28.26
CA ASN O 90 23.08 11.29 -28.63
C ASN O 90 22.87 11.19 -30.14
N ASN O 91 23.81 10.60 -30.92
CA ASN O 91 23.66 10.46 -32.37
C ASN O 91 22.73 9.27 -32.68
N PRO O 92 21.63 9.38 -33.45
CA PRO O 92 20.63 8.32 -33.56
C PRO O 92 21.07 7.00 -34.15
N GLN O 93 22.11 6.97 -34.99
CA GLN O 93 22.52 5.79 -35.71
C GLN O 93 23.79 5.18 -35.17
N GLN O 94 24.35 5.73 -34.07
CA GLN O 94 25.61 5.28 -33.50
C GLN O 94 25.40 4.38 -32.29
N GLN O 95 24.70 3.24 -32.47
CA GLN O 95 24.26 2.39 -31.37
C GLN O 95 25.37 1.83 -30.51
N GLY O 96 26.51 1.41 -31.11
CA GLY O 96 27.61 0.82 -30.34
C GLY O 96 28.32 1.81 -29.45
N LEU O 97 28.22 3.11 -29.80
CA LEU O 97 28.88 4.17 -29.07
C LEU O 97 27.97 4.67 -27.96
N ARG O 98 26.64 4.63 -28.15
CA ARG O 98 25.66 4.86 -27.09
C ARG O 98 25.76 3.79 -26.00
N ARG O 99 25.90 2.53 -26.43
CA ARG O 99 26.06 1.36 -25.59
C ARG O 99 27.36 1.41 -24.79
N GLU O 100 28.46 1.88 -25.44
CA GLU O 100 29.74 2.06 -24.77
C GLU O 100 29.66 3.12 -23.67
N TYR O 101 28.95 4.25 -23.95
CA TYR O 101 28.67 5.32 -22.99
C TYR O 101 27.82 4.82 -21.81
N GLN O 102 26.77 4.01 -22.10
CA GLN O 102 25.94 3.40 -21.08
C GLN O 102 26.70 2.52 -20.11
N GLN O 103 27.63 1.68 -20.63
CA GLN O 103 28.48 0.87 -19.79
C GLN O 103 29.47 1.67 -18.97
N LEU O 104 30.05 2.77 -19.52
CA LEU O 104 30.90 3.66 -18.72
C LEU O 104 30.12 4.37 -17.62
N TRP O 105 28.89 4.83 -17.93
CA TRP O 105 27.96 5.47 -17.03
C TRP O 105 27.57 4.56 -15.86
N LEU O 106 27.25 3.28 -16.15
CA LEU O 106 26.98 2.26 -15.13
C LEU O 106 28.22 1.94 -14.31
N ALA O 107 29.39 1.80 -14.96
CA ALA O 107 30.66 1.49 -14.32
C ALA O 107 31.09 2.53 -13.30
N ALA O 108 30.85 3.83 -13.56
CA ALA O 108 31.18 4.90 -12.65
C ALA O 108 30.53 4.80 -11.26
N PHE O 109 29.29 4.26 -11.14
CA PHE O 109 28.63 4.15 -9.86
C PHE O 109 29.25 3.14 -8.92
N ALA O 110 29.94 2.12 -9.48
CA ALA O 110 30.56 1.08 -8.70
C ALA O 110 31.76 1.55 -7.88
N ALA O 111 32.34 2.72 -8.22
CA ALA O 111 33.39 3.33 -7.44
C ALA O 111 32.87 4.23 -6.32
N LEU O 112 31.59 4.66 -6.38
CA LEU O 112 31.04 5.61 -5.42
C LEU O 112 31.02 5.13 -3.96
N PRO O 113 30.67 3.88 -3.60
CA PRO O 113 30.77 3.40 -2.22
C PRO O 113 32.20 3.22 -1.75
N GLY O 114 33.19 3.15 -2.67
CA GLY O 114 34.60 3.03 -2.32
C GLY O 114 35.17 4.39 -2.05
N SER O 115 34.71 5.37 -2.83
CA SER O 115 35.05 6.78 -2.75
C SER O 115 34.48 7.46 -1.50
N ALA O 116 33.30 7.01 -1.02
CA ALA O 116 32.64 7.51 0.17
C ALA O 116 33.32 7.06 1.46
N LYS O 117 33.82 8.01 2.29
CA LYS O 117 34.54 7.69 3.52
C LYS O 117 33.67 7.40 4.74
N ASP O 118 32.40 7.84 4.80
CA ASP O 118 31.52 7.59 5.92
C ASP O 118 30.16 7.00 5.51
N PRO O 119 30.05 5.74 5.11
CA PRO O 119 28.76 5.11 4.82
C PRO O 119 27.86 4.97 6.05
N SER O 120 26.53 4.84 5.83
CA SER O 120 25.54 4.71 6.88
C SER O 120 25.67 3.47 7.74
N TRP O 121 26.09 2.32 7.16
CA TRP O 121 26.15 1.04 7.88
C TRP O 121 27.18 1.03 9.00
N ALA O 122 28.18 1.92 8.93
CA ALA O 122 29.24 2.01 9.93
C ALA O 122 28.76 2.72 11.20
N SER O 123 27.57 3.37 11.13
CA SER O 123 26.94 4.08 12.25
C SER O 123 25.70 3.35 12.75
N ILE O 124 25.50 2.09 12.34
CA ILE O 124 24.40 1.27 12.84
C ILE O 124 24.88 0.56 14.10
N LEU O 125 24.48 1.07 15.29
CA LEU O 125 24.90 0.54 16.58
C LEU O 125 23.69 -0.02 17.32
N GLN O 126 23.84 -1.18 17.99
CA GLN O 126 22.80 -1.79 18.79
C GLN O 126 22.30 -0.89 19.92
N GLY O 127 20.97 -0.78 20.07
CA GLY O 127 20.34 0.02 21.13
C GLY O 127 20.28 -0.66 22.47
N LEU O 128 19.56 -0.03 23.41
CA LEU O 128 19.51 -0.49 24.79
C LEU O 128 18.26 -1.33 25.05
N GLU O 129 17.32 -1.36 24.07
CA GLU O 129 16.12 -2.17 24.10
C GLU O 129 16.07 -3.05 22.85
N GLU O 130 17.21 -3.21 22.17
CA GLU O 130 17.30 -3.89 20.88
C GLU O 130 17.93 -5.28 20.97
N PRO O 131 17.24 -6.38 20.62
CA PRO O 131 17.80 -7.73 20.68
C PRO O 131 19.01 -7.91 19.79
N TYR O 132 20.00 -8.73 20.20
CA TYR O 132 21.22 -8.97 19.44
C TYR O 132 20.94 -9.54 18.04
N HIS O 133 19.96 -10.47 17.93
CA HIS O 133 19.47 -10.99 16.67
C HIS O 133 18.97 -9.93 15.70
N ALA O 134 18.08 -9.04 16.18
CA ALA O 134 17.52 -7.95 15.42
C ALA O 134 18.58 -6.98 14.89
N PHE O 135 19.58 -6.68 15.74
CA PHE O 135 20.76 -5.93 15.40
C PHE O 135 21.62 -6.54 14.29
N VAL O 136 21.94 -7.85 14.37
CA VAL O 136 22.69 -8.54 13.32
C VAL O 136 21.96 -8.55 11.99
N GLU O 137 20.63 -8.76 11.99
CA GLU O 137 19.81 -8.58 10.78
C GLU O 137 19.84 -7.17 10.21
N ARG O 138 19.75 -6.14 11.10
CA ARG O 138 19.85 -4.74 10.72
C ARG O 138 21.18 -4.43 10.06
N LEU O 139 22.31 -4.92 10.61
CA LEU O 139 23.62 -4.84 10.00
C LEU O 139 23.70 -5.56 8.65
N ASN O 140 23.18 -6.82 8.56
CA ASN O 140 23.17 -7.60 7.32
C ASN O 140 22.51 -6.84 6.15
N ILE O 141 21.33 -6.24 6.42
CA ILE O 141 20.60 -5.39 5.50
C ILE O 141 21.38 -4.13 5.16
N ALA O 142 21.95 -3.45 6.17
CA ALA O 142 22.75 -2.26 5.99
C ALA O 142 24.00 -2.48 5.13
N LEU O 143 24.66 -3.65 5.25
CA LEU O 143 25.75 -4.02 4.36
C LEU O 143 25.26 -4.27 2.94
N ASP O 144 24.13 -5.01 2.78
CA ASP O 144 23.53 -5.31 1.49
C ASP O 144 23.10 -4.07 0.70
N ASN O 145 22.61 -3.02 1.38
CA ASN O 145 22.17 -1.79 0.71
C ASN O 145 23.27 -0.73 0.71
N GLY O 146 24.49 -1.09 1.17
CA GLY O 146 25.59 -0.16 1.36
C GLY O 146 26.86 -0.46 0.61
N LEU O 147 27.53 -1.58 0.94
CA LEU O 147 28.72 -2.04 0.25
C LEU O 147 28.50 -2.29 -1.24
N PRO O 148 29.42 -1.94 -2.16
CA PRO O 148 29.33 -2.34 -3.56
C PRO O 148 29.39 -3.86 -3.75
N GLU O 149 28.84 -4.39 -4.86
CA GLU O 149 28.83 -5.80 -5.18
C GLU O 149 30.23 -6.39 -5.32
N GLY O 150 30.43 -7.63 -4.86
CA GLY O 150 31.72 -8.32 -4.89
C GLY O 150 32.60 -7.98 -3.71
N THR O 151 32.00 -7.45 -2.63
CA THR O 151 32.71 -7.09 -1.41
C THR O 151 32.51 -8.25 -0.42
N PRO O 152 33.45 -8.63 0.44
CA PRO O 152 33.22 -9.77 1.34
C PRO O 152 32.51 -9.33 2.62
N LYS O 153 31.17 -9.19 2.55
CA LYS O 153 30.35 -8.76 3.68
C LYS O 153 30.29 -9.72 4.87
N ASP O 154 30.56 -11.03 4.67
CA ASP O 154 30.58 -12.02 5.73
C ASP O 154 31.65 -11.82 6.82
N PRO O 155 32.95 -11.59 6.55
CA PRO O 155 33.91 -11.27 7.62
C PRO O 155 33.70 -9.87 8.18
N ILE O 156 33.16 -8.95 7.37
CA ILE O 156 32.83 -7.60 7.82
C ILE O 156 31.71 -7.66 8.86
N LEU O 157 30.68 -8.49 8.61
CA LEU O 157 29.57 -8.66 9.52
C LEU O 157 29.97 -9.32 10.83
N ARG O 158 30.83 -10.37 10.84
CA ARG O 158 31.34 -10.89 12.13
C ARG O 158 32.20 -9.92 12.94
N SER O 159 32.93 -8.98 12.28
CA SER O 159 33.62 -7.90 12.99
C SER O 159 32.62 -6.88 13.56
N LEU O 160 31.65 -6.42 12.73
CA LEU O 160 30.63 -5.44 13.12
C LEU O 160 29.71 -5.95 14.22
N ALA O 161 29.43 -7.28 14.21
CA ALA O 161 28.63 -7.97 15.20
C ALA O 161 29.20 -7.85 16.62
N TYR O 162 30.53 -7.61 16.76
CA TYR O 162 31.14 -7.28 18.02
C TYR O 162 31.23 -5.76 18.20
N SER O 163 31.87 -5.05 17.24
CA SER O 163 32.23 -3.64 17.41
C SER O 163 31.06 -2.66 17.51
N ASN O 164 29.91 -2.97 16.87
CA ASN O 164 28.75 -2.11 16.94
C ASN O 164 27.66 -2.74 17.81
N ALA O 165 28.03 -3.69 18.69
CA ALA O 165 27.13 -4.25 19.67
C ALA O 165 27.03 -3.38 20.90
N ASN O 166 25.99 -3.60 21.72
CA ASN O 166 25.84 -2.94 23.02
C ASN O 166 26.98 -3.35 23.95
N LYS O 167 27.54 -2.41 24.73
CA LYS O 167 28.66 -2.61 25.63
C LYS O 167 28.51 -3.81 26.58
N GLU O 168 27.28 -4.06 27.08
CA GLU O 168 26.97 -5.22 27.88
C GLU O 168 27.10 -6.53 27.12
N CYS O 169 26.74 -6.55 25.82
CA CYS O 169 26.94 -7.69 24.96
C CYS O 169 28.40 -7.85 24.63
N GLN O 170 29.17 -6.74 24.51
CA GLN O 170 30.60 -6.81 24.30
C GLN O 170 31.34 -7.42 25.50
N LYS O 171 30.92 -7.08 26.74
CA LYS O 171 31.47 -7.69 27.94
C LYS O 171 31.22 -9.21 28.02
N LEU O 172 30.00 -9.64 27.63
CA LEU O 172 29.57 -11.02 27.50
C LEU O 172 30.35 -11.78 26.44
N LEU O 173 30.56 -11.15 25.28
CA LEU O 173 31.33 -11.63 24.15
C LEU O 173 32.79 -11.80 24.51
N GLN O 174 33.38 -10.85 25.28
CA GLN O 174 34.73 -11.02 25.78
C GLN O 174 34.82 -12.15 26.81
N ALA O 175 33.86 -12.24 27.75
CA ALA O 175 33.80 -13.27 28.78
C ALA O 175 33.73 -14.69 28.21
N ARG O 176 32.96 -14.84 27.11
CA ARG O 176 32.74 -16.09 26.40
C ARG O 176 33.80 -16.41 25.35
N GLY O 177 34.78 -15.51 25.11
CA GLY O 177 35.83 -15.69 24.12
C GLY O 177 35.36 -15.61 22.68
N HIS O 178 34.47 -14.65 22.40
CA HIS O 178 33.81 -14.48 21.11
C HIS O 178 33.89 -13.04 20.67
N THR O 179 35.10 -12.51 20.45
CA THR O 179 35.34 -11.11 20.10
C THR O 179 35.31 -10.89 18.59
N ASN O 180 35.18 -11.98 17.82
CA ASN O 180 34.97 -12.06 16.38
C ASN O 180 35.10 -13.54 16.01
N SER O 181 33.97 -14.25 16.07
CA SER O 181 33.82 -15.68 15.82
C SER O 181 32.69 -15.82 14.80
N PRO O 182 32.49 -16.95 14.12
CA PRO O 182 31.30 -17.22 13.29
C PRO O 182 29.97 -16.79 13.89
N LEU O 183 29.07 -16.16 13.09
CA LEU O 183 27.87 -15.50 13.58
C LEU O 183 26.91 -16.32 14.42
N GLY O 184 26.76 -17.64 14.14
CA GLY O 184 25.96 -18.54 14.96
C GLY O 184 26.44 -18.64 16.38
N ASP O 185 27.77 -18.64 16.60
CA ASP O 185 28.34 -18.73 17.93
C ASP O 185 28.21 -17.41 18.68
N MET O 186 28.33 -16.26 17.96
CA MET O 186 28.08 -14.94 18.52
C MET O 186 26.64 -14.78 19.02
N LEU O 187 25.67 -15.26 18.22
CA LEU O 187 24.26 -15.25 18.54
C LEU O 187 23.90 -16.23 19.64
N ARG O 188 24.44 -17.47 19.60
CA ARG O 188 24.29 -18.46 20.67
C ARG O 188 24.79 -17.98 22.03
N ALA O 189 25.90 -17.22 22.06
CA ALA O 189 26.36 -16.53 23.25
C ALA O 189 25.39 -15.45 23.73
N CYS O 190 24.97 -14.53 22.84
CA CYS O 190 24.20 -13.36 23.25
C CYS O 190 22.72 -13.63 23.41
N GLN O 191 22.31 -14.89 23.18
CA GLN O 191 21.01 -15.45 23.51
C GLN O 191 20.74 -15.40 25.02
N THR O 192 21.83 -15.49 25.80
CA THR O 192 21.81 -15.43 27.26
C THR O 192 21.64 -14.01 27.80
N TRP O 193 21.89 -12.98 26.95
CA TRP O 193 21.65 -11.59 27.31
C TRP O 193 20.28 -11.15 26.82
N THR O 194 19.51 -10.52 27.72
CA THR O 194 18.21 -9.94 27.45
C THR O 194 18.28 -8.47 27.83
N PRO O 195 17.68 -7.53 27.10
CA PRO O 195 17.74 -6.10 27.44
C PRO O 195 16.93 -5.78 28.69
N ARG P 1 8.45 1.54 -25.94
CA ARG P 1 7.77 1.42 -24.68
C ARG P 1 8.27 0.18 -23.91
N PRO P 2 8.73 0.27 -22.69
CA PRO P 2 9.35 -0.85 -21.99
C PRO P 2 8.32 -1.62 -21.16
N TRP P 3 7.37 -2.34 -21.77
CA TRP P 3 6.33 -3.05 -21.01
C TRP P 3 6.88 -4.14 -20.10
N GLN P 4 7.97 -4.80 -20.53
CA GLN P 4 8.67 -5.81 -19.75
C GLN P 4 9.24 -5.27 -18.44
N MET P 5 9.60 -3.96 -18.40
CA MET P 5 10.13 -3.31 -17.21
C MET P 5 9.14 -3.28 -16.05
N LYS P 6 7.86 -2.96 -16.31
CA LYS P 6 6.87 -2.91 -15.25
C LYS P 6 6.56 -4.29 -14.70
N ASP P 7 6.54 -5.31 -15.58
CA ASP P 7 6.33 -6.68 -15.16
C ASP P 7 7.52 -7.29 -14.45
N LEU P 8 8.77 -6.98 -14.86
CA LEU P 8 9.98 -7.43 -14.18
C LEU P 8 10.11 -6.87 -12.77
N GLN P 9 9.74 -5.58 -12.57
CA GLN P 9 9.66 -4.98 -11.25
C GLN P 9 8.61 -5.63 -10.37
N ALA P 10 7.43 -5.94 -10.94
CA ALA P 10 6.36 -6.67 -10.25
C ALA P 10 6.76 -8.10 -9.88
N ILE P 11 7.49 -8.82 -10.75
CA ILE P 11 8.02 -10.15 -10.46
C ILE P 11 8.98 -10.13 -9.28
N LYS P 12 9.93 -9.17 -9.27
CA LYS P 12 10.85 -9.01 -8.15
C LYS P 12 10.18 -8.63 -6.84
N GLN P 13 9.10 -7.80 -6.89
CA GLN P 13 8.31 -7.50 -5.72
C GLN P 13 7.59 -8.72 -5.16
N GLU P 14 6.99 -9.54 -6.04
CA GLU P 14 6.30 -10.76 -5.67
C GLU P 14 7.19 -11.83 -5.08
N VAL P 15 8.45 -11.99 -5.54
CA VAL P 15 9.35 -13.01 -5.00
C VAL P 15 10.35 -12.42 -4.01
N SER P 16 10.11 -11.18 -3.54
CA SER P 16 11.04 -10.45 -2.66
C SER P 16 11.35 -11.12 -1.33
N GLN P 17 10.37 -11.78 -0.70
CA GLN P 17 10.52 -12.38 0.61
C GLN P 17 10.70 -13.89 0.59
N ALA P 18 11.25 -14.45 -0.50
CA ALA P 18 11.46 -15.88 -0.64
C ALA P 18 12.85 -16.18 -1.18
N ALA P 19 13.32 -17.44 -1.03
CA ALA P 19 14.65 -17.84 -1.46
C ALA P 19 14.75 -18.10 -2.98
N PRO P 20 15.88 -17.86 -3.66
CA PRO P 20 16.05 -18.24 -5.05
C PRO P 20 15.90 -19.74 -5.29
N GLY P 21 14.85 -20.15 -6.04
CA GLY P 21 14.52 -21.54 -6.34
C GLY P 21 13.41 -22.09 -5.49
N SER P 22 12.85 -21.28 -4.57
CA SER P 22 11.70 -21.62 -3.73
C SER P 22 10.41 -21.86 -4.55
N PRO P 23 9.41 -22.61 -4.10
CA PRO P 23 8.21 -22.93 -4.89
C PRO P 23 7.49 -21.72 -5.46
N GLN P 24 7.39 -20.61 -4.70
CA GLN P 24 6.70 -19.40 -5.07
C GLN P 24 7.53 -18.61 -6.07
N PHE P 25 8.87 -18.61 -5.88
CA PHE P 25 9.83 -18.04 -6.82
C PHE P 25 9.72 -18.75 -8.16
N MET P 26 9.69 -20.10 -8.13
CA MET P 26 9.58 -20.92 -9.32
C MET P 26 8.24 -20.81 -10.02
N GLN P 27 7.11 -20.69 -9.28
CA GLN P 27 5.81 -20.43 -9.90
C GLN P 27 5.79 -19.13 -10.68
N THR P 28 6.37 -18.08 -10.09
CA THR P 28 6.43 -16.73 -10.63
C THR P 28 7.33 -16.61 -11.84
N ILE P 29 8.55 -17.22 -11.82
CA ILE P 29 9.41 -17.18 -12.98
C ILE P 29 8.99 -18.18 -14.05
N ARG P 30 8.33 -19.30 -13.68
CA ARG P 30 7.75 -20.21 -14.65
C ARG P 30 6.64 -19.53 -15.45
N LEU P 31 5.76 -18.77 -14.76
CA LEU P 31 4.75 -17.95 -15.42
C LEU P 31 5.37 -16.84 -16.27
N ALA P 32 6.36 -16.09 -15.75
CA ALA P 32 7.03 -15.04 -16.51
C ALA P 32 7.69 -15.52 -17.81
N VAL P 33 8.38 -16.68 -17.74
CA VAL P 33 8.95 -17.34 -18.91
C VAL P 33 7.89 -17.79 -19.89
N GLN P 34 6.79 -18.37 -19.37
CA GLN P 34 5.66 -18.82 -20.16
C GLN P 34 4.90 -17.68 -20.85
N GLN P 35 4.76 -16.53 -20.14
CA GLN P 35 4.13 -15.33 -20.64
C GLN P 35 4.94 -14.54 -21.63
N PHE P 36 6.26 -14.42 -21.46
CA PHE P 36 7.03 -13.52 -22.32
C PHE P 36 7.73 -14.25 -23.46
N ASP P 37 7.90 -15.58 -23.35
CA ASP P 37 8.69 -16.41 -24.24
C ASP P 37 10.12 -15.85 -24.52
N PRO P 38 10.85 -15.48 -23.45
CA PRO P 38 12.10 -14.73 -23.52
C PRO P 38 13.24 -15.41 -24.26
N THR P 39 14.14 -14.62 -24.85
CA THR P 39 15.36 -15.12 -25.47
C THR P 39 16.42 -15.37 -24.40
N ALA P 40 17.54 -16.04 -24.72
CA ALA P 40 18.61 -16.31 -23.77
C ALA P 40 19.18 -15.05 -23.12
N LYS P 41 19.29 -13.95 -23.89
CA LYS P 41 19.76 -12.67 -23.39
C LYS P 41 18.73 -11.98 -22.48
N ASP P 42 17.43 -12.30 -22.61
CA ASP P 42 16.39 -11.70 -21.79
C ASP P 42 16.25 -12.46 -20.48
N LEU P 43 16.55 -13.78 -20.54
CA LEU P 43 16.72 -14.64 -19.38
C LEU P 43 17.93 -14.24 -18.54
N GLN P 44 19.02 -13.78 -19.19
CA GLN P 44 20.21 -13.27 -18.53
C GLN P 44 19.89 -11.99 -17.75
N ASP P 45 19.05 -11.09 -18.33
CA ASP P 45 18.59 -9.90 -17.64
C ASP P 45 17.67 -10.20 -16.47
N LEU P 46 16.76 -11.19 -16.62
CA LEU P 46 15.88 -11.66 -15.55
C LEU P 46 16.64 -12.25 -14.38
N LEU P 47 17.65 -13.10 -14.67
CA LEU P 47 18.55 -13.68 -13.69
C LEU P 47 19.31 -12.62 -12.91
N GLN P 48 19.91 -11.64 -13.62
CA GLN P 48 20.62 -10.54 -13.01
C GLN P 48 19.78 -9.59 -12.18
N TYR P 49 18.53 -9.29 -12.60
CA TYR P 49 17.64 -8.46 -11.81
C TYR P 49 17.20 -9.12 -10.50
N LEU P 50 16.88 -10.44 -10.56
CA LEU P 50 16.45 -11.17 -9.37
C LEU P 50 17.58 -11.66 -8.47
N CYS P 51 18.74 -12.02 -9.02
CA CYS P 51 19.81 -12.66 -8.27
C CYS P 51 21.12 -11.88 -8.25
N SER P 52 21.87 -12.01 -7.15
CA SER P 52 23.21 -11.50 -6.98
C SER P 52 24.23 -12.17 -7.89
N SER P 53 25.40 -11.54 -8.10
CA SER P 53 26.43 -12.09 -9.00
C SER P 53 26.99 -13.44 -8.58
N LEU P 54 27.10 -13.73 -7.27
CA LEU P 54 27.49 -15.04 -6.75
C LEU P 54 26.44 -16.11 -7.09
N VAL P 55 25.15 -15.81 -6.82
CA VAL P 55 24.03 -16.69 -7.13
C VAL P 55 23.85 -16.90 -8.63
N ALA P 56 24.02 -15.84 -9.45
CA ALA P 56 24.03 -15.91 -10.90
C ALA P 56 25.14 -16.80 -11.44
N SER P 57 26.36 -16.74 -10.84
CA SER P 57 27.47 -17.65 -11.15
C SER P 57 27.13 -19.10 -10.78
N LEU P 58 26.54 -19.33 -9.59
CA LEU P 58 26.11 -20.67 -9.18
C LEU P 58 24.99 -21.23 -10.07
N HIS P 59 24.03 -20.40 -10.50
CA HIS P 59 23.02 -20.76 -11.49
C HIS P 59 23.62 -21.13 -12.83
N HIS P 60 24.58 -20.31 -13.34
CA HIS P 60 25.32 -20.58 -14.56
C HIS P 60 26.07 -21.90 -14.52
N GLN P 61 26.78 -22.20 -13.42
CA GLN P 61 27.45 -23.47 -13.23
C GLN P 61 26.51 -24.66 -13.23
N GLN P 62 25.36 -24.56 -12.54
CA GLN P 62 24.37 -25.62 -12.54
C GLN P 62 23.74 -25.83 -13.92
N LEU P 63 23.42 -24.72 -14.62
CA LEU P 63 22.86 -24.72 -15.96
C LEU P 63 23.83 -25.27 -16.98
N ASP P 64 25.12 -24.91 -16.87
CA ASP P 64 26.19 -25.40 -17.70
C ASP P 64 26.34 -26.93 -17.63
N SER P 65 26.23 -27.52 -16.41
CA SER P 65 26.14 -28.97 -16.21
C SER P 65 24.93 -29.61 -16.90
N LEU P 66 23.73 -29.02 -16.75
CA LEU P 66 22.52 -29.52 -17.40
C LEU P 66 22.57 -29.45 -18.92
N ILE P 67 23.11 -28.34 -19.46
CA ILE P 67 23.38 -28.14 -20.87
C ILE P 67 24.40 -29.12 -21.39
N SER P 68 25.51 -29.33 -20.66
CA SER P 68 26.54 -30.31 -21.00
C SER P 68 25.99 -31.72 -21.09
N GLU P 69 25.17 -32.15 -20.11
CA GLU P 69 24.50 -33.44 -20.22
C GLU P 69 23.54 -33.53 -21.41
N ALA P 70 22.67 -32.52 -21.62
CA ALA P 70 21.74 -32.52 -22.74
C ALA P 70 22.43 -32.51 -24.11
N GLU P 71 23.51 -31.72 -24.24
CA GLU P 71 24.35 -31.60 -25.41
C GLU P 71 25.12 -32.88 -25.74
N THR P 72 25.68 -33.56 -24.72
CA THR P 72 26.36 -34.85 -24.89
C THR P 72 25.38 -35.97 -25.20
N ARG P 73 24.18 -35.96 -24.60
CA ARG P 73 23.08 -36.86 -24.93
C ARG P 73 22.56 -36.69 -26.34
N GLY P 74 22.55 -35.45 -26.85
CA GLY P 74 22.11 -35.07 -28.18
C GLY P 74 20.63 -35.04 -28.31
N ILE P 75 19.94 -34.65 -27.22
CA ILE P 75 18.49 -34.65 -27.14
C ILE P 75 17.93 -33.25 -27.33
N THR P 76 18.82 -32.23 -27.32
CA THR P 76 18.47 -30.81 -27.40
C THR P 76 17.80 -30.40 -28.71
N GLY P 77 18.26 -30.96 -29.84
CA GLY P 77 17.78 -30.67 -31.20
C GLY P 77 18.61 -29.64 -31.92
N TYR P 78 19.55 -29.01 -31.21
CA TYR P 78 20.44 -27.97 -31.73
C TYR P 78 21.39 -28.44 -32.81
N ASN P 79 21.65 -27.59 -33.82
CA ASN P 79 22.71 -27.85 -34.80
C ASN P 79 24.05 -27.50 -34.14
N PRO P 80 25.03 -28.39 -33.96
CA PRO P 80 26.26 -28.07 -33.25
C PRO P 80 27.17 -27.20 -34.09
N LEU P 81 26.96 -27.16 -35.42
CA LEU P 81 27.73 -26.38 -36.36
C LEU P 81 27.09 -25.02 -36.62
N ALA P 82 26.09 -24.62 -35.80
CA ALA P 82 25.45 -23.31 -35.89
C ALA P 82 25.82 -22.48 -34.66
N GLY P 83 26.97 -22.80 -34.02
CA GLY P 83 27.47 -22.12 -32.84
C GLY P 83 26.80 -22.48 -31.53
N PRO P 84 27.19 -21.84 -30.43
CA PRO P 84 26.70 -22.11 -29.07
C PRO P 84 25.20 -22.08 -28.87
N LEU P 85 24.67 -22.84 -27.89
CA LEU P 85 23.27 -22.84 -27.51
C LEU P 85 22.81 -21.45 -27.09
N ARG P 86 23.74 -20.76 -26.40
CA ARG P 86 23.62 -19.43 -25.85
C ARG P 86 23.52 -18.32 -26.90
N VAL P 87 23.81 -18.63 -28.17
CA VAL P 87 23.66 -17.70 -29.28
C VAL P 87 22.48 -18.12 -30.13
N GLN P 88 22.28 -19.44 -30.37
CA GLN P 88 21.12 -19.94 -31.13
C GLN P 88 19.77 -19.66 -30.47
N ALA P 89 19.74 -19.60 -29.12
CA ALA P 89 18.57 -19.27 -28.35
C ALA P 89 18.22 -17.77 -28.38
N ASN P 90 18.96 -16.98 -29.17
CA ASN P 90 18.63 -15.59 -29.52
C ASN P 90 18.26 -15.45 -31.00
N ASN P 91 18.08 -16.57 -31.74
CA ASN P 91 17.68 -16.54 -33.14
C ASN P 91 16.15 -16.46 -33.24
N PRO P 92 15.53 -15.58 -34.02
CA PRO P 92 14.08 -15.34 -33.96
C PRO P 92 13.25 -16.50 -34.47
N GLN P 93 13.71 -17.31 -35.44
CA GLN P 93 12.89 -18.37 -36.01
C GLN P 93 13.11 -19.74 -35.36
N GLN P 94 14.03 -19.86 -34.39
CA GLN P 94 14.40 -21.15 -33.80
C GLN P 94 13.67 -21.40 -32.48
N GLN P 95 12.33 -21.36 -32.53
CA GLN P 95 11.45 -21.40 -31.38
C GLN P 95 11.53 -22.62 -30.49
N GLY P 96 11.67 -23.85 -31.05
CA GLY P 96 11.70 -25.08 -30.26
C GLY P 96 12.94 -25.21 -29.43
N LEU P 97 14.01 -24.53 -29.88
CA LEU P 97 15.32 -24.59 -29.25
C LEU P 97 15.40 -23.54 -28.16
N ARG P 98 14.69 -22.40 -28.34
CA ARG P 98 14.47 -21.41 -27.29
C ARG P 98 13.66 -21.98 -26.13
N ARG P 99 12.60 -22.76 -26.44
CA ARG P 99 11.75 -23.41 -25.45
C ARG P 99 12.51 -24.47 -24.65
N GLU P 100 13.38 -25.24 -25.33
CA GLU P 100 14.22 -26.24 -24.68
C GLU P 100 15.22 -25.58 -23.72
N TYR P 101 15.83 -24.44 -24.14
CA TYR P 101 16.72 -23.63 -23.32
C TYR P 101 16.03 -23.05 -22.09
N GLN P 102 14.77 -22.54 -22.26
CA GLN P 102 13.95 -22.05 -21.18
C GLN P 102 13.67 -23.10 -20.12
N GLN P 103 13.36 -24.35 -20.53
CA GLN P 103 13.18 -25.42 -19.59
C GLN P 103 14.46 -25.84 -18.86
N LEU P 104 15.63 -25.86 -19.52
CA LEU P 104 16.90 -26.10 -18.83
C LEU P 104 17.24 -24.99 -17.83
N TRP P 105 16.99 -23.72 -18.24
CA TRP P 105 17.20 -22.52 -17.44
C TRP P 105 16.37 -22.52 -16.16
N LEU P 106 15.06 -22.87 -16.29
CA LEU P 106 14.17 -23.06 -15.15
C LEU P 106 14.59 -24.24 -14.27
N ALA P 107 14.98 -25.38 -14.89
CA ALA P 107 15.39 -26.58 -14.19
C ALA P 107 16.61 -26.38 -13.29
N ALA P 108 17.58 -25.56 -13.73
CA ALA P 108 18.78 -25.26 -12.95
C ALA P 108 18.51 -24.61 -11.58
N PHE P 109 17.44 -23.77 -11.45
CA PHE P 109 17.13 -23.11 -10.19
C PHE P 109 16.62 -24.07 -9.13
N ALA P 110 16.02 -25.19 -9.54
CA ALA P 110 15.46 -26.17 -8.63
C ALA P 110 16.52 -26.91 -7.82
N ALA P 111 17.79 -26.89 -8.27
CA ALA P 111 18.87 -27.46 -7.49
C ALA P 111 19.45 -26.49 -6.47
N LEU P 112 19.22 -25.16 -6.61
CA LEU P 112 19.83 -24.17 -5.74
C LEU P 112 19.45 -24.24 -4.25
N PRO P 113 18.20 -24.46 -3.80
CA PRO P 113 17.89 -24.62 -2.38
C PRO P 113 18.40 -25.93 -1.80
N GLY P 114 18.72 -26.90 -2.69
CA GLY P 114 19.21 -28.22 -2.36
C GLY P 114 20.70 -28.23 -2.18
N SER P 115 21.39 -27.45 -3.01
CA SER P 115 22.84 -27.28 -3.02
C SER P 115 23.34 -26.53 -1.79
N ALA P 116 22.51 -25.61 -1.23
CA ALA P 116 22.82 -24.84 -0.04
C ALA P 116 23.12 -25.66 1.22
N LYS P 117 24.17 -25.29 1.98
CA LYS P 117 24.63 -26.02 3.15
C LYS P 117 24.18 -25.42 4.48
N ASP P 118 23.64 -24.19 4.47
CA ASP P 118 23.14 -23.54 5.67
C ASP P 118 22.12 -22.46 5.27
N PRO P 119 20.97 -22.82 4.67
CA PRO P 119 19.90 -21.89 4.31
C PRO P 119 19.30 -21.14 5.48
N SER P 120 18.57 -20.03 5.24
CA SER P 120 18.03 -19.15 6.28
C SER P 120 17.03 -19.78 7.22
N TRP P 121 16.16 -20.71 6.74
CA TRP P 121 15.12 -21.31 7.55
C TRP P 121 15.67 -22.18 8.67
N ALA P 122 16.93 -22.63 8.52
CA ALA P 122 17.60 -23.50 9.45
C ALA P 122 18.09 -22.75 10.69
N SER P 123 18.11 -21.40 10.69
CA SER P 123 18.56 -20.62 11.83
C SER P 123 17.42 -19.90 12.53
N ILE P 124 16.16 -20.24 12.20
CA ILE P 124 14.98 -19.69 12.86
C ILE P 124 14.70 -20.44 14.16
N LEU P 125 14.90 -19.81 15.33
CA LEU P 125 14.65 -20.41 16.63
C LEU P 125 13.59 -19.61 17.36
N GLN P 126 12.76 -20.25 18.21
CA GLN P 126 11.75 -19.59 19.02
C GLN P 126 12.31 -18.52 19.97
N GLY P 127 11.75 -17.29 19.92
CA GLY P 127 12.12 -16.19 20.81
C GLY P 127 11.77 -16.41 22.26
N LEU P 128 12.37 -15.62 23.17
CA LEU P 128 12.18 -15.80 24.60
C LEU P 128 10.83 -15.30 25.10
N GLU P 129 10.16 -14.40 24.35
CA GLU P 129 8.83 -13.95 24.65
C GLU P 129 7.85 -14.36 23.54
N GLU P 130 8.29 -15.22 22.60
CA GLU P 130 7.51 -15.62 21.44
C GLU P 130 6.64 -16.87 21.65
N PRO P 131 5.31 -16.84 21.43
CA PRO P 131 4.42 -18.00 21.63
C PRO P 131 4.78 -19.20 20.77
N TYR P 132 4.59 -20.43 21.27
CA TYR P 132 4.90 -21.66 20.54
C TYR P 132 4.15 -21.77 19.20
N HIS P 133 2.85 -21.38 19.18
CA HIS P 133 2.04 -21.26 17.98
C HIS P 133 2.62 -20.34 16.92
N ALA P 134 2.98 -19.10 17.34
CA ALA P 134 3.61 -18.10 16.49
C ALA P 134 4.93 -18.56 15.90
N PHE P 135 5.75 -19.26 16.71
CA PHE P 135 6.96 -19.93 16.28
C PHE P 135 6.76 -21.01 15.23
N VAL P 136 5.79 -21.93 15.42
CA VAL P 136 5.48 -22.96 14.42
C VAL P 136 5.01 -22.38 13.11
N GLU P 137 4.15 -21.33 13.13
CA GLU P 137 3.80 -20.56 11.94
C GLU P 137 4.99 -19.88 11.26
N ARG P 138 5.91 -19.27 12.05
CA ARG P 138 7.13 -18.65 11.56
C ARG P 138 8.04 -19.65 10.85
N LEU P 139 8.24 -20.85 11.43
CA LEU P 139 8.92 -21.97 10.80
C LEU P 139 8.23 -22.45 9.54
N ASN P 140 6.89 -22.64 9.59
CA ASN P 140 6.08 -23.09 8.47
C ASN P 140 6.26 -22.22 7.24
N ILE P 141 6.20 -20.88 7.44
CA ILE P 141 6.46 -19.88 6.42
C ILE P 141 7.88 -19.94 5.90
N ALA P 142 8.88 -20.03 6.82
CA ALA P 142 10.28 -20.14 6.45
C ALA P 142 10.60 -21.37 5.62
N LEU P 143 9.96 -22.53 5.92
CA LEU P 143 10.03 -23.73 5.10
C LEU P 143 9.34 -23.57 3.75
N ASP P 144 8.13 -22.98 3.72
CA ASP P 144 7.35 -22.77 2.51
C ASP P 144 8.07 -21.91 1.48
N ASN P 145 8.80 -20.89 1.95
CA ASN P 145 9.60 -19.99 1.12
C ASN P 145 11.06 -20.41 1.02
N GLY P 146 11.42 -21.59 1.59
CA GLY P 146 12.79 -22.05 1.73
C GLY P 146 13.16 -23.32 1.03
N LEU P 147 12.56 -24.47 1.46
CA LEU P 147 12.75 -25.77 0.81
C LEU P 147 12.30 -25.79 -0.65
N PRO P 148 13.00 -26.43 -1.59
CA PRO P 148 12.48 -26.65 -2.95
C PRO P 148 11.18 -27.45 -3.00
N GLU P 149 10.37 -27.29 -4.06
CA GLU P 149 9.11 -27.98 -4.26
C GLU P 149 9.30 -29.49 -4.40
N GLY P 150 8.36 -30.29 -3.84
CA GLY P 150 8.43 -31.75 -3.87
C GLY P 150 9.33 -32.31 -2.79
N THR P 151 9.43 -31.59 -1.67
CA THR P 151 10.23 -31.96 -0.50
C THR P 151 9.25 -32.24 0.63
N PRO P 152 9.42 -33.22 1.52
CA PRO P 152 8.42 -33.49 2.54
C PRO P 152 8.63 -32.60 3.77
N LYS P 153 8.09 -31.37 3.73
CA LYS P 153 8.20 -30.40 4.80
C LYS P 153 7.48 -30.76 6.11
N ASP P 154 6.47 -31.64 6.08
CA ASP P 154 5.72 -32.07 7.25
C ASP P 154 6.54 -32.83 8.32
N PRO P 155 7.37 -33.85 8.05
CA PRO P 155 8.23 -34.47 9.07
C PRO P 155 9.37 -33.55 9.45
N ILE P 156 9.82 -32.68 8.53
CA ILE P 156 10.87 -31.69 8.79
C ILE P 156 10.38 -30.68 9.82
N LEU P 157 9.12 -30.19 9.66
CA LEU P 157 8.54 -29.24 10.58
C LEU P 157 8.28 -29.81 11.97
N ARG P 158 7.77 -31.07 12.12
CA ARG P 158 7.68 -31.65 13.47
C ARG P 158 9.03 -31.89 14.16
N SER P 159 10.13 -32.13 13.39
CA SER P 159 11.48 -32.17 13.95
C SER P 159 11.95 -30.80 14.39
N LEU P 160 11.82 -29.77 13.50
CA LEU P 160 12.23 -28.40 13.78
C LEU P 160 11.44 -27.77 14.92
N ALA P 161 10.15 -28.12 15.07
CA ALA P 161 9.27 -27.70 16.13
C ALA P 161 9.78 -28.08 17.53
N TYR P 162 10.62 -29.14 17.62
CA TYR P 162 11.30 -29.50 18.85
C TYR P 162 12.70 -28.87 18.87
N SER P 163 13.54 -29.11 17.84
CA SER P 163 14.95 -28.72 17.88
C SER P 163 15.20 -27.23 17.93
N ASN P 164 14.29 -26.43 17.36
CA ASN P 164 14.45 -24.99 17.30
C ASN P 164 13.50 -24.27 18.27
N ALA P 165 12.98 -24.98 19.29
CA ALA P 165 12.15 -24.38 20.31
C ALA P 165 12.96 -23.78 21.45
N ASN P 166 12.34 -22.91 22.26
CA ASN P 166 12.91 -22.36 23.48
C ASN P 166 13.14 -23.48 24.48
N LYS P 167 14.30 -23.48 25.18
CA LYS P 167 14.73 -24.50 26.13
C LYS P 167 13.67 -24.89 27.18
N GLU P 168 12.87 -23.92 27.68
CA GLU P 168 11.76 -24.19 28.59
C GLU P 168 10.64 -25.02 27.96
N CYS P 169 10.36 -24.80 26.65
CA CYS P 169 9.42 -25.61 25.89
C CYS P 169 10.02 -26.96 25.56
N GLN P 170 11.35 -27.04 25.33
CA GLN P 170 12.03 -28.30 25.08
C GLN P 170 11.98 -29.23 26.28
N LYS P 171 12.16 -28.68 27.50
CA LYS P 171 12.00 -29.43 28.74
C LYS P 171 10.57 -29.96 28.94
N LEU P 172 9.57 -29.12 28.61
CA LEU P 172 8.16 -29.47 28.62
C LEU P 172 7.83 -30.59 27.65
N LEU P 173 8.38 -30.51 26.43
CA LEU P 173 8.25 -31.50 25.37
C LEU P 173 8.91 -32.81 25.77
N GLN P 174 10.09 -32.78 26.42
CA GLN P 174 10.68 -34.00 26.95
C GLN P 174 9.86 -34.61 28.08
N ALA P 175 9.37 -33.78 29.03
CA ALA P 175 8.57 -34.21 30.17
C ALA P 175 7.27 -34.91 29.76
N ARG P 176 6.63 -34.38 28.70
CA ARG P 176 5.40 -34.90 28.12
C ARG P 176 5.63 -36.02 27.12
N GLY P 177 6.90 -36.34 26.80
CA GLY P 177 7.29 -37.42 25.90
C GLY P 177 7.09 -37.12 24.44
N HIS P 178 7.16 -35.84 24.05
CA HIS P 178 6.90 -35.38 22.72
C HIS P 178 8.14 -34.80 22.07
N THR P 179 9.15 -35.62 21.77
CA THR P 179 10.41 -35.15 21.19
C THR P 179 10.37 -35.23 19.68
N ASN P 180 9.33 -35.87 19.12
CA ASN P 180 9.03 -35.89 17.70
C ASN P 180 7.62 -36.48 17.56
N SER P 181 6.61 -35.76 18.06
CA SER P 181 5.20 -36.14 18.00
C SER P 181 4.46 -35.29 16.96
N PRO P 182 3.29 -35.67 16.45
CA PRO P 182 2.43 -34.83 15.60
C PRO P 182 2.24 -33.39 16.06
N LEU P 183 2.20 -32.39 15.15
CA LEU P 183 2.18 -30.98 15.48
C LEU P 183 1.03 -30.54 16.40
N GLY P 184 -0.17 -31.16 16.29
CA GLY P 184 -1.28 -30.90 17.19
C GLY P 184 -0.97 -31.23 18.63
N ASP P 185 -0.20 -32.33 18.85
CA ASP P 185 0.22 -32.76 20.17
C ASP P 185 1.36 -31.92 20.71
N MET P 186 2.29 -31.46 19.83
CA MET P 186 3.35 -30.53 20.19
C MET P 186 2.77 -29.21 20.72
N LEU P 187 1.74 -28.70 20.02
CA LEU P 187 1.02 -27.50 20.42
C LEU P 187 0.17 -27.73 21.66
N ARG P 188 -0.55 -28.87 21.77
CA ARG P 188 -1.29 -29.22 22.98
C ARG P 188 -0.45 -29.28 24.25
N ALA P 189 0.80 -29.79 24.15
CA ALA P 189 1.77 -29.73 25.22
C ALA P 189 2.22 -28.30 25.57
N CYS P 190 2.66 -27.52 24.56
CA CYS P 190 3.29 -26.24 24.84
C CYS P 190 2.28 -25.12 25.04
N GLN P 191 0.99 -25.44 24.95
CA GLN P 191 -0.13 -24.60 25.33
C GLN P 191 -0.12 -24.27 26.82
N THR P 192 0.41 -25.21 27.64
CA THR P 192 0.58 -25.09 29.09
C THR P 192 1.59 -24.01 29.48
N TRP P 193 2.71 -23.91 28.74
CA TRP P 193 3.77 -22.93 28.88
C TRP P 193 3.35 -21.49 28.58
N THR P 194 3.95 -20.50 29.26
CA THR P 194 3.72 -19.08 28.97
C THR P 194 5.03 -18.30 29.09
N PRO P 195 5.28 -17.25 28.29
CA PRO P 195 6.48 -16.42 28.40
C PRO P 195 6.40 -15.46 29.58
N ARG Q 1 -40.38 -47.86 -19.99
CA ARG Q 1 -40.63 -48.67 -18.82
C ARG Q 1 -39.30 -48.88 -18.11
N PRO Q 2 -39.09 -48.42 -16.90
CA PRO Q 2 -37.77 -48.46 -16.28
C PRO Q 2 -37.57 -49.74 -15.49
N TRP Q 3 -37.36 -50.90 -16.15
CA TRP Q 3 -37.16 -52.17 -15.46
C TRP Q 3 -35.89 -52.19 -14.62
N GLN Q 4 -34.84 -51.49 -15.09
CA GLN Q 4 -33.61 -51.32 -14.37
C GLN Q 4 -33.75 -50.59 -13.04
N MET Q 5 -34.71 -49.66 -12.91
CA MET Q 5 -34.94 -48.90 -11.69
C MET Q 5 -35.33 -49.78 -10.51
N LYS Q 6 -36.23 -50.77 -10.71
CA LYS Q 6 -36.64 -51.65 -9.65
C LYS Q 6 -35.53 -52.60 -9.27
N ASP Q 7 -34.74 -53.07 -10.26
CA ASP Q 7 -33.63 -53.95 -9.95
C ASP Q 7 -32.46 -53.23 -9.27
N LEU Q 8 -32.16 -51.97 -9.66
CA LEU Q 8 -31.12 -51.16 -9.03
C LEU Q 8 -31.43 -50.81 -7.58
N GLN Q 9 -32.70 -50.50 -7.24
CA GLN Q 9 -33.11 -50.30 -5.85
C GLN Q 9 -32.97 -51.57 -5.01
N ALA Q 10 -33.34 -52.73 -5.60
CA ALA Q 10 -33.18 -54.02 -4.96
C ALA Q 10 -31.72 -54.36 -4.68
N ILE Q 11 -30.81 -54.04 -5.63
CA ILE Q 11 -29.36 -54.14 -5.44
C ILE Q 11 -28.82 -53.27 -4.32
N LYS Q 12 -29.22 -51.97 -4.25
CA LYS Q 12 -28.79 -51.07 -3.18
C LYS Q 12 -29.25 -51.50 -1.80
N GLN Q 13 -30.45 -52.10 -1.71
CA GLN Q 13 -30.94 -52.74 -0.50
C GLN Q 13 -30.10 -53.96 -0.10
N GLU Q 14 -29.72 -54.81 -1.08
CA GLU Q 14 -28.88 -55.98 -0.84
C GLU Q 14 -27.48 -55.67 -0.35
N VAL Q 15 -26.86 -54.56 -0.82
CA VAL Q 15 -25.50 -54.18 -0.46
C VAL Q 15 -25.46 -53.09 0.59
N SER Q 16 -26.59 -52.86 1.29
CA SER Q 16 -26.73 -51.80 2.28
C SER Q 16 -25.74 -51.84 3.44
N GLN Q 17 -25.43 -53.03 3.99
CA GLN Q 17 -24.47 -53.19 5.08
C GLN Q 17 -23.11 -53.69 4.57
N ALA Q 18 -22.96 -53.86 3.25
CA ALA Q 18 -21.75 -54.39 2.64
C ALA Q 18 -20.83 -53.30 2.10
N ALA Q 19 -19.55 -53.26 2.54
CA ALA Q 19 -18.58 -52.28 2.10
C ALA Q 19 -18.24 -52.40 0.60
N PRO Q 20 -17.97 -51.34 -0.16
CA PRO Q 20 -17.52 -51.46 -1.55
C PRO Q 20 -16.27 -52.32 -1.73
N GLY Q 21 -16.42 -53.47 -2.41
CA GLY Q 21 -15.35 -54.45 -2.64
C GLY Q 21 -15.44 -55.67 -1.76
N SER Q 22 -16.35 -55.68 -0.76
CA SER Q 22 -16.60 -56.83 0.10
C SER Q 22 -17.26 -57.99 -0.64
N PRO Q 23 -17.16 -59.26 -0.24
CA PRO Q 23 -17.73 -60.39 -0.96
C PRO Q 23 -19.21 -60.28 -1.29
N GLN Q 24 -20.06 -59.73 -0.39
CA GLN Q 24 -21.50 -59.66 -0.61
C GLN Q 24 -21.81 -58.55 -1.60
N PHE Q 25 -21.05 -57.44 -1.52
CA PHE Q 25 -21.10 -56.35 -2.47
C PHE Q 25 -20.69 -56.85 -3.86
N MET Q 26 -19.58 -57.61 -3.94
CA MET Q 26 -19.08 -58.17 -5.17
C MET Q 26 -19.94 -59.25 -5.80
N GLN Q 27 -20.58 -60.13 -5.00
CA GLN Q 27 -21.53 -61.11 -5.52
C GLN Q 27 -22.71 -60.43 -6.21
N THR Q 28 -23.21 -59.37 -5.55
CA THR Q 28 -24.34 -58.59 -6.01
C THR Q 28 -24.03 -57.76 -7.26
N ILE Q 29 -22.87 -57.06 -7.33
CA ILE Q 29 -22.55 -56.29 -8.53
C ILE Q 29 -22.03 -57.16 -9.67
N ARG Q 30 -21.40 -58.31 -9.38
CA ARG Q 30 -21.04 -59.30 -10.39
C ARG Q 30 -22.28 -59.87 -11.04
N LEU Q 31 -23.31 -60.18 -10.23
CA LEU Q 31 -24.62 -60.61 -10.71
C LEU Q 31 -25.29 -59.54 -11.55
N ALA Q 32 -25.30 -58.27 -11.06
CA ALA Q 32 -25.82 -57.14 -11.80
C ALA Q 32 -25.16 -56.92 -13.16
N VAL Q 33 -23.82 -57.04 -13.22
CA VAL Q 33 -23.09 -56.99 -14.47
C VAL Q 33 -23.45 -58.11 -15.44
N GLN Q 34 -23.54 -59.36 -14.93
CA GLN Q 34 -23.95 -60.51 -15.71
C GLN Q 34 -25.40 -60.48 -16.19
N GLN Q 35 -26.33 -59.99 -15.35
CA GLN Q 35 -27.74 -59.82 -15.67
C GLN Q 35 -28.10 -58.67 -16.59
N PHE Q 36 -27.43 -57.51 -16.44
CA PHE Q 36 -27.82 -56.30 -17.13
C PHE Q 36 -26.99 -56.05 -18.38
N ASP Q 37 -25.81 -56.70 -18.47
CA ASP Q 37 -24.81 -56.49 -19.51
C ASP Q 37 -24.51 -54.99 -19.80
N PRO Q 38 -24.30 -54.19 -18.74
CA PRO Q 38 -24.25 -52.73 -18.83
C PRO Q 38 -23.14 -52.14 -19.70
N THR Q 39 -23.39 -50.94 -20.27
CA THR Q 39 -22.40 -50.17 -21.01
C THR Q 39 -21.63 -49.30 -20.03
N ALA Q 40 -20.54 -48.62 -20.46
CA ALA Q 40 -19.74 -47.78 -19.58
C ALA Q 40 -20.53 -46.66 -18.89
N LYS Q 41 -21.50 -46.04 -19.59
CA LYS Q 41 -22.34 -45.01 -19.01
C LYS Q 41 -23.35 -45.61 -18.02
N ASP Q 42 -23.69 -46.91 -18.12
CA ASP Q 42 -24.66 -47.52 -17.21
C ASP Q 42 -23.95 -47.97 -15.94
N LEU Q 43 -22.66 -48.35 -16.09
CA LEU Q 43 -21.75 -48.62 -14.99
C LEU Q 43 -21.44 -47.38 -14.17
N GLN Q 44 -21.30 -46.21 -14.81
CA GLN Q 44 -21.11 -44.93 -14.15
C GLN Q 44 -22.32 -44.52 -13.31
N ASP Q 45 -23.55 -44.74 -13.83
CA ASP Q 45 -24.78 -44.49 -13.09
C ASP Q 45 -24.96 -45.44 -11.90
N LEU Q 46 -24.61 -46.73 -12.10
CA LEU Q 46 -24.62 -47.76 -11.08
C LEU Q 46 -23.64 -47.46 -9.95
N LEU Q 47 -22.41 -47.04 -10.30
CA LEU Q 47 -21.40 -46.60 -9.38
C LEU Q 47 -21.85 -45.44 -8.52
N GLN Q 48 -22.42 -44.39 -9.14
CA GLN Q 48 -22.94 -43.25 -8.41
C GLN Q 48 -24.12 -43.54 -7.51
N TYR Q 49 -25.06 -44.43 -7.92
CA TYR Q 49 -26.15 -44.82 -7.04
C TYR Q 49 -25.69 -45.59 -5.80
N LEU Q 50 -24.73 -46.54 -5.97
CA LEU Q 50 -24.22 -47.33 -4.87
C LEU Q 50 -23.15 -46.65 -4.02
N CYS Q 51 -22.29 -45.79 -4.61
CA CYS Q 51 -21.14 -45.20 -3.94
C CYS Q 51 -21.21 -43.67 -3.90
N SER Q 52 -20.64 -43.10 -2.81
CA SER Q 52 -20.49 -41.66 -2.65
C SER Q 52 -19.37 -41.11 -3.52
N SER Q 53 -19.23 -39.77 -3.64
CA SER Q 53 -18.26 -39.17 -4.55
C SER Q 53 -16.79 -39.48 -4.25
N LEU Q 54 -16.38 -39.59 -2.97
CA LEU Q 54 -15.03 -39.99 -2.61
C LEU Q 54 -14.70 -41.42 -3.05
N VAL Q 55 -15.59 -42.38 -2.76
CA VAL Q 55 -15.45 -43.77 -3.16
C VAL Q 55 -15.51 -43.93 -4.68
N ALA Q 56 -16.40 -43.19 -5.38
CA ALA Q 56 -16.45 -43.14 -6.83
C ALA Q 56 -15.13 -42.63 -7.44
N SER Q 57 -14.50 -41.60 -6.83
CA SER Q 57 -13.18 -41.10 -7.21
C SER Q 57 -12.08 -42.14 -6.98
N LEU Q 58 -12.09 -42.82 -5.81
CA LEU Q 58 -11.14 -43.88 -5.49
C LEU Q 58 -11.26 -45.09 -6.42
N HIS Q 59 -12.50 -45.47 -6.77
CA HIS Q 59 -12.79 -46.48 -7.78
C HIS Q 59 -12.26 -46.07 -9.14
N HIS Q 60 -12.50 -44.80 -9.55
CA HIS Q 60 -11.98 -44.23 -10.78
C HIS Q 60 -10.47 -44.27 -10.86
N GLN Q 61 -9.75 -43.88 -9.79
CA GLN Q 61 -8.31 -43.96 -9.72
C GLN Q 61 -7.77 -45.38 -9.84
N GLN Q 62 -8.39 -46.36 -9.15
CA GLN Q 62 -7.99 -47.75 -9.29
C GLN Q 62 -8.25 -48.30 -10.68
N LEU Q 63 -9.43 -47.94 -11.27
CA LEU Q 63 -9.84 -48.33 -12.59
C LEU Q 63 -8.94 -47.73 -13.67
N ASP Q 64 -8.56 -46.44 -13.52
CA ASP Q 64 -7.65 -45.74 -14.39
C ASP Q 64 -6.27 -46.39 -14.45
N SER Q 65 -5.75 -46.84 -13.28
CA SER Q 65 -4.51 -47.63 -13.16
C SER Q 65 -4.60 -48.96 -13.91
N LEU Q 66 -5.72 -49.68 -13.74
CA LEU Q 66 -5.99 -50.94 -14.43
C LEU Q 66 -6.12 -50.78 -15.94
N ILE Q 67 -6.80 -49.70 -16.39
CA ILE Q 67 -6.91 -49.29 -17.79
C ILE Q 67 -5.56 -48.93 -18.36
N SER Q 68 -4.73 -48.15 -17.63
CA SER Q 68 -3.38 -47.77 -18.03
C SER Q 68 -2.49 -48.99 -18.23
N GLU Q 69 -2.52 -49.96 -17.29
CA GLU Q 69 -1.83 -51.21 -17.52
C GLU Q 69 -2.33 -52.00 -18.72
N ALA Q 70 -3.66 -52.16 -18.86
CA ALA Q 70 -4.21 -52.89 -19.98
C ALA Q 70 -3.91 -52.26 -21.35
N GLU Q 71 -4.01 -50.92 -21.42
CA GLU Q 71 -3.70 -50.11 -22.58
C GLU Q 71 -2.23 -50.13 -22.98
N THR Q 72 -1.31 -50.04 -21.98
CA THR Q 72 0.13 -50.17 -22.23
C THR Q 72 0.55 -51.59 -22.56
N ARG Q 73 -0.07 -52.61 -21.96
CA ARG Q 73 0.10 -54.00 -22.35
C ARG Q 73 -0.41 -54.32 -23.74
N GLY Q 74 -1.52 -53.69 -24.17
CA GLY Q 74 -2.16 -53.88 -25.47
C GLY Q 74 -3.04 -55.10 -25.49
N ILE Q 75 -3.44 -55.58 -24.30
CA ILE Q 75 -4.19 -56.80 -24.12
C ILE Q 75 -5.68 -56.60 -24.33
N THR Q 76 -6.14 -55.32 -24.30
CA THR Q 76 -7.55 -54.95 -24.38
C THR Q 76 -8.20 -55.36 -25.70
N GLY Q 77 -7.45 -55.27 -26.81
CA GLY Q 77 -7.89 -55.60 -28.16
C GLY Q 77 -8.48 -54.43 -28.91
N TYR Q 78 -8.62 -53.28 -28.22
CA TYR Q 78 -9.17 -52.04 -28.74
C TYR Q 78 -8.33 -51.42 -29.86
N ASN Q 79 -9.00 -50.89 -30.90
CA ASN Q 79 -8.39 -50.06 -31.92
C ASN Q 79 -8.02 -48.69 -31.32
N PRO Q 80 -6.76 -48.25 -31.27
CA PRO Q 80 -6.38 -47.04 -30.54
C PRO Q 80 -6.81 -45.77 -31.22
N LEU Q 81 -7.14 -45.82 -32.53
CA LEU Q 81 -7.58 -44.66 -33.29
C LEU Q 81 -9.10 -44.57 -33.34
N ALA Q 82 -9.81 -45.47 -32.62
CA ALA Q 82 -11.27 -45.46 -32.54
C ALA Q 82 -11.76 -44.73 -31.29
N GLY Q 83 -10.89 -43.94 -30.65
CA GLY Q 83 -11.20 -43.14 -29.47
C GLY Q 83 -11.01 -43.85 -28.14
N PRO Q 84 -11.29 -43.16 -27.05
CA PRO Q 84 -11.18 -43.66 -25.68
C PRO Q 84 -11.91 -44.96 -25.36
N LEU Q 85 -11.41 -45.76 -24.39
CA LEU Q 85 -12.11 -46.94 -23.89
C LEU Q 85 -13.48 -46.57 -23.33
N ARG Q 86 -13.52 -45.40 -22.67
CA ARG Q 86 -14.69 -44.79 -22.06
C ARG Q 86 -15.76 -44.34 -23.04
N VAL Q 87 -15.42 -44.28 -24.34
CA VAL Q 87 -16.36 -43.94 -25.40
C VAL Q 87 -16.67 -45.20 -26.23
N GLN Q 88 -15.66 -46.03 -26.53
CA GLN Q 88 -15.86 -47.28 -27.25
C GLN Q 88 -16.72 -48.30 -26.52
N ALA Q 89 -16.68 -48.32 -25.16
CA ALA Q 89 -17.50 -49.16 -24.33
C ALA Q 89 -18.95 -48.68 -24.19
N ASN Q 90 -19.32 -47.60 -24.92
CA ASN Q 90 -20.68 -47.17 -25.12
C ASN Q 90 -21.14 -47.42 -26.56
N ASN Q 91 -20.27 -47.94 -27.45
CA ASN Q 91 -20.64 -48.24 -28.83
C ASN Q 91 -21.70 -49.35 -28.88
N PRO Q 92 -22.72 -49.36 -29.76
CA PRO Q 92 -23.77 -50.36 -29.64
C PRO Q 92 -23.34 -51.77 -30.03
N GLN Q 93 -22.46 -51.94 -31.02
CA GLN Q 93 -22.11 -53.24 -31.57
C GLN Q 93 -20.81 -53.81 -31.01
N GLN Q 94 -20.03 -53.07 -30.20
CA GLN Q 94 -18.72 -53.50 -29.74
C GLN Q 94 -18.76 -54.31 -28.44
N GLN Q 95 -19.44 -55.48 -28.50
CA GLN Q 95 -19.74 -56.30 -27.34
C GLN Q 95 -18.54 -56.82 -26.56
N GLY Q 96 -17.46 -57.25 -27.23
CA GLY Q 96 -16.27 -57.78 -26.56
C GLY Q 96 -15.51 -56.73 -25.79
N LEU Q 97 -15.68 -55.46 -26.20
CA LEU Q 97 -14.96 -54.37 -25.60
C LEU Q 97 -15.74 -53.86 -24.40
N ARG Q 98 -17.09 -53.98 -24.45
CA ARG Q 98 -17.97 -53.76 -23.32
C ARG Q 98 -17.72 -54.78 -22.20
N ARG Q 99 -17.58 -56.07 -22.57
CA ARG Q 99 -17.30 -57.16 -21.65
C ARG Q 99 -15.94 -57.04 -20.97
N GLU Q 100 -14.90 -56.61 -21.72
CA GLU Q 100 -13.57 -56.36 -21.17
C GLU Q 100 -13.59 -55.19 -20.19
N TYR Q 101 -14.33 -54.11 -20.53
CA TYR Q 101 -14.55 -52.94 -19.69
C TYR Q 101 -15.27 -53.30 -18.39
N GLN Q 102 -16.31 -54.16 -18.47
CA GLN Q 102 -17.03 -54.69 -17.31
C GLN Q 102 -16.11 -55.43 -16.34
N GLN Q 103 -15.18 -56.26 -16.88
CA GLN Q 103 -14.20 -56.92 -16.03
C GLN Q 103 -13.20 -55.98 -15.38
N LEU Q 104 -12.73 -54.91 -16.07
CA LEU Q 104 -11.88 -53.90 -15.44
C LEU Q 104 -12.60 -53.12 -14.34
N TRP Q 105 -13.89 -52.77 -14.59
CA TRP Q 105 -14.77 -52.09 -13.67
C TRP Q 105 -15.01 -52.89 -12.39
N LEU Q 106 -15.28 -54.20 -12.53
CA LEU Q 106 -15.39 -55.12 -11.40
C LEU Q 106 -14.07 -55.29 -10.66
N ALA Q 107 -12.94 -55.43 -11.39
CA ALA Q 107 -11.62 -55.62 -10.82
C ALA Q 107 -11.17 -54.48 -9.92
N ALA Q 108 -11.51 -53.23 -10.29
CA ALA Q 108 -11.16 -52.06 -9.49
C ALA Q 108 -11.68 -52.06 -8.05
N PHE Q 109 -12.87 -52.63 -7.80
CA PHE Q 109 -13.45 -52.64 -6.46
C PHE Q 109 -12.70 -53.54 -5.49
N ALA Q 110 -12.00 -54.57 -5.98
CA ALA Q 110 -11.31 -55.51 -5.14
C ALA Q 110 -10.11 -54.91 -4.43
N ALA Q 111 -9.58 -53.76 -4.89
CA ALA Q 111 -8.50 -53.10 -4.16
C ALA Q 111 -9.01 -52.16 -3.07
N LEU Q 112 -10.29 -51.74 -3.11
CA LEU Q 112 -10.80 -50.74 -2.19
C LEU Q 112 -10.77 -51.10 -0.70
N PRO Q 113 -11.10 -52.30 -0.22
CA PRO Q 113 -10.97 -52.63 1.20
C PRO Q 113 -9.53 -52.77 1.66
N GLY Q 114 -8.57 -52.96 0.72
CA GLY Q 114 -7.14 -53.11 1.02
C GLY Q 114 -6.43 -51.79 1.10
N SER Q 115 -6.83 -50.86 0.21
CA SER Q 115 -6.32 -49.49 0.10
C SER Q 115 -6.74 -48.63 1.27
N ALA Q 116 -7.94 -48.91 1.85
CA ALA Q 116 -8.46 -48.25 3.03
C ALA Q 116 -7.60 -48.46 4.27
N LYS Q 117 -7.18 -47.39 4.96
CA LYS Q 117 -6.28 -47.50 6.10
C LYS Q 117 -7.02 -47.52 7.45
N ASP Q 118 -8.36 -47.42 7.46
CA ASP Q 118 -9.14 -47.52 8.68
C ASP Q 118 -10.56 -48.03 8.38
N PRO Q 119 -10.74 -49.30 7.98
CA PRO Q 119 -12.07 -49.91 7.81
C PRO Q 119 -12.84 -49.99 9.13
N SER Q 120 -14.17 -50.23 9.08
CA SER Q 120 -15.03 -50.24 10.27
C SER Q 120 -14.69 -51.28 11.31
N TRP Q 121 -14.24 -52.48 10.89
CA TRP Q 121 -13.93 -53.60 11.79
C TRP Q 121 -12.78 -53.31 12.73
N ALA Q 122 -11.91 -52.33 12.38
CA ALA Q 122 -10.74 -51.99 13.15
C ALA Q 122 -11.10 -51.16 14.39
N SER Q 123 -12.34 -50.64 14.45
CA SER Q 123 -12.84 -49.89 15.61
C SER Q 123 -13.92 -50.65 16.38
N ILE Q 124 -14.14 -51.96 16.12
CA ILE Q 124 -15.15 -52.72 16.86
C ILE Q 124 -14.58 -53.22 18.17
N LEU Q 125 -15.12 -52.73 19.30
CA LEU Q 125 -14.71 -53.07 20.65
C LEU Q 125 -15.88 -53.63 21.44
N GLN Q 126 -15.65 -54.67 22.28
CA GLN Q 126 -16.66 -55.23 23.17
C GLN Q 126 -17.19 -54.23 24.21
N GLY Q 127 -18.53 -54.17 24.40
CA GLY Q 127 -19.16 -53.29 25.40
C GLY Q 127 -19.13 -53.83 26.82
N LEU Q 128 -19.80 -53.12 27.76
CA LEU Q 128 -19.73 -53.47 29.18
C LEU Q 128 -20.98 -54.25 29.60
N GLU Q 129 -22.00 -54.35 28.72
CA GLU Q 129 -23.18 -55.16 28.95
C GLU Q 129 -23.27 -56.24 27.87
N GLU Q 130 -22.17 -56.50 27.14
CA GLU Q 130 -22.15 -57.38 25.99
C GLU Q 130 -21.39 -58.71 26.16
N PRO Q 131 -22.04 -59.87 26.02
CA PRO Q 131 -21.37 -61.18 26.14
C PRO Q 131 -20.27 -61.41 25.11
N TYR Q 132 -19.20 -62.14 25.47
CA TYR Q 132 -18.05 -62.39 24.62
C TYR Q 132 -18.41 -63.09 23.28
N HIS Q 133 -19.33 -64.07 23.31
CA HIS Q 133 -19.88 -64.74 22.14
C HIS Q 133 -20.51 -63.78 21.14
N ALA Q 134 -21.41 -62.89 21.60
CA ALA Q 134 -22.07 -61.89 20.79
C ALA Q 134 -21.08 -60.93 20.13
N PHE Q 135 -20.04 -60.52 20.88
CA PHE Q 135 -18.90 -59.77 20.39
C PHE Q 135 -18.10 -60.45 19.28
N VAL Q 136 -17.72 -61.73 19.45
CA VAL Q 136 -17.02 -62.50 18.42
C VAL Q 136 -17.85 -62.65 17.14
N GLU Q 137 -19.17 -62.89 17.26
CA GLU Q 137 -20.10 -62.84 16.14
C GLU Q 137 -20.18 -61.47 15.46
N ARG Q 138 -20.22 -60.36 16.25
CA ARG Q 138 -20.16 -58.99 15.75
C ARG Q 138 -18.89 -58.72 14.95
N LEU Q 139 -17.71 -59.16 15.46
CA LEU Q 139 -16.45 -59.12 14.73
C LEU Q 139 -16.48 -59.94 13.46
N ASN Q 140 -16.99 -61.19 13.52
CA ASN Q 140 -17.13 -62.08 12.38
C ASN Q 140 -17.92 -61.44 11.22
N ILE Q 141 -19.06 -60.80 11.54
CA ILE Q 141 -19.88 -60.07 10.59
C ILE Q 141 -19.13 -58.86 10.01
N ALA Q 142 -18.49 -58.06 10.90
CA ALA Q 142 -17.69 -56.92 10.49
C ALA Q 142 -16.50 -57.27 9.59
N LEU Q 143 -15.82 -58.41 9.83
CA LEU Q 143 -14.77 -58.90 8.94
C LEU Q 143 -15.33 -59.36 7.59
N ASP Q 144 -16.45 -60.11 7.59
CA ASP Q 144 -17.09 -60.57 6.36
C ASP Q 144 -17.56 -59.44 5.45
N ASN Q 145 -18.02 -58.31 6.02
CA ASN Q 145 -18.48 -57.20 5.22
C ASN Q 145 -17.38 -56.15 5.03
N GLY Q 146 -16.13 -56.41 5.48
CA GLY Q 146 -15.04 -55.45 5.39
C GLY Q 146 -13.70 -55.93 4.90
N LEU Q 147 -13.47 -57.26 4.80
CA LEU Q 147 -12.29 -57.85 4.18
C LEU Q 147 -12.62 -58.30 2.75
N PRO Q 148 -11.80 -58.05 1.73
CA PRO Q 148 -11.97 -58.66 0.40
C PRO Q 148 -11.93 -60.19 0.39
N GLU Q 149 -12.45 -60.82 -0.67
CA GLU Q 149 -12.50 -62.26 -0.84
C GLU Q 149 -11.12 -62.92 -0.95
N GLY Q 150 -10.89 -64.01 -0.19
CA GLY Q 150 -9.65 -64.78 -0.19
C GLY Q 150 -8.69 -64.30 0.87
N THR Q 151 -9.19 -63.55 1.86
CA THR Q 151 -8.39 -63.02 2.96
C THR Q 151 -8.43 -63.99 4.13
N PRO Q 152 -7.35 -64.34 4.83
CA PRO Q 152 -7.43 -65.31 5.91
C PRO Q 152 -7.92 -64.68 7.21
N LYS Q 153 -9.25 -64.57 7.34
CA LYS Q 153 -9.94 -64.02 8.49
C LYS Q 153 -9.79 -64.81 9.79
N ASP Q 154 -9.47 -66.12 9.73
CA ASP Q 154 -9.30 -66.97 10.91
C ASP Q 154 -8.15 -66.54 11.85
N PRO Q 155 -6.90 -66.23 11.42
CA PRO Q 155 -5.89 -65.71 12.35
C PRO Q 155 -6.17 -64.28 12.78
N ILE Q 156 -6.83 -63.49 11.91
CA ILE Q 156 -7.21 -62.11 12.20
C ILE Q 156 -8.25 -62.07 13.32
N LEU Q 157 -9.27 -62.94 13.23
CA LEU Q 157 -10.33 -63.01 14.23
C LEU Q 157 -9.85 -63.50 15.58
N ARG Q 158 -8.98 -64.53 15.65
CA ARG Q 158 -8.41 -64.91 16.95
C ARG Q 158 -7.51 -63.83 17.57
N SER Q 159 -6.86 -62.99 16.75
CA SER Q 159 -6.10 -61.84 17.23
C SER Q 159 -7.03 -60.76 17.76
N LEU Q 160 -8.06 -60.36 16.98
CA LEU Q 160 -9.03 -59.33 17.35
C LEU Q 160 -9.87 -59.71 18.56
N ALA Q 161 -10.19 -61.01 18.72
CA ALA Q 161 -10.92 -61.57 19.84
C ALA Q 161 -10.25 -61.35 21.19
N TYR Q 162 -8.91 -61.14 21.19
CA TYR Q 162 -8.16 -60.78 22.37
C TYR Q 162 -8.02 -59.27 22.44
N SER Q 163 -7.49 -58.62 21.40
CA SER Q 163 -7.13 -57.22 21.43
C SER Q 163 -8.30 -56.25 21.58
N ASN Q 164 -9.50 -56.61 21.10
CA ASN Q 164 -10.64 -55.71 21.14
C ASN Q 164 -11.69 -56.13 22.18
N ALA Q 165 -11.31 -56.95 23.17
CA ALA Q 165 -12.19 -57.35 24.23
C ALA Q 165 -12.24 -56.37 25.39
N ASN Q 166 -13.28 -56.49 26.26
CA ASN Q 166 -13.42 -55.76 27.50
C ASN Q 166 -12.29 -56.13 28.45
N LYS Q 167 -11.70 -55.14 29.16
CA LYS Q 167 -10.55 -55.32 30.04
C LYS Q 167 -10.66 -56.46 31.06
N GLU Q 168 -11.87 -56.68 31.64
CA GLU Q 168 -12.13 -57.80 32.53
C GLU Q 168 -12.02 -59.15 31.85
N CYS Q 169 -12.43 -59.25 30.57
CA CYS Q 169 -12.27 -60.45 29.77
C CYS Q 169 -10.82 -60.63 29.36
N GLN Q 170 -10.08 -59.53 29.10
CA GLN Q 170 -8.65 -59.60 28.79
C GLN Q 170 -7.83 -60.13 29.97
N LYS Q 171 -8.16 -59.69 31.20
CA LYS Q 171 -7.53 -60.23 32.41
C LYS Q 171 -7.79 -61.71 32.60
N LEU Q 172 -9.03 -62.16 32.34
CA LEU Q 172 -9.46 -63.55 32.34
C LEU Q 172 -8.72 -64.39 31.31
N LEU Q 173 -8.57 -63.88 30.08
CA LEU Q 173 -7.85 -64.49 28.97
C LEU Q 173 -6.37 -64.63 29.28
N GLN Q 174 -5.76 -63.59 29.90
CA GLN Q 174 -4.38 -63.67 30.35
C GLN Q 174 -4.22 -64.68 31.48
N ALA Q 175 -5.13 -64.67 32.48
CA ALA Q 175 -5.13 -65.58 33.62
C ALA Q 175 -5.23 -67.05 33.24
N ARG Q 176 -6.06 -67.34 32.21
CA ARG Q 176 -6.29 -68.67 31.68
C ARG Q 176 -5.26 -69.10 30.65
N GLY Q 177 -4.32 -68.21 30.28
CA GLY Q 177 -3.24 -68.49 29.32
C GLY Q 177 -3.66 -68.57 27.88
N HIS Q 178 -4.76 -67.88 27.53
CA HIS Q 178 -5.34 -67.90 26.19
C HIS Q 178 -5.25 -66.50 25.62
N THR Q 179 -4.03 -66.05 25.23
CA THR Q 179 -3.81 -64.67 24.80
C THR Q 179 -3.90 -64.51 23.30
N ASN Q 180 -4.09 -65.64 22.59
CA ASN Q 180 -4.30 -65.76 21.16
C ASN Q 180 -4.31 -67.26 20.91
N SER Q 181 -5.51 -67.86 21.04
CA SER Q 181 -5.77 -69.29 20.93
C SER Q 181 -6.94 -69.49 19.99
N PRO Q 182 -7.22 -70.69 19.45
CA PRO Q 182 -8.45 -71.00 18.72
C PRO Q 182 -9.74 -70.48 19.35
N LEU Q 183 -10.70 -70.00 18.54
CA LEU Q 183 -11.88 -69.27 18.98
C LEU Q 183 -12.77 -70.01 19.98
N GLY Q 184 -12.89 -71.34 19.87
CA GLY Q 184 -13.58 -72.17 20.85
C GLY Q 184 -12.99 -72.13 22.23
N ASP Q 185 -11.65 -72.08 22.35
CA ASP Q 185 -10.98 -72.00 23.63
C ASP Q 185 -11.08 -70.62 24.23
N MET Q 186 -11.04 -69.56 23.39
CA MET Q 186 -11.26 -68.19 23.82
C MET Q 186 -12.65 -68.00 24.43
N LEU Q 187 -13.68 -68.57 23.77
CA LEU Q 187 -15.05 -68.56 24.25
C LEU Q 187 -15.27 -69.44 25.47
N ARG Q 188 -14.70 -70.67 25.50
CA ARG Q 188 -14.75 -71.54 26.68
C ARG Q 188 -14.18 -70.90 27.94
N ALA Q 189 -13.09 -70.13 27.81
CA ALA Q 189 -12.58 -69.30 28.88
C ALA Q 189 -13.55 -68.18 29.28
N CYS Q 190 -14.04 -67.36 28.32
CA CYS Q 190 -14.80 -66.17 28.67
C CYS Q 190 -16.27 -66.42 28.96
N GLN Q 191 -16.70 -67.69 28.87
CA GLN Q 191 -17.98 -68.17 29.37
C GLN Q 191 -18.06 -68.01 30.90
N THR Q 192 -16.89 -68.08 31.58
CA THR Q 192 -16.78 -67.91 33.02
C THR Q 192 -16.85 -66.45 33.48
N TRP Q 193 -16.67 -65.48 32.57
CA TRP Q 193 -16.89 -64.08 32.88
C TRP Q 193 -18.36 -63.72 32.66
N THR Q 194 -18.92 -62.83 33.49
CA THR Q 194 -20.29 -62.37 33.37
C THR Q 194 -20.34 -60.85 33.40
N PRO Q 195 -21.27 -60.14 32.73
CA PRO Q 195 -21.40 -58.69 32.88
C PRO Q 195 -22.01 -58.37 34.25
N ARG R 1 15.25 -66.24 -25.38
CA ARG R 1 16.15 -66.08 -24.26
C ARG R 1 15.72 -64.90 -23.38
N PRO R 2 15.37 -65.07 -22.11
CA PRO R 2 14.85 -63.98 -21.29
C PRO R 2 15.98 -63.26 -20.59
N TRP R 3 16.89 -62.58 -21.33
CA TRP R 3 18.01 -61.90 -20.73
C TRP R 3 17.60 -60.74 -19.84
N GLN R 4 16.49 -60.04 -20.20
CA GLN R 4 15.91 -58.99 -19.40
C GLN R 4 15.46 -59.43 -18.01
N MET R 5 15.03 -60.70 -17.87
CA MET R 5 14.61 -61.27 -16.60
C MET R 5 15.72 -61.30 -15.56
N LYS R 6 16.94 -61.70 -15.96
CA LYS R 6 18.07 -61.76 -15.04
C LYS R 6 18.55 -60.37 -14.66
N ASP R 7 18.49 -59.42 -15.61
CA ASP R 7 18.84 -58.04 -15.36
C ASP R 7 17.81 -57.32 -14.49
N LEU R 8 16.51 -57.63 -14.66
CA LEU R 8 15.44 -57.11 -13.80
C LEU R 8 15.58 -57.61 -12.36
N GLN R 9 15.97 -58.89 -12.17
CA GLN R 9 16.26 -59.44 -10.86
C GLN R 9 17.44 -58.75 -10.19
N ALA R 10 18.52 -58.49 -10.96
CA ALA R 10 19.68 -57.76 -10.50
C ALA R 10 19.39 -56.32 -10.13
N ILE R 11 18.52 -55.61 -10.90
CA ILE R 11 18.05 -54.27 -10.56
C ILE R 11 17.27 -54.25 -9.26
N LYS R 12 16.34 -55.19 -9.07
CA LYS R 12 15.54 -55.31 -7.84
C LYS R 12 16.40 -55.62 -6.61
N GLN R 13 17.47 -56.43 -6.78
CA GLN R 13 18.45 -56.63 -5.72
C GLN R 13 19.20 -55.35 -5.38
N GLU R 14 19.65 -54.59 -6.41
CA GLU R 14 20.39 -53.35 -6.24
C GLU R 14 19.60 -52.23 -5.58
N VAL R 15 18.28 -52.13 -5.82
CA VAL R 15 17.45 -51.08 -5.23
C VAL R 15 16.63 -51.60 -4.05
N SER R 16 16.96 -52.79 -3.50
CA SER R 16 16.20 -53.43 -2.44
C SER R 16 16.07 -52.62 -1.14
N GLN R 17 17.12 -51.88 -0.77
CA GLN R 17 17.18 -51.06 0.44
C GLN R 17 17.00 -49.58 0.12
N ALA R 18 16.64 -49.23 -1.13
CA ALA R 18 16.50 -47.86 -1.56
C ALA R 18 15.03 -47.56 -1.90
N ALA R 19 14.43 -46.55 -1.23
CA ALA R 19 13.04 -46.19 -1.42
C ALA R 19 12.68 -45.74 -2.85
N PRO R 20 11.51 -46.01 -3.42
CA PRO R 20 11.12 -45.51 -4.73
C PRO R 20 11.22 -44.01 -4.87
N GLY R 21 12.14 -43.53 -5.74
CA GLY R 21 12.40 -42.11 -6.00
C GLY R 21 13.67 -41.60 -5.36
N SER R 22 14.31 -42.41 -4.49
CA SER R 22 15.59 -42.08 -3.85
C SER R 22 16.76 -42.01 -4.84
N PRO R 23 17.86 -41.28 -4.59
CA PRO R 23 18.94 -41.14 -5.55
C PRO R 23 19.53 -42.42 -6.12
N GLN R 24 19.69 -43.49 -5.31
CA GLN R 24 20.31 -44.73 -5.73
C GLN R 24 19.34 -45.52 -6.59
N PHE R 25 18.03 -45.46 -6.22
CA PHE R 25 16.94 -46.03 -6.98
C PHE R 25 16.87 -45.36 -8.36
N MET R 26 16.95 -44.01 -8.38
CA MET R 26 16.93 -43.22 -9.60
C MET R 26 18.15 -43.39 -10.49
N GLN R 27 19.37 -43.54 -9.93
CA GLN R 27 20.57 -43.84 -10.70
C GLN R 27 20.44 -45.17 -11.45
N THR R 28 19.91 -46.17 -10.73
CA THR R 28 19.75 -47.53 -11.23
C THR R 28 18.69 -47.62 -12.30
N ILE R 29 17.52 -46.96 -12.14
CA ILE R 29 16.52 -46.99 -13.20
C ILE R 29 16.82 -46.03 -14.33
N ARG R 30 17.55 -44.91 -14.10
CA ARG R 30 18.02 -44.03 -15.16
C ARG R 30 18.98 -44.73 -16.10
N LEU R 31 19.95 -45.49 -15.54
CA LEU R 31 20.82 -46.36 -16.31
C LEU R 31 20.06 -47.46 -17.02
N ALA R 32 19.14 -48.18 -16.33
CA ALA R 32 18.34 -49.23 -16.93
C ALA R 32 17.51 -48.77 -18.12
N VAL R 33 16.88 -47.58 -18.02
CA VAL R 33 16.15 -46.97 -19.11
C VAL R 33 17.05 -46.62 -20.29
N GLN R 34 18.24 -46.05 -20.02
CA GLN R 34 19.22 -45.75 -21.04
C GLN R 34 19.82 -47.00 -21.71
N GLN R 35 20.07 -48.06 -20.93
CA GLN R 35 20.60 -49.33 -21.39
C GLN R 35 19.66 -50.23 -22.18
N PHE R 36 18.38 -50.30 -21.80
CA PHE R 36 17.43 -51.24 -22.40
C PHE R 36 16.57 -50.59 -23.46
N ASP R 37 16.49 -49.24 -23.45
CA ASP R 37 15.58 -48.41 -24.24
C ASP R 37 14.10 -48.91 -24.21
N PRO R 38 13.55 -49.18 -23.02
CA PRO R 38 12.28 -49.86 -22.84
C PRO R 38 11.07 -49.15 -23.45
N THR R 39 10.08 -49.93 -23.92
CA THR R 39 8.81 -49.43 -24.43
C THR R 39 7.84 -49.22 -23.28
N ALA R 40 6.65 -48.61 -23.52
CA ALA R 40 5.68 -48.37 -22.45
C ALA R 40 5.25 -49.63 -21.69
N LYS R 41 5.10 -50.76 -22.41
CA LYS R 41 4.74 -52.03 -21.80
C LYS R 41 5.90 -52.63 -20.97
N ASP R 42 7.16 -52.25 -21.26
CA ASP R 42 8.33 -52.76 -20.56
C ASP R 42 8.57 -51.94 -19.31
N LEU R 43 8.23 -50.64 -19.38
CA LEU R 43 8.18 -49.74 -18.26
C LEU R 43 7.12 -50.15 -17.26
N GLN R 44 5.97 -50.66 -17.74
CA GLN R 44 4.92 -51.20 -16.89
C GLN R 44 5.38 -52.45 -16.15
N ASP R 45 6.12 -53.36 -16.82
CA ASP R 45 6.70 -54.53 -16.17
C ASP R 45 7.78 -54.16 -15.14
N LEU R 46 8.64 -53.17 -15.47
CA LEU R 46 9.65 -52.65 -14.57
C LEU R 46 9.08 -52.01 -13.31
N LEU R 47 8.03 -51.16 -13.47
CA LEU R 47 7.31 -50.55 -12.37
C LEU R 47 6.71 -51.56 -11.42
N GLN R 48 5.98 -52.56 -11.97
CA GLN R 48 5.40 -53.60 -11.17
C GLN R 48 6.38 -54.53 -10.48
N TYR R 49 7.50 -54.88 -11.14
CA TYR R 49 8.51 -55.73 -10.55
C TYR R 49 9.21 -55.05 -9.36
N LEU R 50 9.52 -53.75 -9.49
CA LEU R 50 10.17 -53.00 -8.43
C LEU R 50 9.26 -52.48 -7.32
N CYS R 51 8.00 -52.12 -7.63
CA CYS R 51 7.14 -51.42 -6.68
C CYS R 51 5.87 -52.18 -6.29
N SER R 52 5.28 -51.77 -5.14
CA SER R 52 3.98 -52.18 -4.66
C SER R 52 2.85 -51.65 -5.52
N SER R 53 1.65 -52.28 -5.49
CA SER R 53 0.51 -51.85 -6.29
C SER R 53 0.02 -50.46 -5.94
N LEU R 54 0.10 -50.08 -4.65
CA LEU R 54 -0.18 -48.75 -4.15
C LEU R 54 0.79 -47.71 -4.70
N VAL R 55 2.11 -47.98 -4.64
CA VAL R 55 3.13 -47.13 -5.22
C VAL R 55 3.00 -47.04 -6.74
N ALA R 56 2.70 -48.15 -7.43
CA ALA R 56 2.42 -48.17 -8.85
C ALA R 56 1.21 -47.30 -9.23
N SER R 57 0.13 -47.31 -8.42
CA SER R 57 -1.01 -46.41 -8.55
C SER R 57 -0.64 -44.95 -8.33
N LEU R 58 0.14 -44.64 -7.28
CA LEU R 58 0.64 -43.30 -7.01
C LEU R 58 1.58 -42.78 -8.10
N HIS R 59 2.45 -43.65 -8.64
CA HIS R 59 3.26 -43.37 -9.82
C HIS R 59 2.42 -43.08 -11.03
N HIS R 60 1.38 -43.90 -11.29
CA HIS R 60 0.43 -43.68 -12.37
C HIS R 60 -0.29 -42.35 -12.28
N GLN R 61 -0.80 -41.97 -11.09
CA GLN R 61 -1.42 -40.67 -10.85
C GLN R 61 -0.48 -39.50 -11.07
N GLN R 62 0.77 -39.61 -10.59
CA GLN R 62 1.77 -38.60 -10.80
C GLN R 62 2.20 -38.46 -12.26
N LEU R 63 2.38 -39.60 -12.95
CA LEU R 63 2.73 -39.68 -14.35
C LEU R 63 1.62 -39.12 -15.23
N ASP R 64 0.36 -39.45 -14.89
CA ASP R 64 -0.82 -38.93 -15.54
C ASP R 64 -0.92 -37.41 -15.42
N SER R 65 -0.58 -36.82 -14.26
CA SER R 65 -0.50 -35.38 -14.06
C SER R 65 0.55 -34.72 -14.97
N LEU R 66 1.76 -35.32 -15.07
CA LEU R 66 2.81 -34.85 -15.96
C LEU R 66 2.46 -34.97 -17.44
N ILE R 67 1.81 -36.09 -17.84
CA ILE R 67 1.27 -36.34 -19.18
C ILE R 67 0.17 -35.35 -19.53
N SER R 68 -0.77 -35.13 -18.60
CA SER R 68 -1.88 -34.20 -18.70
C SER R 68 -1.40 -32.77 -18.91
N GLU R 69 -0.36 -32.34 -18.15
CA GLU R 69 0.28 -31.07 -18.40
C GLU R 69 0.94 -31.01 -19.78
N ALA R 70 1.71 -32.04 -20.17
CA ALA R 70 2.35 -32.07 -21.48
C ALA R 70 1.39 -32.07 -22.68
N GLU R 71 0.29 -32.85 -22.57
CA GLU R 71 -0.78 -32.96 -23.54
C GLU R 71 -1.59 -31.67 -23.68
N THR R 72 -1.89 -30.98 -22.56
CA THR R 72 -2.55 -29.67 -22.61
C THR R 72 -1.62 -28.57 -23.11
N ARG R 73 -0.32 -28.62 -22.79
CA ARG R 73 0.70 -27.75 -23.36
C ARG R 73 0.90 -27.93 -24.85
N GLY R 74 0.77 -29.19 -25.35
CA GLY R 74 0.92 -29.56 -26.76
C GLY R 74 2.37 -29.64 -27.17
N ILE R 75 3.25 -30.00 -26.22
CA ILE R 75 4.70 -30.00 -26.40
C ILE R 75 5.25 -31.41 -26.57
N THR R 76 4.39 -32.44 -26.43
CA THR R 76 4.76 -33.86 -26.44
C THR R 76 5.42 -34.35 -27.72
N GLY R 77 4.95 -33.90 -28.89
CA GLY R 77 5.44 -34.31 -30.20
C GLY R 77 4.63 -35.42 -30.80
N TYR R 78 3.48 -35.73 -30.18
CA TYR R 78 2.58 -36.80 -30.58
C TYR R 78 1.41 -36.22 -31.38
N ASN R 79 1.05 -36.87 -32.52
CA ASN R 79 -0.16 -36.57 -33.27
C ASN R 79 -1.40 -36.89 -32.43
N PRO R 80 -2.32 -35.95 -32.14
CA PRO R 80 -3.43 -36.19 -31.21
C PRO R 80 -4.54 -37.03 -31.81
N LEU R 81 -4.46 -37.44 -33.09
CA LEU R 81 -5.45 -38.29 -33.72
C LEU R 81 -4.82 -39.65 -34.03
N ALA R 82 -3.62 -39.93 -33.49
CA ALA R 82 -2.89 -41.18 -33.69
C ALA R 82 -2.97 -42.11 -32.48
N GLY R 83 -3.94 -41.88 -31.57
CA GLY R 83 -4.17 -42.70 -30.38
C GLY R 83 -3.37 -42.30 -29.15
N PRO R 84 -3.61 -42.98 -28.03
CA PRO R 84 -2.99 -42.71 -26.74
C PRO R 84 -1.48 -42.67 -26.71
N LEU R 85 -0.87 -41.84 -25.82
CA LEU R 85 0.56 -41.81 -25.60
C LEU R 85 1.08 -43.18 -25.18
N ARG R 86 0.27 -43.87 -24.37
CA ARG R 86 0.48 -45.20 -23.82
C ARG R 86 0.46 -46.33 -24.85
N VAL R 87 -0.01 -46.06 -26.07
CA VAL R 87 0.00 -47.01 -27.17
C VAL R 87 1.05 -46.59 -28.18
N GLN R 88 1.17 -45.28 -28.48
CA GLN R 88 2.19 -44.76 -29.39
C GLN R 88 3.62 -45.01 -28.91
N ALA R 89 3.84 -45.04 -27.57
CA ALA R 89 5.12 -45.35 -26.96
C ALA R 89 5.47 -46.85 -26.99
N ASN R 90 4.63 -47.68 -27.66
CA ASN R 90 4.97 -49.05 -28.03
C ASN R 90 5.23 -49.18 -29.53
N ASN R 91 5.07 -48.11 -30.34
CA ASN R 91 5.32 -48.15 -31.79
C ASN R 91 6.82 -48.37 -32.11
N PRO R 92 7.23 -49.16 -33.09
CA PRO R 92 8.63 -49.55 -33.27
C PRO R 92 9.55 -48.46 -33.80
N GLN R 93 9.06 -47.46 -34.56
CA GLN R 93 9.87 -46.47 -35.24
C GLN R 93 9.75 -45.08 -34.63
N GLN R 94 8.83 -44.89 -33.66
CA GLN R 94 8.56 -43.60 -33.04
C GLN R 94 9.51 -43.30 -31.87
N GLN R 95 10.83 -43.33 -32.15
CA GLN R 95 11.87 -43.31 -31.13
C GLN R 95 11.88 -42.09 -30.23
N GLY R 96 11.62 -40.89 -30.77
CA GLY R 96 11.58 -39.66 -29.96
C GLY R 96 10.41 -39.62 -29.02
N LEU R 97 9.34 -40.35 -29.34
CA LEU R 97 8.13 -40.34 -28.54
C LEU R 97 8.23 -41.36 -27.42
N ARG R 98 8.97 -42.47 -27.67
CA ARG R 98 9.37 -43.41 -26.64
C ARG R 98 10.30 -42.77 -25.61
N ARG R 99 11.27 -41.97 -26.08
CA ARG R 99 12.22 -41.24 -25.25
C ARG R 99 11.53 -40.19 -24.39
N GLU R 100 10.54 -39.48 -24.96
CA GLU R 100 9.74 -38.50 -24.22
C GLU R 100 8.91 -39.17 -23.10
N TYR R 101 8.29 -40.34 -23.41
CA TYR R 101 7.56 -41.15 -22.44
C TYR R 101 8.46 -41.68 -21.31
N GLN R 102 9.67 -42.18 -21.66
CA GLN R 102 10.66 -42.63 -20.70
C GLN R 102 11.08 -41.55 -19.72
N GLN R 103 11.30 -40.32 -20.20
CA GLN R 103 11.63 -39.20 -19.36
C GLN R 103 10.50 -38.76 -18.44
N LEU R 104 9.23 -38.79 -18.92
CA LEU R 104 8.07 -38.52 -18.06
C LEU R 104 7.90 -39.60 -16.99
N TRP R 105 8.10 -40.88 -17.37
CA TRP R 105 8.04 -42.03 -16.51
C TRP R 105 9.08 -41.97 -15.38
N LEU R 106 10.33 -41.61 -15.72
CA LEU R 106 11.39 -41.36 -14.75
C LEU R 106 11.10 -40.16 -13.86
N ALA R 107 10.60 -39.05 -14.45
CA ALA R 107 10.30 -37.82 -13.76
C ALA R 107 9.26 -37.99 -12.65
N ALA R 108 8.23 -38.84 -12.88
CA ALA R 108 7.20 -39.13 -11.90
C ALA R 108 7.69 -39.70 -10.57
N PHE R 109 8.78 -40.49 -10.55
CA PHE R 109 9.27 -41.12 -9.33
C PHE R 109 9.85 -40.15 -8.31
N ALA R 110 10.34 -38.98 -8.77
CA ALA R 110 10.94 -38.01 -7.89
C ALA R 110 9.96 -37.35 -6.94
N ALA R 111 8.63 -37.43 -7.21
CA ALA R 111 7.65 -36.91 -6.28
C ALA R 111 7.27 -37.91 -5.19
N LEU R 112 7.54 -39.22 -5.37
CA LEU R 112 7.10 -40.26 -4.44
C LEU R 112 7.64 -40.13 -3.00
N PRO R 113 8.93 -39.79 -2.72
CA PRO R 113 9.39 -39.56 -1.35
C PRO R 113 8.84 -38.27 -0.76
N GLY R 114 8.33 -37.35 -1.61
CA GLY R 114 7.80 -36.05 -1.24
C GLY R 114 6.35 -36.10 -0.86
N SER R 115 5.55 -36.93 -1.56
CA SER R 115 4.12 -37.11 -1.32
C SER R 115 3.81 -37.83 -0.03
N ALA R 116 4.68 -38.75 0.42
CA ALA R 116 4.49 -39.49 1.67
C ALA R 116 4.50 -38.63 2.93
N LYS R 117 3.44 -38.70 3.77
CA LYS R 117 3.36 -37.89 4.98
C LYS R 117 4.19 -38.45 6.14
N ASP R 118 4.45 -39.76 6.16
CA ASP R 118 5.23 -40.42 7.20
C ASP R 118 6.27 -41.37 6.56
N PRO R 119 7.45 -40.88 6.16
CA PRO R 119 8.50 -41.72 5.59
C PRO R 119 9.34 -42.35 6.69
N SER R 120 10.06 -43.46 6.42
CA SER R 120 10.75 -44.27 7.43
C SER R 120 11.84 -43.55 8.19
N TRP R 121 12.61 -42.65 7.53
CA TRP R 121 13.76 -41.99 8.12
C TRP R 121 13.39 -41.08 9.29
N ALA R 122 12.13 -40.63 9.34
CA ALA R 122 11.63 -39.74 10.36
C ALA R 122 11.37 -40.45 11.68
N SER R 123 11.33 -41.81 11.68
CA SER R 123 11.10 -42.60 12.89
C SER R 123 12.34 -43.36 13.33
N ILE R 124 13.51 -43.04 12.74
CA ILE R 124 14.78 -43.63 13.15
C ILE R 124 15.26 -42.96 14.43
N LEU R 125 15.21 -43.68 15.56
CA LEU R 125 15.57 -43.19 16.88
C LEU R 125 16.83 -43.85 17.39
N GLN R 126 17.58 -43.16 18.27
CA GLN R 126 18.71 -43.74 18.96
C GLN R 126 18.25 -44.72 20.04
N GLY R 127 18.63 -46.01 19.94
CA GLY R 127 18.31 -47.02 20.94
C GLY R 127 18.93 -46.77 22.30
N LEU R 128 18.47 -47.46 23.36
CA LEU R 128 18.93 -47.20 24.71
C LEU R 128 20.34 -47.71 24.97
N GLU R 129 20.80 -48.67 24.12
CA GLU R 129 22.12 -49.24 24.19
C GLU R 129 22.96 -48.80 22.98
N GLU R 130 22.43 -47.88 22.15
CA GLU R 130 23.03 -47.48 20.90
C GLU R 130 23.97 -46.27 21.00
N PRO R 131 25.20 -46.29 20.49
CA PRO R 131 26.11 -45.16 20.64
C PRO R 131 25.78 -44.08 19.63
N TYR R 132 25.96 -42.80 20.02
CA TYR R 132 25.55 -41.63 19.25
C TYR R 132 26.16 -41.56 17.84
N HIS R 133 27.44 -41.91 17.67
CA HIS R 133 28.09 -41.98 16.37
C HIS R 133 27.40 -42.93 15.38
N ALA R 134 27.10 -44.18 15.81
CA ALA R 134 26.38 -45.16 15.02
C ALA R 134 24.98 -44.68 14.63
N PHE R 135 24.28 -44.01 15.56
CA PHE R 135 23.00 -43.37 15.32
C PHE R 135 23.04 -42.29 14.24
N VAL R 136 24.00 -41.36 14.27
CA VAL R 136 24.19 -40.35 13.22
C VAL R 136 24.48 -40.97 11.86
N GLU R 137 25.32 -42.03 11.80
CA GLU R 137 25.53 -42.81 10.58
C GLU R 137 24.25 -43.48 10.07
N ARG R 138 23.44 -44.07 10.99
CA ARG R 138 22.16 -44.68 10.70
C ARG R 138 21.16 -43.69 10.10
N LEU R 139 21.07 -42.47 10.68
CA LEU R 139 20.29 -41.37 10.13
C LEU R 139 20.79 -40.92 8.76
N ASN R 140 22.11 -40.74 8.58
CA ASN R 140 22.71 -40.34 7.32
C ASN R 140 22.35 -41.28 6.16
N ILE R 141 22.44 -42.60 6.42
CA ILE R 141 22.04 -43.66 5.50
C ILE R 141 20.55 -43.64 5.23
N ALA R 142 19.72 -43.52 6.30
CA ALA R 142 18.28 -43.45 6.17
C ALA R 142 17.79 -42.25 5.35
N LEU R 143 18.46 -41.07 5.48
CA LEU R 143 18.18 -39.94 4.64
C LEU R 143 18.60 -40.15 3.19
N ASP R 144 19.81 -40.67 2.93
CA ASP R 144 20.27 -40.94 1.57
C ASP R 144 19.39 -41.92 0.80
N ASN R 145 18.85 -42.96 1.48
CA ASN R 145 18.00 -43.95 0.85
C ASN R 145 16.50 -43.62 0.98
N GLY R 146 16.12 -42.45 1.54
CA GLY R 146 14.70 -42.10 1.75
C GLY R 146 14.27 -40.72 1.33
N LEU R 147 15.21 -39.80 1.08
CA LEU R 147 14.96 -38.50 0.49
C LEU R 147 15.03 -38.55 -1.04
N PRO R 148 14.52 -37.57 -1.78
CA PRO R 148 14.80 -37.44 -3.20
C PRO R 148 16.05 -36.58 -3.39
N GLU R 149 16.67 -36.61 -4.60
CA GLU R 149 17.88 -35.86 -4.93
C GLU R 149 17.66 -34.35 -4.86
N GLY R 150 18.67 -33.61 -4.38
CA GLY R 150 18.62 -32.16 -4.24
C GLY R 150 17.87 -31.70 -3.03
N THR R 151 17.86 -32.51 -1.96
CA THR R 151 17.25 -32.15 -0.69
C THR R 151 18.37 -31.67 0.22
N PRO R 152 18.25 -30.62 1.03
CA PRO R 152 19.37 -30.18 1.86
C PRO R 152 19.40 -30.96 3.16
N LYS R 153 20.00 -32.16 3.12
CA LYS R 153 20.08 -33.08 4.23
C LYS R 153 20.92 -32.63 5.41
N ASP R 154 21.88 -31.69 5.22
CA ASP R 154 22.72 -31.17 6.28
C ASP R 154 21.99 -30.42 7.41
N PRO R 155 21.08 -29.46 7.20
CA PRO R 155 20.33 -28.86 8.29
C PRO R 155 19.29 -29.82 8.85
N ILE R 156 18.78 -30.75 8.02
CA ILE R 156 17.84 -31.79 8.44
C ILE R 156 18.51 -32.76 9.41
N LEU R 157 19.74 -33.20 9.10
CA LEU R 157 20.50 -34.12 9.92
C LEU R 157 20.93 -33.52 11.24
N ARG R 158 21.38 -32.24 11.31
CA ARG R 158 21.63 -31.62 12.62
C ARG R 158 20.38 -31.43 13.47
N SER R 159 19.18 -31.25 12.84
CA SER R 159 17.92 -31.25 13.59
C SER R 159 17.57 -32.66 14.10
N LEU R 160 17.64 -33.70 13.23
CA LEU R 160 17.33 -35.07 13.59
C LEU R 160 18.29 -35.67 14.62
N ALA R 161 19.57 -35.26 14.56
CA ALA R 161 20.63 -35.63 15.48
C ALA R 161 20.34 -35.22 16.92
N TYR R 162 19.49 -34.19 17.11
CA TYR R 162 18.98 -33.80 18.40
C TYR R 162 17.62 -34.46 18.67
N SER R 163 16.64 -34.25 17.75
CA SER R 163 15.25 -34.62 17.97
C SER R 163 14.96 -36.10 18.10
N ASN R 164 15.75 -36.97 17.43
CA ASN R 164 15.56 -38.41 17.51
C ASN R 164 16.67 -39.06 18.34
N ALA R 165 17.36 -38.30 19.20
CA ALA R 165 18.37 -38.84 20.08
C ALA R 165 17.80 -39.40 21.37
N ASN R 166 18.62 -40.14 22.13
CA ASN R 166 18.31 -40.63 23.45
C ASN R 166 18.15 -39.45 24.44
N LYS R 167 17.13 -39.47 25.31
CA LYS R 167 16.82 -38.39 26.24
C LYS R 167 17.98 -37.88 27.12
N GLU R 168 18.86 -38.77 27.62
CA GLU R 168 20.08 -38.43 28.35
C GLU R 168 21.11 -37.72 27.48
N CYS R 169 21.20 -38.09 26.19
CA CYS R 169 22.05 -37.37 25.25
C CYS R 169 21.44 -36.02 24.91
N GLN R 170 20.09 -35.92 24.85
CA GLN R 170 19.43 -34.64 24.67
C GLN R 170 19.65 -33.68 25.84
N LYS R 171 19.64 -34.19 27.10
CA LYS R 171 19.97 -33.38 28.27
C LYS R 171 21.40 -32.85 28.27
N LEU R 172 22.36 -33.70 27.83
CA LEU R 172 23.77 -33.38 27.64
C LEU R 172 23.96 -32.30 26.58
N LEU R 173 23.23 -32.43 25.45
CA LEU R 173 23.18 -31.48 24.36
C LEU R 173 22.56 -30.17 24.79
N GLN R 174 21.50 -30.19 25.62
CA GLN R 174 20.91 -28.98 26.18
C GLN R 174 21.86 -28.28 27.15
N ALA R 175 22.54 -29.05 28.03
CA ALA R 175 23.49 -28.53 28.99
C ALA R 175 24.67 -27.82 28.32
N ARG R 176 25.16 -28.36 27.19
CA ARG R 176 26.27 -27.81 26.42
C ARG R 176 25.86 -26.73 25.42
N GLY R 177 24.54 -26.46 25.26
CA GLY R 177 24.01 -25.45 24.35
C GLY R 177 23.97 -25.89 22.90
N HIS R 178 23.80 -27.19 22.67
CA HIS R 178 23.86 -27.82 21.37
C HIS R 178 22.53 -28.42 20.94
N THR R 179 21.47 -27.60 20.85
CA THR R 179 20.15 -28.12 20.47
C THR R 179 19.93 -28.00 18.98
N ASN R 180 20.88 -27.37 18.26
CA ASN R 180 20.94 -27.32 16.81
C ASN R 180 22.29 -26.73 16.43
N SER R 181 23.39 -27.47 16.70
CA SER R 181 24.76 -27.08 16.40
C SER R 181 25.34 -27.94 15.29
N PRO R 182 26.41 -27.54 14.58
CA PRO R 182 27.17 -28.39 13.67
C PRO R 182 27.53 -29.77 14.22
N LEU R 183 27.53 -30.81 13.36
CA LEU R 183 27.68 -32.21 13.76
C LEU R 183 28.92 -32.54 14.59
N GLY R 184 30.07 -31.85 14.36
CA GLY R 184 31.28 -32.01 15.16
C GLY R 184 31.11 -31.68 16.63
N ASP R 185 30.30 -30.64 16.96
CA ASP R 185 30.03 -30.27 18.34
C ASP R 185 29.06 -31.24 19.00
N MET R 186 28.08 -31.76 18.23
CA MET R 186 27.13 -32.77 18.68
C MET R 186 27.85 -34.05 19.09
N LEU R 187 28.82 -34.49 18.26
CA LEU R 187 29.64 -35.64 18.54
C LEU R 187 30.63 -35.42 19.67
N ARG R 188 31.30 -34.24 19.73
CA ARG R 188 32.19 -33.91 20.85
C ARG R 188 31.50 -33.93 22.21
N ALA R 189 30.24 -33.45 22.29
CA ALA R 189 29.41 -33.57 23.47
C ALA R 189 29.03 -35.01 23.83
N CYS R 190 28.47 -35.79 22.87
CA CYS R 190 27.89 -37.08 23.17
C CYS R 190 28.90 -38.21 23.22
N GLN R 191 30.19 -37.86 22.99
CA GLN R 191 31.36 -38.68 23.22
C GLN R 191 31.50 -39.04 24.70
N THR R 192 31.00 -38.14 25.57
CA THR R 192 31.03 -38.27 27.02
C THR R 192 29.84 -39.01 27.59
N TRP R 193 28.93 -39.52 26.74
CA TRP R 193 27.84 -40.37 27.16
C TRP R 193 28.12 -41.77 26.64
N THR R 194 27.87 -42.78 27.49
CA THR R 194 28.00 -44.18 27.17
C THR R 194 26.73 -44.86 27.63
N PRO R 195 26.24 -45.94 27.03
CA PRO R 195 25.06 -46.64 27.52
C PRO R 195 25.37 -47.43 28.78
C1 IHP S . -1.50 -0.88 -21.88
C2 IHP S . -0.46 0.05 -21.20
C3 IHP S . -1.06 1.49 -21.08
C4 IHP S . -2.21 1.35 -20.01
C5 IHP S . -3.29 0.37 -20.62
C6 IHP S . -2.59 -1.01 -20.78
O11 IHP S . -2.05 -0.31 -23.08
P1 IHP S . -1.85 -0.53 -24.63
O21 IHP S . -2.17 0.80 -25.27
O31 IHP S . -0.45 -0.95 -24.98
O41 IHP S . -2.79 -1.60 -25.15
O12 IHP S . 0.83 -0.06 -21.81
P2 IHP S . 1.94 -1.14 -21.20
O22 IHP S . 1.40 -2.56 -21.30
O32 IHP S . 2.12 -0.77 -19.75
O42 IHP S . 3.21 -0.92 -21.97
O13 IHP S . -0.08 2.44 -20.69
P3 IHP S . 0.45 3.70 -21.52
O23 IHP S . -0.54 4.82 -21.33
O33 IHP S . 1.76 4.06 -20.88
O43 IHP S . 0.63 3.40 -22.99
O14 IHP S . -2.76 2.62 -19.58
P4 IHP S . -2.63 3.24 -18.05
O24 IHP S . -3.95 3.92 -17.77
O34 IHP S . -2.40 2.12 -17.07
O44 IHP S . -1.50 4.25 -17.97
O15 IHP S . -4.46 0.26 -19.79
P5 IHP S . -5.95 0.51 -20.31
O25 IHP S . -6.19 1.99 -20.36
O35 IHP S . -6.23 -0.16 -21.62
O45 IHP S . -6.81 -0.09 -19.23
O16 IHP S . -3.48 -2.12 -21.03
P6 IHP S . -3.38 -3.52 -20.22
O26 IHP S . -4.77 -4.12 -20.22
O36 IHP S . -3.04 -3.18 -18.79
O46 IHP S . -2.34 -4.42 -20.84
H1 IHP S . -1.03 -1.86 -22.06
H2 IHP S . -0.36 -0.27 -20.15
H3 IHP S . -1.51 1.76 -22.07
H4 IHP S . -1.77 0.83 -19.12
H5 IHP S . -3.56 0.75 -21.63
H6 IHP S . -2.09 -1.19 -19.81
#